data_5ANY
#
_entry.id   5ANY
#
_cell.length_a   1.000
_cell.length_b   1.000
_cell.length_c   1.000
_cell.angle_alpha   90.00
_cell.angle_beta   90.00
_cell.angle_gamma   90.00
#
_symmetry.space_group_name_H-M   'P 1'
#
loop_
_entity.id
_entity.type
_entity.pdbx_description
1 polymer E1
2 polymer E2
3 polymer 'FAB CHK265'
4 polymer FAB
#
loop_
_entity_poly.entity_id
_entity_poly.type
_entity_poly.pdbx_seq_one_letter_code
_entity_poly.pdbx_strand_id
1 'polypeptide(L)'
;YEHVTVIPNTVGVPYKTLVNRPGYSPMVLEMELLSVTLEPTLSLDYITCEYKTVIPSPYVKCCGTAECKDKNLPDYSCKV
FTGVYPFMWGGAYCFCDAENTQLSEAHVEKSESCKTEFASAYRAHTASASAKLRVLYQGNNITVTAYANGDHAVTVKDAK
FIVGPMSSAWTPFDNKIVVYKGDVYNMDYPPFGAGRPGQFGDIQSRTPESKDVYANTQLVLQRPAAGTVHVPYSQAPSGF
KYWLKERGASLQHTAPFGCQIATNPVRAVNCAVGNMPISIDIPEAAFTRVVDAPSLTDMSCEVPACTHSSDFGGVAIIKY
AASKKGKCAVHSMTNAVTIREAEIEVEGNSQLQISFSTALASAEFRVQVCSTQVHCAAECHPPKDHIVNYPASHTTLGVQ
DISATAMSWVQKGPFEDDDDKAGWSHPQFEKGGGSGGGSGGGSWSHPQFEK
;
A,C,E,G
2 'polypeptide(L)'
;NVYKATRPYLAHCPDCGEGHSCHSPVALERIRNEATDGTLKIQVSLQIGIKTDDSHDWTKLRYMDNHMPADAERAGLFVR
TSAPCTITGTMGHFILARCPKGETLTVGFTDSRKISHSCTHPFHHDPPVIGREKFHSRPQHGKELPCSTYVQSTAATTEE
IEVHMPPDTPDRTLMSQQSGNVKITVNGQTVRYKCNCGGSNEGLTTTDKVINNCKVDQCHAAVTNHKKWQYNSPLVPRNA
ELGDRKGKIHIPFPLANVTCRVPKARNPTVTYGKNQVIMLLYPDHPTLLSYRNMGEEPNYQEEWVMHKKEVVLTVPTEGL
EVTWGNNEPYKYWPQLSTNGTAHGHPHEIILYYY
;
B,D,F,H
3 'polypeptide(L)'
;QIQLVQSGREVKNPGETVKISCKASGYTFTEYPMLWVKQAPGKGFRWMGLIYTNTGEPTYAEEFKGRFVFSLEISASTAY
LQINNLTNEDTATYFCVRDYFISLDYWGQGTTLTVSSAKTTAPSVYPLAPVCGGTTGSSVTLGCLVKGYFPEPVTLTWNS
GSLSSGVHTFPALLQSGLYTLSSSVTVTSNTWPSQTITCNVAHPASSTKVDKKIESRR
;
I,J,K,L
4 'polypeptide(L)'
;QAVVTQESALTTSPGETVTLTCRSNIGAVTSSNCANWVQEKPDHFFTGLIGDTNNRRSGVPARFSGSLIGDKAALTITGA
QTEDEAIYFCALWYNNLWVFGGGTKLTVLGQPKSSPSVTLFPPSSEELETNKATLVCTITDFYPGVVTVDWKVDGTPVTQ
GMETTQPSKQSNNKYMASSYLTLTARAWERHSSYSCQVTHEGHTVEKSLSRADC
;
M,N,O,P
#
# COMPACT_ATOMS: atom_id res chain seq x y z
N TYR A 1 27.37 38.70 33.12
CA TYR A 1 27.31 40.15 33.07
C TYR A 1 27.37 40.65 31.63
N GLU A 2 26.31 41.37 31.20
CA GLU A 2 26.19 41.93 29.86
C GLU A 2 26.94 43.26 29.75
N HIS A 3 27.89 43.33 28.80
CA HIS A 3 28.69 44.52 28.54
C HIS A 3 28.42 45.05 27.13
N VAL A 4 27.78 46.23 27.05
CA VAL A 4 27.43 46.89 25.80
C VAL A 4 28.49 47.97 25.49
N THR A 5 29.01 47.98 24.26
CA THR A 5 30.02 48.93 23.81
C THR A 5 29.85 49.30 22.34
N VAL A 6 30.26 50.52 21.95
CA VAL A 6 30.17 51.01 20.57
C VAL A 6 31.57 51.36 20.06
N ILE A 7 31.99 50.71 18.96
CA ILE A 7 33.29 50.93 18.33
C ILE A 7 33.13 51.42 16.88
N PRO A 8 34.04 52.29 16.35
CA PRO A 8 33.87 52.76 14.96
C PRO A 8 34.09 51.64 13.95
N ASN A 9 33.43 51.75 12.77
CA ASN A 9 33.51 50.77 11.69
C ASN A 9 34.86 50.91 10.94
N THR A 10 35.98 50.69 11.66
CA THR A 10 37.34 50.80 11.12
C THR A 10 38.12 49.50 11.37
N VAL A 11 38.47 48.83 10.27
CA VAL A 11 39.21 47.57 10.23
C VAL A 11 40.72 47.82 10.44
N GLY A 12 41.33 47.05 11.34
CA GLY A 12 42.76 47.12 11.63
C GLY A 12 43.17 47.92 12.85
N VAL A 13 42.22 48.62 13.49
CA VAL A 13 42.48 49.43 14.68
C VAL A 13 42.01 48.71 15.95
N PRO A 14 42.91 48.46 16.95
CA PRO A 14 42.45 47.81 18.18
C PRO A 14 41.84 48.80 19.17
N TYR A 15 40.67 48.45 19.74
CA TYR A 15 39.96 49.28 20.70
C TYR A 15 39.82 48.57 22.04
N LYS A 16 40.17 49.27 23.13
CA LYS A 16 40.10 48.71 24.48
C LYS A 16 38.92 49.25 25.29
N THR A 17 38.20 48.33 25.96
CA THR A 17 37.04 48.65 26.78
C THR A 17 37.20 48.19 28.23
N LEU A 18 36.76 49.02 29.19
CA LEU A 18 36.84 48.70 30.61
C LEU A 18 35.52 48.12 31.10
N VAL A 19 35.55 46.86 31.55
CA VAL A 19 34.39 46.14 32.07
C VAL A 19 34.42 46.25 33.60
N ASN A 20 33.49 47.04 34.15
CA ASN A 20 33.41 47.26 35.60
C ASN A 20 32.09 46.76 36.18
N ARG A 21 32.10 45.51 36.67
CA ARG A 21 30.94 44.88 37.30
C ARG A 21 31.02 45.28 38.80
N PRO A 22 30.01 46.02 39.34
CA PRO A 22 30.08 46.44 40.75
C PRO A 22 30.31 45.30 41.74
N GLY A 23 31.32 45.48 42.59
CA GLY A 23 31.72 44.51 43.59
C GLY A 23 32.81 43.55 43.13
N TYR A 24 33.12 43.58 41.82
CA TYR A 24 34.13 42.72 41.17
C TYR A 24 35.24 43.56 40.52
N SER A 25 36.48 43.03 40.54
CA SER A 25 37.68 43.66 39.99
C SER A 25 37.53 43.98 38.49
N PRO A 26 37.97 45.19 38.04
CA PRO A 26 37.81 45.55 36.61
C PRO A 26 38.52 44.61 35.63
N MET A 27 37.97 44.53 34.40
CA MET A 27 38.44 43.69 33.31
C MET A 27 38.61 44.54 32.04
N VAL A 28 39.72 44.35 31.31
CA VAL A 28 40.02 45.09 30.07
C VAL A 28 39.99 44.14 28.87
N LEU A 29 39.13 44.45 27.89
CA LEU A 29 38.98 43.66 26.66
C LEU A 29 39.46 44.43 25.44
N GLU A 30 40.32 43.80 24.62
CA GLU A 30 40.86 44.38 23.40
C GLU A 30 40.08 43.82 22.20
N MET A 31 39.42 44.69 21.43
CA MET A 31 38.64 44.29 20.26
C MET A 31 39.18 44.91 18.99
N GLU A 32 39.27 44.11 17.91
CA GLU A 32 39.78 44.56 16.63
C GLU A 32 38.95 43.96 15.49
N LEU A 33 38.51 44.82 14.55
CA LEU A 33 37.73 44.40 13.39
C LEU A 33 38.69 43.88 12.33
N LEU A 34 38.51 42.61 11.93
CA LEU A 34 39.35 41.95 10.92
C LEU A 34 38.77 42.12 9.53
N SER A 35 37.42 42.12 9.41
CA SER A 35 36.67 42.32 8.17
C SER A 35 35.22 42.72 8.44
N VAL A 36 34.67 43.60 7.58
CA VAL A 36 33.28 44.04 7.62
C VAL A 36 32.74 43.81 6.21
N THR A 37 31.91 42.75 6.05
CA THR A 37 31.36 42.33 4.76
C THR A 37 29.88 42.70 4.59
N LEU A 38 29.56 43.40 3.49
CA LEU A 38 28.21 43.79 3.10
C LEU A 38 27.85 43.07 1.81
N GLU A 39 27.07 41.98 1.91
CA GLU A 39 26.67 41.16 0.76
C GLU A 39 25.24 41.50 0.29
N PRO A 40 25.07 42.09 -0.92
CA PRO A 40 23.71 42.41 -1.38
C PRO A 40 22.97 41.20 -1.98
N THR A 41 21.64 41.17 -1.81
CA THR A 41 20.77 40.12 -2.35
C THR A 41 20.59 40.42 -3.84
N LEU A 42 21.11 39.55 -4.70
CA LEU A 42 21.09 39.72 -6.16
C LEU A 42 20.03 38.90 -6.87
N SER A 43 19.57 39.42 -8.02
CA SER A 43 18.61 38.79 -8.93
C SER A 43 19.12 39.02 -10.35
N LEU A 44 19.56 37.95 -11.01
CA LEU A 44 20.10 38.02 -12.37
C LEU A 44 19.01 38.33 -13.38
N ASP A 45 19.16 39.44 -14.11
CA ASP A 45 18.23 39.85 -15.15
C ASP A 45 18.57 39.09 -16.43
N TYR A 46 19.83 39.20 -16.88
CA TYR A 46 20.39 38.55 -18.07
C TYR A 46 21.92 38.59 -18.05
N ILE A 47 22.55 37.99 -19.08
CA ILE A 47 24.00 37.99 -19.29
C ILE A 47 24.31 38.40 -20.73
N THR A 48 25.37 39.21 -20.91
CA THR A 48 25.80 39.64 -22.24
C THR A 48 27.22 39.16 -22.55
N CYS A 49 27.48 38.86 -23.83
CA CYS A 49 28.76 38.35 -24.33
C CYS A 49 28.97 38.72 -25.79
N GLU A 50 29.97 38.13 -26.44
CA GLU A 50 30.25 38.36 -27.86
C GLU A 50 29.24 37.55 -28.67
N TYR A 51 28.75 38.11 -29.79
CA TYR A 51 27.78 37.41 -30.63
C TYR A 51 28.45 36.69 -31.79
N LYS A 52 27.76 35.69 -32.37
CA LYS A 52 28.26 34.92 -33.51
C LYS A 52 27.26 35.05 -34.67
N THR A 53 27.71 35.65 -35.78
CA THR A 53 26.90 35.83 -36.99
C THR A 53 27.06 34.56 -37.83
N VAL A 54 26.14 33.60 -37.63
CA VAL A 54 26.12 32.31 -38.33
C VAL A 54 25.64 32.52 -39.77
N ILE A 55 26.57 32.39 -40.73
CA ILE A 55 26.29 32.53 -42.16
C ILE A 55 26.62 31.24 -42.95
N PRO A 56 25.60 30.51 -43.48
CA PRO A 56 25.92 29.27 -44.22
C PRO A 56 26.34 29.55 -45.67
N SER A 57 26.54 28.48 -46.47
CA SER A 57 26.93 28.59 -47.88
C SER A 57 25.77 29.21 -48.69
N PRO A 58 26.03 30.25 -49.52
CA PRO A 58 24.94 30.87 -50.27
C PRO A 58 24.37 29.99 -51.38
N TYR A 59 23.03 29.91 -51.46
CA TYR A 59 22.35 29.10 -52.47
C TYR A 59 22.32 29.83 -53.80
N VAL A 60 23.24 29.46 -54.71
CA VAL A 60 23.36 30.05 -56.04
C VAL A 60 22.50 29.22 -57.00
N LYS A 61 21.36 29.77 -57.43
CA LYS A 61 20.46 29.09 -58.35
C LYS A 61 20.78 29.49 -59.79
N CYS A 62 21.36 28.55 -60.55
CA CYS A 62 21.72 28.78 -61.95
C CYS A 62 20.49 28.53 -62.82
N CYS A 63 20.17 29.50 -63.71
CA CYS A 63 19.03 29.49 -64.63
C CYS A 63 17.68 29.32 -63.90
N GLY A 64 17.47 30.17 -62.88
CA GLY A 64 16.25 30.14 -62.07
C GLY A 64 16.21 31.14 -60.93
N THR A 65 15.10 31.12 -60.17
CA THR A 65 14.85 32.01 -59.04
C THR A 65 14.74 31.24 -57.71
N ALA A 66 15.40 31.76 -56.67
CA ALA A 66 15.37 31.23 -55.30
C ALA A 66 14.44 32.12 -54.47
N GLU A 67 13.76 31.53 -53.47
CA GLU A 67 12.82 32.26 -52.62
C GLU A 67 13.15 32.21 -51.13
N CYS A 68 13.05 33.37 -50.45
CA CYS A 68 13.33 33.51 -49.02
C CYS A 68 12.23 32.91 -48.18
N LYS A 69 12.62 32.10 -47.18
CA LYS A 69 11.72 31.46 -46.23
C LYS A 69 11.85 32.18 -44.89
N ASP A 70 10.73 32.70 -44.35
CA ASP A 70 10.69 33.42 -43.07
C ASP A 70 10.95 32.44 -41.92
N LYS A 71 12.15 32.53 -41.31
CA LYS A 71 12.59 31.66 -40.22
C LYS A 71 12.56 32.37 -38.87
N ASN A 72 12.16 31.63 -37.81
CA ASN A 72 12.08 32.14 -36.45
C ASN A 72 13.44 31.97 -35.76
N LEU A 73 14.38 32.88 -36.07
CA LEU A 73 15.74 32.90 -35.52
C LEU A 73 16.16 34.32 -35.12
N PRO A 74 17.00 34.49 -34.06
CA PRO A 74 17.39 35.86 -33.65
C PRO A 74 18.16 36.62 -34.73
N ASP A 75 17.62 37.81 -35.09
CA ASP A 75 18.14 38.72 -36.12
C ASP A 75 18.25 38.06 -37.50
N TYR A 76 17.28 37.18 -37.85
CA TYR A 76 17.23 36.49 -39.14
C TYR A 76 17.06 37.47 -40.29
N SER A 77 17.99 37.41 -41.25
CA SER A 77 18.01 38.27 -42.42
C SER A 77 18.13 37.42 -43.68
N CYS A 78 17.32 37.72 -44.70
CA CYS A 78 17.28 37.00 -45.97
C CYS A 78 17.12 37.95 -47.15
N LYS A 79 17.82 37.67 -48.26
CA LYS A 79 17.78 38.46 -49.49
C LYS A 79 18.17 37.64 -50.72
N VAL A 80 17.47 37.85 -51.84
CA VAL A 80 17.72 37.17 -53.13
C VAL A 80 18.20 38.22 -54.14
N PHE A 81 19.39 38.00 -54.72
CA PHE A 81 19.98 38.93 -55.70
C PHE A 81 19.89 38.39 -57.12
N THR A 82 19.21 39.15 -58.00
CA THR A 82 18.99 38.81 -59.41
C THR A 82 20.13 39.29 -60.31
N GLY A 83 20.35 38.57 -61.41
CA GLY A 83 21.37 38.88 -62.41
C GLY A 83 22.78 38.69 -61.93
N VAL A 84 23.06 37.57 -61.24
CA VAL A 84 24.39 37.24 -60.72
C VAL A 84 25.12 36.24 -61.62
N TYR A 85 26.39 36.50 -61.90
CA TYR A 85 27.18 35.62 -62.75
C TYR A 85 28.66 35.65 -62.35
N PRO A 86 28.98 35.04 -61.22
CA PRO A 86 30.36 35.01 -60.71
C PRO A 86 31.06 33.71 -61.10
N PHE A 87 32.36 33.63 -60.81
CA PHE A 87 33.14 32.43 -61.11
C PHE A 87 33.80 31.87 -59.87
N MET A 88 34.93 31.20 -60.05
CA MET A 88 35.67 30.61 -58.94
C MET A 88 37.10 30.28 -59.35
N TRP A 89 37.88 29.77 -58.39
CA TRP A 89 39.26 29.40 -58.65
C TRP A 89 39.40 28.62 -59.95
N GLY A 90 38.44 27.73 -60.20
CA GLY A 90 38.45 26.92 -61.40
C GLY A 90 37.82 27.63 -62.58
N GLY A 91 36.74 28.37 -62.33
CA GLY A 91 36.05 29.10 -63.38
C GLY A 91 34.67 29.53 -62.96
N ALA A 92 33.74 29.56 -63.91
CA ALA A 92 32.37 29.96 -63.65
C ALA A 92 31.65 28.93 -62.78
N TYR A 93 30.33 28.88 -62.88
CA TYR A 93 29.53 27.95 -62.11
C TYR A 93 28.08 27.93 -62.58
N CYS A 94 27.77 28.81 -63.53
CA CYS A 94 26.41 28.90 -64.06
C CYS A 94 26.42 28.87 -65.59
N PHE A 95 25.28 28.53 -66.17
CA PHE A 95 25.16 28.46 -67.63
C PHE A 95 24.59 29.77 -68.21
N CYS A 96 23.49 30.27 -67.62
CA CYS A 96 22.81 31.51 -68.03
C CYS A 96 23.63 32.76 -67.72
N ASP A 97 23.39 33.84 -68.49
CA ASP A 97 24.11 35.11 -68.34
C ASP A 97 23.49 36.08 -67.33
N ALA A 98 22.15 36.18 -67.32
CA ALA A 98 21.41 37.10 -66.43
C ALA A 98 20.24 36.45 -65.69
N GLU A 99 19.93 35.17 -66.00
CA GLU A 99 18.81 34.43 -65.41
C GLU A 99 19.17 33.65 -64.13
N ASN A 100 20.25 34.05 -63.44
CA ASN A 100 20.71 33.39 -62.21
C ASN A 100 20.41 34.23 -60.96
N THR A 101 20.17 33.55 -59.82
CA THR A 101 19.88 34.18 -58.52
C THR A 101 20.77 33.62 -57.41
N GLN A 102 20.91 34.39 -56.31
CA GLN A 102 21.69 33.98 -55.14
C GLN A 102 20.94 34.30 -53.85
N LEU A 103 20.64 33.26 -53.05
CA LEU A 103 19.94 33.39 -51.78
C LEU A 103 20.98 33.57 -50.65
N SER A 104 20.95 34.74 -50.00
CA SER A 104 21.85 35.07 -48.89
C SER A 104 21.07 35.14 -47.58
N GLU A 105 21.19 34.08 -46.75
CA GLU A 105 20.53 34.00 -45.45
C GLU A 105 21.52 34.09 -44.29
N ALA A 106 21.09 34.73 -43.18
CA ALA A 106 21.93 34.93 -41.98
C ALA A 106 21.10 35.06 -40.71
N HIS A 107 21.71 34.75 -39.54
CA HIS A 107 21.12 34.87 -38.21
C HIS A 107 22.21 35.03 -37.12
N VAL A 108 21.83 35.65 -35.97
CA VAL A 108 22.74 35.90 -34.85
C VAL A 108 22.52 34.90 -33.72
N GLU A 109 23.62 34.30 -33.24
CA GLU A 109 23.66 33.32 -32.15
C GLU A 109 24.69 33.73 -31.09
N LYS A 110 24.63 33.06 -29.91
CA LYS A 110 25.59 33.27 -28.83
C LYS A 110 26.89 32.59 -29.24
N SER A 111 28.04 33.29 -29.08
CA SER A 111 29.35 32.72 -29.41
C SER A 111 29.73 31.61 -28.43
N GLU A 112 30.67 30.74 -28.83
CA GLU A 112 31.17 29.62 -28.02
C GLU A 112 31.83 30.12 -26.72
N SER A 113 32.35 31.35 -26.75
CA SER A 113 33.01 32.04 -25.64
C SER A 113 32.07 32.45 -24.50
N CYS A 114 30.77 32.60 -24.77
CA CYS A 114 29.75 33.02 -23.80
C CYS A 114 29.74 32.26 -22.46
N LYS A 115 30.24 31.01 -22.45
CA LYS A 115 30.34 30.17 -21.26
C LYS A 115 31.49 30.65 -20.37
N THR A 116 32.55 31.21 -20.99
CA THR A 116 33.76 31.72 -20.34
C THR A 116 33.76 33.26 -20.25
N GLU A 117 33.77 33.95 -21.41
CA GLU A 117 33.78 35.43 -21.50
C GLU A 117 32.36 35.99 -21.55
N PHE A 118 31.88 36.51 -20.40
CA PHE A 118 30.54 37.08 -20.25
C PHE A 118 30.45 38.09 -19.10
N ALA A 119 29.49 39.03 -19.20
CA ALA A 119 29.20 40.04 -18.18
C ALA A 119 27.77 39.82 -17.69
N SER A 120 27.60 39.76 -16.36
CA SER A 120 26.29 39.52 -15.75
C SER A 120 25.59 40.78 -15.28
N ALA A 121 24.30 40.94 -15.65
CA ALA A 121 23.46 42.08 -15.28
C ALA A 121 22.57 41.73 -14.10
N TYR A 122 22.95 42.20 -12.90
CA TYR A 122 22.24 41.94 -11.65
C TYR A 122 21.39 43.12 -11.18
N ARG A 123 20.38 42.84 -10.33
CA ARG A 123 19.48 43.81 -9.73
C ARG A 123 19.61 43.66 -8.21
N ALA A 124 20.38 44.56 -7.57
CA ALA A 124 20.63 44.54 -6.13
C ALA A 124 19.44 45.08 -5.34
N HIS A 125 18.94 44.29 -4.38
CA HIS A 125 17.80 44.65 -3.54
C HIS A 125 18.27 45.18 -2.18
N THR A 126 18.40 44.28 -1.18
CA THR A 126 18.85 44.61 0.18
C THR A 126 20.18 43.90 0.50
N ALA A 127 20.93 44.41 1.50
CA ALA A 127 22.21 43.83 1.88
C ALA A 127 22.25 43.32 3.31
N SER A 128 22.96 42.19 3.52
CA SER A 128 23.13 41.57 4.84
C SER A 128 24.59 41.74 5.31
N ALA A 129 24.78 42.43 6.45
CA ALA A 129 26.09 42.70 7.02
C ALA A 129 26.58 41.56 7.91
N SER A 130 27.89 41.28 7.87
CA SER A 130 28.58 40.25 8.66
C SER A 130 30.01 40.69 8.94
N ALA A 131 30.49 40.46 10.18
CA ALA A 131 31.83 40.89 10.57
C ALA A 131 32.67 39.84 11.30
N LYS A 132 34.00 39.92 11.11
CA LYS A 132 35.01 39.07 11.74
C LYS A 132 35.72 39.93 12.79
N LEU A 133 35.57 39.59 14.07
CA LEU A 133 36.13 40.36 15.19
C LEU A 133 37.08 39.53 16.07
N ARG A 134 38.25 40.12 16.38
CA ARG A 134 39.29 39.53 17.23
C ARG A 134 39.12 40.09 18.64
N VAL A 135 39.06 39.21 19.66
CA VAL A 135 38.89 39.61 21.06
C VAL A 135 39.98 38.99 21.95
N LEU A 136 40.70 39.81 22.72
CA LEU A 136 41.71 39.35 23.68
C LEU A 136 40.99 39.10 25.01
N TYR A 137 40.38 37.92 25.12
CA TYR A 137 39.62 37.47 26.29
C TYR A 137 40.43 36.48 27.10
N GLN A 138 40.72 36.84 28.37
CA GLN A 138 41.51 36.06 29.34
C GLN A 138 42.94 35.71 28.84
N GLY A 139 43.61 36.71 28.28
CA GLY A 139 44.97 36.60 27.75
C GLY A 139 45.13 35.72 26.52
N ASN A 140 44.03 35.53 25.75
CA ASN A 140 44.02 34.73 24.53
C ASN A 140 43.12 35.33 23.46
N ASN A 141 43.64 35.40 22.22
CA ASN A 141 42.92 35.94 21.07
C ASN A 141 41.87 34.95 20.56
N ILE A 142 40.60 35.40 20.49
CA ILE A 142 39.47 34.59 20.02
C ILE A 142 38.83 35.21 18.77
N THR A 143 38.45 34.37 17.80
CA THR A 143 37.84 34.80 16.54
C THR A 143 36.32 34.65 16.59
N VAL A 144 35.59 35.76 16.32
CA VAL A 144 34.13 35.81 16.32
C VAL A 144 33.65 36.27 14.94
N THR A 145 32.84 35.42 14.27
CA THR A 145 32.26 35.72 12.95
C THR A 145 30.74 35.60 13.07
N ALA A 146 30.03 36.74 12.92
CA ALA A 146 28.57 36.81 13.04
C ALA A 146 27.97 37.94 12.20
N TYR A 147 26.65 37.87 11.93
CA TYR A 147 25.90 38.88 11.18
C TYR A 147 25.72 40.14 12.04
N ALA A 148 25.97 41.31 11.45
CA ALA A 148 25.87 42.60 12.13
C ALA A 148 24.43 43.17 12.13
N ASN A 149 23.45 42.34 12.55
CA ASN A 149 22.03 42.70 12.63
C ASN A 149 21.56 42.98 14.07
N GLY A 150 22.35 42.55 15.05
CA GLY A 150 22.04 42.71 16.47
C GLY A 150 21.08 41.67 16.99
N ASP A 151 21.06 40.48 16.36
CA ASP A 151 20.19 39.36 16.72
C ASP A 151 20.95 38.03 16.74
N HIS A 152 21.84 37.80 15.75
CA HIS A 152 22.65 36.58 15.62
C HIS A 152 23.72 36.51 16.71
N ALA A 153 23.50 35.64 17.71
CA ALA A 153 24.40 35.44 18.85
C ALA A 153 25.36 34.26 18.64
N VAL A 154 26.65 34.47 18.94
CA VAL A 154 27.70 33.47 18.82
C VAL A 154 28.43 33.32 20.17
N THR A 155 28.49 32.07 20.69
CA THR A 155 29.13 31.77 21.98
C THR A 155 30.54 31.21 21.77
N VAL A 156 31.56 31.96 22.25
CA VAL A 156 32.97 31.59 22.20
C VAL A 156 33.51 31.69 23.63
N LYS A 157 34.05 30.57 24.16
CA LYS A 157 34.59 30.43 25.52
C LYS A 157 33.57 30.83 26.60
N ASP A 158 32.32 30.31 26.46
CA ASP A 158 31.16 30.53 27.32
C ASP A 158 30.68 32.00 27.41
N ALA A 159 31.07 32.83 26.42
CA ALA A 159 30.70 34.24 26.35
C ALA A 159 29.86 34.52 25.10
N LYS A 160 28.64 35.03 25.28
CA LYS A 160 27.71 35.34 24.20
C LYS A 160 28.06 36.68 23.55
N PHE A 161 28.26 36.66 22.23
CA PHE A 161 28.61 37.84 21.43
C PHE A 161 27.49 38.24 20.48
N ILE A 162 27.05 39.51 20.55
CA ILE A 162 26.03 40.07 19.67
C ILE A 162 26.63 41.29 18.96
N VAL A 163 26.75 41.20 17.63
CA VAL A 163 27.33 42.22 16.76
C VAL A 163 26.23 42.98 16.01
N GLY A 164 26.33 44.31 16.01
CA GLY A 164 25.38 45.19 15.34
C GLY A 164 24.20 45.61 16.19
N PRO A 165 23.14 46.23 15.59
CA PRO A 165 22.95 46.54 14.16
C PRO A 165 23.77 47.74 13.68
N MET A 166 24.18 47.71 12.39
CA MET A 166 24.97 48.73 11.71
C MET A 166 24.36 50.13 11.83
N SER A 167 25.20 51.14 12.10
CA SER A 167 24.80 52.55 12.23
C SER A 167 24.28 53.11 10.90
N SER A 168 24.97 52.77 9.79
CA SER A 168 24.60 53.23 8.45
C SER A 168 24.16 52.06 7.57
N ALA A 169 23.03 52.24 6.86
CA ALA A 169 22.47 51.24 5.94
C ALA A 169 23.02 51.44 4.51
N TRP A 170 24.02 52.34 4.35
CA TRP A 170 24.67 52.68 3.10
C TRP A 170 25.44 51.51 2.48
N THR A 171 25.35 51.39 1.14
CA THR A 171 26.04 50.39 0.31
C THR A 171 26.63 51.10 -0.92
N PRO A 172 27.83 50.70 -1.41
CA PRO A 172 28.38 51.37 -2.60
C PRO A 172 27.66 50.99 -3.91
N PHE A 173 26.86 49.91 -3.88
CA PHE A 173 26.10 49.41 -5.02
C PHE A 173 24.76 50.12 -5.16
N ASP A 174 24.30 50.31 -6.42
CA ASP A 174 23.01 50.91 -6.73
C ASP A 174 21.97 49.78 -6.88
N ASN A 175 20.76 50.11 -7.39
CA ASN A 175 19.69 49.12 -7.58
C ASN A 175 19.93 48.23 -8.81
N LYS A 176 20.86 48.65 -9.70
CA LYS A 176 21.25 47.94 -10.91
C LYS A 176 22.79 47.88 -11.02
N ILE A 177 23.36 46.65 -11.06
CA ILE A 177 24.82 46.45 -11.14
C ILE A 177 25.24 45.50 -12.28
N VAL A 178 26.50 45.61 -12.74
CA VAL A 178 27.08 44.77 -13.79
C VAL A 178 28.40 44.14 -13.30
N VAL A 179 28.51 42.81 -13.38
CA VAL A 179 29.69 42.05 -12.91
C VAL A 179 30.42 41.34 -14.05
N TYR A 180 31.72 41.66 -14.21
CA TYR A 180 32.62 41.05 -15.18
C TYR A 180 33.85 40.52 -14.44
N LYS A 181 34.00 39.18 -14.37
CA LYS A 181 35.07 38.46 -13.69
C LYS A 181 35.24 38.89 -12.21
N GLY A 182 36.12 39.85 -11.96
CA GLY A 182 36.38 40.38 -10.62
C GLY A 182 36.12 41.85 -10.45
N ASP A 183 35.39 42.46 -11.40
CA ASP A 183 35.06 43.88 -11.40
C ASP A 183 33.54 44.12 -11.41
N VAL A 184 33.06 44.98 -10.50
CA VAL A 184 31.64 45.34 -10.36
C VAL A 184 31.45 46.82 -10.75
N TYR A 185 30.49 47.09 -11.64
CA TYR A 185 30.18 48.42 -12.15
C TYR A 185 28.74 48.83 -11.83
N ASN A 186 28.55 50.08 -11.35
CA ASN A 186 27.23 50.64 -11.07
C ASN A 186 26.69 51.16 -12.41
N MET A 187 26.01 50.28 -13.16
CA MET A 187 25.48 50.60 -14.50
C MET A 187 23.97 50.57 -14.58
N ASP A 188 23.40 51.49 -15.38
CA ASP A 188 21.97 51.59 -15.65
C ASP A 188 21.73 50.91 -17.02
N TYR A 189 22.00 49.60 -17.06
CA TYR A 189 21.91 48.73 -18.25
C TYR A 189 20.50 48.68 -18.88
N PRO A 190 20.37 48.45 -20.21
CA PRO A 190 19.04 48.39 -20.82
C PRO A 190 18.23 47.16 -20.37
N PRO A 191 16.88 47.26 -20.22
CA PRO A 191 16.11 46.08 -19.79
C PRO A 191 16.11 44.93 -20.78
N PHE A 192 15.71 43.72 -20.32
CA PHE A 192 15.66 42.50 -21.12
C PHE A 192 14.69 42.63 -22.29
N GLY A 193 15.22 42.50 -23.50
CA GLY A 193 14.49 42.61 -24.76
C GLY A 193 14.37 44.05 -25.27
N ALA A 194 15.29 44.93 -24.81
CA ALA A 194 15.31 46.34 -25.20
C ALA A 194 16.73 46.87 -25.50
N GLY A 195 17.64 45.96 -25.85
CA GLY A 195 19.02 46.28 -26.18
C GLY A 195 19.16 46.92 -27.55
N ARG A 196 20.15 47.82 -27.69
CA ARG A 196 20.42 48.56 -28.93
C ARG A 196 21.70 48.07 -29.63
N PRO A 197 21.80 48.14 -30.99
CA PRO A 197 23.02 47.67 -31.68
C PRO A 197 24.26 48.50 -31.38
N GLY A 198 25.39 47.80 -31.20
CA GLY A 198 26.68 48.42 -30.92
C GLY A 198 26.90 48.80 -29.47
N GLN A 199 25.83 48.76 -28.65
CA GLN A 199 25.85 49.10 -27.22
C GLN A 199 25.82 47.86 -26.34
N PHE A 200 26.07 48.04 -25.03
CA PHE A 200 26.04 47.00 -24.01
C PHE A 200 24.61 46.46 -23.91
N GLY A 201 24.43 45.22 -24.34
CA GLY A 201 23.12 44.57 -24.35
C GLY A 201 22.56 44.32 -25.73
N ASP A 202 23.40 44.40 -26.78
CA ASP A 202 23.02 44.14 -28.18
C ASP A 202 22.60 42.67 -28.38
N ILE A 203 23.12 41.78 -27.52
CA ILE A 203 22.82 40.36 -27.43
C ILE A 203 22.53 40.04 -25.96
N GLN A 204 21.29 39.60 -25.66
CA GLN A 204 20.84 39.30 -24.30
C GLN A 204 20.37 37.87 -24.15
N SER A 205 20.94 37.15 -23.17
CA SER A 205 20.61 35.77 -22.83
C SER A 205 20.42 35.62 -21.34
N ARG A 206 19.54 34.71 -20.90
CA ARG A 206 19.22 34.45 -19.50
C ARG A 206 20.42 33.93 -18.69
N THR A 207 21.11 32.88 -19.19
CA THR A 207 22.28 32.26 -18.56
C THR A 207 23.36 31.91 -19.61
N PRO A 208 24.66 31.73 -19.25
CA PRO A 208 25.66 31.38 -20.28
C PRO A 208 25.40 30.07 -21.03
N GLU A 209 24.50 29.21 -20.50
CA GLU A 209 24.14 27.92 -21.09
C GLU A 209 22.70 27.91 -21.66
N SER A 210 21.99 29.06 -21.61
CA SER A 210 20.61 29.23 -22.08
C SER A 210 20.42 28.92 -23.57
N LYS A 211 19.21 28.46 -23.93
CA LYS A 211 18.83 28.07 -25.29
C LYS A 211 18.39 29.27 -26.15
N ASP A 212 17.38 30.03 -25.69
CA ASP A 212 16.84 31.19 -26.41
C ASP A 212 17.61 32.48 -26.11
N VAL A 213 17.87 33.28 -27.15
CA VAL A 213 18.61 34.55 -27.07
C VAL A 213 17.90 35.73 -27.76
N TYR A 214 18.16 36.95 -27.27
CA TYR A 214 17.64 38.20 -27.83
C TYR A 214 18.78 38.84 -28.63
N ALA A 215 18.50 39.30 -29.86
CA ALA A 215 19.52 39.91 -30.72
C ALA A 215 19.03 41.12 -31.51
N ASN A 216 19.73 42.26 -31.32
CA ASN A 216 19.50 43.52 -32.03
C ASN A 216 20.89 44.04 -32.40
N THR A 217 21.36 43.69 -33.61
CA THR A 217 22.69 44.03 -34.12
C THR A 217 22.68 44.86 -35.41
N GLN A 218 21.48 45.07 -36.01
CA GLN A 218 21.27 45.81 -37.26
C GLN A 218 22.05 45.15 -38.42
N LEU A 219 21.69 43.89 -38.71
CA LEU A 219 22.30 43.06 -39.76
C LEU A 219 21.54 43.20 -41.07
N VAL A 220 22.24 43.64 -42.14
CA VAL A 220 21.69 43.83 -43.49
C VAL A 220 22.64 43.18 -44.50
N LEU A 221 22.11 42.33 -45.42
CA LEU A 221 22.90 41.69 -46.47
C LEU A 221 23.16 42.66 -47.62
N GLN A 222 24.34 42.54 -48.25
CA GLN A 222 24.75 43.36 -49.39
C GLN A 222 24.88 42.48 -50.65
N ARG A 223 24.84 43.10 -51.85
CA ARG A 223 24.99 42.40 -53.11
C ARG A 223 26.46 41.94 -53.30
N PRO A 224 26.71 40.66 -53.69
CA PRO A 224 28.11 40.21 -53.84
C PRO A 224 28.83 40.85 -55.03
N ALA A 225 30.18 40.87 -54.96
CA ALA A 225 31.07 41.43 -55.99
C ALA A 225 30.97 40.66 -57.31
N ALA A 226 31.33 41.32 -58.44
CA ALA A 226 31.29 40.76 -59.79
C ALA A 226 32.12 39.48 -59.92
N GLY A 227 31.43 38.38 -60.23
CA GLY A 227 32.00 37.04 -60.39
C GLY A 227 32.60 36.48 -59.12
N THR A 228 31.98 36.80 -57.96
CA THR A 228 32.46 36.38 -56.65
C THR A 228 31.37 35.70 -55.82
N VAL A 229 31.74 34.58 -55.16
CA VAL A 229 30.84 33.85 -54.26
C VAL A 229 31.25 34.20 -52.83
N HIS A 230 30.44 35.03 -52.18
CA HIS A 230 30.61 35.49 -50.79
C HIS A 230 29.32 36.13 -50.28
N VAL A 231 29.18 36.26 -48.95
CA VAL A 231 28.00 36.85 -48.33
C VAL A 231 28.39 38.19 -47.65
N PRO A 232 28.43 39.33 -48.41
CA PRO A 232 28.79 40.60 -47.78
C PRO A 232 27.64 41.16 -46.94
N TYR A 233 27.96 41.74 -45.78
CA TYR A 233 26.95 42.27 -44.87
C TYR A 233 27.39 43.51 -44.08
N SER A 234 26.39 44.32 -43.64
CA SER A 234 26.60 45.51 -42.83
C SER A 234 25.97 45.24 -41.46
N GLN A 235 26.79 45.23 -40.41
CA GLN A 235 26.36 44.94 -39.04
C GLN A 235 27.16 45.77 -38.04
N ALA A 236 26.48 46.28 -36.99
CA ALA A 236 27.10 47.06 -35.92
C ALA A 236 28.02 46.16 -35.08
N PRO A 237 29.29 46.58 -34.81
CA PRO A 237 30.21 45.71 -34.04
C PRO A 237 29.74 45.37 -32.62
N SER A 238 30.29 44.28 -32.05
CA SER A 238 29.96 43.75 -30.72
C SER A 238 30.00 44.80 -29.62
N GLY A 239 28.84 45.00 -28.99
CA GLY A 239 28.64 45.95 -27.90
C GLY A 239 29.40 45.57 -26.65
N PHE A 240 29.53 44.25 -26.40
CA PHE A 240 30.26 43.68 -25.28
C PHE A 240 31.77 43.92 -25.42
N LYS A 241 32.31 43.71 -26.65
CA LYS A 241 33.72 43.93 -26.97
C LYS A 241 34.08 45.42 -26.88
N TYR A 242 33.14 46.30 -27.26
CA TYR A 242 33.30 47.75 -27.20
C TYR A 242 33.28 48.22 -25.74
N TRP A 243 32.35 47.66 -24.93
CA TRP A 243 32.20 48.00 -23.50
C TRP A 243 33.44 47.59 -22.71
N LEU A 244 34.04 46.42 -23.02
CA LEU A 244 35.25 45.89 -22.39
C LEU A 244 36.45 46.83 -22.53
N LYS A 245 36.40 47.72 -23.54
CA LYS A 245 37.42 48.73 -23.82
C LYS A 245 37.03 50.09 -23.20
N GLU A 246 35.72 50.46 -23.27
CA GLU A 246 35.21 51.74 -22.77
C GLU A 246 34.27 51.61 -21.55
N ARG A 247 34.77 50.99 -20.45
CA ARG A 247 34.01 50.81 -19.20
C ARG A 247 34.53 51.67 -18.06
N GLY A 248 35.84 51.95 -18.08
CA GLY A 248 36.50 52.75 -17.05
C GLY A 248 36.83 51.95 -15.81
N ALA A 249 36.99 52.65 -14.68
CA ALA A 249 37.32 52.04 -13.38
C ALA A 249 36.08 51.47 -12.69
N SER A 250 36.24 50.32 -12.05
CA SER A 250 35.18 49.63 -11.31
C SER A 250 34.97 50.25 -9.93
N LEU A 251 33.95 49.75 -9.17
CA LEU A 251 33.62 50.22 -7.82
C LEU A 251 34.81 50.10 -6.86
N GLN A 252 35.65 49.06 -7.03
CA GLN A 252 36.88 48.79 -6.24
C GLN A 252 37.79 50.04 -6.17
N HIS A 253 37.82 50.84 -7.25
CA HIS A 253 38.64 52.06 -7.37
C HIS A 253 37.85 53.37 -7.20
N THR A 254 36.54 53.39 -7.54
CA THR A 254 35.72 54.60 -7.48
C THR A 254 34.81 54.79 -6.24
N ALA A 255 34.51 53.71 -5.50
CA ALA A 255 33.62 53.77 -4.32
C ALA A 255 34.15 54.60 -3.15
N PRO A 256 33.27 55.35 -2.44
CA PRO A 256 33.75 56.12 -1.28
C PRO A 256 33.97 55.26 -0.02
N PHE A 257 34.48 55.88 1.06
CA PHE A 257 34.79 55.27 2.37
C PHE A 257 35.84 54.14 2.33
N GLY A 258 36.64 54.12 1.25
CA GLY A 258 37.71 53.14 1.04
C GLY A 258 37.22 51.71 0.88
N CYS A 259 36.07 51.53 0.21
CA CYS A 259 35.44 50.23 -0.04
C CYS A 259 36.30 49.32 -0.93
N GLN A 260 36.40 48.04 -0.53
CA GLN A 260 37.11 47.00 -1.28
C GLN A 260 36.04 46.05 -1.84
N ILE A 261 35.98 45.93 -3.17
CA ILE A 261 34.98 45.09 -3.84
C ILE A 261 35.50 43.70 -4.18
N ALA A 262 34.82 42.66 -3.64
CA ALA A 262 35.14 41.26 -3.87
C ALA A 262 34.05 40.60 -4.73
N THR A 263 34.38 39.44 -5.34
CA THR A 263 33.46 38.71 -6.22
C THR A 263 33.25 37.24 -5.80
N ASN A 264 32.19 36.61 -6.35
CA ASN A 264 31.78 35.22 -6.13
C ASN A 264 31.69 34.81 -4.64
N PRO A 265 30.70 35.30 -3.85
CA PRO A 265 29.62 36.24 -4.21
C PRO A 265 30.07 37.69 -4.17
N VAL A 266 29.36 38.60 -4.87
CA VAL A 266 29.73 40.01 -4.88
C VAL A 266 29.42 40.65 -3.52
N ARG A 267 30.39 41.42 -2.98
CA ARG A 267 30.27 42.03 -1.65
C ARG A 267 31.16 43.25 -1.45
N ALA A 268 30.73 44.15 -0.55
CA ALA A 268 31.47 45.36 -0.16
C ALA A 268 32.24 45.02 1.11
N VAL A 269 33.58 45.04 1.03
CA VAL A 269 34.45 44.69 2.15
C VAL A 269 35.21 45.91 2.68
N ASN A 270 35.25 46.05 4.02
CA ASN A 270 35.95 47.09 4.78
C ASN A 270 35.59 48.53 4.40
N CYS A 271 34.29 48.86 4.46
CA CYS A 271 33.79 50.20 4.16
C CYS A 271 33.74 51.00 5.47
N ALA A 272 34.64 51.99 5.61
CA ALA A 272 34.74 52.84 6.81
C ALA A 272 33.60 53.85 6.91
N VAL A 273 32.40 53.36 7.28
CA VAL A 273 31.19 54.16 7.42
C VAL A 273 30.41 53.86 8.71
N GLY A 274 30.21 54.90 9.51
CA GLY A 274 29.49 54.84 10.78
C GLY A 274 30.21 54.10 11.88
N ASN A 275 29.44 53.56 12.83
CA ASN A 275 29.90 52.81 14.00
C ASN A 275 29.25 51.42 14.08
N MET A 276 29.66 50.60 15.07
CA MET A 276 29.13 49.24 15.25
C MET A 276 28.99 48.86 16.74
N PRO A 277 27.75 48.65 17.24
CA PRO A 277 27.59 48.25 18.64
C PRO A 277 27.84 46.77 18.85
N ILE A 278 28.58 46.43 19.92
CA ILE A 278 28.92 45.05 20.27
C ILE A 278 28.52 44.74 21.72
N SER A 279 27.67 43.72 21.90
CA SER A 279 27.19 43.26 23.21
C SER A 279 27.91 41.96 23.59
N ILE A 280 28.58 41.95 24.75
CA ILE A 280 29.34 40.79 25.24
C ILE A 280 28.80 40.36 26.61
N ASP A 281 28.22 39.16 26.69
CA ASP A 281 27.71 38.60 27.93
C ASP A 281 28.80 37.70 28.55
N ILE A 282 29.68 38.33 29.34
CA ILE A 282 30.80 37.67 30.01
C ILE A 282 30.29 36.80 31.19
N PRO A 283 30.65 35.49 31.25
CA PRO A 283 30.17 34.66 32.37
C PRO A 283 30.75 35.06 33.73
N GLU A 284 29.99 34.82 34.81
CA GLU A 284 30.37 35.14 36.20
C GLU A 284 31.65 34.46 36.68
N ALA A 285 32.05 33.34 36.04
CA ALA A 285 33.25 32.57 36.36
C ALA A 285 34.54 33.33 36.01
N ALA A 286 34.46 34.26 35.03
CA ALA A 286 35.58 35.09 34.58
C ALA A 286 35.87 36.26 35.55
N PHE A 287 34.92 36.58 36.44
CA PHE A 287 35.03 37.66 37.40
C PHE A 287 35.61 37.25 38.76
N THR A 288 36.37 38.17 39.38
CA THR A 288 36.98 38.03 40.70
C THR A 288 36.61 39.25 41.54
N ARG A 289 36.21 39.03 42.81
CA ARG A 289 35.80 40.09 43.75
C ARG A 289 36.93 41.07 44.07
N VAL A 290 36.56 42.35 44.36
CA VAL A 290 37.51 43.43 44.71
C VAL A 290 38.30 43.04 45.98
N VAL A 291 37.59 42.48 46.98
CA VAL A 291 38.15 42.02 48.27
C VAL A 291 39.14 40.87 48.04
N ASP A 292 38.82 39.94 47.11
CA ASP A 292 39.65 38.79 46.75
C ASP A 292 40.78 39.11 45.74
N ALA A 293 40.75 40.34 45.16
CA ALA A 293 41.75 40.80 44.20
C ALA A 293 42.87 41.59 44.92
N PRO A 294 44.15 41.53 44.45
CA PRO A 294 45.21 42.27 45.15
C PRO A 294 45.06 43.80 45.09
N SER A 295 45.08 44.45 46.26
CA SER A 295 44.96 45.89 46.41
C SER A 295 46.32 46.58 46.23
N LEU A 296 46.32 47.79 45.66
CA LEU A 296 47.55 48.55 45.40
C LEU A 296 47.64 49.87 46.18
N THR A 297 48.82 50.12 46.77
CA THR A 297 49.13 51.32 47.56
C THR A 297 50.51 51.85 47.14
N ASP A 298 50.83 53.11 47.54
CA ASP A 298 52.11 53.81 47.27
C ASP A 298 52.48 53.75 45.77
N MET A 299 51.76 54.52 44.95
CA MET A 299 51.96 54.53 43.50
C MET A 299 52.54 55.82 42.97
N SER A 300 53.57 55.70 42.12
CA SER A 300 54.26 56.81 41.46
C SER A 300 54.46 56.48 39.98
N CYS A 301 54.27 57.49 39.11
CA CYS A 301 54.38 57.32 37.66
C CYS A 301 55.46 58.21 37.04
N GLU A 302 56.45 57.59 36.39
CA GLU A 302 57.56 58.26 35.73
C GLU A 302 57.56 57.93 34.23
N VAL A 303 57.66 58.97 33.37
CA VAL A 303 57.67 58.82 31.92
C VAL A 303 59.08 59.15 31.37
N PRO A 304 59.96 58.15 31.16
CA PRO A 304 61.31 58.44 30.67
C PRO A 304 61.38 58.80 29.17
N ALA A 305 60.37 58.37 28.38
CA ALA A 305 60.33 58.63 26.94
C ALA A 305 58.90 58.73 26.40
N CYS A 306 58.64 59.79 25.59
CA CYS A 306 57.35 60.03 24.93
C CYS A 306 57.45 60.80 23.64
N THR A 307 56.80 60.28 22.59
CA THR A 307 56.72 60.87 21.25
C THR A 307 55.26 60.73 20.79
N HIS A 308 54.51 61.85 20.74
CA HIS A 308 53.10 61.84 20.34
C HIS A 308 52.89 61.49 18.88
N SER A 309 52.43 60.24 18.63
CA SER A 309 52.19 59.71 17.28
C SER A 309 50.96 58.79 17.26
N SER A 310 50.66 58.21 16.07
CA SER A 310 49.54 57.29 15.85
C SER A 310 49.72 55.97 16.60
N ASP A 311 50.99 55.51 16.73
CA ASP A 311 51.36 54.29 17.44
C ASP A 311 51.79 54.59 18.88
N PHE A 312 52.09 53.55 19.68
CA PHE A 312 52.52 53.68 21.07
C PHE A 312 53.96 54.22 21.16
N GLY A 313 54.08 55.55 21.10
CA GLY A 313 55.35 56.25 21.15
C GLY A 313 55.76 56.72 22.53
N GLY A 314 55.05 56.25 23.55
CA GLY A 314 55.31 56.59 24.95
C GLY A 314 55.58 55.38 25.83
N VAL A 315 56.55 55.51 26.75
CA VAL A 315 56.97 54.47 27.69
C VAL A 315 56.74 55.01 29.12
N ALA A 316 56.06 54.24 29.98
CA ALA A 316 55.78 54.64 31.35
C ALA A 316 56.11 53.55 32.38
N ILE A 317 56.79 53.94 33.47
CA ILE A 317 57.18 53.04 34.56
C ILE A 317 56.36 53.41 35.81
N ILE A 318 55.56 52.45 36.32
CA ILE A 318 54.71 52.66 37.49
C ILE A 318 55.18 51.80 38.67
N LYS A 319 55.52 52.44 39.80
CA LYS A 319 55.97 51.79 41.03
C LYS A 319 54.74 51.49 41.89
N TYR A 320 54.74 50.36 42.63
CA TYR A 320 53.60 49.95 43.45
C TYR A 320 53.97 49.13 44.70
N ALA A 321 52.98 48.90 45.58
CA ALA A 321 53.05 48.08 46.79
C ALA A 321 51.79 47.20 46.83
N ALA A 322 51.93 45.94 46.39
CA ALA A 322 50.84 44.96 46.29
C ALA A 322 50.68 44.09 47.53
N SER A 323 49.42 43.70 47.83
CA SER A 323 49.08 42.85 48.97
C SER A 323 49.43 41.37 48.72
N LYS A 324 49.21 40.88 47.50
CA LYS A 324 49.46 39.48 47.10
C LYS A 324 49.71 39.29 45.59
N LYS A 325 50.16 38.08 45.19
CA LYS A 325 50.42 37.72 43.80
C LYS A 325 49.10 37.46 43.07
N GLY A 326 48.90 38.17 41.96
CA GLY A 326 47.71 38.05 41.12
C GLY A 326 47.72 38.94 39.90
N LYS A 327 46.72 38.77 39.01
CA LYS A 327 46.59 39.55 37.79
C LYS A 327 45.73 40.80 38.00
N CYS A 328 46.23 41.95 37.53
CA CYS A 328 45.55 43.24 37.64
C CYS A 328 45.39 43.90 36.27
N ALA A 329 44.20 44.46 36.00
CA ALA A 329 43.86 45.12 34.75
C ALA A 329 44.44 46.54 34.66
N VAL A 330 44.95 46.90 33.47
CA VAL A 330 45.54 48.22 33.21
C VAL A 330 44.67 48.95 32.18
N HIS A 331 44.21 50.16 32.54
CA HIS A 331 43.36 50.98 31.67
C HIS A 331 43.54 52.47 31.94
N SER A 332 43.58 53.27 30.86
CA SER A 332 43.72 54.73 30.95
C SER A 332 42.35 55.36 31.19
N MET A 333 42.25 56.16 32.27
CA MET A 333 41.02 56.87 32.65
C MET A 333 40.84 58.18 31.87
N THR A 334 41.80 58.49 30.98
CA THR A 334 41.80 59.65 30.09
C THR A 334 41.49 59.17 28.67
N ASN A 335 40.53 59.82 27.99
CA ASN A 335 40.11 59.46 26.63
C ASN A 335 41.10 59.84 25.52
N ALA A 336 42.16 60.61 25.86
CA ALA A 336 43.19 61.04 24.92
C ALA A 336 44.37 60.06 24.84
N VAL A 337 44.60 59.28 25.92
CA VAL A 337 45.70 58.32 26.02
C VAL A 337 45.17 56.87 26.00
N THR A 338 45.85 55.96 25.29
CA THR A 338 45.48 54.55 25.16
C THR A 338 46.67 53.65 25.51
N ILE A 339 46.45 52.65 26.39
CA ILE A 339 47.48 51.69 26.84
C ILE A 339 47.44 50.41 26.01
N ARG A 340 48.62 49.88 25.63
CA ARG A 340 48.77 48.65 24.85
C ARG A 340 48.49 47.41 25.71
N GLU A 341 48.87 47.45 27.00
CA GLU A 341 48.70 46.34 27.95
C GLU A 341 47.29 46.30 28.52
N ALA A 342 46.64 45.12 28.46
CA ALA A 342 45.29 44.88 28.96
C ALA A 342 45.33 44.38 30.42
N GLU A 343 46.30 43.49 30.73
CA GLU A 343 46.50 42.92 32.07
C GLU A 343 47.94 42.52 32.32
N ILE A 344 48.42 42.74 33.56
CA ILE A 344 49.79 42.41 34.00
C ILE A 344 49.80 41.66 35.34
N GLU A 345 50.98 41.16 35.76
CA GLU A 345 51.16 40.41 37.00
C GLU A 345 51.84 41.26 38.08
N VAL A 346 51.26 41.26 39.30
CA VAL A 346 51.77 41.98 40.47
C VAL A 346 52.18 41.02 41.60
N GLU A 347 53.04 41.47 42.53
CA GLU A 347 53.50 40.64 43.65
C GLU A 347 53.53 41.37 45.00
N GLY A 348 54.34 42.42 45.10
CA GLY A 348 54.49 43.21 46.31
C GLY A 348 55.12 44.55 46.03
N ASN A 349 56.36 44.75 46.51
CA ASN A 349 57.11 45.98 46.29
C ASN A 349 57.90 45.82 44.99
N SER A 350 57.31 46.28 43.87
CA SER A 350 57.90 46.17 42.52
C SER A 350 57.47 47.30 41.58
N GLN A 351 57.77 47.16 40.28
CA GLN A 351 57.46 48.13 39.22
C GLN A 351 56.91 47.45 37.94
N LEU A 352 56.37 48.25 37.00
CA LEU A 352 55.82 47.76 35.73
C LEU A 352 56.04 48.76 34.58
N GLN A 353 56.41 48.25 33.39
CA GLN A 353 56.64 49.07 32.20
C GLN A 353 55.48 48.93 31.22
N ILE A 354 54.85 50.07 30.85
CA ILE A 354 53.72 50.10 29.92
C ILE A 354 53.94 51.02 28.71
N SER A 355 53.41 50.61 27.55
CA SER A 355 53.48 51.37 26.29
C SER A 355 52.17 52.14 26.09
N PHE A 356 52.25 53.44 25.78
CA PHE A 356 51.07 54.27 25.58
C PHE A 356 51.12 55.17 24.34
N SER A 357 49.94 55.44 23.76
CA SER A 357 49.77 56.28 22.57
C SER A 357 48.91 57.50 22.90
N THR A 358 49.38 58.69 22.48
CA THR A 358 48.71 59.99 22.69
C THR A 358 48.97 60.97 21.54
N ALA A 359 48.15 62.04 21.44
CA ALA A 359 48.28 63.06 20.41
C ALA A 359 48.78 64.39 20.99
N LEU A 360 48.43 64.67 22.26
CA LEU A 360 48.80 65.90 22.99
C LEU A 360 50.30 65.97 23.29
N ALA A 361 50.85 67.20 23.30
CA ALA A 361 52.25 67.46 23.62
C ALA A 361 52.44 67.37 25.13
N SER A 362 51.54 68.03 25.90
CA SER A 362 51.53 68.01 27.37
C SER A 362 50.41 67.05 27.77
N ALA A 363 50.80 65.85 28.26
CA ALA A 363 49.84 64.83 28.64
C ALA A 363 49.83 64.47 30.13
N GLU A 364 48.74 64.85 30.81
CA GLU A 364 48.49 64.55 32.22
C GLU A 364 47.34 63.57 32.23
N PHE A 365 47.64 62.28 32.48
CA PHE A 365 46.67 61.19 32.44
C PHE A 365 46.70 60.26 33.64
N ARG A 366 45.51 59.72 34.00
CA ARG A 366 45.31 58.79 35.11
C ARG A 366 45.23 57.35 34.61
N VAL A 367 46.08 56.46 35.18
CA VAL A 367 46.13 55.04 34.82
C VAL A 367 45.54 54.22 35.96
N GLN A 368 44.49 53.44 35.67
CA GLN A 368 43.82 52.59 36.65
C GLN A 368 44.40 51.18 36.65
N VAL A 369 45.33 50.91 37.57
CA VAL A 369 45.96 49.59 37.72
C VAL A 369 45.15 48.88 38.81
N CYS A 370 44.50 47.74 38.44
CA CYS A 370 43.62 46.93 39.29
C CYS A 370 42.38 47.76 39.67
N SER A 371 42.34 48.31 40.90
CA SER A 371 41.23 49.12 41.41
C SER A 371 41.67 50.50 41.91
N THR A 372 43.00 50.76 41.93
CA THR A 372 43.61 52.02 42.40
C THR A 372 44.16 52.82 41.21
N GLN A 373 44.02 54.17 41.26
CA GLN A 373 44.48 55.07 40.21
C GLN A 373 45.79 55.79 40.53
N VAL A 374 46.59 56.11 39.49
CA VAL A 374 47.88 56.81 39.57
C VAL A 374 47.98 57.91 38.50
N HIS A 375 48.49 59.10 38.88
CA HIS A 375 48.65 60.24 37.97
C HIS A 375 50.01 60.18 37.25
N CYS A 376 49.98 60.28 35.91
CA CYS A 376 51.18 60.26 35.06
C CYS A 376 51.42 61.61 34.41
N ALA A 377 52.65 62.14 34.55
CA ALA A 377 53.07 63.40 33.97
C ALA A 377 54.02 63.13 32.80
N ALA A 378 53.66 63.59 31.60
CA ALA A 378 54.44 63.38 30.38
C ALA A 378 54.48 64.60 29.47
N GLU A 379 55.68 64.88 28.92
CA GLU A 379 55.94 65.98 27.99
C GLU A 379 56.41 65.35 26.67
N CYS A 380 55.45 64.86 25.87
CA CYS A 380 55.68 64.19 24.60
C CYS A 380 56.16 65.14 23.49
N HIS A 381 57.01 64.63 22.60
CA HIS A 381 57.62 65.39 21.51
C HIS A 381 57.08 65.02 20.12
N PRO A 382 57.17 65.92 19.10
CA PRO A 382 56.62 65.58 17.77
C PRO A 382 57.39 64.51 17.01
N PRO A 383 56.72 63.69 16.15
CA PRO A 383 57.45 62.66 15.40
C PRO A 383 58.09 63.20 14.12
N LYS A 384 59.01 62.41 13.53
CA LYS A 384 59.73 62.79 12.30
C LYS A 384 58.85 62.83 11.04
N ASP A 385 57.80 61.99 10.99
CA ASP A 385 56.88 61.91 9.85
C ASP A 385 55.57 62.63 10.09
N HIS A 386 55.11 63.40 9.09
CA HIS A 386 53.84 64.15 9.13
C HIS A 386 52.66 63.29 8.68
N ILE A 387 52.90 62.33 7.76
CA ILE A 387 51.90 61.41 7.23
C ILE A 387 52.26 59.97 7.62
N VAL A 388 51.29 59.23 8.18
CA VAL A 388 51.45 57.85 8.64
C VAL A 388 50.69 56.84 7.72
N ASN A 389 51.09 55.56 7.73
CA ASN A 389 50.49 54.50 6.91
C ASN A 389 49.49 53.57 7.64
N TYR A 390 49.04 53.97 8.85
CA TYR A 390 48.09 53.21 9.66
C TYR A 390 47.14 54.12 10.46
N PRO A 391 45.83 53.78 10.58
CA PRO A 391 44.90 54.64 11.33
C PRO A 391 45.00 54.49 12.85
N ALA A 392 44.55 55.53 13.59
CA ALA A 392 44.56 55.56 15.05
C ALA A 392 43.28 56.20 15.63
N ASN B 1 25.91 12.12 -25.11
CA ASN B 1 25.99 11.80 -26.54
C ASN B 1 24.64 11.92 -27.23
N VAL B 2 24.21 13.15 -27.45
CA VAL B 2 22.92 13.41 -28.10
C VAL B 2 22.90 12.84 -29.52
N TYR B 3 22.89 11.52 -29.61
CA TYR B 3 22.87 10.84 -30.91
C TYR B 3 21.68 9.89 -31.01
N LYS B 4 20.88 9.83 -29.96
CA LYS B 4 19.70 8.96 -29.92
C LYS B 4 18.86 9.22 -31.18
N ALA B 5 18.62 10.52 -31.48
CA ALA B 5 17.84 10.97 -32.64
C ALA B 5 18.67 10.95 -33.93
N THR B 6 19.91 11.48 -33.90
CA THR B 6 20.80 11.53 -35.07
C THR B 6 21.31 10.15 -35.48
N ARG B 7 21.60 9.98 -36.78
CA ARG B 7 22.09 8.72 -37.36
C ARG B 7 23.09 8.97 -38.51
N PRO B 8 24.06 8.05 -38.77
CA PRO B 8 24.98 8.26 -39.91
C PRO B 8 24.25 8.06 -41.23
N TYR B 9 24.71 8.74 -42.30
CA TYR B 9 24.04 8.66 -43.59
C TYR B 9 24.95 8.35 -44.79
N LEU B 10 24.33 8.13 -45.96
CA LEU B 10 25.01 7.87 -47.23
C LEU B 10 24.75 9.05 -48.16
N ALA B 11 25.82 9.74 -48.57
CA ALA B 11 25.77 10.91 -49.42
C ALA B 11 26.69 10.77 -50.64
N HIS B 12 26.53 11.66 -51.64
CA HIS B 12 27.33 11.67 -52.86
C HIS B 12 28.78 12.09 -52.59
N CYS B 13 29.73 11.35 -53.15
CA CYS B 13 31.16 11.61 -53.07
C CYS B 13 31.72 11.66 -54.50
N PRO B 14 32.47 12.72 -54.88
CA PRO B 14 32.99 12.79 -56.26
C PRO B 14 34.14 11.83 -56.56
N ASP B 15 34.86 11.36 -55.53
CA ASP B 15 35.99 10.45 -55.68
C ASP B 15 36.05 9.41 -54.55
N CYS B 16 35.50 8.21 -54.83
CA CYS B 16 35.46 7.08 -53.89
C CYS B 16 36.76 6.25 -53.96
N GLY B 17 37.54 6.48 -55.01
CA GLY B 17 38.79 5.77 -55.27
C GLY B 17 38.99 5.58 -56.76
N GLU B 18 40.19 5.93 -57.26
CA GLU B 18 40.60 5.85 -58.67
C GLU B 18 39.77 6.75 -59.61
N GLY B 19 39.28 7.86 -59.06
CA GLY B 19 38.50 8.87 -59.80
C GLY B 19 37.05 8.53 -60.07
N HIS B 20 36.53 7.47 -59.42
CA HIS B 20 35.14 7.02 -59.59
C HIS B 20 34.23 7.56 -58.50
N SER B 21 33.12 8.20 -58.89
CA SER B 21 32.13 8.77 -57.96
C SER B 21 31.12 7.71 -57.51
N CYS B 22 30.75 7.74 -56.21
CA CYS B 22 29.80 6.80 -55.59
C CYS B 22 29.10 7.38 -54.36
N HIS B 23 28.24 6.58 -53.70
CA HIS B 23 27.53 6.93 -52.47
C HIS B 23 28.41 6.39 -51.32
N SER B 24 29.21 7.28 -50.72
CA SER B 24 30.17 6.92 -49.67
C SER B 24 29.67 7.17 -48.25
N PRO B 25 29.91 6.24 -47.28
CA PRO B 25 29.49 6.52 -45.89
C PRO B 25 30.45 7.47 -45.16
N VAL B 26 31.59 7.78 -45.80
CA VAL B 26 32.64 8.68 -45.31
C VAL B 26 32.69 9.96 -46.19
N ALA B 27 31.51 10.35 -46.75
CA ALA B 27 31.34 11.51 -47.62
C ALA B 27 31.67 12.84 -46.94
N LEU B 28 32.45 13.69 -47.64
CA LEU B 28 32.89 15.00 -47.15
C LEU B 28 31.80 16.06 -47.34
N GLU B 29 31.58 16.88 -46.30
CA GLU B 29 30.57 17.94 -46.31
C GLU B 29 31.19 19.32 -46.38
N ARG B 30 31.85 19.75 -45.29
CA ARG B 30 32.47 21.07 -45.16
C ARG B 30 33.85 20.93 -44.54
N ILE B 31 34.86 21.58 -45.15
CA ILE B 31 36.24 21.57 -44.67
C ILE B 31 36.60 23.01 -44.25
N ARG B 32 36.51 23.29 -42.94
CA ARG B 32 36.80 24.59 -42.35
C ARG B 32 38.29 24.75 -42.08
N ASN B 33 38.86 25.91 -42.46
CA ASN B 33 40.28 26.25 -42.29
C ASN B 33 40.46 27.68 -41.76
N GLU B 34 39.61 28.08 -40.80
CA GLU B 34 39.64 29.42 -40.19
C GLU B 34 40.79 29.62 -39.19
N ALA B 35 41.28 28.51 -38.60
CA ALA B 35 42.38 28.51 -37.63
C ALA B 35 43.71 28.89 -38.28
N THR B 36 44.37 29.92 -37.73
CA THR B 36 45.65 30.43 -38.21
C THR B 36 46.83 29.50 -37.94
N ASP B 37 46.71 28.61 -36.93
CA ASP B 37 47.78 27.65 -36.58
C ASP B 37 47.95 26.55 -37.63
N GLY B 38 46.86 26.20 -38.33
CA GLY B 38 46.88 25.17 -39.38
C GLY B 38 45.88 24.04 -39.20
N THR B 39 45.13 24.04 -38.08
CA THR B 39 44.14 23.01 -37.76
C THR B 39 42.93 23.08 -38.71
N LEU B 40 42.50 21.91 -39.23
CA LEU B 40 41.38 21.79 -40.16
C LEU B 40 40.16 21.16 -39.47
N LYS B 41 38.98 21.77 -39.64
CA LYS B 41 37.74 21.24 -39.09
C LYS B 41 36.95 20.56 -40.22
N ILE B 42 37.07 19.23 -40.29
CA ILE B 42 36.46 18.39 -41.33
C ILE B 42 35.10 17.84 -40.88
N GLN B 43 34.06 18.03 -41.72
CA GLN B 43 32.72 17.50 -41.46
C GLN B 43 32.50 16.31 -42.39
N VAL B 44 32.19 15.14 -41.79
CA VAL B 44 32.01 13.88 -42.51
C VAL B 44 30.55 13.36 -42.41
N SER B 45 30.21 12.34 -43.23
CA SER B 45 28.89 11.71 -43.29
C SER B 45 28.61 10.78 -42.10
N LEU B 46 29.64 10.06 -41.60
CA LEU B 46 29.53 9.13 -40.47
C LEU B 46 29.69 9.82 -39.10
N GLN B 47 29.57 9.05 -38.00
CA GLN B 47 29.69 9.54 -36.63
C GLN B 47 30.76 8.76 -35.85
N ILE B 48 31.69 9.48 -35.19
CA ILE B 48 32.81 8.89 -34.42
C ILE B 48 32.61 9.04 -32.91
N GLY B 49 32.96 7.98 -32.17
CA GLY B 49 32.88 7.93 -30.72
C GLY B 49 31.54 7.45 -30.17
N ILE B 50 30.63 7.04 -31.07
CA ILE B 50 29.28 6.57 -30.71
C ILE B 50 28.98 5.21 -31.36
N LYS B 51 28.29 4.32 -30.64
CA LYS B 51 27.90 2.98 -31.12
C LYS B 51 26.46 3.00 -31.66
N THR B 52 26.06 1.93 -32.38
CA THR B 52 24.73 1.77 -32.99
C THR B 52 23.56 1.79 -31.99
N ASP B 53 23.80 1.38 -30.74
CA ASP B 53 22.81 1.35 -29.65
C ASP B 53 22.72 2.70 -28.90
N ASP B 54 23.42 3.74 -29.42
CA ASP B 54 23.50 5.10 -28.87
C ASP B 54 24.21 5.11 -27.52
N SER B 55 25.53 4.83 -27.54
CA SER B 55 26.40 4.77 -26.36
C SER B 55 27.81 5.27 -26.69
N HIS B 56 28.43 6.01 -25.75
CA HIS B 56 29.77 6.58 -25.93
C HIS B 56 30.88 5.55 -25.79
N ASP B 57 31.69 5.40 -26.85
CA ASP B 57 32.84 4.49 -26.93
C ASP B 57 33.84 5.09 -27.91
N TRP B 58 34.95 5.66 -27.38
CA TRP B 58 35.99 6.33 -28.17
C TRP B 58 36.71 5.46 -29.20
N THR B 59 36.80 4.13 -28.93
CA THR B 59 37.44 3.17 -29.84
C THR B 59 36.52 2.70 -30.98
N LYS B 60 35.23 3.07 -30.92
CA LYS B 60 34.23 2.68 -31.93
C LYS B 60 33.78 3.81 -32.85
N LEU B 61 33.32 3.44 -34.07
CA LEU B 61 32.86 4.33 -35.12
C LEU B 61 31.48 3.86 -35.63
N ARG B 62 30.59 4.81 -35.99
CA ARG B 62 29.25 4.52 -36.50
C ARG B 62 29.07 5.06 -37.92
N TYR B 63 28.93 4.14 -38.90
CA TYR B 63 28.75 4.46 -40.31
C TYR B 63 27.49 3.79 -40.88
N MET B 64 26.95 4.32 -42.00
CA MET B 64 25.76 3.78 -42.67
C MET B 64 26.16 2.67 -43.66
N ASP B 65 25.56 1.48 -43.51
CA ASP B 65 25.83 0.32 -44.37
C ASP B 65 24.55 -0.28 -44.96
N ASN B 66 24.18 0.17 -46.18
CA ASN B 66 23.02 -0.29 -46.94
C ASN B 66 21.72 -0.37 -46.12
N HIS B 67 21.10 0.81 -45.86
CA HIS B 67 19.85 1.01 -45.11
C HIS B 67 19.95 0.93 -43.58
N MET B 68 20.99 0.24 -43.05
CA MET B 68 21.18 0.07 -41.62
C MET B 68 22.55 0.55 -41.12
N PRO B 69 22.62 1.25 -39.95
CA PRO B 69 23.92 1.70 -39.44
C PRO B 69 24.70 0.55 -38.80
N ALA B 70 26.03 0.51 -39.05
CA ALA B 70 26.94 -0.53 -38.55
C ALA B 70 28.14 0.08 -37.81
N ASP B 71 28.77 -0.74 -36.92
CA ASP B 71 29.94 -0.32 -36.14
C ASP B 71 31.27 -0.63 -36.83
N ALA B 72 32.27 0.23 -36.61
CA ALA B 72 33.63 0.12 -37.17
C ALA B 72 34.69 0.51 -36.12
N GLU B 73 35.98 0.53 -36.51
CA GLU B 73 37.09 0.86 -35.60
C GLU B 73 37.64 2.28 -35.78
N ARG B 74 37.98 2.95 -34.66
CA ARG B 74 38.56 4.29 -34.60
C ARG B 74 39.97 4.31 -35.18
N ALA B 75 40.73 3.20 -34.98
CA ALA B 75 42.10 3.03 -35.48
C ALA B 75 42.17 2.98 -37.02
N GLY B 76 41.08 2.52 -37.65
CA GLY B 76 40.95 2.42 -39.10
C GLY B 76 40.79 3.75 -39.81
N LEU B 77 40.30 4.78 -39.08
CA LEU B 77 40.07 6.13 -39.60
C LEU B 77 41.38 6.84 -39.95
N PHE B 78 41.44 7.46 -41.14
CA PHE B 78 42.62 8.17 -41.64
C PHE B 78 42.27 9.44 -42.43
N VAL B 79 43.15 10.45 -42.34
CA VAL B 79 43.04 11.74 -43.04
C VAL B 79 44.39 11.97 -43.75
N ARG B 80 44.37 12.40 -45.04
CA ARG B 80 45.58 12.66 -45.82
C ARG B 80 45.38 13.68 -46.97
N THR B 81 46.44 14.45 -47.28
CA THR B 81 46.44 15.45 -48.36
C THR B 81 47.39 15.00 -49.47
N SER B 82 48.68 14.86 -49.13
CA SER B 82 49.77 14.39 -49.99
C SER B 82 50.58 13.36 -49.20
N ALA B 83 50.45 13.43 -47.87
CA ALA B 83 51.07 12.56 -46.87
C ALA B 83 50.04 12.38 -45.71
N PRO B 84 50.13 11.34 -44.85
CA PRO B 84 49.13 11.18 -43.77
C PRO B 84 49.08 12.35 -42.78
N CYS B 85 47.89 12.61 -42.22
CA CYS B 85 47.63 13.68 -41.26
C CYS B 85 47.44 13.14 -39.85
N THR B 86 47.87 13.92 -38.84
CA THR B 86 47.71 13.56 -37.43
C THR B 86 46.35 14.03 -36.93
N ILE B 87 45.51 13.07 -36.50
CA ILE B 87 44.17 13.35 -35.98
C ILE B 87 44.29 13.83 -34.53
N THR B 88 43.80 15.06 -34.26
CA THR B 88 43.86 15.69 -32.94
C THR B 88 42.48 15.94 -32.30
N GLY B 89 41.50 15.13 -32.67
CA GLY B 89 40.14 15.22 -32.12
C GLY B 89 39.08 14.62 -33.02
N THR B 90 38.20 13.78 -32.43
CA THR B 90 37.08 13.11 -33.12
C THR B 90 35.84 13.06 -32.24
N MET B 91 34.70 13.57 -32.77
CA MET B 91 33.40 13.57 -32.10
C MET B 91 32.30 13.78 -33.13
N GLY B 92 31.49 12.74 -33.34
CA GLY B 92 30.39 12.73 -34.29
C GLY B 92 30.86 12.86 -35.72
N HIS B 93 30.31 13.86 -36.44
CA HIS B 93 30.66 14.14 -37.83
C HIS B 93 31.97 14.93 -37.98
N PHE B 94 32.54 15.42 -36.87
CA PHE B 94 33.75 16.25 -36.88
C PHE B 94 35.07 15.60 -36.57
N ILE B 95 36.10 15.94 -37.36
CA ILE B 95 37.49 15.46 -37.26
C ILE B 95 38.44 16.67 -37.29
N LEU B 96 39.40 16.72 -36.35
CA LEU B 96 40.42 17.77 -36.29
C LEU B 96 41.76 17.18 -36.75
N ALA B 97 42.40 17.80 -37.75
CA ALA B 97 43.67 17.31 -38.29
C ALA B 97 44.64 18.39 -38.76
N ARG B 98 45.95 18.15 -38.57
CA ARG B 98 47.04 19.02 -39.02
C ARG B 98 47.64 18.34 -40.25
N CYS B 99 47.49 18.99 -41.42
CA CYS B 99 47.92 18.43 -42.71
C CYS B 99 49.06 19.19 -43.40
N PRO B 100 49.97 18.47 -44.12
CA PRO B 100 51.01 19.19 -44.87
C PRO B 100 50.45 19.74 -46.19
N LYS B 101 51.28 20.47 -46.97
CA LYS B 101 50.91 21.08 -48.25
C LYS B 101 50.33 20.06 -49.25
N GLY B 102 49.07 20.27 -49.63
CA GLY B 102 48.35 19.41 -50.56
C GLY B 102 47.30 20.14 -51.39
N GLU B 103 46.84 19.47 -52.47
CA GLU B 103 45.83 20.01 -53.40
C GLU B 103 44.48 19.30 -53.31
N THR B 104 44.45 18.07 -52.74
CA THR B 104 43.24 17.25 -52.57
C THR B 104 43.21 16.63 -51.17
N LEU B 105 42.07 16.78 -50.45
CA LEU B 105 41.88 16.22 -49.11
C LEU B 105 41.18 14.85 -49.19
N THR B 106 41.75 13.85 -48.52
CA THR B 106 41.22 12.47 -48.49
C THR B 106 40.91 12.04 -47.05
N VAL B 107 39.68 11.54 -46.82
CA VAL B 107 39.20 11.05 -45.52
C VAL B 107 38.63 9.64 -45.71
N GLY B 108 39.16 8.67 -44.97
CA GLY B 108 38.73 7.28 -45.05
C GLY B 108 38.68 6.53 -43.74
N PHE B 109 38.25 5.24 -43.81
CA PHE B 109 38.12 4.32 -42.67
C PHE B 109 38.03 2.85 -43.16
N THR B 110 37.97 1.89 -42.21
CA THR B 110 37.86 0.45 -42.49
C THR B 110 36.66 -0.13 -41.72
N ASP B 111 35.77 -0.85 -42.42
CA ASP B 111 34.56 -1.44 -41.85
C ASP B 111 34.77 -2.79 -41.13
N SER B 112 33.65 -3.45 -40.72
CA SER B 112 33.64 -4.76 -40.06
C SER B 112 34.03 -5.89 -41.02
N ARG B 113 33.61 -5.77 -42.30
CA ARG B 113 33.89 -6.76 -43.36
C ARG B 113 35.29 -6.61 -43.98
N LYS B 114 36.17 -5.81 -43.34
CA LYS B 114 37.56 -5.52 -43.73
C LYS B 114 37.68 -4.84 -45.12
N ILE B 115 36.70 -3.97 -45.45
CA ILE B 115 36.64 -3.21 -46.71
C ILE B 115 36.85 -1.72 -46.39
N SER B 116 37.80 -1.09 -47.09
CA SER B 116 38.13 0.33 -46.90
C SER B 116 37.46 1.27 -47.90
N HIS B 117 36.77 2.30 -47.39
CA HIS B 117 36.08 3.32 -48.17
C HIS B 117 36.72 4.68 -47.89
N SER B 118 37.01 5.48 -48.93
CA SER B 118 37.63 6.80 -48.79
C SER B 118 37.05 7.82 -49.75
N CYS B 119 36.81 9.05 -49.27
CA CYS B 119 36.27 10.15 -50.07
C CYS B 119 37.34 11.22 -50.31
N THR B 120 37.53 11.61 -51.57
CA THR B 120 38.52 12.62 -51.98
C THR B 120 37.84 13.87 -52.55
N HIS B 121 38.22 15.04 -52.03
CA HIS B 121 37.70 16.35 -52.44
C HIS B 121 38.85 17.28 -52.85
N PRO B 122 38.71 18.08 -53.94
CA PRO B 122 39.80 19.00 -54.30
C PRO B 122 39.84 20.20 -53.35
N PHE B 123 40.87 20.25 -52.50
CA PHE B 123 41.05 21.30 -51.50
C PHE B 123 42.49 21.82 -51.42
N HIS B 124 42.68 23.08 -51.82
CA HIS B 124 43.98 23.77 -51.81
C HIS B 124 44.40 24.05 -50.36
N HIS B 125 45.33 23.23 -49.83
CA HIS B 125 45.83 23.35 -48.47
C HIS B 125 47.26 23.84 -48.40
N ASP B 126 47.42 25.07 -47.87
CA ASP B 126 48.69 25.75 -47.68
C ASP B 126 48.49 26.72 -46.50
N PRO B 127 48.89 26.32 -45.31
CA PRO B 127 48.76 27.17 -44.12
C PRO B 127 49.27 28.58 -44.37
N PRO B 128 48.35 29.61 -44.28
CA PRO B 128 48.90 30.95 -44.53
C PRO B 128 49.19 31.68 -43.23
N VAL B 129 49.49 32.98 -43.33
CA VAL B 129 49.80 33.79 -42.16
C VAL B 129 48.55 33.99 -41.30
N ILE B 130 48.70 33.74 -40.00
CA ILE B 130 47.60 33.89 -39.06
C ILE B 130 48.11 34.11 -37.64
N GLY B 131 48.13 35.37 -37.22
CA GLY B 131 48.60 35.71 -35.88
C GLY B 131 48.24 37.13 -35.49
N ARG B 132 48.07 37.35 -34.19
CA ARG B 132 47.73 38.68 -33.68
C ARG B 132 48.64 39.07 -32.52
N GLU B 133 49.93 38.81 -32.67
CA GLU B 133 50.91 39.15 -31.64
C GLU B 133 52.27 38.51 -31.94
N LYS B 134 53.17 38.58 -30.97
CA LYS B 134 54.50 38.01 -31.12
C LYS B 134 54.69 36.78 -30.24
N PHE B 135 53.64 36.43 -29.50
CA PHE B 135 53.68 35.27 -28.61
C PHE B 135 54.98 35.23 -27.81
N HIS B 136 55.04 36.04 -26.76
CA HIS B 136 56.23 36.10 -25.92
C HIS B 136 55.95 36.85 -24.62
N SER B 137 56.20 36.20 -23.49
CA SER B 137 55.98 36.80 -22.19
C SER B 137 56.74 38.12 -22.04
N ARG B 138 56.67 38.72 -20.86
CA ARG B 138 55.90 38.14 -19.75
C ARG B 138 56.78 37.64 -18.59
N PRO B 139 56.44 37.96 -17.31
CA PRO B 139 57.27 37.49 -16.19
C PRO B 139 56.94 36.06 -15.75
N GLN B 140 57.96 35.33 -15.25
CA GLN B 140 57.84 33.96 -14.76
C GLN B 140 57.09 33.93 -13.42
N HIS B 141 57.29 34.97 -12.59
CA HIS B 141 56.67 35.14 -11.27
C HIS B 141 56.17 36.57 -11.09
N GLY B 142 54.89 36.70 -10.73
CA GLY B 142 54.25 38.00 -10.52
C GLY B 142 52.86 37.90 -9.92
N LYS B 143 52.08 38.99 -10.03
CA LYS B 143 50.70 39.08 -9.53
C LYS B 143 49.75 38.23 -10.36
N GLU B 144 48.95 37.40 -9.69
CA GLU B 144 47.97 36.51 -10.32
C GLU B 144 46.66 37.23 -10.60
N LEU B 145 46.29 37.32 -11.90
CA LEU B 145 45.06 37.97 -12.35
C LEU B 145 44.23 37.06 -13.29
N PRO B 146 42.89 37.09 -13.24
CA PRO B 146 42.10 36.21 -14.12
C PRO B 146 42.04 36.69 -15.57
N CYS B 147 42.32 35.77 -16.51
CA CYS B 147 42.31 36.02 -17.95
C CYS B 147 41.78 34.79 -18.71
N SER B 148 41.85 34.82 -20.07
CA SER B 148 41.39 33.71 -20.92
C SER B 148 42.34 33.49 -22.11
N THR B 149 42.50 32.21 -22.50
CA THR B 149 43.34 31.78 -23.63
C THR B 149 42.77 30.52 -24.31
N TYR B 150 43.30 30.19 -25.51
CA TYR B 150 42.90 28.99 -26.24
C TYR B 150 43.90 27.89 -25.89
N VAL B 151 43.42 26.81 -25.23
CA VAL B 151 44.25 25.68 -24.82
C VAL B 151 44.72 24.82 -26.01
N GLN B 152 45.77 24.00 -25.82
CA GLN B 152 46.34 23.17 -26.88
C GLN B 152 45.83 21.71 -26.91
N SER B 153 44.69 21.45 -26.23
CA SER B 153 44.08 20.11 -26.20
C SER B 153 43.37 19.81 -27.52
N THR B 154 43.86 18.78 -28.23
CA THR B 154 43.34 18.33 -29.53
C THR B 154 42.00 17.57 -29.37
N ALA B 155 41.76 16.98 -28.17
CA ALA B 155 40.59 16.18 -27.80
C ALA B 155 39.26 16.76 -28.29
N ALA B 156 38.47 15.91 -28.98
CA ALA B 156 37.17 16.24 -29.58
C ALA B 156 36.09 16.53 -28.52
N THR B 157 36.01 17.80 -28.06
CA THR B 157 35.06 18.27 -27.04
C THR B 157 34.68 19.75 -27.22
N THR B 158 33.57 20.16 -26.56
CA THR B 158 33.01 21.53 -26.52
C THR B 158 32.54 22.12 -27.87
N GLU B 159 33.41 22.92 -28.53
CA GLU B 159 33.15 23.64 -29.77
C GLU B 159 33.01 22.72 -31.01
N GLU B 160 32.21 23.15 -32.01
CA GLU B 160 31.95 22.41 -33.25
C GLU B 160 31.60 23.28 -34.46
N ILE B 161 31.97 22.82 -35.69
CA ILE B 161 31.71 23.50 -36.97
C ILE B 161 30.78 22.67 -37.86
N GLU B 162 30.05 23.33 -38.77
CA GLU B 162 29.14 22.67 -39.71
C GLU B 162 29.86 22.27 -41.00
N VAL B 163 29.65 21.02 -41.44
CA VAL B 163 30.24 20.47 -42.67
C VAL B 163 29.15 19.93 -43.62
N HIS B 164 29.38 20.03 -44.94
CA HIS B 164 28.43 19.57 -45.96
C HIS B 164 29.15 19.06 -47.22
N MET B 165 28.39 18.54 -48.19
CA MET B 165 28.94 18.04 -49.45
C MET B 165 29.37 19.20 -50.36
N PRO B 166 30.51 19.10 -51.08
CA PRO B 166 30.96 20.22 -51.92
C PRO B 166 30.07 20.44 -53.16
N PRO B 167 29.21 20.25 -51.86
CA PRO B 167 28.34 20.69 -52.97
C PRO B 167 29.05 20.60 -54.32
N ASP B 168 28.30 20.76 -55.43
CA ASP B 168 28.83 20.72 -56.79
C ASP B 168 29.83 21.87 -56.98
N THR B 169 31.14 21.53 -56.94
CA THR B 169 32.26 22.46 -57.05
C THR B 169 32.31 23.09 -58.47
N PRO B 170 32.06 24.42 -58.61
CA PRO B 170 32.09 25.03 -59.95
C PRO B 170 33.49 25.18 -60.51
N ASP B 171 33.62 24.97 -61.84
CA ASP B 171 34.88 25.07 -62.56
C ASP B 171 34.62 25.53 -63.99
N ARG B 172 35.14 26.72 -64.35
CA ARG B 172 34.97 27.32 -65.68
C ARG B 172 35.91 26.72 -66.74
N THR B 173 36.97 26.01 -66.31
CA THR B 173 37.94 25.38 -67.21
C THR B 173 37.37 24.13 -67.91
N LEU B 174 36.25 23.57 -67.40
CA LEU B 174 35.56 22.41 -67.97
C LEU B 174 35.00 22.69 -69.36
N MET B 175 34.53 23.93 -69.59
CA MET B 175 33.96 24.38 -70.86
C MET B 175 35.03 24.99 -71.76
N SER B 176 34.89 24.75 -73.08
CA SER B 176 35.81 25.26 -74.11
C SER B 176 35.07 25.59 -75.40
N GLN B 177 35.42 26.74 -76.02
CA GLN B 177 34.80 27.19 -77.26
C GLN B 177 35.41 26.50 -78.50
N GLN B 178 34.76 25.41 -78.93
CA GLN B 178 35.16 24.63 -80.11
C GLN B 178 34.50 25.29 -81.33
N SER B 179 35.23 26.26 -81.95
CA SER B 179 34.82 27.08 -83.11
C SER B 179 33.56 27.89 -82.81
N GLY B 180 32.38 27.31 -83.05
CA GLY B 180 31.09 27.93 -82.79
C GLY B 180 30.21 27.12 -81.85
N ASN B 181 30.79 26.07 -81.25
CA ASN B 181 30.12 25.17 -80.31
C ASN B 181 30.87 25.13 -78.97
N VAL B 182 30.23 24.58 -77.92
CA VAL B 182 30.83 24.49 -76.58
C VAL B 182 31.12 23.03 -76.24
N LYS B 183 32.39 22.71 -75.96
CA LYS B 183 32.83 21.37 -75.58
C LYS B 183 33.07 21.31 -74.06
N ILE B 184 32.48 20.29 -73.41
CA ILE B 184 32.59 20.06 -71.97
C ILE B 184 33.54 18.88 -71.73
N THR B 185 34.80 19.18 -71.32
CA THR B 185 35.82 18.16 -71.06
C THR B 185 35.71 17.64 -69.63
N VAL B 186 35.16 16.42 -69.50
CA VAL B 186 34.89 15.72 -68.25
C VAL B 186 36.14 15.31 -67.45
N ASN B 187 37.15 14.69 -68.11
CA ASN B 187 38.40 14.19 -67.51
C ASN B 187 38.19 13.18 -66.35
N GLY B 188 37.34 12.19 -66.61
CA GLY B 188 36.99 11.11 -65.68
C GLY B 188 36.28 11.55 -64.41
N GLN B 189 35.44 12.60 -64.52
CA GLN B 189 34.68 13.18 -63.40
C GLN B 189 33.22 13.36 -63.75
N THR B 190 32.34 13.35 -62.74
CA THR B 190 30.90 13.55 -62.93
C THR B 190 30.65 15.06 -62.95
N VAL B 191 30.16 15.58 -64.10
CA VAL B 191 29.92 17.02 -64.30
C VAL B 191 28.42 17.34 -64.53
N ARG B 192 27.91 18.36 -63.81
CA ARG B 192 26.53 18.85 -63.93
C ARG B 192 26.56 20.14 -64.77
N TYR B 193 25.90 20.11 -65.95
CA TYR B 193 25.87 21.24 -66.90
C TYR B 193 24.49 21.85 -67.14
N LYS B 194 24.47 23.13 -67.57
CA LYS B 194 23.27 23.91 -67.90
C LYS B 194 23.63 25.02 -68.89
N CYS B 195 22.86 25.13 -69.99
CA CYS B 195 23.07 26.12 -71.07
C CYS B 195 21.80 26.89 -71.44
N ASN B 196 21.96 28.10 -72.03
CA ASN B 196 20.86 28.96 -72.48
C ASN B 196 20.31 28.49 -73.83
N CYS B 197 21.18 27.91 -74.67
CA CYS B 197 20.88 27.43 -76.02
C CYS B 197 19.95 26.19 -76.05
N GLY B 198 19.34 25.95 -77.21
CA GLY B 198 18.41 24.86 -77.45
C GLY B 198 18.99 23.46 -77.39
N GLY B 199 18.12 22.47 -77.54
CA GLY B 199 18.47 21.05 -77.49
C GLY B 199 18.72 20.58 -76.07
N SER B 200 19.85 19.88 -75.86
CA SER B 200 20.25 19.38 -74.54
C SER B 200 20.85 20.56 -73.76
N ASN B 201 20.16 20.98 -72.68
CA ASN B 201 20.55 22.12 -71.86
C ASN B 201 20.52 21.86 -70.33
N GLU B 202 20.56 20.57 -69.94
CA GLU B 202 20.58 20.09 -68.55
C GLU B 202 21.06 18.64 -68.48
N GLY B 203 21.46 18.20 -67.28
CA GLY B 203 21.90 16.83 -67.06
C GLY B 203 23.15 16.65 -66.23
N LEU B 204 23.47 15.38 -65.93
CA LEU B 204 24.61 14.93 -65.15
C LEU B 204 25.43 13.97 -66.04
N THR B 205 26.46 14.51 -66.71
CA THR B 205 27.31 13.75 -67.63
C THR B 205 28.57 13.13 -67.02
N THR B 206 28.93 11.93 -67.52
CA THR B 206 30.11 11.14 -67.13
C THR B 206 31.04 11.07 -68.36
N THR B 207 30.51 11.44 -69.55
CA THR B 207 31.23 11.44 -70.83
C THR B 207 31.36 12.87 -71.39
N ASP B 208 32.28 13.06 -72.36
CA ASP B 208 32.53 14.35 -73.02
C ASP B 208 31.33 14.75 -73.87
N LYS B 209 30.77 15.94 -73.61
CA LYS B 209 29.60 16.45 -74.31
C LYS B 209 29.89 17.71 -75.12
N VAL B 210 29.14 17.91 -76.22
CA VAL B 210 29.26 19.06 -77.10
C VAL B 210 27.90 19.72 -77.37
N ILE B 211 27.80 21.04 -77.08
CA ILE B 211 26.58 21.83 -77.27
C ILE B 211 26.73 22.64 -78.57
N ASN B 212 25.93 22.29 -79.59
CA ASN B 212 25.95 22.93 -80.91
C ASN B 212 25.34 24.32 -80.90
N ASN B 213 26.04 25.28 -81.55
CA ASN B 213 25.68 26.71 -81.69
C ASN B 213 25.39 27.39 -80.35
N CYS B 214 26.46 27.58 -79.54
CA CYS B 214 26.41 28.21 -78.22
C CYS B 214 27.73 28.90 -77.84
N LYS B 215 27.67 29.80 -76.85
CA LYS B 215 28.82 30.54 -76.33
C LYS B 215 29.13 30.08 -74.91
N VAL B 216 30.42 30.09 -74.51
CA VAL B 216 30.92 29.68 -73.20
C VAL B 216 30.28 30.46 -72.03
N ASP B 217 30.02 31.77 -72.23
CA ASP B 217 29.38 32.66 -71.25
C ASP B 217 27.91 32.29 -70.98
N GLN B 218 27.26 31.64 -71.97
CA GLN B 218 25.86 31.19 -71.89
C GLN B 218 25.71 29.79 -71.25
N CYS B 219 26.82 29.20 -70.75
CA CYS B 219 26.84 27.88 -70.10
C CYS B 219 27.49 27.91 -68.71
N HIS B 220 27.15 26.90 -67.88
CA HIS B 220 27.65 26.73 -66.51
C HIS B 220 27.89 25.24 -66.22
N ALA B 221 29.07 24.90 -65.69
CA ALA B 221 29.46 23.52 -65.37
C ALA B 221 30.08 23.40 -63.98
N ALA B 222 29.82 22.27 -63.30
CA ALA B 222 30.34 21.97 -61.95
C ALA B 222 30.60 20.48 -61.74
N VAL B 223 31.72 20.14 -61.06
CA VAL B 223 32.12 18.76 -60.75
C VAL B 223 31.37 18.30 -59.49
N THR B 224 30.74 17.11 -59.56
CA THR B 224 29.97 16.55 -58.44
C THR B 224 30.79 15.50 -57.67
N ASN B 225 31.18 15.84 -56.43
CA ASN B 225 31.96 14.96 -55.55
C ASN B 225 31.06 14.37 -54.46
N HIS B 226 30.57 13.88 -54.22
CA HIS B 226 29.67 13.56 -53.12
C HIS B 226 30.31 12.60 -52.10
N LYS B 227 31.55 12.16 -52.35
CA LYS B 227 32.30 11.24 -51.49
C LYS B 227 32.93 11.92 -50.26
N LYS B 228 33.40 13.17 -50.42
CA LYS B 228 34.07 13.93 -49.35
C LYS B 228 33.20 14.99 -48.67
N TRP B 229 33.59 15.41 -47.46
CA TRP B 229 32.94 16.45 -46.66
C TRP B 229 33.73 17.76 -46.77
N GLN B 230 33.03 18.90 -46.65
CA GLN B 230 33.62 20.24 -46.75
C GLN B 230 32.91 21.21 -45.80
N TYR B 231 33.66 22.12 -45.16
CA TYR B 231 33.13 23.13 -44.23
C TYR B 231 32.06 24.01 -44.86
N ASN B 232 31.00 24.33 -44.09
CA ASN B 232 29.90 25.20 -44.50
C ASN B 232 30.42 26.64 -44.56
N SER B 233 31.10 26.95 -45.68
CA SER B 233 31.75 28.24 -45.93
C SER B 233 30.87 29.21 -46.73
N PRO B 234 30.82 30.50 -46.32
CA PRO B 234 30.04 31.48 -47.11
C PRO B 234 30.76 31.93 -48.39
N LEU B 235 32.05 31.55 -48.53
CA LEU B 235 32.89 31.88 -49.69
C LEU B 235 32.82 30.80 -50.78
N VAL B 236 32.07 29.71 -50.52
CA VAL B 236 31.85 28.56 -51.41
C VAL B 236 30.32 28.40 -51.64
N PRO B 237 29.84 28.16 -52.89
CA PRO B 237 28.38 28.03 -53.08
C PRO B 237 27.77 26.76 -52.47
N ARG B 238 26.45 26.80 -52.20
CA ARG B 238 25.69 25.68 -51.63
C ARG B 238 25.37 24.66 -52.73
N ASN B 239 25.33 23.36 -52.36
CA ASN B 239 25.03 22.24 -53.26
C ASN B 239 23.60 22.36 -53.81
N ALA B 240 23.49 22.46 -55.16
CA ALA B 240 22.23 22.62 -55.90
C ALA B 240 21.15 21.60 -55.53
N GLU B 241 21.44 20.29 -55.70
CA GLU B 241 20.50 19.22 -55.38
C GLU B 241 20.59 18.82 -53.89
N LEU B 242 20.41 19.83 -53.01
CA LEU B 242 20.49 19.70 -51.55
C LEU B 242 19.86 20.94 -50.88
N GLY B 243 19.06 20.71 -49.85
CA GLY B 243 18.42 21.77 -49.07
C GLY B 243 19.33 22.21 -47.94
N ASP B 244 19.00 21.78 -46.70
CA ASP B 244 19.78 22.08 -45.51
C ASP B 244 20.42 20.81 -44.89
N ARG B 245 20.82 19.87 -45.75
CA ARG B 245 21.48 18.63 -45.33
C ARG B 245 22.93 18.95 -44.97
N LYS B 246 23.30 18.74 -43.70
CA LYS B 246 24.65 19.06 -43.20
C LYS B 246 25.07 18.16 -42.03
N GLY B 247 26.38 18.08 -41.83
CA GLY B 247 27.02 17.33 -40.75
C GLY B 247 27.76 18.28 -39.82
N LYS B 248 28.36 17.74 -38.74
CA LYS B 248 29.10 18.54 -37.76
C LYS B 248 30.30 17.79 -37.18
N ILE B 249 31.41 18.51 -36.96
CA ILE B 249 32.65 17.96 -36.40
C ILE B 249 33.20 18.81 -35.25
N HIS B 250 33.69 18.14 -34.17
CA HIS B 250 34.29 18.81 -33.01
C HIS B 250 35.60 19.47 -33.41
N ILE B 251 35.84 20.69 -32.90
CA ILE B 251 37.04 21.46 -33.25
C ILE B 251 38.06 21.65 -32.12
N PRO B 252 39.39 21.61 -32.42
CA PRO B 252 40.39 21.79 -31.35
C PRO B 252 40.54 23.24 -30.89
N PHE B 253 41.37 23.45 -29.86
CA PHE B 253 41.71 24.74 -29.22
C PHE B 253 40.51 25.52 -28.65
N PRO B 254 39.81 25.03 -27.60
CA PRO B 254 38.68 25.80 -27.05
C PRO B 254 39.12 26.90 -26.09
N LEU B 255 38.23 27.87 -25.84
CA LEU B 255 38.50 28.98 -24.91
C LEU B 255 38.26 28.52 -23.47
N ALA B 256 39.22 28.81 -22.58
CA ALA B 256 39.17 28.46 -21.16
C ALA B 256 39.75 29.56 -20.28
N ASN B 257 39.12 29.80 -19.11
CA ASN B 257 39.56 30.80 -18.14
C ASN B 257 40.81 30.33 -17.39
N VAL B 258 41.90 31.10 -17.53
CA VAL B 258 43.19 30.80 -16.89
C VAL B 258 43.66 31.95 -15.97
N THR B 259 44.94 31.91 -15.54
CA THR B 259 45.56 32.90 -14.68
C THR B 259 46.75 33.55 -15.39
N CYS B 260 46.73 34.89 -15.51
CA CYS B 260 47.79 35.67 -16.14
C CYS B 260 48.71 36.28 -15.08
N ARG B 261 50.04 36.11 -15.26
CA ARG B 261 51.04 36.63 -14.34
C ARG B 261 51.53 38.00 -14.81
N VAL B 262 51.28 39.05 -13.99
CA VAL B 262 51.65 40.44 -14.29
C VAL B 262 52.71 40.98 -13.33
N PRO B 263 53.68 41.82 -13.78
CA PRO B 263 54.69 42.33 -12.84
C PRO B 263 54.20 43.54 -12.04
N LYS B 264 54.83 43.76 -10.88
CA LYS B 264 54.52 44.90 -10.01
C LYS B 264 55.61 45.95 -10.18
N ALA B 265 55.20 47.20 -10.45
CA ALA B 265 56.10 48.35 -10.66
C ALA B 265 56.92 48.66 -9.41
N ARG B 266 58.17 49.14 -9.59
CA ARG B 266 59.06 49.47 -8.48
C ARG B 266 58.53 50.59 -7.58
N ASN B 267 58.73 50.45 -6.26
CA ASN B 267 58.25 51.39 -5.23
C ASN B 267 58.85 52.80 -5.43
N PRO B 268 58.00 53.84 -5.53
CA PRO B 268 58.53 55.20 -5.75
C PRO B 268 59.13 55.84 -4.50
N THR B 269 59.96 56.88 -4.69
CA THR B 269 60.58 57.64 -3.60
C THR B 269 59.49 58.50 -2.95
N VAL B 270 59.07 58.12 -1.74
CA VAL B 270 58.00 58.78 -0.99
C VAL B 270 58.53 59.69 0.15
N THR B 271 58.10 60.96 0.13
CA THR B 271 58.44 61.98 1.12
C THR B 271 57.17 62.65 1.62
N TYR B 272 56.97 62.68 2.95
CA TYR B 272 55.77 63.25 3.59
C TYR B 272 55.92 64.73 3.94
N GLY B 273 54.79 65.42 3.95
CA GLY B 273 54.69 66.85 4.28
C GLY B 273 53.41 67.20 5.01
N LYS B 274 53.19 68.50 5.26
CA LYS B 274 52.01 69.02 5.95
C LYS B 274 50.74 68.78 5.11
N ASN B 275 49.99 67.72 5.47
CA ASN B 275 48.74 67.26 4.82
C ASN B 275 48.90 66.95 3.31
N GLN B 276 50.12 66.61 2.89
CA GLN B 276 50.45 66.28 1.49
C GLN B 276 51.49 65.17 1.35
N VAL B 277 51.42 64.41 0.24
CA VAL B 277 52.33 63.32 -0.08
C VAL B 277 53.01 63.54 -1.44
N ILE B 278 54.35 63.40 -1.46
CA ILE B 278 55.17 63.59 -2.67
C ILE B 278 55.74 62.25 -3.14
N MET B 279 55.51 61.91 -4.43
CA MET B 279 55.98 60.68 -5.04
C MET B 279 56.84 60.93 -6.28
N LEU B 280 58.03 60.30 -6.32
CA LEU B 280 58.96 60.39 -7.44
C LEU B 280 58.82 59.08 -8.25
N LEU B 281 57.96 59.11 -9.28
CA LEU B 281 57.65 57.94 -10.12
C LEU B 281 58.67 57.71 -11.23
N TYR B 282 59.28 56.52 -11.25
CA TYR B 282 60.26 56.09 -12.24
C TYR B 282 59.75 54.84 -12.99
N PRO B 283 58.90 55.01 -14.03
CA PRO B 283 58.37 53.83 -14.73
C PRO B 283 59.25 53.32 -15.87
N ASP B 284 59.38 51.99 -15.98
CA ASP B 284 60.15 51.31 -17.02
C ASP B 284 59.28 51.15 -18.27
N HIS B 285 57.96 50.99 -18.06
CA HIS B 285 56.92 50.82 -19.07
C HIS B 285 55.67 51.65 -18.68
N PRO B 286 54.68 51.93 -19.59
CA PRO B 286 53.50 52.72 -19.18
C PRO B 286 52.75 52.12 -17.99
N THR B 287 52.83 52.81 -16.83
CA THR B 287 52.22 52.40 -15.56
C THR B 287 51.08 53.34 -15.17
N LEU B 288 49.93 52.77 -14.78
CA LEU B 288 48.73 53.52 -14.39
C LEU B 288 48.75 53.92 -12.91
N LEU B 289 48.55 55.22 -12.64
CA LEU B 289 48.50 55.79 -11.29
C LEU B 289 47.07 56.28 -11.02
N SER B 290 46.46 55.77 -9.94
CA SER B 290 45.10 56.14 -9.53
C SER B 290 45.05 56.45 -8.03
N TYR B 291 44.22 57.42 -7.64
CA TYR B 291 44.08 57.83 -6.25
C TYR B 291 42.66 58.26 -5.87
N ARG B 292 42.26 57.96 -4.63
CA ARG B 292 40.93 58.28 -4.08
C ARG B 292 40.97 58.58 -2.57
N ASN B 293 40.01 59.40 -2.10
CA ASN B 293 39.86 59.74 -0.68
C ASN B 293 39.02 58.66 0.01
N MET B 294 39.37 58.34 1.26
CA MET B 294 38.68 57.32 2.05
C MET B 294 37.57 57.91 2.94
N GLY B 295 36.75 58.79 2.36
CA GLY B 295 35.65 59.46 3.04
C GLY B 295 34.36 59.49 2.24
N GLU B 296 33.56 60.57 2.43
CA GLU B 296 32.29 60.78 1.75
C GLU B 296 32.47 61.06 0.25
N GLU B 297 33.39 61.98 -0.08
CA GLU B 297 33.72 62.35 -1.47
C GLU B 297 35.03 61.66 -1.88
N PRO B 298 34.97 60.58 -2.72
CA PRO B 298 36.21 59.90 -3.09
C PRO B 298 37.08 60.66 -4.09
N ASN B 299 36.43 61.31 -5.10
CA ASN B 299 37.06 62.10 -6.16
C ASN B 299 38.18 61.34 -6.87
N TYR B 300 37.80 60.27 -7.61
CA TYR B 300 38.72 59.41 -8.34
C TYR B 300 39.41 60.14 -9.49
N GLN B 301 40.74 59.98 -9.58
CA GLN B 301 41.57 60.57 -10.63
C GLN B 301 42.53 59.51 -11.16
N GLU B 302 42.60 59.36 -12.49
CA GLU B 302 43.48 58.38 -13.15
C GLU B 302 44.38 59.02 -14.22
N GLU B 303 45.64 58.55 -14.31
CA GLU B 303 46.64 59.02 -15.26
C GLU B 303 47.71 57.97 -15.58
N TRP B 304 48.07 57.84 -16.88
CA TRP B 304 49.10 56.91 -17.33
C TRP B 304 50.48 57.56 -17.27
N VAL B 305 51.29 57.14 -16.30
CA VAL B 305 52.64 57.67 -16.10
C VAL B 305 53.62 56.89 -17.00
N MET B 306 54.40 57.63 -17.82
CA MET B 306 55.36 57.05 -18.77
C MET B 306 56.78 57.55 -18.56
N HIS B 307 56.95 58.84 -18.20
CA HIS B 307 58.25 59.47 -17.97
C HIS B 307 58.48 59.73 -16.46
N LYS B 308 59.66 60.31 -16.11
CA LYS B 308 60.04 60.67 -14.75
C LYS B 308 59.10 61.78 -14.28
N LYS B 309 58.29 61.49 -13.24
CA LYS B 309 57.30 62.45 -12.75
C LYS B 309 57.25 62.59 -11.23
N GLU B 310 56.99 63.83 -10.77
CA GLU B 310 56.85 64.20 -9.37
C GLU B 310 55.39 64.59 -9.14
N VAL B 311 54.69 63.86 -8.25
CA VAL B 311 53.28 64.14 -7.95
C VAL B 311 53.02 64.51 -6.49
N VAL B 312 52.33 65.64 -6.28
CA VAL B 312 51.96 66.16 -4.96
C VAL B 312 50.46 65.93 -4.76
N LEU B 313 50.10 65.06 -3.80
CA LEU B 313 48.70 64.72 -3.50
C LEU B 313 48.32 65.10 -2.08
N THR B 314 47.20 65.82 -1.92
CA THR B 314 46.70 66.26 -0.61
C THR B 314 46.05 65.10 0.13
N VAL B 315 46.44 64.91 1.41
CA VAL B 315 45.91 63.83 2.27
C VAL B 315 44.89 64.40 3.27
N PRO B 316 43.58 64.06 3.15
CA PRO B 316 42.60 64.57 4.12
C PRO B 316 42.54 63.73 5.39
N THR B 317 41.76 64.18 6.41
CA THR B 317 41.58 63.52 7.70
C THR B 317 41.07 62.07 7.59
N GLU B 318 40.19 61.81 6.60
CA GLU B 318 39.61 60.49 6.31
C GLU B 318 40.64 59.49 5.77
N GLY B 319 41.62 60.00 5.02
CA GLY B 319 42.68 59.19 4.42
C GLY B 319 42.70 59.22 2.91
N LEU B 320 43.88 58.90 2.33
CA LEU B 320 44.09 58.86 0.88
C LEU B 320 44.68 57.51 0.45
N GLU B 321 44.01 56.84 -0.50
CA GLU B 321 44.41 55.54 -1.04
C GLU B 321 45.00 55.75 -2.44
N VAL B 322 46.27 55.36 -2.64
CA VAL B 322 46.99 55.50 -3.91
C VAL B 322 47.39 54.12 -4.47
N THR B 323 47.00 53.84 -5.72
CA THR B 323 47.33 52.59 -6.40
C THR B 323 48.32 52.89 -7.54
N TRP B 324 49.53 52.32 -7.44
CA TRP B 324 50.59 52.49 -8.43
C TRP B 324 50.83 51.18 -9.19
N GLY B 325 50.19 51.06 -10.34
CA GLY B 325 50.27 49.89 -11.21
C GLY B 325 49.59 48.67 -10.62
N ASN B 326 50.27 47.51 -10.72
CA ASN B 326 49.77 46.23 -10.20
C ASN B 326 50.07 45.99 -8.72
N ASN B 327 50.72 46.97 -8.06
CA ASN B 327 51.05 46.92 -6.63
C ASN B 327 49.78 47.09 -5.79
N GLU B 328 49.80 46.56 -4.55
CA GLU B 328 48.67 46.67 -3.61
C GLU B 328 48.46 48.14 -3.21
N PRO B 329 47.20 48.62 -3.05
CA PRO B 329 46.99 50.05 -2.74
C PRO B 329 47.64 50.57 -1.46
N TYR B 330 48.43 51.65 -1.61
CA TYR B 330 49.12 52.32 -0.51
C TYR B 330 48.11 53.25 0.18
N LYS B 331 47.96 53.12 1.50
CA LYS B 331 47.04 53.95 2.28
C LYS B 331 47.80 54.94 3.15
N TYR B 332 47.37 56.22 3.13
CA TYR B 332 48.00 57.31 3.87
C TYR B 332 47.02 58.08 4.75
N TRP B 333 47.43 58.34 6.01
CA TRP B 333 46.65 59.08 7.00
C TRP B 333 47.52 60.18 7.64
N PRO B 334 46.99 61.41 7.88
CA PRO B 334 47.83 62.45 8.51
C PRO B 334 47.92 62.30 10.02
N GLN B 335 49.05 62.73 10.60
CA GLN B 335 49.30 62.68 12.05
C GLN B 335 48.50 63.77 12.79
N LEU B 336 47.98 63.43 13.98
CA LEU B 336 47.17 64.34 14.81
C LEU B 336 48.01 65.47 15.42
N TYR C 1 4.33 56.85 -30.86
CA TYR C 1 3.76 57.80 -29.90
C TYR C 1 3.73 57.20 -28.50
N GLU C 2 4.43 57.85 -27.56
CA GLU C 2 4.52 57.43 -26.16
C GLU C 2 3.29 57.90 -25.36
N HIS C 3 2.58 56.95 -24.75
CA HIS C 3 1.39 57.22 -23.94
C HIS C 3 1.63 56.79 -22.48
N VAL C 4 1.72 57.78 -21.58
CA VAL C 4 1.94 57.59 -20.16
C VAL C 4 0.59 57.65 -19.42
N THR C 5 0.32 56.66 -18.56
CA THR C 5 -0.93 56.56 -17.79
C THR C 5 -0.68 55.95 -16.41
N VAL C 6 -1.51 56.32 -15.42
CA VAL C 6 -1.42 55.83 -14.04
C VAL C 6 -2.72 55.13 -13.66
N ILE C 7 -2.63 53.84 -13.30
CA ILE C 7 -3.79 53.02 -12.89
C ILE C 7 -3.63 52.52 -11.44
N PRO C 8 -4.72 52.36 -10.65
CA PRO C 8 -4.54 51.87 -9.27
C PRO C 8 -4.09 50.41 -9.21
N ASN C 9 -3.35 50.03 -8.15
CA ASN C 9 -2.83 48.68 -7.95
C ASN C 9 -3.97 47.73 -7.51
N THR C 10 -4.97 47.54 -8.38
CA THR C 10 -6.14 46.70 -8.13
C THR C 10 -6.31 45.67 -9.25
N VAL C 11 -6.16 44.39 -8.88
CA VAL C 11 -6.26 43.23 -9.77
C VAL C 11 -7.74 42.87 -10.01
N GLY C 12 -8.10 42.67 -11.27
CA GLY C 12 -9.45 42.27 -11.69
C GLY C 12 -10.36 43.38 -12.19
N VAL C 13 -9.91 44.65 -12.10
CA VAL C 13 -10.70 45.79 -12.53
C VAL C 13 -10.18 46.34 -13.88
N PRO C 14 -11.02 46.40 -14.94
CA PRO C 14 -10.54 46.94 -16.22
C PRO C 14 -10.58 48.47 -16.26
N TYR C 15 -9.49 49.10 -16.72
CA TYR C 15 -9.37 50.55 -16.81
C TYR C 15 -9.17 50.99 -18.26
N LYS C 16 -9.95 51.97 -18.72
CA LYS C 16 -9.86 52.48 -20.09
C LYS C 16 -9.18 53.84 -20.17
N THR C 17 -8.26 53.98 -21.14
CA THR C 17 -7.50 55.21 -21.38
C THR C 17 -7.69 55.73 -22.80
N LEU C 18 -7.81 57.06 -22.95
CA LEU C 18 -7.98 57.71 -24.24
C LEU C 18 -6.63 58.22 -24.76
N VAL C 19 -6.19 57.66 -25.89
CA VAL C 19 -4.93 58.01 -26.56
C VAL C 19 -5.26 59.02 -27.66
N ASN C 20 -4.87 60.28 -27.44
CA ASN C 20 -5.13 61.36 -28.40
C ASN C 20 -3.84 61.98 -28.94
N ARG C 21 -3.38 61.46 -30.08
CA ARG C 21 -2.19 61.94 -30.78
C ARG C 21 -2.68 63.10 -31.68
N PRO C 22 -2.18 64.35 -31.47
CA PRO C 22 -2.66 65.48 -32.29
C PRO C 22 -2.53 65.26 -33.80
N GLY C 23 -3.64 65.47 -34.51
CA GLY C 23 -3.73 65.29 -35.94
C GLY C 23 -4.21 63.92 -36.36
N TYR C 24 -4.29 62.97 -35.40
CA TYR C 24 -4.71 61.59 -35.61
C TYR C 24 -5.94 61.23 -34.77
N SER C 25 -6.83 60.38 -35.31
CA SER C 25 -8.07 59.92 -34.69
C SER C 25 -7.84 59.25 -33.32
N PRO C 26 -8.67 59.57 -32.30
CA PRO C 26 -8.45 58.97 -30.95
C PRO C 26 -8.52 57.45 -30.90
N MET C 27 -7.80 56.87 -29.92
CA MET C 27 -7.68 55.43 -29.69
C MET C 27 -7.98 55.12 -28.22
N VAL C 28 -8.77 54.07 -27.96
CA VAL C 28 -9.14 53.66 -26.60
C VAL C 28 -8.51 52.29 -26.28
N LEU C 29 -7.73 52.25 -25.18
CA LEU C 29 -7.05 51.04 -24.72
C LEU C 29 -7.61 50.57 -23.39
N GLU C 30 -7.97 49.28 -23.29
CA GLU C 30 -8.49 48.66 -22.07
C GLU C 30 -7.37 47.88 -21.40
N MET C 31 -7.04 48.25 -20.15
CA MET C 31 -5.97 47.61 -19.38
C MET C 31 -6.53 46.98 -18.10
N GLU C 32 -6.08 45.75 -17.80
CA GLU C 32 -6.51 45.02 -16.61
C GLU C 32 -5.33 44.28 -15.99
N LEU C 33 -5.16 44.44 -14.66
CA LEU C 33 -4.10 43.77 -13.91
C LEU C 33 -4.55 42.36 -13.59
N LEU C 34 -3.78 41.36 -14.04
CA LEU C 34 -4.07 39.94 -13.82
C LEU C 34 -3.40 39.44 -12.55
N SER C 35 -2.20 39.95 -12.25
CA SER C 35 -1.41 39.62 -11.04
C SER C 35 -0.34 40.67 -10.77
N VAL C 36 -0.09 40.95 -9.48
CA VAL C 36 0.95 41.88 -9.00
C VAL C 36 1.77 41.07 -7.98
N THR C 37 2.97 40.64 -8.38
CA THR C 37 3.85 39.79 -7.56
C THR C 37 5.03 40.56 -6.97
N LEU C 38 5.18 40.48 -5.64
CA LEU C 38 6.29 41.08 -4.88
C LEU C 38 7.14 39.95 -4.27
N GLU C 39 8.28 39.64 -4.91
CA GLU C 39 9.17 38.58 -4.48
C GLU C 39 10.37 39.11 -3.67
N PRO C 40 10.47 38.81 -2.36
CA PRO C 40 11.62 39.32 -1.59
C PRO C 40 12.88 38.47 -1.75
N THR C 41 14.05 39.14 -1.69
CA THR C 41 15.37 38.49 -1.79
C THR C 41 15.64 37.84 -0.43
N LEU C 42 15.70 36.50 -0.40
CA LEU C 42 15.87 35.72 0.82
C LEU C 42 17.29 35.20 1.03
N SER C 43 17.65 35.01 2.31
CA SER C 43 18.92 34.46 2.76
C SER C 43 18.60 33.51 3.91
N LEU C 44 18.78 32.20 3.67
CA LEU C 44 18.50 31.16 4.66
C LEU C 44 19.50 31.20 5.81
N ASP C 45 19.00 31.41 7.04
CA ASP C 45 19.82 31.43 8.24
C ASP C 45 20.06 29.99 8.69
N TYR C 46 18.97 29.24 8.90
CA TYR C 46 18.94 27.83 9.31
C TYR C 46 17.56 27.20 9.07
N ILE C 47 17.43 25.90 9.39
CA ILE C 47 16.18 25.14 9.30
C ILE C 47 15.96 24.38 10.62
N THR C 48 14.70 24.33 11.08
CA THR C 48 14.36 23.59 12.29
C THR C 48 13.35 22.48 12.00
N CYS C 49 13.46 21.36 12.74
CA CYS C 49 12.64 20.17 12.59
C CYS C 49 12.52 19.42 13.93
N GLU C 50 11.99 18.19 13.89
CA GLU C 50 11.88 17.33 15.07
C GLU C 50 13.25 16.73 15.35
N TYR C 51 13.64 16.61 16.62
CA TYR C 51 14.94 16.06 16.98
C TYR C 51 14.84 14.57 17.31
N LYS C 52 15.98 13.85 17.24
CA LYS C 52 16.06 12.43 17.55
C LYS C 52 17.08 12.22 18.68
N THR C 53 16.59 11.72 19.83
CA THR C 53 17.43 11.43 21.00
C THR C 53 17.98 10.01 20.83
N VAL C 54 19.18 9.91 20.23
CA VAL C 54 19.86 8.65 19.97
C VAL C 54 20.44 8.08 21.26
N ILE C 55 19.82 7.00 21.77
CA ILE C 55 20.24 6.32 23.00
C ILE C 55 20.65 4.85 22.75
N PRO C 56 21.94 4.48 22.85
CA PRO C 56 22.32 3.08 22.61
C PRO C 56 22.06 2.18 23.81
N SER C 57 22.47 0.90 23.72
CA SER C 57 22.32 -0.08 24.80
C SER C 57 23.21 0.31 25.99
N PRO C 58 22.65 0.36 27.24
CA PRO C 58 23.48 0.77 28.38
C PRO C 58 24.56 -0.26 28.77
N TYR C 59 25.78 0.23 29.00
CA TYR C 59 26.90 -0.65 29.38
C TYR C 59 26.83 -0.98 30.86
N VAL C 60 26.32 -2.19 31.16
CA VAL C 60 26.18 -2.68 32.53
C VAL C 60 27.45 -3.46 32.89
N LYS C 61 28.30 -2.88 33.75
CA LYS C 61 29.54 -3.50 34.17
C LYS C 61 29.32 -4.28 35.46
N CYS C 62 29.34 -5.62 35.37
CA CYS C 62 29.16 -6.50 36.52
C CYS C 62 30.49 -6.67 37.23
N CYS C 63 30.50 -6.46 38.57
CA CYS C 63 31.67 -6.55 39.46
C CYS C 63 32.82 -5.61 39.02
N GLY C 64 32.47 -4.34 38.80
CA GLY C 64 33.43 -3.32 38.37
C GLY C 64 32.85 -1.94 38.12
N THR C 65 33.72 -1.00 37.70
CA THR C 65 33.37 0.39 37.44
C THR C 65 33.59 0.77 35.96
N ALA C 66 32.60 1.48 35.39
CA ALA C 66 32.63 2.00 34.02
C ALA C 66 32.95 3.50 34.08
N GLU C 67 33.64 4.03 33.06
CA GLU C 67 34.01 5.44 33.03
C GLU C 67 33.50 6.19 31.80
N CYS C 68 32.97 7.41 32.02
CA CYS C 68 32.43 8.27 30.97
C CYS C 68 33.54 8.89 30.12
N LYS C 69 33.37 8.82 28.79
CA LYS C 69 34.30 9.38 27.82
C LYS C 69 33.65 10.63 27.22
N ASP C 70 34.34 11.79 27.32
CA ASP C 70 33.84 13.07 26.79
C ASP C 70 33.85 13.04 25.26
N LYS C 71 32.65 12.96 24.67
CA LYS C 71 32.46 12.89 23.21
C LYS C 71 31.96 14.21 22.62
N ASN C 72 32.46 14.56 21.43
CA ASN C 72 32.08 15.78 20.72
C ASN C 72 30.84 15.50 19.85
N LEU C 73 29.66 15.51 20.50
CA LEU C 73 28.36 15.26 19.88
C LEU C 73 27.31 16.26 20.38
N PRO C 74 26.32 16.67 19.56
CA PRO C 74 25.32 17.65 20.02
C PRO C 74 24.48 17.14 21.20
N ASP C 75 24.50 17.92 22.30
CA ASP C 75 23.82 17.64 23.58
C ASP C 75 24.23 16.30 24.20
N TYR C 76 25.53 15.94 24.08
CA TYR C 76 26.08 14.70 24.64
C TYR C 76 25.99 14.69 26.16
N SER C 77 25.35 13.66 26.70
CA SER C 77 25.15 13.47 28.13
C SER C 77 25.62 12.08 28.54
N CYS C 78 26.37 11.99 29.64
CA CYS C 78 26.93 10.74 30.16
C CYS C 78 26.85 10.71 31.68
N LYS C 79 26.53 9.52 32.25
CA LYS C 79 26.44 9.28 33.69
C LYS C 79 26.64 7.82 34.05
N VAL C 80 27.35 7.55 35.16
CA VAL C 80 27.63 6.21 35.67
C VAL C 80 26.91 6.05 37.03
N PHE C 81 26.06 5.02 37.14
CA PHE C 81 25.29 4.77 38.35
C PHE C 81 25.84 3.57 39.12
N THR C 82 26.25 3.81 40.39
CA THR C 82 26.82 2.80 41.29
C THR C 82 25.75 2.05 42.09
N GLY C 83 26.05 0.81 42.45
CA GLY C 83 25.18 -0.05 43.24
C GLY C 83 23.91 -0.49 42.52
N VAL C 84 24.05 -0.91 41.25
CA VAL C 84 22.92 -1.37 40.43
C VAL C 84 22.86 -2.90 40.37
N TYR C 85 21.66 -3.45 40.55
CA TYR C 85 21.47 -4.90 40.51
C TYR C 85 20.08 -5.26 39.99
N PRO C 86 19.88 -5.09 38.68
CA PRO C 86 18.60 -5.40 38.06
C PRO C 86 18.60 -6.78 37.42
N PHE C 87 17.44 -7.22 36.94
CA PHE C 87 17.31 -8.52 36.30
C PHE C 87 16.76 -8.40 34.88
N MET C 88 16.07 -9.44 34.43
CA MET C 88 15.49 -9.45 33.09
C MET C 88 14.43 -10.54 32.96
N TRP C 89 13.80 -10.61 31.79
CA TRP C 89 12.78 -11.61 31.53
C TRP C 89 13.21 -12.99 32.01
N GLY C 90 14.49 -13.30 31.80
CA GLY C 90 15.02 -14.59 32.22
C GLY C 90 15.47 -14.59 33.67
N GLY C 91 16.06 -13.49 34.11
CA GLY C 91 16.53 -13.37 35.47
C GLY C 91 17.51 -12.22 35.65
N ALA C 92 18.46 -12.41 36.55
CA ALA C 92 19.47 -11.39 36.82
C ALA C 92 20.41 -11.20 35.63
N TYR C 93 21.62 -10.73 35.90
CA TYR C 93 22.61 -10.51 34.85
C TYR C 93 23.97 -10.18 35.44
N CYS C 94 24.03 -10.07 36.77
CA CYS C 94 25.27 -9.76 37.45
C CYS C 94 25.53 -10.73 38.59
N PHE C 95 26.79 -10.84 39.01
CA PHE C 95 27.17 -11.74 40.10
C PHE C 95 27.20 -11.00 41.45
N CYS C 96 27.86 -9.82 41.50
CA CYS C 96 28.00 -8.98 42.69
C CYS C 96 26.67 -8.33 43.11
N ASP C 97 26.54 -8.00 44.40
CA ASP C 97 25.33 -7.39 44.97
C ASP C 97 25.31 -5.86 44.89
N ALA C 98 26.45 -5.20 45.17
CA ALA C 98 26.56 -3.74 45.18
C ALA C 98 27.77 -3.19 44.40
N GLU C 99 28.64 -4.08 43.91
CA GLU C 99 29.86 -3.72 43.17
C GLU C 99 29.67 -3.58 41.64
N ASN C 100 28.42 -3.36 41.19
CA ASN C 100 28.10 -3.21 39.76
C ASN C 100 27.79 -1.77 39.38
N THR C 101 28.11 -1.39 38.13
CA THR C 101 27.88 -0.05 37.58
C THR C 101 27.16 -0.10 36.23
N GLN C 102 26.52 1.03 35.84
CA GLN C 102 25.82 1.15 34.57
C GLN C 102 26.14 2.50 33.91
N LEU C 103 26.71 2.45 32.70
CA LEU C 103 27.07 3.62 31.91
C LEU C 103 25.89 4.00 31.00
N SER C 104 25.30 5.17 31.24
CA SER C 104 24.19 5.70 30.45
C SER C 104 24.63 6.91 29.62
N GLU C 105 24.85 6.67 28.31
CA GLU C 105 25.27 7.72 27.37
C GLU C 105 24.16 8.07 26.38
N ALA C 106 24.08 9.36 25.99
CA ALA C 106 23.05 9.88 25.07
C ALA C 106 23.52 11.12 24.31
N HIS C 107 22.92 11.38 23.13
CA HIS C 107 23.17 12.55 22.28
C HIS C 107 21.97 12.87 21.38
N VAL C 108 21.85 14.14 20.94
CA VAL C 108 20.75 14.62 20.10
C VAL C 108 21.19 14.76 18.64
N GLU C 109 20.38 14.20 17.73
CA GLU C 109 20.60 14.23 16.27
C GLU C 109 19.35 14.71 15.54
N LYS C 110 19.48 15.03 14.24
CA LYS C 110 18.37 15.43 13.38
C LYS C 110 17.57 14.17 13.06
N SER C 111 16.23 14.22 13.18
CA SER C 111 15.36 13.08 12.88
C SER C 111 15.35 12.81 11.37
N GLU C 112 14.95 11.58 10.98
CA GLU C 112 14.86 11.14 9.58
C GLU C 112 13.86 11.99 8.79
N SER C 113 12.86 12.56 9.50
CA SER C 113 11.80 13.41 8.97
C SER C 113 12.26 14.80 8.51
N CYS C 114 13.41 15.29 9.02
CA CYS C 114 13.96 16.61 8.70
C CYS C 114 14.08 16.96 7.21
N LYS C 115 14.17 15.93 6.35
CA LYS C 115 14.26 16.08 4.89
C LYS C 115 12.89 16.45 4.33
N THR C 116 11.81 15.97 4.98
CA THR C 116 10.41 16.18 4.61
C THR C 116 9.73 17.24 5.50
N GLU C 117 9.60 16.97 6.81
CA GLU C 117 8.97 17.86 7.80
C GLU C 117 10.00 18.83 8.41
N PHE C 118 10.01 20.08 7.94
CA PHE C 118 10.93 21.12 8.41
C PHE C 118 10.39 22.54 8.17
N ALA C 119 10.85 23.50 8.98
CA ALA C 119 10.50 24.92 8.88
C ALA C 119 11.78 25.70 8.60
N SER C 120 11.75 26.57 7.58
CA SER C 120 12.91 27.35 7.16
C SER C 120 12.92 28.77 7.72
N ALA C 121 14.05 29.20 8.31
CA ALA C 121 14.24 30.54 8.88
C ALA C 121 15.00 31.43 7.90
N TYR C 122 14.25 32.32 7.22
CA TYR C 122 14.79 33.25 6.21
C TYR C 122 14.95 34.68 6.73
N ARG C 123 15.84 35.44 6.07
CA ARG C 123 16.11 36.84 6.36
C ARG C 123 15.81 37.65 5.10
N ALA C 124 14.64 38.29 5.04
CA ALA C 124 14.20 39.07 3.88
C ALA C 124 14.89 40.43 3.82
N HIS C 125 15.52 40.73 2.66
CA HIS C 125 16.24 41.98 2.44
C HIS C 125 15.37 42.97 1.65
N THR C 126 15.48 42.96 0.31
CA THR C 126 14.71 43.82 -0.61
C THR C 126 13.79 43.00 -1.51
N ALA C 127 12.75 43.62 -2.08
CA ALA C 127 11.79 42.92 -2.94
C ALA C 127 11.75 43.48 -4.36
N SER C 128 11.56 42.57 -5.35
CA SER C 128 11.47 42.90 -6.76
C SER C 128 10.03 42.67 -7.25
N ALA C 129 9.38 43.75 -7.72
CA ALA C 129 8.01 43.71 -8.20
C ALA C 129 7.92 43.33 -9.67
N SER C 130 6.88 42.55 -10.04
CA SER C 130 6.59 42.08 -11.40
C SER C 130 5.08 41.92 -11.56
N ALA C 131 4.55 42.33 -12.73
CA ALA C 131 3.11 42.28 -12.99
C ALA C 131 2.70 41.69 -14.34
N LYS C 132 1.52 41.04 -14.36
CA LYS C 132 0.89 40.45 -15.53
C LYS C 132 -0.30 41.36 -15.90
N LEU C 133 -0.22 42.01 -17.08
CA LEU C 133 -1.23 42.96 -17.56
C LEU C 133 -1.86 42.56 -18.89
N ARG C 134 -3.20 42.62 -18.96
CA ARG C 134 -4.00 42.33 -20.14
C ARG C 134 -4.33 43.65 -20.85
N VAL C 135 -4.06 43.74 -22.16
CA VAL C 135 -4.30 44.94 -22.96
C VAL C 135 -5.16 44.62 -24.20
N LEU C 136 -6.27 45.34 -24.40
CA LEU C 136 -7.13 45.19 -25.57
C LEU C 136 -6.60 46.17 -26.64
N TYR C 137 -5.56 45.73 -27.36
CA TYR C 137 -4.89 46.50 -28.40
C TYR C 137 -5.31 46.01 -29.77
N GLN C 138 -5.94 46.91 -30.56
CA GLN C 138 -6.45 46.67 -31.92
C GLN C 138 -7.48 45.52 -31.99
N GLY C 139 -8.42 45.52 -31.05
CA GLY C 139 -9.49 44.53 -30.94
C GLY C 139 -9.05 43.13 -30.57
N ASN C 140 -7.87 43.00 -29.92
CA ASN C 140 -7.32 41.72 -29.50
C ASN C 140 -6.61 41.82 -28.15
N ASN C 141 -6.90 40.87 -27.24
CA ASN C 141 -6.30 40.81 -25.91
C ASN C 141 -4.86 40.30 -25.97
N ILE C 142 -3.91 41.11 -25.43
CA ILE C 142 -2.49 40.77 -25.38
C ILE C 142 -1.99 40.68 -23.94
N THR C 143 -1.12 39.68 -23.66
CA THR C 143 -0.57 39.44 -22.33
C THR C 143 0.85 40.04 -22.21
N VAL C 144 1.05 40.90 -21.20
CA VAL C 144 2.32 41.56 -20.92
C VAL C 144 2.79 41.21 -19.51
N THR C 145 3.97 40.60 -19.39
CA THR C 145 4.57 40.21 -18.11
C THR C 145 5.96 40.87 -18.02
N ALA C 146 6.12 41.82 -17.08
CA ALA C 146 7.36 42.58 -16.88
C ALA C 146 7.55 43.05 -15.44
N TYR C 147 8.80 43.41 -15.06
CA TYR C 147 9.14 43.91 -13.74
C TYR C 147 8.61 45.34 -13.59
N ALA C 148 7.98 45.63 -12.43
CA ALA C 148 7.41 46.94 -12.13
C ALA C 148 8.44 47.94 -11.54
N ASN C 149 9.59 48.07 -12.23
CA ASN C 149 10.69 48.97 -11.83
C ASN C 149 10.75 50.26 -12.68
N GLY C 150 10.07 50.25 -13.82
CA GLY C 150 10.04 51.36 -14.76
C GLY C 150 11.27 51.45 -15.65
N ASP C 151 11.90 50.28 -15.91
CA ASP C 151 13.10 50.15 -16.73
C ASP C 151 12.99 48.96 -17.71
N HIS C 152 12.47 47.82 -17.24
CA HIS C 152 12.30 46.60 -18.03
C HIS C 152 11.20 46.77 -19.09
N ALA C 153 11.61 46.92 -20.37
CA ALA C 153 10.70 47.11 -21.50
C ALA C 153 10.41 45.80 -22.23
N VAL C 154 9.11 45.56 -22.54
CA VAL C 154 8.63 44.37 -23.25
C VAL C 154 7.84 44.81 -24.49
N THR C 155 8.23 44.31 -25.67
CA THR C 155 7.59 44.63 -26.95
C THR C 155 6.60 43.52 -27.38
N VAL C 156 5.31 43.87 -27.43
CA VAL C 156 4.22 42.99 -27.86
C VAL C 156 3.46 43.71 -28.98
N LYS C 157 3.38 43.08 -30.17
CA LYS C 157 2.74 43.61 -31.39
C LYS C 157 3.30 44.98 -31.80
N ASP C 158 4.66 45.09 -31.80
CA ASP C 158 5.45 46.28 -32.14
C ASP C 158 5.22 47.50 -31.22
N ALA C 159 4.68 47.26 -30.01
CA ALA C 159 4.41 48.29 -29.01
C ALA C 159 5.24 48.04 -27.74
N LYS C 160 6.07 49.03 -27.36
CA LYS C 160 6.94 48.95 -26.19
C LYS C 160 6.16 49.27 -24.92
N PHE C 161 6.21 48.34 -23.94
CA PHE C 161 5.51 48.45 -22.66
C PHE C 161 6.50 48.61 -21.50
N ILE C 162 6.32 49.66 -20.69
CA ILE C 162 7.13 49.93 -19.50
C ILE C 162 6.18 50.02 -18.30
N VAL C 163 6.34 49.07 -17.36
CA VAL C 163 5.52 48.96 -16.15
C VAL C 163 6.29 49.45 -14.92
N GLY C 164 5.63 50.28 -14.12
CA GLY C 164 6.19 50.84 -12.89
C GLY C 164 6.93 52.15 -13.08
N PRO C 165 7.69 52.64 -12.08
CA PRO C 165 7.97 52.04 -10.76
C PRO C 165 6.80 52.16 -9.77
N MET C 166 6.66 51.16 -8.87
CA MET C 166 5.62 51.06 -7.84
C MET C 166 5.55 52.31 -6.96
N SER C 167 4.31 52.77 -6.67
CA SER C 167 4.04 53.94 -5.84
C SER C 167 4.47 53.70 -4.38
N SER C 168 4.20 52.50 -3.85
CA SER C 168 4.54 52.11 -2.48
C SER C 168 5.58 51.00 -2.47
N ALA C 169 6.61 51.15 -1.62
CA ALA C 169 7.70 50.17 -1.45
C ALA C 169 7.37 49.17 -0.33
N TRP C 170 6.11 49.23 0.19
CA TRP C 170 5.59 48.39 1.26
C TRP C 170 5.51 46.91 0.87
N THR C 171 5.86 46.03 1.83
CA THR C 171 5.82 44.57 1.72
C THR C 171 5.19 44.00 3.01
N PRO C 172 4.38 42.91 2.94
CA PRO C 172 3.80 42.37 4.18
C PRO C 172 4.81 41.62 5.07
N PHE C 173 5.98 41.28 4.50
CA PHE C 173 7.06 40.57 5.18
C PHE C 173 7.96 41.53 5.96
N ASP C 174 8.49 41.07 7.10
CA ASP C 174 9.43 41.82 7.94
C ASP C 174 10.87 41.44 7.51
N ASN C 175 11.89 41.86 8.30
CA ASN C 175 13.29 41.56 8.00
C ASN C 175 13.65 40.10 8.35
N LYS C 176 12.80 39.41 9.13
CA LYS C 176 12.96 38.02 9.56
C LYS C 176 11.64 37.26 9.35
N ILE C 177 11.67 36.19 8.52
CA ILE C 177 10.47 35.38 8.22
C ILE C 177 10.70 33.86 8.42
N VAL C 178 9.61 33.11 8.65
CA VAL C 178 9.63 31.66 8.83
C VAL C 178 8.65 30.99 7.84
N VAL C 179 9.15 30.01 7.05
CA VAL C 179 8.35 29.31 6.04
C VAL C 179 8.19 27.82 6.33
N TYR C 180 6.92 27.37 6.45
CA TYR C 180 6.55 25.97 6.67
C TYR C 180 5.56 25.56 5.56
N LYS C 181 6.00 24.67 4.65
CA LYS C 181 5.25 24.16 3.51
C LYS C 181 4.67 25.29 2.62
N GLY C 182 3.43 25.70 2.89
CA GLY C 182 2.76 26.75 2.14
C GLY C 182 2.32 27.94 2.99
N ASP C 183 2.87 28.05 4.20
CA ASP C 183 2.55 29.13 5.14
C ASP C 183 3.79 29.93 5.54
N VAL C 184 3.69 31.27 5.47
CA VAL C 184 4.77 32.21 5.82
C VAL C 184 4.36 33.00 7.06
N TYR C 185 5.26 33.03 8.07
CA TYR C 185 5.03 33.72 9.35
C TYR C 185 6.08 34.81 9.60
N ASN C 186 5.63 36.00 10.04
CA ASN C 186 6.52 37.12 10.39
C ASN C 186 6.99 36.86 11.82
N MET C 187 8.09 36.10 11.96
CA MET C 187 8.64 35.70 13.26
C MET C 187 10.01 36.29 13.56
N ASP C 188 10.24 36.64 14.84
CA ASP C 188 11.52 37.14 15.34
C ASP C 188 12.23 35.95 16.00
N TYR C 189 12.58 34.95 15.17
CA TYR C 189 13.23 33.69 15.55
C TYR C 189 14.60 33.88 16.23
N PRO C 190 15.04 32.93 17.12
CA PRO C 190 16.35 33.11 17.77
C PRO C 190 17.51 32.93 16.80
N PRO C 191 18.64 33.66 16.96
CA PRO C 191 19.77 33.51 16.02
C PRO C 191 20.43 32.13 16.06
N PHE C 192 21.22 31.81 15.02
CA PHE C 192 21.93 30.54 14.88
C PHE C 192 22.93 30.31 16.01
N GLY C 193 22.71 29.24 16.77
CA GLY C 193 23.52 28.85 17.92
C GLY C 193 23.08 29.50 19.22
N ALA C 194 21.83 29.98 19.28
CA ALA C 194 21.25 30.64 20.45
C ALA C 194 19.81 30.19 20.77
N GLY C 195 19.46 28.99 20.31
CA GLY C 195 18.15 28.40 20.55
C GLY C 195 17.97 27.90 21.97
N ARG C 196 16.72 27.96 22.49
CA ARG C 196 16.37 27.55 23.84
C ARG C 196 15.56 26.24 23.87
N PRO C 197 15.67 25.39 24.93
CA PRO C 197 14.90 24.13 24.97
C PRO C 197 13.39 24.33 25.05
N GLY C 198 12.66 23.50 24.31
CA GLY C 198 11.20 23.52 24.25
C GLY C 198 10.60 24.58 23.36
N GLN C 199 11.44 25.51 22.87
CA GLN C 199 11.03 26.62 22.00
C GLN C 199 11.46 26.38 20.55
N PHE C 200 10.93 27.21 19.62
CA PHE C 200 11.26 27.18 18.19
C PHE C 200 12.74 27.51 18.02
N GLY C 201 13.51 26.51 17.61
CA GLY C 201 14.95 26.64 17.41
C GLY C 201 15.79 25.86 18.40
N ASP C 202 15.17 24.89 19.13
CA ASP C 202 15.85 24.02 20.09
C ASP C 202 16.89 23.13 19.40
N ILE C 203 16.66 22.85 18.10
CA ILE C 203 17.53 22.11 17.19
C ILE C 203 17.69 22.95 15.92
N GLN C 204 18.93 23.38 15.62
CA GLN C 204 19.24 24.23 14.47
C GLN C 204 20.25 23.58 13.53
N SER C 205 19.89 23.50 12.24
CA SER C 205 20.74 22.94 11.18
C SER C 205 20.71 23.86 9.97
N ARG C 206 21.83 23.93 9.21
CA ARG C 206 21.98 24.77 8.04
C ARG C 206 21.01 24.42 6.90
N THR C 207 20.94 23.12 6.51
CA THR C 207 20.06 22.61 5.44
C THR C 207 19.44 21.26 5.87
N PRO C 208 18.30 20.80 5.27
CA PRO C 208 17.73 19.50 5.67
C PRO C 208 18.64 18.29 5.45
N GLU C 209 19.72 18.45 4.67
CA GLU C 209 20.70 17.40 4.37
C GLU C 209 22.08 17.66 5.03
N SER C 210 22.20 18.75 5.82
CA SER C 210 23.43 19.16 6.52
C SER C 210 23.98 18.11 7.49
N LYS C 211 25.31 18.10 7.68
CA LYS C 211 26.03 17.17 8.54
C LYS C 211 26.05 17.60 10.01
N ASP C 212 26.53 18.83 10.31
CA ASP C 212 26.63 19.36 11.67
C ASP C 212 25.35 20.06 12.11
N VAL C 213 24.94 19.82 13.38
CA VAL C 213 23.72 20.37 13.98
C VAL C 213 23.95 21.01 15.35
N TYR C 214 23.12 22.01 15.70
CA TYR C 214 23.13 22.69 17.00
C TYR C 214 21.97 22.12 17.82
N ALA C 215 22.22 21.77 19.09
CA ALA C 215 21.19 21.20 19.96
C ALA C 215 21.23 21.70 21.41
N ASN C 216 20.09 22.26 21.86
CA ASN C 216 19.87 22.73 23.22
C ASN C 216 18.47 22.24 23.60
N THR C 217 18.41 21.05 24.23
CA THR C 217 17.17 20.38 24.61
C THR C 217 17.02 20.12 26.12
N GLN C 218 18.09 20.41 26.91
CA GLN C 218 18.17 20.20 28.36
C GLN C 218 17.94 18.71 28.71
N LEU C 219 18.86 17.86 28.21
CA LEU C 219 18.84 16.41 28.38
C LEU C 219 19.68 16.00 29.60
N VAL C 220 19.04 15.31 30.57
CA VAL C 220 19.67 14.83 31.82
C VAL C 220 19.27 13.37 32.03
N LEU C 221 20.26 12.49 32.29
CA LEU C 221 19.99 11.06 32.56
C LEU C 221 19.54 10.86 34.00
N GLN C 222 18.65 9.88 34.21
CA GLN C 222 18.12 9.53 35.53
C GLN C 222 18.58 8.11 35.92
N ARG C 223 18.54 7.79 37.23
CA ARG C 223 18.92 6.47 37.74
C ARG C 223 17.85 5.42 37.36
N PRO C 224 18.24 4.24 36.81
CA PRO C 224 17.22 3.25 36.43
C PRO C 224 16.49 2.62 37.60
N ALA C 225 15.28 2.08 37.35
CA ALA C 225 14.42 1.42 38.33
C ALA C 225 15.06 0.14 38.89
N ALA C 226 14.63 -0.28 40.09
CA ALA C 226 15.13 -1.47 40.79
C ALA C 226 14.98 -2.75 39.95
N GLY C 227 16.11 -3.36 39.62
CA GLY C 227 16.21 -4.58 38.82
C GLY C 227 15.72 -4.42 37.39
N THR C 228 15.93 -3.22 36.80
CA THR C 228 15.47 -2.88 35.47
C THR C 228 16.60 -2.34 34.58
N VAL C 229 16.65 -2.81 33.32
CA VAL C 229 17.62 -2.34 32.33
C VAL C 229 16.86 -1.39 31.39
N HIS C 230 17.12 -0.08 31.53
CA HIS C 230 16.54 1.00 30.73
C HIS C 230 17.33 2.29 30.95
N VAL C 231 17.18 3.27 30.04
CA VAL C 231 17.87 4.56 30.13
C VAL C 231 16.83 5.68 30.39
N PRO C 232 16.44 5.93 31.67
CA PRO C 232 15.46 7.00 31.93
C PRO C 232 16.10 8.38 31.81
N TYR C 233 15.38 9.35 31.24
CA TYR C 233 15.90 10.70 31.04
C TYR C 233 14.84 11.80 31.15
N SER C 234 15.30 13.02 31.47
CA SER C 234 14.47 14.22 31.55
C SER C 234 14.93 15.18 30.46
N GLN C 235 14.03 15.47 29.50
CA GLN C 235 14.32 16.32 28.35
C GLN C 235 13.08 17.15 27.97
N ALA C 236 13.30 18.42 27.60
CA ALA C 236 12.23 19.34 27.17
C ALA C 236 11.66 18.87 25.81
N PRO C 237 10.31 18.77 25.65
CA PRO C 237 9.76 18.29 24.38
C PRO C 237 10.08 19.15 23.16
N SER C 238 9.98 18.55 21.95
CA SER C 238 10.27 19.18 20.65
C SER C 238 9.61 20.54 20.45
N GLY C 239 10.45 21.56 20.30
CA GLY C 239 10.04 22.95 20.09
C GLY C 239 9.32 23.15 18.78
N PHE C 240 9.73 22.39 17.75
CA PHE C 240 9.14 22.41 16.40
C PHE C 240 7.73 21.83 16.42
N LYS C 241 7.55 20.68 17.14
CA LYS C 241 6.24 20.02 17.29
C LYS C 241 5.26 20.88 18.09
N TYR C 242 5.79 21.62 19.09
CA TYR C 242 5.00 22.55 19.92
C TYR C 242 4.59 23.77 19.10
N TRP C 243 5.52 24.32 18.29
CA TRP C 243 5.27 25.49 17.43
C TRP C 243 4.22 25.18 16.37
N LEU C 244 4.25 23.96 15.77
CA LEU C 244 3.31 23.49 14.77
C LEU C 244 1.85 23.50 15.26
N LYS C 245 1.67 23.47 16.59
CA LYS C 245 0.38 23.51 17.28
C LYS C 245 0.04 24.95 17.72
N GLU C 246 1.05 25.71 18.22
CA GLU C 246 0.87 27.08 18.71
C GLU C 246 1.56 28.16 17.84
N ARG C 247 1.21 28.23 16.55
CA ARG C 247 1.75 29.22 15.60
C ARG C 247 0.73 30.27 15.17
N GLY C 248 -0.55 29.88 15.15
CA GLY C 248 -1.65 30.75 14.75
C GLY C 248 -1.80 30.86 13.25
N ALA C 249 -2.43 31.95 12.80
CA ALA C 249 -2.66 32.22 11.38
C ALA C 249 -1.44 32.82 10.71
N SER C 250 -1.18 32.40 9.45
CA SER C 250 -0.05 32.87 8.65
C SER C 250 -0.36 34.23 8.01
N LEU C 251 0.62 34.81 7.29
CA LEU C 251 0.50 36.10 6.60
C LEU C 251 -0.66 36.12 5.59
N GLN C 252 -0.93 34.96 4.94
CA GLN C 252 -2.02 34.75 3.97
C GLN C 252 -3.39 35.22 4.55
N HIS C 253 -3.59 35.05 5.87
CA HIS C 253 -4.82 35.42 6.58
C HIS C 253 -4.71 36.72 7.39
N THR C 254 -3.51 37.08 7.89
CA THR C 254 -3.32 38.28 8.73
C THR C 254 -2.79 39.55 8.05
N ALA C 255 -2.18 39.45 6.85
CA ALA C 255 -1.60 40.59 6.14
C ALA C 255 -2.63 41.64 5.68
N PRO C 256 -2.29 42.95 5.74
CA PRO C 256 -3.23 43.97 5.26
C PRO C 256 -3.26 44.10 3.73
N PHE C 257 -4.16 44.96 3.20
CA PHE C 257 -4.37 45.24 1.77
C PHE C 257 -4.82 44.03 0.93
N GLY C 258 -5.34 43.00 1.60
CA GLY C 258 -5.83 41.77 0.98
C GLY C 258 -4.77 40.95 0.30
N CYS C 259 -3.55 40.90 0.88
CA CYS C 259 -2.40 40.18 0.36
C CYS C 259 -2.62 38.67 0.33
N GLN C 260 -2.21 38.03 -0.79
CA GLN C 260 -2.27 36.58 -0.98
C GLN C 260 -0.83 36.08 -0.96
N ILE C 261 -0.49 35.19 -0.01
CA ILE C 261 0.86 34.67 0.13
C ILE C 261 1.06 33.32 -0.56
N ALA C 262 2.01 33.28 -1.50
CA ALA C 262 2.38 32.08 -2.26
C ALA C 262 3.76 31.58 -1.84
N THR C 263 4.08 30.31 -2.15
CA THR C 263 5.34 29.68 -1.78
C THR C 263 6.10 29.08 -2.98
N ASN C 264 7.40 28.77 -2.78
CA ASN C 264 8.33 28.19 -3.74
C ASN C 264 8.35 28.89 -5.13
N PRO C 265 8.89 30.12 -5.27
CA PRO C 265 9.50 30.98 -4.24
C PRO C 265 8.46 31.76 -3.42
N VAL C 266 8.82 32.22 -2.21
CA VAL C 266 7.88 32.98 -1.37
C VAL C 266 7.65 34.38 -1.97
N ARG C 267 6.37 34.80 -2.06
CA ARG C 267 6.00 36.07 -2.68
C ARG C 267 4.64 36.61 -2.20
N ALA C 268 4.49 37.93 -2.27
CA ALA C 268 3.26 38.65 -1.93
C ALA C 268 2.51 38.89 -3.25
N VAL C 269 1.32 38.28 -3.38
CA VAL C 269 0.52 38.37 -4.61
C VAL C 269 -0.76 39.17 -4.37
N ASN C 270 -1.08 40.08 -5.32
CA ASN C 270 -2.28 40.92 -5.36
C ASN C 270 -2.52 41.78 -4.11
N CYS C 271 -1.52 42.60 -3.75
CA CYS C 271 -1.60 43.50 -2.60
C CYS C 271 -2.11 44.86 -3.08
N ALA C 272 -3.37 45.20 -2.72
CA ALA C 272 -4.02 46.45 -3.12
C ALA C 272 -3.45 47.67 -2.38
N VAL C 273 -2.23 48.10 -2.79
CA VAL C 273 -1.53 49.22 -2.18
C VAL C 273 -0.93 50.18 -3.24
N GLY C 274 -1.34 51.45 -3.16
CA GLY C 274 -0.88 52.50 -4.05
C GLY C 274 -1.37 52.40 -5.48
N ASN C 275 -0.61 52.98 -6.41
CA ASN C 275 -0.88 53.01 -7.85
C ASN C 275 0.29 52.44 -8.67
N MET C 276 0.11 52.34 -10.01
CA MET C 276 1.14 51.81 -10.90
C MET C 276 1.18 52.55 -12.26
N PRO C 277 2.30 53.25 -12.57
CA PRO C 277 2.38 53.94 -13.87
C PRO C 277 2.76 53.00 -15.00
N ILE C 278 2.08 53.12 -16.14
CA ILE C 278 2.32 52.30 -17.33
C ILE C 278 2.56 53.17 -18.56
N SER C 279 3.73 53.00 -19.20
CA SER C 279 4.14 53.71 -20.41
C SER C 279 4.01 52.80 -21.62
N ILE C 280 3.22 53.22 -22.62
CA ILE C 280 2.97 52.44 -23.85
C ILE C 280 3.40 53.25 -25.08
N ASP C 281 4.43 52.77 -25.79
CA ASP C 281 4.93 53.40 -27.02
C ASP C 281 4.25 52.73 -28.21
N ILE C 282 3.06 53.26 -28.58
CA ILE C 282 2.24 52.75 -29.68
C ILE C 282 2.88 53.14 -31.03
N PRO C 283 3.11 52.19 -31.96
CA PRO C 283 3.71 52.54 -33.26
C PRO C 283 2.80 53.41 -34.14
N GLU C 284 3.41 54.25 -35.00
CA GLU C 284 2.71 55.17 -35.90
C GLU C 284 1.78 54.47 -36.92
N ALA C 285 2.02 53.17 -37.19
CA ALA C 285 1.23 52.34 -38.11
C ALA C 285 -0.18 52.06 -37.58
N ALA C 286 -0.35 52.10 -36.25
CA ALA C 286 -1.63 51.87 -35.57
C ALA C 286 -2.55 53.09 -35.62
N PHE C 287 -1.98 54.28 -35.96
CA PHE C 287 -2.71 55.55 -36.03
C PHE C 287 -3.27 55.87 -37.42
N THR C 288 -4.44 56.53 -37.44
CA THR C 288 -5.14 56.99 -38.64
C THR C 288 -5.48 58.48 -38.46
N ARG C 289 -5.23 59.31 -39.50
CA ARG C 289 -5.47 60.75 -39.49
C ARG C 289 -6.96 61.10 -39.30
N VAL C 290 -7.23 62.26 -38.67
CA VAL C 290 -8.59 62.79 -38.41
C VAL C 290 -9.33 62.98 -39.75
N VAL C 291 -8.63 63.55 -40.75
CA VAL C 291 -9.13 63.82 -42.11
C VAL C 291 -9.48 62.48 -42.82
N ASP C 292 -8.65 61.45 -42.63
CA ASP C 292 -8.83 60.12 -43.22
C ASP C 292 -9.79 59.21 -42.43
N ALA C 293 -10.21 59.65 -41.22
CA ALA C 293 -11.14 58.92 -40.36
C ALA C 293 -12.58 59.40 -40.60
N PRO C 294 -13.62 58.53 -40.48
CA PRO C 294 -15.00 58.98 -40.73
C PRO C 294 -15.51 59.99 -39.70
N SER C 295 -15.99 61.14 -40.20
CA SER C 295 -16.55 62.24 -39.39
C SER C 295 -18.01 61.98 -39.06
N LEU C 296 -18.45 62.42 -37.86
CA LEU C 296 -19.83 62.21 -37.39
C LEU C 296 -20.59 63.51 -37.17
N THR C 297 -21.85 63.54 -37.66
CA THR C 297 -22.77 64.69 -37.57
C THR C 297 -24.17 64.18 -37.14
N ASP C 298 -25.06 65.10 -36.71
CA ASP C 298 -26.44 64.83 -36.28
C ASP C 298 -26.50 63.70 -35.24
N MET C 299 -26.06 64.00 -34.01
CA MET C 299 -26.01 63.02 -32.93
C MET C 299 -27.00 63.28 -31.80
N SER C 300 -27.72 62.22 -31.39
CA SER C 300 -28.71 62.24 -30.31
C SER C 300 -28.49 61.02 -29.42
N CYS C 301 -28.62 61.20 -28.09
CA CYS C 301 -28.40 60.14 -27.12
C CYS C 301 -29.65 59.87 -26.26
N GLU C 302 -30.15 58.64 -26.31
CA GLU C 302 -31.33 58.18 -25.57
C GLU C 302 -30.93 57.03 -24.63
N VAL C 303 -31.32 57.13 -23.35
CA VAL C 303 -31.03 56.11 -22.33
C VAL C 303 -32.35 55.39 -21.93
N PRO C 304 -32.66 54.22 -22.54
CA PRO C 304 -33.90 53.52 -22.19
C PRO C 304 -33.87 52.79 -20.85
N ALA C 305 -32.66 52.45 -20.34
CA ALA C 305 -32.50 51.74 -19.07
C ALA C 305 -31.19 52.08 -18.36
N CYS C 306 -31.28 52.39 -17.05
CA CYS C 306 -30.13 52.68 -16.19
C CYS C 306 -30.35 52.33 -14.72
N THR C 307 -29.37 51.62 -14.14
CA THR C 307 -29.33 51.21 -12.75
C THR C 307 -27.90 51.46 -12.25
N HIS C 308 -27.72 52.48 -11.38
CA HIS C 308 -26.40 52.83 -10.86
C HIS C 308 -25.81 51.78 -9.91
N SER C 309 -24.84 51.01 -10.42
CA SER C 309 -24.17 49.93 -9.69
C SER C 309 -22.68 49.84 -10.04
N SER C 310 -21.96 48.86 -9.45
CA SER C 310 -20.54 48.61 -9.67
C SER C 310 -20.25 48.13 -11.11
N ASP C 311 -21.19 47.37 -11.70
CA ASP C 311 -21.11 46.86 -13.07
C ASP C 311 -21.87 47.77 -14.05
N PHE C 312 -21.82 47.46 -15.35
CA PHE C 312 -22.48 48.23 -16.40
C PHE C 312 -24.00 48.01 -16.36
N GLY C 313 -24.67 48.78 -15.52
CA GLY C 313 -26.12 48.72 -15.31
C GLY C 313 -26.91 49.72 -16.16
N GLY C 314 -26.24 50.34 -17.12
CA GLY C 314 -26.85 51.33 -18.02
C GLY C 314 -26.71 50.98 -19.48
N VAL C 315 -27.78 51.22 -20.25
CA VAL C 315 -27.85 50.96 -21.70
C VAL C 315 -28.11 52.29 -22.41
N ALA C 316 -27.31 52.61 -23.44
CA ALA C 316 -27.47 53.86 -24.20
C ALA C 316 -27.45 53.64 -25.71
N ILE C 317 -28.40 54.29 -26.42
CA ILE C 317 -28.53 54.22 -27.88
C ILE C 317 -28.17 55.59 -28.47
N ILE C 318 -27.14 55.63 -29.32
CA ILE C 318 -26.66 56.86 -29.95
C ILE C 318 -26.89 56.83 -31.47
N LYS C 319 -27.66 57.81 -31.98
CA LYS C 319 -27.98 57.96 -33.40
C LYS C 319 -26.90 58.83 -34.05
N TYR C 320 -26.54 58.55 -35.31
CA TYR C 320 -25.48 59.30 -36.02
C TYR C 320 -25.66 59.38 -37.55
N ALA C 321 -24.81 60.22 -38.19
CA ALA C 321 -24.73 60.40 -39.63
C ALA C 321 -23.23 60.39 -40.01
N ALA C 322 -22.73 59.23 -40.48
CA ALA C 322 -21.33 59.02 -40.84
C ALA C 322 -21.02 59.29 -42.31
N SER C 323 -19.79 59.76 -42.58
CA SER C 323 -19.31 60.06 -43.92
C SER C 323 -18.94 58.80 -44.72
N LYS C 324 -18.31 57.80 -44.04
CA LYS C 324 -17.88 56.54 -44.66
C LYS C 324 -17.78 55.37 -43.66
N LYS C 325 -17.57 54.14 -44.19
CA LYS C 325 -17.43 52.91 -43.40
C LYS C 325 -16.02 52.86 -42.78
N GLY C 326 -15.97 52.72 -41.45
CA GLY C 326 -14.73 52.65 -40.70
C GLY C 326 -14.93 52.46 -39.20
N LYS C 327 -13.82 52.22 -38.48
CA LYS C 327 -13.84 52.02 -37.03
C LYS C 327 -13.65 53.34 -36.27
N CYS C 328 -14.51 53.58 -35.28
CA CYS C 328 -14.50 54.78 -34.44
C CYS C 328 -14.42 54.42 -32.96
N ALA C 329 -13.55 55.13 -32.21
CA ALA C 329 -13.33 54.92 -30.79
C ALA C 329 -14.44 55.55 -29.93
N VAL C 330 -14.87 54.82 -28.88
CA VAL C 330 -15.91 55.25 -27.95
C VAL C 330 -15.28 55.47 -26.57
N HIS C 331 -15.46 56.68 -26.00
CA HIS C 331 -14.91 57.04 -24.69
C HIS C 331 -15.77 58.09 -24.00
N SER C 332 -15.97 57.94 -22.68
CA SER C 332 -16.74 58.87 -21.86
C SER C 332 -15.84 60.03 -21.43
N MET C 333 -16.27 61.26 -21.73
CA MET C 333 -15.55 62.49 -21.39
C MET C 333 -15.82 62.93 -19.93
N THR C 334 -16.65 62.16 -19.22
CA THR C 334 -17.02 62.37 -17.82
C THR C 334 -16.31 61.30 -16.98
N ASN C 335 -15.63 61.71 -15.91
CA ASN C 335 -14.87 60.82 -15.02
C ASN C 335 -15.74 59.94 -14.10
N ALA C 336 -17.06 60.20 -14.05
CA ALA C 336 -18.00 59.45 -13.23
C ALA C 336 -18.62 58.25 -13.97
N VAL C 337 -18.67 58.32 -15.32
CA VAL C 337 -19.25 57.28 -16.18
C VAL C 337 -18.13 56.56 -16.98
N THR C 338 -18.24 55.22 -17.11
CA THR C 338 -17.29 54.38 -17.84
C THR C 338 -18.01 53.50 -18.87
N ILE C 339 -17.52 53.48 -20.12
CA ILE C 339 -18.09 52.71 -21.23
C ILE C 339 -17.36 51.37 -21.39
N ARG C 340 -18.12 50.28 -21.61
CA ARG C 340 -17.60 48.93 -21.82
C ARG C 340 -16.96 48.77 -23.20
N GLU C 341 -17.52 49.44 -24.23
CA GLU C 341 -17.04 49.39 -25.62
C GLU C 341 -15.87 50.33 -25.85
N ALA C 342 -14.77 49.79 -26.43
CA ALA C 342 -13.56 50.54 -26.75
C ALA C 342 -13.61 51.11 -28.17
N GLU C 343 -14.14 50.31 -29.13
CA GLU C 343 -14.28 50.69 -30.54
C GLU C 343 -15.44 49.96 -31.22
N ILE C 344 -16.16 50.67 -32.11
CA ILE C 344 -17.31 50.14 -32.87
C ILE C 344 -17.20 50.48 -34.37
N GLU C 345 -18.10 49.90 -35.19
CA GLU C 345 -18.14 50.11 -36.64
C GLU C 345 -19.28 51.04 -37.04
N VAL C 346 -18.96 52.05 -37.88
CA VAL C 346 -19.93 53.03 -38.40
C VAL C 346 -20.06 52.94 -39.93
N GLU C 347 -21.17 53.44 -40.51
CA GLU C 347 -21.40 53.40 -41.96
C GLU C 347 -21.96 54.70 -42.53
N GLY C 348 -23.15 55.09 -42.09
CA GLY C 348 -23.82 56.31 -42.55
C GLY C 348 -24.91 56.74 -41.59
N ASN C 349 -26.17 56.63 -42.04
CA ASN C 349 -27.35 56.97 -41.23
C ASN C 349 -27.77 55.71 -40.47
N SER C 350 -27.24 55.56 -39.22
CA SER C 350 -27.50 54.40 -38.36
C SER C 350 -27.45 54.73 -36.86
N GLN C 351 -27.46 53.69 -36.01
CA GLN C 351 -27.42 53.80 -34.55
C GLN C 351 -26.44 52.79 -33.90
N LEU C 352 -26.15 52.96 -32.59
CA LEU C 352 -25.25 52.09 -31.83
C LEU C 352 -25.68 51.93 -30.37
N GLN C 353 -25.59 50.70 -29.84
CA GLN C 353 -25.96 50.39 -28.46
C GLN C 353 -24.70 50.19 -27.60
N ILE C 354 -24.59 50.97 -26.51
CA ILE C 354 -23.44 50.90 -25.59
C ILE C 354 -23.84 50.65 -24.14
N SER C 355 -23.00 49.89 -23.41
CA SER C 355 -23.18 49.57 -22.00
C SER C 355 -22.31 50.50 -21.15
N PHE C 356 -22.91 51.12 -20.12
CA PHE C 356 -22.19 52.05 -19.25
C PHE C 356 -22.41 51.83 -17.75
N SER C 357 -21.38 52.17 -16.94
CA SER C 357 -21.41 52.04 -15.48
C SER C 357 -21.22 53.41 -14.82
N THR C 358 -22.09 53.73 -13.84
CA THR C 358 -22.08 54.98 -13.08
C THR C 358 -22.56 54.80 -11.64
N ALA C 359 -22.28 55.78 -10.76
CA ALA C 359 -22.67 55.76 -9.35
C ALA C 359 -23.78 56.77 -9.05
N LEU C 360 -23.80 57.90 -9.78
CA LEU C 360 -24.76 58.98 -9.63
C LEU C 360 -26.17 58.58 -10.06
N ALA C 361 -27.20 59.15 -9.40
CA ALA C 361 -28.61 58.91 -9.70
C ALA C 361 -29.00 59.72 -10.95
N SER C 362 -28.60 61.01 -10.99
CA SER C 362 -28.81 61.91 -12.11
C SER C 362 -27.49 62.02 -12.84
N ALA C 363 -27.39 61.39 -14.02
CA ALA C 363 -26.15 61.36 -14.80
C ALA C 363 -26.23 62.07 -16.15
N GLU C 364 -25.54 63.22 -16.26
CA GLU C 364 -25.42 64.00 -17.49
C GLU C 364 -23.96 63.86 -17.92
N PHE C 365 -23.73 63.05 -18.96
CA PHE C 365 -22.39 62.74 -19.46
C PHE C 365 -22.21 62.87 -20.96
N ARG C 366 -20.98 63.25 -21.37
CA ARG C 366 -20.59 63.42 -22.77
C ARG C 366 -19.82 62.21 -23.28
N VAL C 367 -20.26 61.61 -24.39
CA VAL C 367 -19.64 60.45 -25.01
C VAL C 367 -18.95 60.87 -26.31
N GLN C 368 -17.63 60.65 -26.39
CA GLN C 368 -16.84 61.00 -27.57
C GLN C 368 -16.74 59.82 -28.54
N VAL C 369 -17.60 59.82 -29.57
CA VAL C 369 -17.60 58.79 -30.61
C VAL C 369 -16.76 59.35 -31.76
N CYS C 370 -15.65 58.66 -32.08
CA CYS C 370 -14.65 59.04 -33.08
C CYS C 370 -13.96 60.35 -32.66
N SER C 371 -14.36 61.50 -33.25
CA SER C 371 -13.81 62.83 -32.94
C SER C 371 -14.89 63.86 -32.55
N THR C 372 -16.18 63.45 -32.62
CA THR C 372 -17.34 64.30 -32.28
C THR C 372 -17.98 63.85 -30.97
N GLN C 373 -18.44 64.81 -30.15
CA GLN C 373 -19.07 64.55 -28.85
C GLN C 373 -20.61 64.65 -28.87
N VAL C 374 -21.27 63.86 -28.00
CA VAL C 374 -22.73 63.81 -27.83
C VAL C 374 -23.12 63.82 -26.34
N HIS C 375 -24.15 64.61 -25.98
CA HIS C 375 -24.64 64.72 -24.60
C HIS C 375 -25.70 63.64 -24.31
N CYS C 376 -25.50 62.88 -23.21
CA CYS C 376 -26.40 61.82 -22.77
C CYS C 376 -27.10 62.18 -21.47
N ALA C 377 -28.45 62.09 -21.46
CA ALA C 377 -29.28 62.37 -20.28
C ALA C 377 -29.80 61.05 -19.72
N ALA C 378 -29.48 60.76 -18.44
CA ALA C 378 -29.89 59.52 -17.78
C ALA C 378 -30.31 59.73 -16.33
N GLU C 379 -31.40 59.05 -15.93
CA GLU C 379 -31.95 59.07 -14.57
C GLU C 379 -31.89 57.64 -14.03
N CYS C 380 -30.69 57.24 -13.57
CA CYS C 380 -30.39 55.90 -13.06
C CYS C 380 -31.04 55.63 -11.70
N HIS C 381 -31.45 54.36 -11.48
CA HIS C 381 -32.14 53.92 -10.27
C HIS C 381 -31.27 53.04 -9.34
N PRO C 382 -31.56 52.96 -8.02
CA PRO C 382 -30.71 52.15 -7.12
C PRO C 382 -30.81 50.64 -7.34
N PRO C 383 -29.73 49.86 -7.08
CA PRO C 383 -29.80 48.41 -7.27
C PRO C 383 -30.40 47.68 -6.06
N LYS C 384 -30.78 46.40 -6.25
CA LYS C 384 -31.38 45.57 -5.20
C LYS C 384 -30.41 45.19 -4.07
N ASP C 385 -29.10 45.06 -4.38
CA ASP C 385 -28.07 44.69 -3.40
C ASP C 385 -27.25 45.89 -2.92
N HIS C 386 -27.01 45.97 -1.60
CA HIS C 386 -26.23 47.01 -0.96
C HIS C 386 -24.73 46.69 -0.96
N ILE C 387 -24.39 45.39 -0.91
CA ILE C 387 -23.00 44.89 -0.91
C ILE C 387 -22.78 44.04 -2.17
N VAL C 388 -21.69 44.32 -2.89
CA VAL C 388 -21.30 43.64 -4.13
C VAL C 388 -20.04 42.75 -3.93
N ASN C 389 -19.85 41.74 -4.81
CA ASN C 389 -18.72 40.80 -4.73
C ASN C 389 -17.55 41.08 -5.71
N TYR C 390 -17.52 42.29 -6.32
CA TYR C 390 -16.47 42.71 -7.26
C TYR C 390 -16.16 44.21 -7.15
N PRO C 391 -14.87 44.64 -7.23
CA PRO C 391 -14.54 46.06 -7.12
C PRO C 391 -14.81 46.87 -8.39
N ALA C 392 -14.98 48.20 -8.24
CA ALA C 392 -15.24 49.13 -9.33
C ALA C 392 -14.49 50.46 -9.17
N ASN D 1 26.62 3.82 -2.70
CA ASN D 1 26.92 2.70 -1.83
C ASN D 1 28.18 2.94 -1.01
N VAL D 2 28.07 3.79 0.01
CA VAL D 2 29.19 4.10 0.88
C VAL D 2 29.69 2.86 1.60
N TYR D 3 30.28 1.94 0.86
CA TYR D 3 30.81 0.70 1.42
C TYR D 3 32.29 0.52 1.10
N LYS D 4 32.85 1.50 0.39
CA LYS D 4 34.28 1.46 0.02
C LYS D 4 35.11 1.21 1.28
N ALA D 5 34.81 1.97 2.35
CA ALA D 5 35.49 1.87 3.65
C ALA D 5 34.98 0.70 4.48
N THR D 6 33.65 0.53 4.59
CA THR D 6 33.03 -0.54 5.37
C THR D 6 33.24 -1.92 4.73
N ARG D 7 33.27 -2.98 5.58
CA ARG D 7 33.48 -4.37 5.16
C ARG D 7 32.66 -5.36 6.02
N PRO D 8 32.24 -6.54 5.48
CA PRO D 8 31.52 -7.51 6.35
C PRO D 8 32.47 -8.15 7.36
N TYR D 9 31.95 -8.58 8.52
CA TYR D 9 32.78 -9.14 9.57
C TYR D 9 32.30 -10.48 10.13
N LEU D 10 33.14 -11.09 10.99
CA LEU D 10 32.86 -12.35 11.69
C LEU D 10 32.73 -12.04 13.18
N ALA D 11 31.54 -12.32 13.74
CA ALA D 11 31.23 -12.06 15.15
C ALA D 11 30.66 -13.31 15.83
N HIS D 12 30.60 -13.28 17.19
CA HIS D 12 30.08 -14.38 17.99
C HIS D 12 28.57 -14.56 17.81
N CYS D 13 28.14 -15.82 17.61
CA CYS D 13 26.75 -16.21 17.48
C CYS D 13 26.46 -17.31 18.51
N PRO D 14 25.39 -17.19 19.35
CA PRO D 14 25.14 -18.22 20.36
C PRO D 14 24.58 -19.53 19.80
N ASP D 15 23.97 -19.50 18.60
CA ASP D 15 23.38 -20.68 17.97
C ASP D 15 23.60 -20.68 16.44
N CYS D 16 24.65 -21.39 16.00
CA CYS D 16 25.02 -21.54 14.58
C CYS D 16 24.24 -22.67 13.90
N GLY D 17 23.62 -23.52 14.72
CA GLY D 17 22.86 -24.68 14.28
C GLY D 17 23.00 -25.82 15.27
N GLU D 18 21.86 -26.43 15.67
CA GLU D 18 21.77 -27.54 16.63
C GLU D 18 22.27 -27.18 18.04
N GLY D 19 22.13 -25.90 18.41
CA GLY D 19 22.51 -25.36 19.72
C GLY D 19 23.99 -25.13 19.94
N HIS D 20 24.81 -25.19 18.87
CA HIS D 20 26.26 -24.99 18.96
C HIS D 20 26.65 -23.56 18.60
N SER D 21 27.43 -22.91 19.48
CA SER D 21 27.91 -21.53 19.30
C SER D 21 29.19 -21.50 18.45
N CYS D 22 29.29 -20.51 17.53
CA CYS D 22 30.44 -20.34 16.63
C CYS D 22 30.61 -18.87 16.17
N HIS D 23 31.61 -18.62 15.30
CA HIS D 23 31.88 -17.32 14.70
C HIS D 23 31.15 -17.33 13.35
N SER D 24 29.96 -16.72 13.31
CA SER D 24 29.10 -16.72 12.11
C SER D 24 29.20 -15.45 11.27
N PRO D 25 29.22 -15.55 9.92
CA PRO D 25 29.25 -14.33 9.09
C PRO D 25 27.87 -13.66 8.97
N VAL D 26 26.82 -14.35 9.46
CA VAL D 26 25.43 -13.91 9.48
C VAL D 26 24.98 -13.65 10.96
N ALA D 27 25.94 -13.23 11.81
CA ALA D 27 25.74 -12.94 13.23
C ALA D 27 24.75 -11.81 13.48
N LEU D 28 23.82 -12.02 14.42
CA LEU D 28 22.78 -11.05 14.79
C LEU D 28 23.31 -10.02 15.77
N GLU D 29 22.99 -8.74 15.53
CA GLU D 29 23.43 -7.62 16.36
C GLU D 29 22.29 -7.03 17.18
N ARG D 30 21.35 -6.35 16.51
CA ARG D 30 20.21 -5.69 17.13
C ARG D 30 18.94 -5.98 16.34
N ILE D 31 17.87 -6.37 17.05
CA ILE D 31 16.56 -6.67 16.46
C ILE D 31 15.55 -5.64 16.96
N ARG D 32 15.30 -4.60 16.16
CA ARG D 32 14.37 -3.50 16.48
C ARG D 32 12.94 -3.87 16.12
N ASN D 33 12.01 -3.61 17.05
CA ASN D 33 10.57 -3.89 16.90
C ASN D 33 9.70 -2.70 17.36
N GLU D 34 10.12 -1.47 17.01
CA GLU D 34 9.43 -0.23 17.38
C GLU D 34 8.16 0.01 16.54
N ALA D 35 8.11 -0.55 15.32
CA ALA D 35 6.97 -0.42 14.40
C ALA D 35 5.74 -1.15 14.91
N THR D 36 4.62 -0.42 15.03
CA THR D 36 3.33 -0.94 15.51
C THR D 36 2.64 -1.89 14.53
N ASP D 37 2.97 -1.79 13.22
CA ASP D 37 2.38 -2.64 12.19
C ASP D 37 2.88 -4.10 12.27
N GLY D 38 4.10 -4.30 12.75
CA GLY D 38 4.71 -5.62 12.92
C GLY D 38 6.05 -5.83 12.24
N THR D 39 6.54 -4.79 11.51
CA THR D 39 7.81 -4.84 10.77
C THR D 39 9.00 -4.86 11.74
N LEU D 40 9.97 -5.76 11.49
CA LEU D 40 11.17 -5.94 12.30
C LEU D 40 12.41 -5.39 11.58
N LYS D 41 13.23 -4.60 12.29
CA LYS D 41 14.47 -4.05 11.74
C LYS D 41 15.64 -4.86 12.30
N ILE D 42 16.13 -5.83 11.52
CA ILE D 42 17.20 -6.76 11.89
C ILE D 42 18.57 -6.25 11.41
N GLN D 43 19.55 -6.19 12.35
CA GLN D 43 20.92 -5.80 12.04
C GLN D 43 21.79 -7.06 12.03
N VAL D 44 22.46 -7.33 10.91
CA VAL D 44 23.29 -8.50 10.69
C VAL D 44 24.79 -8.17 10.53
N SER D 45 25.66 -9.18 10.58
CA SER D 45 27.11 -9.06 10.44
C SER D 45 27.57 -8.80 8.99
N LEU D 46 26.89 -9.41 8.01
CA LEU D 46 27.20 -9.26 6.58
C LEU D 46 26.54 -8.03 5.93
N GLN D 47 26.80 -7.79 4.63
CA GLN D 47 26.25 -6.66 3.87
C GLN D 47 25.52 -7.15 2.61
N ILE D 48 24.27 -6.66 2.40
CA ILE D 48 23.42 -7.05 1.27
C ILE D 48 23.26 -5.94 0.24
N GLY D 49 23.30 -6.31 -1.03
CA GLY D 49 23.17 -5.40 -2.17
C GLY D 49 24.46 -4.80 -2.67
N ILE D 50 25.59 -5.22 -2.10
CA ILE D 50 26.94 -4.72 -2.44
C ILE D 50 27.89 -5.90 -2.74
N LYS D 51 28.77 -5.72 -3.74
CA LYS D 51 29.77 -6.72 -4.14
C LYS D 51 31.13 -6.42 -3.49
N THR D 52 32.07 -7.40 -3.53
CA THR D 52 33.42 -7.31 -2.95
C THR D 52 34.28 -6.17 -3.51
N ASP D 53 34.04 -5.76 -4.77
CA ASP D 53 34.75 -4.68 -5.45
C ASP D 53 34.13 -3.29 -5.17
N ASP D 54 33.15 -3.23 -4.24
CA ASP D 54 32.40 -2.05 -3.82
C ASP D 54 31.54 -1.49 -4.97
N SER D 55 30.50 -2.25 -5.33
CA SER D 55 29.56 -1.94 -6.41
C SER D 55 28.15 -2.42 -6.08
N HIS D 56 27.12 -1.64 -6.43
CA HIS D 56 25.71 -1.95 -6.17
C HIS D 56 25.16 -3.01 -7.10
N ASP D 57 24.67 -4.13 -6.51
CA ASP D 57 24.06 -5.27 -7.21
C ASP D 57 23.06 -5.92 -6.25
N TRP D 58 21.75 -5.69 -6.47
CA TRP D 58 20.66 -6.19 -5.62
C TRP D 58 20.58 -7.72 -5.51
N THR D 59 21.02 -8.46 -6.54
CA THR D 59 21.02 -9.92 -6.57
C THR D 59 22.23 -10.54 -5.83
N LYS D 60 23.21 -9.70 -5.43
CA LYS D 60 24.42 -10.16 -4.75
C LYS D 60 24.48 -9.80 -3.25
N LEU D 61 25.25 -10.60 -2.49
CA LEU D 61 25.45 -10.49 -1.04
C LEU D 61 26.96 -10.51 -0.73
N ARG D 62 27.39 -9.73 0.29
CA ARG D 62 28.80 -9.66 0.71
C ARG D 62 28.95 -10.12 2.16
N TYR D 63 29.63 -11.27 2.36
CA TYR D 63 29.89 -11.87 3.67
C TYR D 63 31.39 -12.11 3.89
N MET D 64 31.81 -12.24 5.16
CA MET D 64 33.21 -12.49 5.53
C MET D 64 33.50 -14.00 5.54
N ASP D 65 34.53 -14.43 4.77
CA ASP D 65 34.92 -15.84 4.66
C ASP D 65 36.42 -16.04 4.94
N ASN D 66 36.74 -16.34 6.21
CA ASN D 66 38.10 -16.61 6.71
C ASN D 66 39.16 -15.60 6.24
N HIS D 67 39.16 -14.40 6.88
CA HIS D 67 40.06 -13.26 6.63
C HIS D 67 39.74 -12.40 5.39
N MET D 68 39.04 -12.98 4.40
CA MET D 68 38.70 -12.26 3.16
C MET D 68 37.20 -12.23 2.85
N PRO D 69 36.66 -11.08 2.38
CA PRO D 69 35.21 -11.03 2.06
C PRO D 69 34.91 -11.72 0.73
N ALA D 70 33.80 -12.48 0.69
CA ALA D 70 33.36 -13.23 -0.49
C ALA D 70 31.91 -12.90 -0.89
N ASP D 71 31.56 -13.14 -2.16
CA ASP D 71 30.22 -12.89 -2.69
C ASP D 71 29.28 -14.10 -2.58
N ALA D 72 27.98 -13.83 -2.37
CA ALA D 72 26.92 -14.84 -2.24
C ALA D 72 25.64 -14.38 -2.97
N GLU D 73 24.54 -15.17 -2.87
CA GLU D 73 23.27 -14.86 -3.54
C GLU D 73 22.20 -14.30 -2.61
N ARG D 74 21.43 -13.31 -3.11
CA ARG D 74 20.33 -12.64 -2.40
C ARG D 74 19.16 -13.62 -2.18
N ALA D 75 18.93 -14.53 -3.15
CA ALA D 75 17.87 -15.55 -3.10
C ALA D 75 18.09 -16.57 -1.96
N GLY D 76 19.35 -16.78 -1.60
CA GLY D 76 19.74 -17.70 -0.54
C GLY D 76 19.44 -17.21 0.87
N LEU D 77 19.30 -15.87 1.04
CA LEU D 77 19.01 -15.22 2.31
C LEU D 77 17.59 -15.55 2.81
N PHE D 78 17.47 -15.91 4.11
CA PHE D 78 16.20 -16.26 4.73
C PHE D 78 16.09 -15.78 6.19
N VAL D 79 14.86 -15.45 6.60
CA VAL D 79 14.51 -15.00 7.96
C VAL D 79 13.33 -15.88 8.42
N ARG D 80 13.37 -16.39 9.68
CA ARG D 80 12.31 -17.23 10.26
C ARG D 80 12.23 -17.19 11.78
N THR D 81 11.02 -17.34 12.33
CA THR D 81 10.76 -17.37 13.78
C THR D 81 10.30 -18.77 14.20
N SER D 82 9.16 -19.20 13.64
CA SER D 82 8.52 -20.52 13.84
C SER D 82 8.13 -21.04 12.45
N ALA D 83 8.00 -20.11 11.49
CA ALA D 83 7.66 -20.31 10.08
C ALA D 83 8.46 -19.27 9.26
N PRO D 84 8.69 -19.46 7.94
CA PRO D 84 9.47 -18.45 7.18
C PRO D 84 8.84 -17.05 7.16
N CYS D 85 9.69 -16.02 7.09
CA CYS D 85 9.30 -14.60 7.07
C CYS D 85 9.49 -13.99 5.68
N THR D 86 8.61 -13.05 5.34
CA THR D 86 8.66 -12.33 4.05
C THR D 86 9.59 -11.12 4.18
N ILE D 87 10.68 -11.12 3.40
CA ILE D 87 11.67 -10.03 3.39
C ILE D 87 11.11 -8.86 2.56
N THR D 88 10.97 -7.68 3.20
CA THR D 88 10.42 -6.47 2.58
C THR D 88 11.45 -5.32 2.46
N GLY D 89 12.72 -5.66 2.39
CA GLY D 89 13.79 -4.67 2.27
C GLY D 89 15.14 -5.16 2.75
N THR D 90 16.19 -4.96 1.92
CA THR D 90 17.58 -5.34 2.21
C THR D 90 18.57 -4.29 1.71
N MET D 91 19.44 -3.79 2.60
CA MET D 91 20.49 -2.82 2.31
C MET D 91 21.54 -2.84 3.42
N GLY D 92 22.74 -3.31 3.06
CA GLY D 92 23.88 -3.43 3.96
C GLY D 92 23.64 -4.43 5.06
N HIS D 93 23.81 -4.01 6.31
CA HIS D 93 23.61 -4.83 7.50
C HIS D 93 22.13 -4.99 7.88
N PHE D 94 21.23 -4.23 7.25
CA PHE D 94 19.80 -4.20 7.60
C PHE D 94 18.85 -5.01 6.72
N ILE D 95 17.92 -5.73 7.37
CA ILE D 95 16.88 -6.57 6.77
C ILE D 95 15.52 -6.21 7.39
N LEU D 96 14.49 -6.01 6.54
CA LEU D 96 13.12 -5.74 7.00
C LEU D 96 12.27 -6.98 6.75
N ALA D 97 11.60 -7.47 7.81
CA ALA D 97 10.76 -8.67 7.70
C ALA D 97 9.52 -8.69 8.59
N ARG D 98 8.43 -9.29 8.08
CA ARG D 98 7.18 -9.48 8.78
C ARG D 98 7.13 -10.94 9.20
N CYS D 99 7.17 -11.19 10.52
CA CYS D 99 7.24 -12.54 11.09
C CYS D 99 6.02 -12.97 11.90
N PRO D 100 5.64 -14.28 11.86
CA PRO D 100 4.53 -14.74 12.72
C PRO D 100 5.00 -14.95 14.16
N LYS D 101 4.07 -15.32 15.07
CA LYS D 101 4.35 -15.57 16.50
C LYS D 101 5.47 -16.60 16.71
N GLY D 102 6.55 -16.16 17.34
CA GLY D 102 7.72 -16.99 17.63
C GLY D 102 8.47 -16.58 18.89
N GLU D 103 9.34 -17.48 19.38
CA GLU D 103 10.15 -17.27 20.58
C GLU D 103 11.65 -17.11 20.29
N THR D 104 12.10 -17.54 19.09
CA THR D 104 13.50 -17.44 18.65
C THR D 104 13.58 -16.96 17.20
N LEU D 105 14.41 -15.92 16.93
CA LEU D 105 14.59 -15.38 15.59
C LEU D 105 15.82 -16.00 14.91
N THR D 106 15.64 -16.49 13.67
CA THR D 106 16.70 -17.14 12.88
C THR D 106 16.92 -16.38 11.56
N VAL D 107 18.19 -16.04 11.27
CA VAL D 107 18.61 -15.33 10.05
C VAL D 107 19.77 -16.13 9.42
N GLY D 108 19.59 -16.53 8.15
CA GLY D 108 20.59 -17.30 7.42
C GLY D 108 20.74 -16.94 5.95
N PHE D 109 21.69 -17.64 5.28
CA PHE D 109 22.03 -17.47 3.85
C PHE D 109 22.82 -18.69 3.32
N THR D 110 23.13 -18.71 2.01
CA THR D 110 23.90 -19.77 1.34
C THR D 110 25.08 -19.15 0.59
N ASP D 111 26.29 -19.67 0.81
CA ASP D 111 27.54 -19.18 0.21
C ASP D 111 27.81 -19.70 -1.21
N SER D 112 29.02 -19.39 -1.75
CA SER D 112 29.48 -19.82 -3.07
C SER D 112 29.79 -21.32 -3.11
N ARG D 113 30.32 -21.87 -2.00
CA ARG D 113 30.67 -23.29 -1.85
C ARG D 113 29.46 -24.19 -1.51
N LYS D 114 28.23 -23.64 -1.63
CA LYS D 114 26.94 -24.30 -1.38
C LYS D 114 26.77 -24.77 0.08
N ILE D 115 27.31 -23.98 1.03
CA ILE D 115 27.25 -24.26 2.48
C ILE D 115 26.36 -23.18 3.14
N SER D 116 25.35 -23.61 3.91
CA SER D 116 24.43 -22.71 4.59
C SER D 116 24.77 -22.44 6.06
N HIS D 117 24.86 -21.15 6.41
CA HIS D 117 25.16 -20.68 7.77
C HIS D 117 23.96 -19.88 8.29
N SER D 118 23.53 -20.15 9.54
CA SER D 118 22.38 -19.47 10.15
C SER D 118 22.61 -19.15 11.62
N CYS D 119 22.22 -17.94 12.05
CA CYS D 119 22.35 -17.49 13.45
C CYS D 119 20.99 -17.41 14.12
N THR D 120 20.85 -18.02 15.30
CA THR D 120 19.60 -18.04 16.07
C THR D 120 19.76 -17.31 17.41
N HIS D 121 18.83 -16.37 17.68
CA HIS D 121 18.79 -15.55 18.89
C HIS D 121 17.44 -15.70 19.59
N PRO D 122 17.39 -15.81 20.95
CA PRO D 122 16.09 -15.90 21.62
C PRO D 122 15.37 -14.54 21.65
N PHE D 123 14.30 -14.43 20.86
CA PHE D 123 13.54 -13.18 20.71
C PHE D 123 12.02 -13.43 20.75
N HIS D 124 11.36 -12.94 21.81
CA HIS D 124 9.91 -13.04 22.02
C HIS D 124 9.18 -12.14 21.02
N HIS D 125 8.63 -12.74 19.96
CA HIS D 125 7.92 -12.03 18.90
C HIS D 125 6.42 -12.28 18.92
N ASP D 126 5.66 -11.24 19.26
CA ASP D 126 4.20 -11.21 19.33
C ASP D 126 3.77 -9.75 19.07
N PRO D 127 3.39 -9.45 17.83
CA PRO D 127 2.95 -8.09 17.48
C PRO D 127 1.92 -7.55 18.47
N PRO D 128 2.28 -6.43 19.19
CA PRO D 128 1.26 -5.96 20.13
C PRO D 128 0.46 -4.79 19.55
N VAL D 129 -0.34 -4.14 20.38
CA VAL D 129 -1.15 -3.01 19.95
C VAL D 129 -0.28 -1.80 19.61
N ILE D 130 -0.51 -1.22 18.45
CA ILE D 130 0.25 -0.06 18.00
C ILE D 130 -0.53 0.75 16.97
N GLY D 131 -1.16 1.82 17.42
CA GLY D 131 -1.94 2.68 16.54
C GLY D 131 -2.30 4.00 17.19
N ARG D 132 -2.47 5.03 16.36
CA ARG D 132 -2.81 6.36 16.85
C ARG D 132 -3.98 6.95 16.06
N GLU D 133 -4.99 6.12 15.81
CA GLU D 133 -6.17 6.57 15.07
C GLU D 133 -7.05 5.39 14.68
N LYS D 134 -8.04 5.64 13.83
CA LYS D 134 -8.95 4.59 13.38
C LYS D 134 -8.72 4.27 11.91
N PHE D 135 -7.77 4.96 11.29
CA PHE D 135 -7.44 4.74 9.88
C PHE D 135 -8.71 4.65 9.03
N HIS D 136 -9.30 5.80 8.73
CA HIS D 136 -10.51 5.86 7.93
C HIS D 136 -10.79 7.28 7.45
N SER D 137 -10.92 7.44 6.14
CA SER D 137 -11.19 8.75 5.56
C SER D 137 -12.46 9.36 6.14
N ARG D 138 -12.85 10.52 5.62
CA ARG D 138 -12.10 11.17 4.54
C ARG D 138 -12.85 11.19 3.19
N PRO D 139 -12.90 12.35 2.47
CA PRO D 139 -13.61 12.38 1.19
C PRO D 139 -12.78 11.86 0.01
N GLN D 140 -13.46 11.26 -0.99
CA GLN D 140 -12.82 10.73 -2.20
C GLN D 140 -12.37 11.87 -3.12
N HIS D 141 -13.13 12.98 -3.13
CA HIS D 141 -12.86 14.17 -3.94
C HIS D 141 -13.07 15.43 -3.11
N GLY D 142 -12.06 16.30 -3.09
CA GLY D 142 -12.09 17.56 -2.33
C GLY D 142 -10.91 18.47 -2.63
N LYS D 143 -10.66 19.44 -1.73
CA LYS D 143 -9.57 20.41 -1.83
C LYS D 143 -8.22 19.74 -1.58
N GLU D 144 -7.25 19.97 -2.48
CA GLU D 144 -5.90 19.42 -2.40
C GLU D 144 -5.00 20.28 -1.50
N LEU D 145 -4.50 19.69 -0.40
CA LEU D 145 -3.62 20.36 0.55
C LEU D 145 -2.35 19.54 0.83
N PRO D 146 -1.17 20.18 1.03
CA PRO D 146 0.06 19.39 1.29
C PRO D 146 0.13 18.82 2.70
N CYS D 147 0.45 17.52 2.80
CA CYS D 147 0.58 16.78 4.05
C CYS D 147 1.70 15.73 3.96
N SER D 148 1.85 14.88 5.00
CA SER D 148 2.87 13.82 5.04
C SER D 148 2.33 12.53 5.65
N THR D 149 2.80 11.38 5.13
CA THR D 149 2.42 10.04 5.58
C THR D 149 3.57 9.03 5.41
N TYR D 150 3.45 7.85 6.03
CA TYR D 150 4.44 6.78 5.91
C TYR D 150 3.97 5.84 4.79
N VAL D 151 4.76 5.77 3.70
CA VAL D 151 4.44 4.92 2.54
C VAL D 151 4.59 3.42 2.83
N GLN D 152 3.98 2.55 2.01
CA GLN D 152 4.01 1.10 2.21
C GLN D 152 5.10 0.36 1.40
N SER D 153 6.11 1.09 0.90
CA SER D 153 7.22 0.51 0.15
C SER D 153 8.21 -0.21 1.08
N THR D 154 8.33 -1.52 0.91
CA THR D 154 9.19 -2.39 1.71
C THR D 154 10.68 -2.23 1.32
N ALA D 155 10.95 -1.76 0.07
CA ALA D 155 12.28 -1.53 -0.51
C ALA D 155 13.29 -0.90 0.45
N ALA D 156 14.47 -1.53 0.56
CA ALA D 156 15.57 -1.13 1.44
C ALA D 156 16.25 0.18 0.99
N THR D 157 15.68 1.33 1.44
CA THR D 157 16.15 2.68 1.12
C THR D 157 15.88 3.70 2.24
N THR D 158 16.58 4.86 2.17
CA THR D 158 16.48 6.02 3.08
C THR D 158 16.86 5.76 4.56
N GLU D 159 15.85 5.50 5.42
CA GLU D 159 15.99 5.30 6.87
C GLU D 159 16.70 4.00 7.26
N GLU D 160 17.39 4.00 8.42
CA GLU D 160 18.14 2.85 8.94
C GLU D 160 18.28 2.81 10.48
N ILE D 161 18.34 1.59 11.06
CA ILE D 161 18.49 1.35 12.51
C ILE D 161 19.82 0.65 12.82
N GLU D 162 20.33 0.82 14.05
CA GLU D 162 21.58 0.20 14.50
C GLU D 162 21.33 -1.18 15.13
N VAL D 163 22.12 -2.18 14.72
CA VAL D 163 22.04 -3.55 15.22
C VAL D 163 23.38 -4.03 15.79
N HIS D 164 23.36 -4.89 16.82
CA HIS D 164 24.56 -5.41 17.47
C HIS D 164 24.35 -6.84 17.99
N MET D 165 25.41 -7.46 18.53
CA MET D 165 25.35 -8.81 19.10
C MET D 165 24.61 -8.80 20.44
N PRO D 166 23.76 -9.82 20.74
CA PRO D 166 23.02 -9.80 22.01
C PRO D 166 23.91 -10.04 23.25
N PRO D 167 24.55 -8.98 22.28
CA PRO D 167 25.31 -9.02 23.53
C PRO D 167 24.93 -10.23 24.40
N ASP D 168 25.71 -10.49 25.47
CA ASP D 168 25.47 -11.59 26.40
C ASP D 168 24.13 -11.40 27.10
N THR D 169 23.11 -12.16 26.63
CA THR D 169 21.74 -12.10 27.13
C THR D 169 21.65 -12.60 28.58
N PRO D 170 21.31 -11.71 29.57
CA PRO D 170 21.25 -12.16 30.96
C PRO D 170 20.03 -13.03 31.25
N ASP D 171 20.22 -14.04 32.12
CA ASP D 171 19.17 -14.98 32.53
C ASP D 171 19.44 -15.45 33.96
N ARG D 172 18.52 -15.13 34.88
CA ARG D 172 18.63 -15.50 36.30
C ARG D 172 18.23 -16.95 36.59
N THR D 173 17.52 -17.60 35.64
CA THR D 173 17.09 -19.00 35.77
C THR D 173 18.24 -20.01 35.63
N LEU D 174 19.39 -19.56 35.08
CA LEU D 174 20.61 -20.38 34.89
C LEU D 174 21.20 -20.82 36.22
N MET D 175 21.12 -19.95 37.25
CA MET D 175 21.65 -20.20 38.59
C MET D 175 20.59 -20.83 39.49
N SER D 176 21.02 -21.75 40.37
CA SER D 176 20.16 -22.46 41.32
C SER D 176 20.88 -22.73 42.64
N GLN D 177 20.18 -22.52 43.77
CA GLN D 177 20.73 -22.74 45.10
C GLN D 177 20.69 -24.22 45.51
N GLN D 178 21.81 -24.92 45.27
CA GLN D 178 21.98 -26.33 45.63
C GLN D 178 22.48 -26.38 47.08
N SER D 179 21.53 -26.46 48.03
CA SER D 179 21.72 -26.47 49.49
C SER D 179 22.43 -25.20 49.98
N GLY D 180 23.77 -25.23 49.98
CA GLY D 180 24.61 -24.10 50.39
C GLY D 180 25.58 -23.66 49.32
N ASN D 181 25.42 -24.21 48.11
CA ASN D 181 26.26 -23.93 46.93
C ASN D 181 25.39 -23.45 45.77
N VAL D 182 26.02 -22.87 44.73
CA VAL D 182 25.31 -22.36 43.54
C VAL D 182 25.63 -23.21 42.32
N LYS D 183 24.59 -23.79 41.70
CA LYS D 183 24.71 -24.62 40.50
C LYS D 183 24.29 -23.82 39.27
N ILE D 184 25.14 -23.83 38.23
CA ILE D 184 24.90 -23.12 36.96
C ILE D 184 24.53 -24.15 35.89
N THR D 185 23.23 -24.24 35.56
CA THR D 185 22.71 -25.19 34.57
C THR D 185 22.81 -24.59 33.16
N VAL D 186 23.80 -25.06 32.39
CA VAL D 186 24.14 -24.62 31.04
C VAL D 186 23.07 -24.92 29.97
N ASN D 187 22.55 -26.18 29.92
CA ASN D 187 21.57 -26.67 28.95
C ASN D 187 22.00 -26.51 27.47
N GLY D 188 23.23 -26.96 27.19
CA GLY D 188 23.84 -26.92 25.86
C GLY D 188 24.08 -25.54 25.28
N GLN D 189 24.38 -24.56 26.15
CA GLN D 189 24.62 -23.16 25.78
C GLN D 189 25.91 -22.62 26.41
N THR D 190 26.53 -21.62 25.76
CA THR D 190 27.75 -20.98 26.28
C THR D 190 27.32 -19.90 27.28
N VAL D 191 27.72 -20.07 28.55
CA VAL D 191 27.34 -19.16 29.65
C VAL D 191 28.56 -18.46 30.26
N ARG D 192 28.46 -17.12 30.44
CA ARG D 192 29.49 -16.27 31.05
C ARG D 192 29.05 -15.97 32.49
N TYR D 193 29.84 -16.44 33.49
CA TYR D 193 29.54 -16.29 34.92
C TYR D 193 30.54 -15.44 35.71
N LYS D 194 30.06 -14.86 36.85
CA LYS D 194 30.85 -14.05 37.78
C LYS D 194 30.21 -14.11 39.17
N CYS D 195 31.03 -14.38 40.21
CA CYS D 195 30.59 -14.50 41.61
C CYS D 195 31.45 -13.68 42.58
N ASN D 196 30.87 -13.33 43.76
CA ASN D 196 31.55 -12.58 44.82
C ASN D 196 32.46 -13.49 45.65
N CYS D 197 32.08 -14.77 45.80
CA CYS D 197 32.77 -15.79 46.58
C CYS D 197 34.13 -16.21 45.98
N GLY D 198 34.97 -16.83 46.82
CA GLY D 198 36.31 -17.29 46.47
C GLY D 198 36.38 -18.42 45.45
N GLY D 199 37.62 -18.78 45.09
CA GLY D 199 37.91 -19.82 44.11
C GLY D 199 37.67 -19.36 42.69
N SER D 200 36.92 -20.17 41.90
CA SER D 200 36.57 -19.83 40.52
C SER D 200 35.39 -18.84 40.55
N ASN D 201 35.66 -17.60 40.12
CA ASN D 201 34.68 -16.50 40.13
C ASN D 201 34.57 -15.72 38.80
N GLU D 202 35.02 -16.33 37.70
CA GLU D 202 34.99 -15.77 36.33
C GLU D 202 35.18 -16.89 35.29
N GLY D 203 34.83 -16.60 34.04
CA GLY D 203 34.99 -17.55 32.94
C GLY D 203 33.82 -17.68 31.99
N LEU D 204 34.04 -18.46 30.92
CA LEU D 204 33.08 -18.75 29.86
C LEU D 204 32.92 -20.29 29.80
N THR D 205 31.88 -20.81 30.48
CA THR D 205 31.61 -22.24 30.57
C THR D 205 30.66 -22.81 29.51
N THR D 206 30.94 -24.05 29.09
CA THR D 206 30.17 -24.83 28.11
C THR D 206 29.58 -26.06 28.85
N THR D 207 30.07 -26.32 30.08
CA THR D 207 29.65 -27.43 30.94
C THR D 207 29.01 -26.91 32.23
N ASP D 208 28.27 -27.79 32.95
CA ASP D 208 27.60 -27.48 34.22
C ASP D 208 28.63 -27.22 35.31
N LYS D 209 28.57 -26.04 35.94
CA LYS D 209 29.50 -25.63 36.99
C LYS D 209 28.83 -25.45 38.35
N VAL D 210 29.60 -25.68 39.43
CA VAL D 210 29.13 -25.53 40.81
C VAL D 210 30.09 -24.69 41.65
N ILE D 211 29.57 -23.60 42.26
CA ILE D 211 30.35 -22.68 43.10
C ILE D 211 30.07 -23.02 44.57
N ASN D 212 31.10 -23.56 45.27
CA ASN D 212 31.01 -23.96 46.67
C ASN D 212 30.95 -22.77 47.63
N ASN D 213 30.03 -22.87 48.62
CA ASN D 213 29.76 -21.87 49.67
C ASN D 213 29.49 -20.47 49.11
N CYS D 214 28.32 -20.30 48.46
CA CYS D 214 27.90 -19.04 47.84
C CYS D 214 26.36 -18.93 47.77
N LYS D 215 25.87 -17.69 47.58
CA LYS D 215 24.44 -17.39 47.45
C LYS D 215 24.13 -16.94 46.03
N VAL D 216 22.91 -17.24 45.52
CA VAL D 216 22.43 -16.91 44.19
C VAL D 216 22.48 -15.39 43.88
N ASP D 217 22.18 -14.55 44.89
CA ASP D 217 22.20 -13.08 44.81
C ASP D 217 23.62 -12.52 44.61
N GLN D 218 24.63 -13.27 45.06
CA GLN D 218 26.05 -12.92 44.95
C GLN D 218 26.69 -13.36 43.62
N CYS D 219 25.87 -13.91 42.68
CA CYS D 219 26.32 -14.38 41.36
C CYS D 219 25.51 -13.78 40.21
N HIS D 220 26.11 -13.76 39.00
CA HIS D 220 25.51 -13.24 37.76
C HIS D 220 25.91 -14.14 36.57
N ALA D 221 24.92 -14.53 35.76
CA ALA D 221 25.11 -15.40 34.59
C ALA D 221 24.39 -14.87 33.35
N ALA D 222 24.99 -15.08 32.16
CA ALA D 222 24.44 -14.66 30.86
C ALA D 222 24.82 -15.60 29.73
N VAL D 223 23.87 -15.88 28.83
CA VAL D 223 24.05 -16.76 27.66
C VAL D 223 24.72 -15.95 26.53
N THR D 224 25.80 -16.49 25.94
CA THR D 224 26.54 -15.83 24.87
C THR D 224 26.15 -16.39 23.50
N ASN D 225 25.44 -15.57 22.70
CA ASN D 225 25.00 -15.93 21.34
C ASN D 225 25.86 -15.24 20.29
N HIS D 226 26.47 -15.21 19.87
CA HIS D 226 27.23 -14.33 18.97
C HIS D 226 26.92 -14.59 17.49
N LYS D 227 26.04 -15.58 17.22
CA LYS D 227 25.63 -15.95 15.85
C LYS D 227 24.58 -15.02 15.24
N LYS D 228 23.65 -14.51 16.06
CA LYS D 228 22.55 -13.64 15.60
C LYS D 228 22.76 -12.15 15.91
N TRP D 229 22.02 -11.28 15.17
CA TRP D 229 22.03 -9.83 15.31
C TRP D 229 20.79 -9.38 16.09
N GLN D 230 20.89 -8.27 16.82
CA GLN D 230 19.81 -7.70 17.64
C GLN D 230 19.86 -6.18 17.63
N TYR D 231 18.69 -5.51 17.59
CA TYR D 231 18.58 -4.04 17.59
C TYR D 231 19.25 -3.39 18.81
N ASN D 232 19.93 -2.25 18.58
CA ASN D 232 20.59 -1.47 19.62
C ASN D 232 19.52 -0.80 20.49
N SER D 233 18.96 -1.58 21.42
CA SER D 233 17.87 -1.18 22.31
C SER D 233 18.36 -0.66 23.67
N PRO D 234 17.79 0.45 24.18
CA PRO D 234 18.17 0.93 25.51
C PRO D 234 17.57 0.11 26.65
N LEU D 235 16.60 -0.78 26.31
CA LEU D 235 15.90 -1.64 27.27
C LEU D 235 16.61 -3.00 27.44
N VAL D 236 17.70 -3.22 26.68
CA VAL D 236 18.53 -4.44 26.68
C VAL D 236 19.99 -4.03 27.00
N PRO D 237 20.73 -4.74 27.89
CA PRO D 237 22.12 -4.32 28.20
C PRO D 237 23.11 -4.50 27.04
N ARG D 238 24.21 -3.74 27.07
CA ARG D 238 25.28 -3.79 26.06
C ARG D 238 26.19 -5.00 26.31
N ASN D 239 26.72 -5.60 25.21
CA ASN D 239 27.61 -6.76 25.27
C ASN D 239 28.93 -6.41 25.99
N ALA D 240 29.21 -7.12 27.10
CA ALA D 240 30.37 -6.95 27.98
C ALA D 240 31.71 -6.92 27.23
N GLU D 241 32.05 -8.00 26.50
CA GLU D 241 33.29 -8.09 25.74
C GLU D 241 33.13 -7.46 24.35
N LEU D 242 32.73 -6.18 24.32
CA LEU D 242 32.47 -5.38 23.11
C LEU D 242 32.37 -3.89 23.48
N GLY D 243 33.01 -3.04 22.68
CA GLY D 243 33.00 -1.60 22.85
C GLY D 243 31.83 -0.99 22.10
N ASP D 244 32.11 -0.36 20.95
CA ASP D 244 31.08 0.24 20.10
C ASP D 244 30.97 -0.47 18.73
N ARG D 245 31.16 -1.80 18.72
CA ARG D 245 31.03 -2.63 17.52
C ARG D 245 29.55 -2.83 17.22
N LYS D 246 29.11 -2.33 16.07
CA LYS D 246 27.69 -2.38 15.65
C LYS D 246 27.52 -2.43 14.13
N GLY D 247 26.35 -2.92 13.71
CA GLY D 247 25.92 -3.01 12.33
C GLY D 247 24.72 -2.13 12.08
N LYS D 248 24.25 -2.07 10.82
CA LYS D 248 23.07 -1.26 10.45
C LYS D 248 22.24 -1.89 9.34
N ILE D 249 20.90 -1.76 9.44
CA ILE D 249 19.95 -2.32 8.46
C ILE D 249 18.92 -1.28 8.02
N HIS D 250 18.59 -1.25 6.70
CA HIS D 250 17.58 -0.35 6.14
C HIS D 250 16.20 -0.74 6.64
N ILE D 251 15.37 0.26 6.97
CA ILE D 251 14.03 0.04 7.53
C ILE D 251 12.86 0.42 6.61
N PRO D 252 11.76 -0.37 6.59
CA PRO D 252 10.62 -0.01 5.73
C PRO D 252 9.77 1.15 6.26
N PHE D 253 8.79 1.58 5.47
CA PHE D 253 7.83 2.66 5.73
C PHE D 253 8.46 4.05 5.98
N PRO D 254 9.12 4.68 4.98
CA PRO D 254 9.69 6.02 5.23
C PRO D 254 8.67 7.15 5.11
N LEU D 255 9.01 8.32 5.66
CA LEU D 255 8.15 9.50 5.61
C LEU D 255 8.31 10.21 4.26
N ALA D 256 7.18 10.53 3.61
CA ALA D 256 7.16 11.21 2.31
C ALA D 256 6.02 12.23 2.22
N ASN D 257 6.29 13.39 1.59
CA ASN D 257 5.30 14.45 1.40
C ASN D 257 4.28 14.08 0.33
N VAL D 258 3.00 14.02 0.73
CA VAL D 258 1.87 13.67 -0.15
C VAL D 258 0.81 14.78 -0.22
N THR D 259 -0.37 14.46 -0.77
CA THR D 259 -1.49 15.40 -0.92
C THR D 259 -2.71 14.86 -0.17
N CYS D 260 -3.26 15.66 0.76
CA CYS D 260 -4.43 15.32 1.57
C CYS D 260 -5.69 15.98 0.99
N ARG D 261 -6.76 15.19 0.80
CA ARG D 261 -8.03 15.67 0.26
C ARG D 261 -8.97 16.06 1.40
N VAL D 262 -9.33 17.36 1.46
CA VAL D 262 -10.21 17.91 2.50
C VAL D 262 -11.55 18.41 1.92
N PRO D 263 -12.69 18.25 2.63
CA PRO D 263 -13.96 18.73 2.08
C PRO D 263 -14.19 20.23 2.30
N LYS D 264 -15.02 20.84 1.45
CA LYS D 264 -15.39 22.25 1.53
C LYS D 264 -16.78 22.35 2.15
N ALA D 265 -16.92 23.18 3.20
CA ALA D 265 -18.18 23.40 3.94
C ALA D 265 -19.23 24.04 3.03
N ARG D 266 -20.52 23.70 3.27
CA ARG D 266 -21.65 24.22 2.49
C ARG D 266 -21.80 25.74 2.58
N ASN D 267 -22.12 26.38 1.45
CA ASN D 267 -22.29 27.84 1.33
C ASN D 267 -23.38 28.38 2.26
N PRO D 268 -23.07 29.37 3.13
CA PRO D 268 -24.09 29.87 4.06
C PRO D 268 -25.10 30.82 3.40
N THR D 269 -26.25 31.02 4.07
CA THR D 269 -27.31 31.93 3.60
C THR D 269 -26.82 33.37 3.82
N VAL D 270 -26.48 34.05 2.72
CA VAL D 270 -25.95 35.41 2.74
C VAL D 270 -26.99 36.48 2.35
N THR D 271 -27.15 37.49 3.24
CA THR D 271 -28.06 38.62 3.06
C THR D 271 -27.29 39.92 3.29
N TYR D 272 -27.36 40.86 2.33
CA TYR D 272 -26.64 42.14 2.39
C TYR D 272 -27.47 43.26 3.02
N GLY D 273 -26.76 44.21 3.64
CA GLY D 273 -27.35 45.38 4.29
C GLY D 273 -26.48 46.62 4.15
N LYS D 274 -26.90 47.72 4.81
CA LYS D 274 -26.18 49.00 4.80
C LYS D 274 -24.82 48.88 5.50
N ASN D 275 -23.74 48.73 4.69
CA ASN D 275 -22.35 48.57 5.11
C ASN D 275 -22.09 47.35 6.03
N GLN D 276 -22.97 46.33 5.94
CA GLN D 276 -22.89 45.10 6.76
C GLN D 276 -23.30 43.85 6.00
N VAL D 277 -22.73 42.69 6.39
CA VAL D 277 -23.01 41.39 5.79
C VAL D 277 -23.50 40.38 6.87
N ILE D 278 -24.62 39.70 6.59
CA ILE D 278 -25.23 38.72 7.49
C ILE D 278 -25.08 37.31 6.93
N MET D 279 -24.53 36.38 7.73
CA MET D 279 -24.30 34.99 7.35
C MET D 279 -24.97 34.02 8.31
N LEU D 280 -25.75 33.06 7.75
CA LEU D 280 -26.43 32.02 8.52
C LEU D 280 -25.62 30.72 8.34
N LEU D 281 -24.69 30.48 9.28
CA LEU D 281 -23.79 29.33 9.25
C LEU D 281 -24.41 28.04 9.79
N TYR D 282 -24.42 26.99 8.96
CA TYR D 282 -24.95 25.67 9.28
C TYR D 282 -23.84 24.60 9.16
N PRO D 283 -22.99 24.44 10.20
CA PRO D 283 -21.88 23.45 10.09
C PRO D 283 -22.27 22.03 10.50
N ASP D 284 -21.78 21.05 9.72
CA ASP D 284 -22.00 19.62 9.98
C ASP D 284 -20.96 19.11 10.98
N HIS D 285 -19.75 19.71 10.93
CA HIS D 285 -18.59 19.41 11.77
C HIS D 285 -17.90 20.74 12.19
N PRO D 286 -17.01 20.78 13.22
CA PRO D 286 -16.36 22.06 13.59
C PRO D 286 -15.63 22.74 12.44
N THR D 287 -16.19 23.87 11.96
CA THR D 287 -15.69 24.66 10.84
C THR D 287 -15.14 26.02 11.32
N LEU D 288 -13.93 26.38 10.85
CA LEU D 288 -13.27 27.64 11.21
C LEU D 288 -13.69 28.81 10.33
N LEU D 289 -14.11 29.91 10.96
CA LEU D 289 -14.53 31.15 10.30
C LEU D 289 -13.53 32.25 10.63
N SER D 290 -12.94 32.85 9.58
CA SER D 290 -11.96 33.94 9.72
C SER D 290 -12.29 35.09 8.77
N TYR D 291 -12.06 36.33 9.23
CA TYR D 291 -12.32 37.53 8.44
C TYR D 291 -11.32 38.66 8.66
N ARG D 292 -11.02 39.41 7.58
CA ARG D 292 -10.08 40.53 7.58
C ARG D 292 -10.49 41.66 6.61
N ASN D 293 -10.07 42.89 6.91
CA ASN D 293 -10.32 44.06 6.07
C ASN D 293 -9.22 44.16 5.00
N MET D 294 -9.59 44.57 3.78
CA MET D 294 -8.67 44.70 2.66
C MET D 294 -8.08 46.12 2.52
N GLY D 295 -7.64 46.69 3.66
CA GLY D 295 -7.06 48.02 3.73
C GLY D 295 -5.80 48.10 4.57
N GLU D 296 -5.59 49.26 5.24
CA GLU D 296 -4.44 49.53 6.09
C GLU D 296 -4.48 48.70 7.38
N GLU D 297 -5.64 48.70 8.07
CA GLU D 297 -5.87 47.93 9.30
C GLU D 297 -6.67 46.65 8.97
N PRO D 298 -6.01 45.45 8.94
CA PRO D 298 -6.75 44.24 8.60
C PRO D 298 -7.69 43.74 9.71
N ASN D 299 -7.24 43.81 10.98
CA ASN D 299 -7.95 43.39 12.19
C ASN D 299 -8.51 41.96 12.06
N TYR D 300 -7.59 40.99 12.03
CA TYR D 300 -7.91 39.56 11.89
C TYR D 300 -8.65 39.02 13.12
N GLN D 301 -9.75 38.29 12.88
CA GLN D 301 -10.57 37.66 13.91
C GLN D 301 -10.88 36.22 13.50
N GLU D 302 -10.66 35.26 14.41
CA GLU D 302 -10.91 33.83 14.16
C GLU D 302 -11.80 33.20 15.22
N GLU D 303 -12.70 32.29 14.79
CA GLU D 303 -13.63 31.57 15.66
C GLU D 303 -14.07 30.23 15.07
N TRP D 304 -14.14 29.18 15.92
CA TRP D 304 -14.56 27.84 15.52
C TRP D 304 -16.08 27.71 15.66
N VAL D 305 -16.79 27.69 14.51
CA VAL D 305 -18.24 27.57 14.46
C VAL D 305 -18.63 26.09 14.52
N MET D 306 -19.50 25.72 15.48
CA MET D 306 -19.94 24.34 15.68
C MET D 306 -21.46 24.18 15.59
N HIS D 307 -22.22 25.17 16.11
CA HIS D 307 -23.69 25.16 16.10
C HIS D 307 -24.26 26.17 15.08
N LYS D 308 -25.61 26.25 14.98
CA LYS D 308 -26.33 27.18 14.10
C LYS D 308 -26.04 28.60 14.58
N LYS D 309 -25.37 29.41 13.74
CA LYS D 309 -24.98 30.77 14.14
C LYS D 309 -25.25 31.83 13.07
N GLU D 310 -25.63 33.03 13.53
CA GLU D 310 -25.89 34.21 12.70
C GLU D 310 -24.81 35.24 13.01
N VAL D 311 -24.02 35.63 12.00
CA VAL D 311 -22.92 36.59 12.18
C VAL D 311 -23.10 37.86 11.34
N VAL D 312 -23.01 39.03 12.00
CA VAL D 312 -23.13 40.35 11.37
C VAL D 312 -21.73 40.97 11.32
N LEU D 313 -21.19 41.17 10.10
CA LEU D 313 -19.85 41.72 9.89
C LEU D 313 -19.91 43.03 9.10
N THR D 314 -19.25 44.09 9.61
CA THR D 314 -19.20 45.40 8.98
C THR D 314 -18.25 45.39 7.78
N VAL D 315 -18.72 45.89 6.62
CA VAL D 315 -17.94 45.96 5.38
C VAL D 315 -17.43 47.39 5.13
N PRO D 316 -16.11 47.66 5.23
CA PRO D 316 -15.61 49.03 4.97
C PRO D 316 -15.40 49.30 3.48
N THR D 317 -15.08 50.56 3.12
CA THR D 317 -14.84 51.02 1.73
C THR D 317 -13.74 50.22 1.00
N GLU D 318 -12.69 49.82 1.74
CA GLU D 318 -11.56 49.03 1.23
C GLU D 318 -11.94 47.59 0.84
N GLY D 319 -12.91 47.03 1.58
CA GLY D 319 -13.41 45.67 1.36
C GLY D 319 -13.20 44.74 2.54
N LEU D 320 -14.01 43.66 2.59
CA LEU D 320 -13.95 42.64 3.64
C LEU D 320 -13.81 41.24 3.03
N GLU D 321 -12.77 40.50 3.44
CA GLU D 321 -12.49 39.14 2.98
C GLU D 321 -12.86 38.15 4.08
N VAL D 322 -13.79 37.22 3.78
CA VAL D 322 -14.28 36.21 4.73
C VAL D 322 -13.95 34.80 4.23
N THR D 323 -13.28 33.99 5.07
CA THR D 323 -12.91 32.61 4.75
C THR D 323 -13.73 31.66 5.65
N TRP D 324 -14.58 30.84 5.01
CA TRP D 324 -15.44 29.87 5.71
C TRP D 324 -14.97 28.45 5.43
N GLY D 325 -14.15 27.92 6.35
CA GLY D 325 -13.57 26.59 6.27
C GLY D 325 -12.54 26.45 5.16
N ASN D 326 -12.62 25.34 4.40
CA ASN D 326 -11.71 25.04 3.30
C ASN D 326 -12.12 25.69 1.96
N ASN D 327 -13.23 26.45 1.96
CA ASN D 327 -13.73 27.18 0.78
C ASN D 327 -12.82 28.36 0.46
N GLU D 328 -12.80 28.78 -0.82
CA GLU D 328 -12.01 29.92 -1.29
C GLU D 328 -12.52 31.22 -0.64
N PRO D 329 -11.64 32.17 -0.27
CA PRO D 329 -12.11 33.39 0.42
C PRO D 329 -13.13 34.25 -0.33
N TYR D 330 -14.28 34.52 0.33
CA TYR D 330 -15.35 35.35 -0.21
C TYR D 330 -14.97 36.81 0.01
N LYS D 331 -15.00 37.62 -1.06
CA LYS D 331 -14.67 39.04 -0.99
C LYS D 331 -15.91 39.90 -1.16
N TYR D 332 -16.08 40.90 -0.26
CA TYR D 332 -17.23 41.81 -0.26
C TYR D 332 -16.85 43.28 -0.29
N TRP D 333 -17.52 44.06 -1.15
CA TRP D 333 -17.31 45.49 -1.33
C TRP D 333 -18.66 46.24 -1.27
N PRO D 334 -18.76 47.41 -0.60
CA PRO D 334 -20.05 48.12 -0.57
C PRO D 334 -20.32 48.93 -1.83
N GLN D 335 -21.60 49.08 -2.20
CA GLN D 335 -22.03 49.85 -3.38
C GLN D 335 -21.92 51.36 -3.12
N LEU D 336 -21.51 52.12 -4.15
CA LEU D 336 -21.32 53.56 -4.10
C LEU D 336 -22.64 54.33 -3.99
N TYR E 1 24.68 31.44 79.46
CA TYR E 1 24.16 32.74 79.04
C TYR E 1 22.91 32.58 78.17
N GLU E 2 21.78 33.15 78.63
CA GLU E 2 20.50 33.09 77.94
C GLU E 2 20.42 34.17 76.85
N HIS E 3 20.18 33.74 75.60
CA HIS E 3 20.05 34.62 74.45
C HIS E 3 18.64 34.52 73.86
N VAL E 4 17.86 35.61 73.99
CA VAL E 4 16.49 35.71 73.49
C VAL E 4 16.51 36.46 72.14
N THR E 5 15.83 35.89 71.13
CA THR E 5 15.75 36.45 69.78
C THR E 5 14.39 36.18 69.13
N VAL E 6 13.95 37.07 68.24
CA VAL E 6 12.67 36.94 67.52
C VAL E 6 12.94 36.89 66.02
N ILE E 7 12.51 35.80 65.35
CA ILE E 7 12.68 35.61 63.91
C ILE E 7 11.30 35.46 63.22
N PRO E 8 11.12 35.92 61.95
CA PRO E 8 9.80 35.77 61.30
C PRO E 8 9.48 34.31 60.99
N ASN E 9 8.17 33.98 60.97
CA ASN E 9 7.68 32.63 60.70
C ASN E 9 7.79 32.31 59.19
N THR E 10 9.03 32.30 58.66
CA THR E 10 9.33 32.03 57.25
C THR E 10 10.34 30.90 57.12
N VAL E 11 9.88 29.80 56.51
CA VAL E 11 10.66 28.57 56.28
C VAL E 11 11.56 28.74 55.04
N GLY E 12 12.84 28.37 55.19
CA GLY E 12 13.82 28.41 54.12
C GLY E 12 14.75 29.61 54.09
N VAL E 13 14.52 30.59 54.98
CA VAL E 13 15.33 31.81 55.04
C VAL E 13 16.29 31.75 56.25
N PRO E 14 17.63 31.86 56.05
CA PRO E 14 18.54 31.84 57.20
C PRO E 14 18.67 33.21 57.86
N TYR E 15 18.57 33.25 59.20
CA TYR E 15 18.67 34.48 59.99
C TYR E 15 19.86 34.41 60.94
N LYS E 16 20.69 35.48 60.95
CA LYS E 16 21.87 35.55 61.80
C LYS E 16 21.68 36.49 62.99
N THR E 17 22.09 36.03 64.18
CA THR E 17 21.99 36.78 65.44
C THR E 17 23.35 36.96 66.11
N LEU E 18 23.60 38.15 66.66
CA LEU E 18 24.85 38.46 67.35
C LEU E 18 24.68 38.28 68.86
N VAL E 19 25.44 37.33 69.43
CA VAL E 19 25.43 37.01 70.86
C VAL E 19 26.59 37.75 71.50
N ASN E 20 26.28 38.79 72.29
CA ASN E 20 27.29 39.61 72.96
C ASN E 20 27.17 39.55 74.49
N ARG E 21 27.94 38.62 75.08
CA ARG E 21 28.00 38.44 76.54
C ARG E 21 29.08 39.42 77.04
N PRO E 22 28.71 40.42 77.90
CA PRO E 22 29.71 41.39 78.37
C PRO E 22 30.96 40.76 78.99
N GLY E 23 32.12 41.19 78.50
CA GLY E 23 33.42 40.68 78.93
C GLY E 23 33.95 39.53 78.11
N TYR E 24 33.10 38.96 77.23
CA TYR E 24 33.41 37.83 76.35
C TYR E 24 33.25 38.19 74.88
N SER E 25 34.11 37.61 74.02
CA SER E 25 34.15 37.81 72.57
C SER E 25 32.80 37.48 71.90
N PRO E 26 32.31 38.34 70.95
CA PRO E 26 31.02 38.07 70.30
C PRO E 26 30.93 36.74 69.56
N MET E 27 29.70 36.21 69.46
CA MET E 27 29.37 34.94 68.82
C MET E 27 28.21 35.15 67.84
N VAL E 28 28.31 34.56 66.63
CA VAL E 28 27.28 34.67 65.59
C VAL E 28 26.63 33.31 65.34
N LEU E 29 25.30 33.25 65.50
CA LEU E 29 24.50 32.03 65.30
C LEU E 29 23.57 32.17 64.10
N GLU E 30 23.61 31.17 63.20
CA GLU E 30 22.76 31.13 62.01
C GLU E 30 21.59 30.18 62.27
N MET E 31 20.35 30.70 62.19
CA MET E 31 19.14 29.94 62.43
C MET E 31 18.26 29.89 61.18
N GLU E 32 17.72 28.71 60.86
CA GLU E 32 16.86 28.52 59.71
C GLU E 32 15.70 27.58 60.05
N LEU E 33 14.47 28.00 59.72
CA LEU E 33 13.27 27.21 59.95
C LEU E 33 13.13 26.19 58.82
N LEU E 34 13.10 24.89 59.17
CA LEU E 34 12.99 23.80 58.22
C LEU E 34 11.53 23.41 57.99
N SER E 35 10.71 23.50 59.07
CA SER E 35 9.27 23.23 59.05
C SER E 35 8.55 23.83 60.25
N VAL E 36 7.32 24.32 60.05
CA VAL E 36 6.45 24.88 61.08
C VAL E 36 5.12 24.12 60.95
N THR E 37 4.87 23.18 61.88
CA THR E 37 3.69 22.31 61.86
C THR E 37 2.64 22.70 62.90
N LEU E 38 1.39 22.91 62.44
CA LEU E 38 0.23 23.23 63.27
C LEU E 38 -0.76 22.07 63.18
N GLU E 39 -0.77 21.20 64.22
CA GLU E 39 -1.63 20.02 64.27
C GLU E 39 -2.88 20.26 65.14
N PRO E 40 -4.10 20.29 64.54
CA PRO E 40 -5.30 20.51 65.35
C PRO E 40 -5.80 19.25 66.05
N THR E 41 -6.39 19.42 67.26
CA THR E 41 -6.98 18.33 68.04
C THR E 41 -8.33 17.99 67.42
N LEU E 42 -8.44 16.78 66.85
CA LEU E 42 -9.63 16.33 66.13
C LEU E 42 -10.53 15.40 66.95
N SER E 43 -11.83 15.42 66.62
CA SER E 43 -12.85 14.56 67.19
C SER E 43 -13.76 14.12 66.04
N LEU E 44 -13.70 12.83 65.69
CA LEU E 44 -14.48 12.26 64.61
C LEU E 44 -15.97 12.22 64.94
N ASP E 45 -16.78 12.89 64.14
CA ASP E 45 -18.24 12.92 64.29
C ASP E 45 -18.81 11.66 63.66
N TYR E 46 -18.51 11.44 62.36
CA TYR E 46 -18.93 10.30 61.55
C TYR E 46 -18.09 10.19 60.27
N ILE E 47 -18.35 9.16 59.46
CA ILE E 47 -17.73 8.92 58.15
C ILE E 47 -18.80 8.66 57.10
N THR E 48 -18.60 9.19 55.89
CA THR E 48 -19.53 8.98 54.79
C THR E 48 -18.85 8.28 53.61
N CYS E 49 -19.61 7.43 52.89
CA CYS E 49 -19.13 6.64 51.77
C CYS E 49 -20.28 6.34 50.79
N GLU E 50 -20.06 5.43 49.83
CA GLU E 50 -21.07 5.00 48.87
C GLU E 50 -22.01 4.03 49.59
N TYR E 51 -23.32 4.10 49.31
CA TYR E 51 -24.29 3.21 49.94
C TYR E 51 -24.60 2.01 49.07
N LYS E 52 -25.11 0.93 49.68
CA LYS E 52 -25.50 -0.28 48.97
C LYS E 52 -26.98 -0.57 49.23
N THR E 53 -27.79 -0.55 48.14
CA THR E 53 -29.22 -0.81 48.20
C THR E 53 -29.41 -2.33 48.08
N VAL E 54 -29.47 -3.02 49.23
CA VAL E 54 -29.62 -4.48 49.31
C VAL E 54 -31.06 -4.85 48.98
N ILE E 55 -31.27 -5.47 47.80
CA ILE E 55 -32.58 -5.92 47.32
C ILE E 55 -32.62 -7.44 47.09
N PRO E 56 -33.35 -8.23 47.91
CA PRO E 56 -33.39 -9.68 47.69
C PRO E 56 -34.37 -10.09 46.58
N SER E 57 -34.54 -11.41 46.37
CA SER E 57 -35.46 -11.95 45.37
C SER E 57 -36.91 -11.62 45.75
N PRO E 58 -37.73 -11.06 44.83
CA PRO E 58 -39.12 -10.72 45.20
C PRO E 58 -40.01 -11.93 45.43
N TYR E 59 -40.79 -11.90 46.53
CA TYR E 59 -41.69 -12.99 46.87
C TYR E 59 -42.98 -12.90 46.05
N VAL E 60 -43.06 -13.70 44.99
CA VAL E 60 -44.22 -13.75 44.09
C VAL E 60 -45.18 -14.83 44.61
N LYS E 61 -46.30 -14.39 45.18
CA LYS E 61 -47.31 -15.31 45.71
C LYS E 61 -48.38 -15.59 44.66
N CYS E 62 -48.36 -16.82 44.11
CA CYS E 62 -49.33 -17.24 43.10
C CYS E 62 -50.60 -17.71 43.80
N CYS E 63 -51.76 -17.19 43.34
CA CYS E 63 -53.11 -17.47 43.86
C CYS E 63 -53.22 -17.18 45.37
N GLY E 64 -52.81 -15.98 45.76
CA GLY E 64 -52.84 -15.53 47.16
C GLY E 64 -52.28 -14.15 47.41
N THR E 65 -52.29 -13.73 48.69
CA THR E 65 -51.82 -12.43 49.15
C THR E 65 -50.61 -12.54 50.10
N ALA E 66 -49.60 -11.69 49.87
CA ALA E 66 -48.39 -11.59 50.69
C ALA E 66 -48.53 -10.35 51.58
N GLU E 67 -47.94 -10.39 52.80
CA GLU E 67 -48.02 -9.27 53.74
C GLU E 67 -46.67 -8.72 54.17
N CYS E 68 -46.54 -7.38 54.21
CA CYS E 68 -45.32 -6.68 54.60
C CYS E 68 -45.09 -6.76 56.10
N LYS E 69 -43.85 -7.10 56.48
CA LYS E 69 -43.41 -7.18 57.88
C LYS E 69 -42.51 -5.98 58.16
N ASP E 70 -42.87 -5.18 59.18
CA ASP E 70 -42.11 -3.99 59.58
C ASP E 70 -40.78 -4.41 60.20
N LYS E 71 -39.67 -4.17 59.46
CA LYS E 71 -38.32 -4.54 59.87
C LYS E 71 -37.51 -3.33 60.31
N ASN E 72 -36.68 -3.51 61.35
CA ASN E 72 -35.82 -2.46 61.89
C ASN E 72 -34.47 -2.45 61.13
N LEU E 73 -34.48 -1.85 59.93
CA LEU E 73 -33.31 -1.75 59.05
C LEU E 73 -33.20 -0.33 58.45
N PRO E 74 -31.98 0.19 58.20
CA PRO E 74 -31.86 1.55 57.65
C PRO E 74 -32.51 1.71 56.27
N ASP E 75 -33.46 2.67 56.18
CA ASP E 75 -34.25 3.00 54.99
C ASP E 75 -35.07 1.82 54.46
N TYR E 76 -35.60 0.98 55.38
CA TYR E 76 -36.41 -0.19 55.02
C TYR E 76 -37.70 0.23 54.33
N SER E 77 -37.92 -0.32 53.13
CA SER E 77 -39.08 -0.05 52.31
C SER E 77 -39.73 -1.37 51.89
N CYS E 78 -41.06 -1.44 51.99
CA CYS E 78 -41.84 -2.63 51.66
C CYS E 78 -43.14 -2.26 50.95
N LYS E 79 -43.54 -3.05 49.94
CA LYS E 79 -44.77 -2.86 49.17
C LYS E 79 -45.25 -4.15 48.52
N VAL E 80 -46.57 -4.37 48.51
CA VAL E 80 -47.22 -5.54 47.92
C VAL E 80 -48.08 -5.08 46.72
N PHE E 81 -47.81 -5.64 45.53
CA PHE E 81 -48.52 -5.29 44.31
C PHE E 81 -49.52 -6.36 43.89
N THR E 82 -50.81 -5.98 43.81
CA THR E 82 -51.92 -6.87 43.44
C THR E 82 -52.14 -6.93 41.93
N GLY E 83 -52.66 -8.06 41.46
CA GLY E 83 -52.96 -8.31 40.06
C GLY E 83 -51.76 -8.41 39.15
N VAL E 84 -50.74 -9.15 39.60
CA VAL E 84 -49.49 -9.36 38.83
C VAL E 84 -49.48 -10.72 38.13
N TYR E 85 -49.08 -10.72 36.86
CA TYR E 85 -49.04 -11.95 36.07
C TYR E 85 -47.94 -11.89 35.02
N PRO E 86 -46.69 -11.99 35.47
CA PRO E 86 -45.53 -11.95 34.57
C PRO E 86 -45.04 -13.35 34.22
N PHE E 87 -44.08 -13.43 33.30
CA PHE E 87 -43.53 -14.71 32.88
C PHE E 87 -42.02 -14.75 33.08
N MET E 88 -41.33 -15.55 32.25
CA MET E 88 -39.89 -15.68 32.34
C MET E 88 -39.32 -16.29 31.07
N TRP E 89 -37.99 -16.41 31.02
CA TRP E 89 -37.32 -17.00 29.87
C TRP E 89 -38.02 -18.27 29.40
N GLY E 90 -38.47 -19.07 30.35
CA GLY E 90 -39.15 -20.31 30.04
C GLY E 90 -40.63 -20.12 29.78
N GLY E 91 -41.25 -19.24 30.57
CA GLY E 91 -42.67 -18.96 30.44
C GLY E 91 -43.24 -18.26 31.65
N ALA E 92 -44.50 -18.55 31.95
CA ALA E 92 -45.16 -17.94 33.10
C ALA E 92 -44.56 -18.42 34.42
N TYR E 93 -45.35 -18.38 35.48
CA TYR E 93 -44.90 -18.81 36.79
C TYR E 93 -46.06 -18.88 37.78
N CYS E 94 -47.24 -18.47 37.33
CA CYS E 94 -48.43 -18.48 38.18
C CYS E 94 -49.61 -19.16 37.47
N PHE E 95 -50.57 -19.61 38.25
CA PHE E 95 -51.76 -20.27 37.71
C PHE E 95 -52.91 -19.28 37.50
N CYS E 96 -53.22 -18.47 38.53
CA CYS E 96 -54.29 -17.47 38.53
C CYS E 96 -53.98 -16.29 37.59
N ASP E 97 -55.04 -15.61 37.11
CA ASP E 97 -54.92 -14.48 36.18
C ASP E 97 -54.77 -13.12 36.88
N ALA E 98 -55.53 -12.89 37.96
CA ALA E 98 -55.52 -11.62 38.70
C ALA E 98 -55.40 -11.78 40.22
N GLU E 99 -55.42 -13.03 40.73
CA GLU E 99 -55.35 -13.34 42.16
C GLU E 99 -53.91 -13.54 42.69
N ASN E 100 -52.90 -12.98 41.99
CA ASN E 100 -51.49 -13.10 42.39
C ASN E 100 -50.94 -11.79 42.95
N THR E 101 -49.98 -11.89 43.90
CA THR E 101 -49.33 -10.74 44.55
C THR E 101 -47.80 -10.86 44.50
N GLN E 102 -47.09 -9.71 44.65
CA GLN E 102 -45.64 -9.67 44.67
C GLN E 102 -45.15 -8.75 45.80
N LEU E 103 -44.36 -9.32 46.73
CA LEU E 103 -43.79 -8.60 47.87
C LEU E 103 -42.41 -8.06 47.48
N SER E 104 -42.28 -6.73 47.45
CA SER E 104 -41.02 -6.05 47.10
C SER E 104 -40.45 -5.35 48.34
N GLU E 105 -39.42 -5.96 48.95
CA GLU E 105 -38.75 -5.44 50.14
C GLU E 105 -37.32 -4.95 49.82
N ALA E 106 -36.89 -3.87 50.49
CA ALA E 106 -35.57 -3.25 50.29
C ALA E 106 -35.07 -2.51 51.53
N HIS E 107 -33.73 -2.36 51.66
CA HIS E 107 -33.06 -1.63 52.73
C HIS E 107 -31.67 -1.13 52.29
N VAL E 108 -31.16 -0.06 52.93
CA VAL E 108 -29.88 0.57 52.63
C VAL E 108 -28.80 0.16 53.65
N GLU E 109 -27.64 -0.28 53.13
CA GLU E 109 -26.48 -0.70 53.91
C GLU E 109 -25.21 0.02 53.44
N LYS E 110 -24.13 -0.09 54.21
CA LYS E 110 -22.82 0.46 53.87
C LYS E 110 -22.20 -0.45 52.80
N SER E 111 -21.67 0.13 51.72
CA SER E 111 -21.04 -0.64 50.65
C SER E 111 -19.72 -1.26 51.12
N GLU E 112 -19.26 -2.31 50.42
CA GLU E 112 -18.01 -3.03 50.74
C GLU E 112 -16.78 -2.09 50.64
N SER E 113 -16.90 -1.04 49.81
CA SER E 113 -15.88 -0.01 49.57
C SER E 113 -15.64 0.94 50.75
N CYS E 114 -16.61 1.08 51.66
CA CYS E 114 -16.55 1.97 52.83
C CYS E 114 -15.28 1.86 53.69
N LYS E 115 -14.62 0.68 53.67
CA LYS E 115 -13.37 0.42 54.40
C LYS E 115 -12.20 1.12 53.70
N THR E 116 -12.27 1.26 52.36
CA THR E 116 -11.26 1.87 51.50
C THR E 116 -11.66 3.30 51.07
N GLU E 117 -12.77 3.43 50.31
CA GLU E 117 -13.29 4.71 49.80
C GLU E 117 -14.28 5.35 50.79
N PHE E 118 -13.80 6.34 51.56
CA PHE E 118 -14.60 7.05 52.56
C PHE E 118 -14.06 8.45 52.86
N ALA E 119 -14.95 9.36 53.32
CA ALA E 119 -14.63 10.72 53.72
C ALA E 119 -14.97 10.88 55.20
N SER E 120 -14.01 11.40 55.99
CA SER E 120 -14.17 11.57 57.44
C SER E 120 -14.59 12.98 57.84
N ALA E 121 -15.63 13.08 58.69
CA ALA E 121 -16.15 14.35 59.20
C ALA E 121 -15.62 14.62 60.61
N TYR E 122 -14.62 15.52 60.70
CA TYR E 122 -13.95 15.90 61.95
C TYR E 122 -14.41 17.24 62.51
N ARG E 123 -14.23 17.43 63.83
CA ARG E 123 -14.55 18.65 64.54
C ARG E 123 -13.25 19.16 65.19
N ALA E 124 -12.61 20.16 64.57
CA ALA E 124 -11.34 20.72 65.04
C ALA E 124 -11.55 21.66 66.23
N HIS E 125 -10.83 21.40 67.34
CA HIS E 125 -10.91 22.20 68.56
C HIS E 125 -9.76 23.20 68.65
N THR E 126 -8.64 22.81 69.27
CA THR E 126 -7.44 23.63 69.42
C THR E 126 -6.24 23.00 68.69
N ALA E 127 -5.21 23.81 68.38
CA ALA E 127 -4.03 23.33 67.66
C ALA E 127 -2.73 23.47 68.45
N SER E 128 -1.83 22.48 68.31
CA SER E 128 -0.53 22.46 68.97
C SER E 128 0.58 22.66 67.93
N ALA E 129 1.36 23.75 68.09
CA ALA E 129 2.44 24.10 67.18
C ALA E 129 3.76 23.41 67.55
N SER E 130 4.53 23.01 66.52
CA SER E 130 5.83 22.35 66.64
C SER E 130 6.71 22.74 65.44
N ALA E 131 8.00 23.01 65.69
CA ALA E 131 8.92 23.43 64.63
C ALA E 131 10.27 22.71 64.59
N LYS E 132 10.82 22.56 63.37
CA LYS E 132 12.12 21.97 63.08
C LYS E 132 13.06 23.13 62.71
N LEU E 133 14.09 23.38 63.54
CA LEU E 133 15.03 24.48 63.36
C LEU E 133 16.49 24.02 63.23
N ARG E 134 17.19 24.56 62.22
CA ARG E 134 18.61 24.29 61.94
C ARG E 134 19.44 25.42 62.56
N VAL E 135 20.46 25.06 63.36
CA VAL E 135 21.34 26.02 64.03
C VAL E 135 22.82 25.74 63.72
N LEU E 136 23.56 26.74 63.23
CA LEU E 136 25.00 26.63 62.98
C LEU E 136 25.72 27.04 64.27
N TYR E 137 25.83 26.08 65.20
CA TYR E 137 26.45 26.25 66.50
C TYR E 137 27.84 25.62 66.52
N GLN E 138 28.88 26.45 66.75
CA GLN E 138 30.30 26.08 66.79
C GLN E 138 30.80 25.42 65.49
N GLY E 139 30.43 26.02 64.36
CA GLY E 139 30.80 25.56 63.02
C GLY E 139 30.19 24.23 62.58
N ASN E 140 29.06 23.85 63.19
CA ASN E 140 28.35 22.60 62.89
C ASN E 140 26.84 22.78 62.95
N ASN E 141 26.13 22.26 61.92
CA ASN E 141 24.68 22.33 61.81
C ASN E 141 24.01 21.33 62.77
N ILE E 142 23.13 21.82 63.65
CA ILE E 142 22.38 21.01 64.61
C ILE E 142 20.87 21.10 64.37
N THR E 143 20.17 19.96 64.50
CA THR E 143 18.72 19.89 64.29
C THR E 143 17.97 19.93 65.62
N VAL E 144 17.02 20.87 65.75
CA VAL E 144 16.20 21.06 66.95
C VAL E 144 14.72 20.94 66.57
N THR E 145 14.02 19.97 67.19
CA THR E 145 12.59 19.73 66.97
C THR E 145 11.88 19.82 68.33
N ALA E 146 11.02 20.85 68.50
CA ALA E 146 10.30 21.12 69.73
C ALA E 146 8.96 21.84 69.50
N TYR E 147 8.05 21.78 70.49
CA TYR E 147 6.75 22.45 70.46
C TYR E 147 6.93 23.97 70.61
N ALA E 148 6.24 24.74 69.76
CA ALA E 148 6.32 26.22 69.77
C ALA E 148 5.37 26.86 70.79
N ASN E 149 5.40 26.39 72.05
CA ASN E 149 4.58 26.88 73.16
C ASN E 149 5.35 27.79 74.13
N GLY E 150 6.68 27.74 74.06
CA GLY E 150 7.57 28.52 74.92
C GLY E 150 7.75 27.90 76.30
N ASP E 151 7.63 26.56 76.38
CA ASP E 151 7.77 25.79 77.61
C ASP E 151 8.61 24.53 77.41
N HIS E 152 8.40 23.82 76.27
CA HIS E 152 9.11 22.59 75.93
C HIS E 152 10.58 22.88 75.56
N ALA E 153 11.50 22.54 76.48
CA ALA E 153 12.95 22.75 76.32
C ALA E 153 13.66 21.50 75.79
N VAL E 154 14.54 21.70 74.79
CA VAL E 154 15.34 20.64 74.17
C VAL E 154 16.83 21.01 74.24
N THR E 155 17.65 20.10 74.82
CA THR E 155 19.09 20.31 74.97
C THR E 155 19.88 19.59 73.88
N VAL E 156 20.58 20.36 73.03
CA VAL E 156 21.43 19.87 71.94
C VAL E 156 22.81 20.52 72.13
N LYS E 157 23.87 19.68 72.27
CA LYS E 157 25.27 20.08 72.49
C LYS E 157 25.42 20.99 73.73
N ASP E 158 24.78 20.58 74.85
CA ASP E 158 24.75 21.26 76.15
C ASP E 158 24.10 22.67 76.14
N ALA E 159 23.30 22.96 75.10
CA ALA E 159 22.59 24.24 74.94
C ALA E 159 21.08 24.03 74.97
N LYS E 160 20.40 24.70 75.91
CA LYS E 160 18.95 24.61 76.08
C LYS E 160 18.23 25.51 75.09
N PHE E 161 17.31 24.91 74.30
CA PHE E 161 16.52 25.59 73.28
C PHE E 161 15.04 25.66 73.64
N ILE E 162 14.47 26.88 73.65
CA ILE E 162 13.05 27.11 73.92
C ILE E 162 12.46 27.85 72.71
N VAL E 163 11.52 27.19 72.02
CA VAL E 163 10.85 27.68 70.82
C VAL E 163 9.43 28.16 71.15
N GLY E 164 9.08 29.35 70.66
CA GLY E 164 7.76 29.95 70.86
C GLY E 164 7.64 30.81 72.10
N PRO E 165 6.41 31.21 72.52
CA PRO E 165 5.10 30.91 71.92
C PRO E 165 4.81 31.70 70.65
N MET E 166 4.04 31.08 69.72
CA MET E 166 3.63 31.64 68.42
C MET E 166 2.95 33.01 68.57
N SER E 167 3.31 33.95 67.67
CA SER E 167 2.77 35.31 67.63
C SER E 167 1.28 35.30 67.28
N SER E 168 0.89 34.46 66.29
CA SER E 168 -0.49 34.34 65.83
C SER E 168 -1.06 32.95 66.16
N ALA E 169 -2.29 32.92 66.69
CA ALA E 169 -3.01 31.70 67.04
C ALA E 169 -3.87 31.21 65.86
N TRP E 170 -3.73 31.86 64.69
CA TRP E 170 -4.45 31.58 63.45
C TRP E 170 -4.14 30.18 62.89
N THR E 171 -5.19 29.52 62.38
CA THR E 171 -5.16 28.19 61.74
C THR E 171 -6.01 28.25 60.45
N PRO E 172 -5.61 27.57 59.36
CA PRO E 172 -6.44 27.61 58.13
C PRO E 172 -7.73 26.79 58.24
N PHE E 173 -7.82 25.90 59.26
CA PHE E 173 -8.97 25.04 59.51
C PHE E 173 -10.03 25.76 60.35
N ASP E 174 -11.32 25.44 60.08
CA ASP E 174 -12.47 25.97 60.82
C ASP E 174 -12.80 25.00 61.97
N ASN E 175 -13.96 25.19 62.64
CA ASN E 175 -14.39 24.33 63.73
C ASN E 175 -14.95 22.98 63.24
N LYS E 176 -15.25 22.89 61.93
CA LYS E 176 -15.76 21.69 61.26
C LYS E 176 -14.98 21.45 59.95
N ILE E 177 -14.32 20.27 59.84
CA ILE E 177 -13.53 19.90 58.65
C ILE E 177 -13.89 18.53 58.07
N VAL E 178 -13.59 18.31 56.77
CA VAL E 178 -13.84 17.05 56.05
C VAL E 178 -12.54 16.56 55.39
N VAL E 179 -12.13 15.31 55.67
CA VAL E 179 -10.88 14.73 55.15
C VAL E 179 -11.14 13.53 54.22
N TYR E 180 -10.66 13.62 52.97
CA TYR E 180 -10.73 12.57 51.96
C TYR E 180 -9.32 12.29 51.45
N LYS E 181 -8.78 11.10 51.77
CA LYS E 181 -7.43 10.63 51.42
C LYS E 181 -6.33 11.63 51.83
N GLY E 182 -5.94 12.52 50.92
CA GLY E 182 -4.91 13.53 51.17
C GLY E 182 -5.38 14.96 51.01
N ASP E 183 -6.71 15.17 50.99
CA ASP E 183 -7.32 16.49 50.83
C ASP E 183 -8.24 16.84 52.01
N VAL E 184 -8.06 18.05 52.56
CA VAL E 184 -8.84 18.58 53.69
C VAL E 184 -9.69 19.76 53.21
N TYR E 185 -11.00 19.72 53.52
CA TYR E 185 -11.97 20.74 53.13
C TYR E 185 -12.64 21.38 54.34
N ASN E 186 -12.75 22.72 54.34
CA ASN E 186 -13.43 23.47 55.39
C ASN E 186 -14.93 23.44 55.07
N MET E 187 -15.62 22.38 55.54
CA MET E 187 -17.04 22.15 55.26
C MET E 187 -17.93 22.25 56.49
N ASP E 188 -19.14 22.79 56.30
CA ASP E 188 -20.18 22.90 57.33
C ASP E 188 -21.16 21.74 57.10
N TYR E 189 -20.64 20.50 57.26
CA TYR E 189 -21.35 19.24 57.06
C TYR E 189 -22.60 19.07 57.96
N PRO E 190 -23.63 18.29 57.51
CA PRO E 190 -24.82 18.12 58.36
C PRO E 190 -24.54 17.28 59.61
N PRO E 191 -25.19 17.56 60.78
CA PRO E 191 -24.92 16.77 61.99
C PRO E 191 -25.34 15.30 61.87
N PHE E 192 -24.82 14.46 62.80
CA PHE E 192 -25.11 13.02 62.85
C PHE E 192 -26.59 12.74 63.07
N GLY E 193 -27.20 12.06 62.10
CA GLY E 193 -28.61 11.70 62.09
C GLY E 193 -29.51 12.78 61.51
N ALA E 194 -28.93 13.68 60.69
CA ALA E 194 -29.65 14.78 60.06
C ALA E 194 -29.26 14.99 58.58
N GLY E 195 -28.75 13.93 57.94
CA GLY E 195 -28.35 13.95 56.54
C GLY E 195 -29.53 13.93 55.59
N ARG E 196 -29.38 14.58 54.42
CA ARG E 196 -30.42 14.70 53.40
C ARG E 196 -30.11 13.83 52.16
N PRO E 197 -31.14 13.31 51.42
CA PRO E 197 -30.86 12.47 50.24
C PRO E 197 -30.20 13.23 49.09
N GLY E 198 -29.24 12.57 48.44
CA GLY E 198 -28.49 13.12 47.31
C GLY E 198 -27.36 14.05 47.69
N GLN E 199 -27.29 14.46 48.97
CA GLN E 199 -26.28 15.38 49.50
C GLN E 199 -25.23 14.63 50.33
N PHE E 200 -24.13 15.34 50.67
CA PHE E 200 -23.02 14.83 51.49
C PHE E 200 -23.58 14.52 52.89
N GLY E 201 -23.64 13.24 53.23
CA GLY E 201 -24.15 12.78 54.51
C GLY E 201 -25.46 12.02 54.42
N ASP E 202 -25.84 11.57 53.20
CA ASP E 202 -27.06 10.78 52.95
C ASP E 202 -26.99 9.42 53.66
N ILE E 203 -25.77 8.92 53.90
CA ILE E 203 -25.42 7.71 54.62
C ILE E 203 -24.34 8.09 55.66
N GLN E 204 -24.66 7.93 56.95
CA GLN E 204 -23.76 8.28 58.05
C GLN E 204 -23.46 7.10 58.95
N SER E 205 -22.16 6.82 59.16
CA SER E 205 -21.66 5.74 60.02
C SER E 205 -20.54 6.26 60.91
N ARG E 206 -20.41 5.71 62.13
CA ARG E 206 -19.41 6.12 63.11
C ARG E 206 -17.97 5.87 62.66
N THR E 207 -17.66 4.65 62.18
CA THR E 207 -16.33 4.24 61.70
C THR E 207 -16.46 3.38 60.42
N PRO E 208 -15.42 3.24 59.56
CA PRO E 208 -15.56 2.38 58.36
C PRO E 208 -15.86 0.91 58.63
N GLU E 209 -15.69 0.46 59.89
CA GLU E 209 -15.95 -0.93 60.32
C GLU E 209 -17.18 -1.04 61.25
N SER E 210 -17.88 0.10 61.51
CA SER E 210 -19.07 0.18 62.38
C SER E 210 -20.22 -0.72 61.94
N LYS E 211 -21.03 -1.17 62.92
CA LYS E 211 -22.18 -2.05 62.72
C LYS E 211 -23.45 -1.30 62.32
N ASP E 212 -23.89 -0.31 63.14
CA ASP E 212 -25.10 0.47 62.89
C ASP E 212 -24.84 1.69 62.00
N VAL E 213 -25.75 1.94 61.05
CA VAL E 213 -25.67 3.04 60.09
C VAL E 213 -26.96 3.88 60.00
N TYR E 214 -26.81 5.17 59.62
CA TYR E 214 -27.92 6.11 59.41
C TYR E 214 -28.10 6.23 57.89
N ALA E 215 -29.36 6.15 57.42
CA ALA E 215 -29.65 6.25 55.98
C ALA E 215 -30.90 7.05 55.64
N ASN E 216 -30.73 8.08 54.80
CA ASN E 216 -31.80 8.93 54.27
C ASN E 216 -31.48 9.12 52.79
N THR E 217 -32.06 8.23 51.95
CA THR E 217 -31.82 8.19 50.50
C THR E 217 -33.09 8.39 49.66
N GLN E 218 -34.27 8.45 50.31
CA GLN E 218 -35.59 8.60 49.68
C GLN E 218 -35.86 7.45 48.69
N LEU E 219 -35.90 6.22 49.24
CA LEU E 219 -36.12 4.97 48.51
C LEU E 219 -37.61 4.61 48.49
N VAL E 220 -38.18 4.49 47.28
CA VAL E 220 -39.60 4.13 47.05
C VAL E 220 -39.67 3.03 45.98
N LEU E 221 -40.42 1.93 46.27
CA LEU E 221 -40.59 0.84 45.32
C LEU E 221 -41.65 1.20 44.26
N GLN E 222 -41.45 0.70 43.03
CA GLN E 222 -42.36 0.91 41.91
C GLN E 222 -42.99 -0.42 41.49
N ARG E 223 -44.14 -0.37 40.78
CA ARG E 223 -44.83 -1.56 40.27
C ARG E 223 -44.03 -2.18 39.12
N PRO E 224 -43.80 -3.53 39.12
CA PRO E 224 -43.02 -4.14 38.02
C PRO E 224 -43.73 -4.13 36.68
N ALA E 225 -42.95 -4.23 35.58
CA ALA E 225 -43.44 -4.23 34.19
C ALA E 225 -44.28 -5.48 33.90
N ALA E 226 -45.16 -5.39 32.87
CA ALA E 226 -46.06 -6.47 32.45
C ALA E 226 -45.32 -7.77 32.10
N GLY E 227 -45.61 -8.82 32.88
CA GLY E 227 -45.00 -10.15 32.73
C GLY E 227 -43.52 -10.17 32.99
N THR E 228 -43.05 -9.33 33.94
CA THR E 228 -41.64 -9.19 34.28
C THR E 228 -41.38 -9.36 35.79
N VAL E 229 -40.32 -10.12 36.14
CA VAL E 229 -39.89 -10.31 37.52
C VAL E 229 -38.67 -9.42 37.74
N HIS E 230 -38.85 -8.32 38.47
CA HIS E 230 -37.81 -7.34 38.82
C HIS E 230 -38.33 -6.42 39.93
N VAL E 231 -37.41 -5.72 40.63
CA VAL E 231 -37.76 -4.81 41.71
C VAL E 231 -37.43 -3.35 41.28
N PRO E 232 -38.35 -2.65 40.55
CA PRO E 232 -38.05 -1.28 40.16
C PRO E 232 -38.19 -0.31 41.33
N TYR E 233 -37.30 0.68 41.42
CA TYR E 233 -37.30 1.65 42.52
C TYR E 233 -36.84 3.04 42.14
N SER E 234 -37.29 4.06 42.91
CA SER E 234 -36.90 5.45 42.75
C SER E 234 -36.11 5.85 43.99
N GLN E 235 -34.84 6.21 43.81
CA GLN E 235 -33.92 6.57 44.89
C GLN E 235 -32.95 7.67 44.43
N ALA E 236 -32.66 8.63 45.32
CA ALA E 236 -31.73 9.73 45.07
C ALA E 236 -30.29 9.19 44.96
N PRO E 237 -29.51 9.56 43.91
CA PRO E 237 -28.15 9.01 43.78
C PRO E 237 -27.20 9.35 44.93
N SER E 238 -26.12 8.55 45.08
CA SER E 238 -25.10 8.67 46.13
C SER E 238 -24.54 10.08 46.29
N GLY E 239 -24.76 10.65 47.48
CA GLY E 239 -24.31 11.98 47.85
C GLY E 239 -22.80 12.10 47.92
N PHE E 240 -22.14 11.00 48.33
CA PHE E 240 -20.68 10.89 48.42
C PHE E 240 -20.05 10.90 47.03
N LYS E 241 -20.64 10.14 46.08
CA LYS E 241 -20.18 10.06 44.69
C LYS E 241 -20.36 11.40 43.97
N TYR E 242 -21.45 12.13 44.30
CA TYR E 242 -21.75 13.44 43.75
C TYR E 242 -20.78 14.49 44.30
N TRP E 243 -20.49 14.42 45.62
CA TRP E 243 -19.56 15.34 46.31
C TRP E 243 -18.13 15.19 45.76
N LEU E 244 -17.70 13.94 45.50
CA LEU E 244 -16.38 13.61 44.95
C LEU E 244 -16.12 14.30 43.60
N LYS E 245 -17.20 14.67 42.89
CA LYS E 245 -17.18 15.36 41.60
C LYS E 245 -17.33 16.88 41.79
N GLU E 246 -18.20 17.31 42.73
CA GLU E 246 -18.49 18.73 43.00
C GLU E 246 -18.01 19.22 44.38
N ARG E 247 -16.71 19.08 44.66
CA ARG E 247 -16.09 19.52 45.93
C ARG E 247 -15.17 20.73 45.76
N GLY E 248 -14.56 20.85 44.59
CA GLY E 248 -13.64 21.94 44.27
C GLY E 248 -12.25 21.70 44.82
N ALA E 249 -11.49 22.81 44.98
CA ALA E 249 -10.13 22.77 45.51
C ALA E 249 -10.09 22.67 47.03
N SER E 250 -9.14 21.89 47.55
CA SER E 250 -8.95 21.69 48.99
C SER E 250 -8.18 22.86 49.61
N LEU E 251 -7.99 22.82 50.96
CA LEU E 251 -7.27 23.84 51.72
C LEU E 251 -5.84 24.04 51.22
N GLN E 252 -5.18 22.95 50.77
CA GLN E 252 -3.82 22.92 50.19
C GLN E 252 -3.65 23.99 49.08
N HIS E 253 -4.71 24.24 48.31
CA HIS E 253 -4.73 25.20 47.20
C HIS E 253 -5.43 26.54 47.53
N THR E 254 -6.42 26.54 48.45
CA THR E 254 -7.20 27.74 48.79
C THR E 254 -6.80 28.52 50.05
N ALA E 255 -6.05 27.90 50.99
CA ALA E 255 -5.64 28.53 52.25
C ALA E 255 -4.69 29.72 52.09
N PRO E 256 -4.85 30.79 52.93
CA PRO E 256 -3.92 31.93 52.83
C PRO E 256 -2.56 31.66 53.49
N PHE E 257 -1.63 32.63 53.38
CA PHE E 257 -0.26 32.60 53.93
C PHE E 257 0.63 31.46 53.37
N GLY E 258 0.26 30.91 52.22
CA GLY E 258 0.96 29.84 51.54
C GLY E 258 1.01 28.53 52.31
N CYS E 259 -0.09 28.18 53.01
CA CYS E 259 -0.22 26.98 53.82
C CYS E 259 -0.16 25.70 52.98
N GLN E 260 0.59 24.71 53.48
CA GLN E 260 0.72 23.38 52.85
C GLN E 260 -0.02 22.40 53.77
N ILE E 261 -1.05 21.73 53.25
CA ILE E 261 -1.85 20.80 54.03
C ILE E 261 -1.41 19.34 53.86
N ALA E 262 -1.05 18.70 54.99
CA ALA E 262 -0.61 17.31 55.07
C ALA E 262 -1.68 16.46 55.76
N THR E 263 -1.62 15.12 55.57
CA THR E 263 -2.59 14.18 56.15
C THR E 263 -1.93 13.06 56.97
N ASN E 264 -2.75 12.37 57.78
CA ASN E 264 -2.37 11.24 58.66
C ASN E 264 -1.12 11.51 59.56
N PRO E 265 -1.21 12.38 60.60
CA PRO E 265 -2.37 13.18 61.04
C PRO E 265 -2.54 14.46 60.22
N VAL E 266 -3.75 15.06 60.21
CA VAL E 266 -4.00 16.29 59.46
C VAL E 266 -3.30 17.47 60.15
N ARG E 267 -2.58 18.30 59.37
CA ARG E 267 -1.80 19.41 59.89
C ARG E 267 -1.54 20.52 58.86
N ALA E 268 -1.34 21.76 59.36
CA ALA E 268 -1.01 22.94 58.57
C ALA E 268 0.51 23.09 58.62
N VAL E 269 1.18 22.95 57.46
CA VAL E 269 2.63 23.02 57.37
C VAL E 269 3.09 24.27 56.61
N ASN E 270 4.12 24.95 57.15
CA ASN E 270 4.77 26.15 56.60
C ASN E 270 3.83 27.32 56.28
N CYS E 271 3.06 27.77 57.29
CA CYS E 271 2.15 28.90 57.14
C CYS E 271 2.89 30.18 57.55
N ALA E 272 3.19 31.04 56.56
CA ALA E 272 3.92 32.30 56.76
C ALA E 272 3.05 33.37 57.46
N VAL E 273 2.85 33.19 58.77
CA VAL E 273 2.04 34.09 59.60
C VAL E 273 2.71 34.45 60.93
N GLY E 274 2.90 35.76 61.15
CA GLY E 274 3.52 36.30 62.35
C GLY E 274 5.00 36.03 62.50
N ASN E 275 5.47 36.03 63.76
CA ASN E 275 6.86 35.80 64.14
C ASN E 275 6.99 34.65 65.15
N MET E 276 8.24 34.28 65.51
CA MET E 276 8.50 33.20 66.46
C MET E 276 9.71 33.50 67.38
N PRO E 277 9.47 33.63 68.71
CA PRO E 277 10.60 33.90 69.62
C PRO E 277 11.36 32.62 69.97
N ILE E 278 12.69 32.69 69.96
CA ILE E 278 13.58 31.56 70.26
C ILE E 278 14.59 31.94 71.35
N SER E 279 14.58 31.18 72.46
CA SER E 279 15.46 31.37 73.60
C SER E 279 16.55 30.29 73.59
N ILE E 280 17.83 30.71 73.57
CA ILE E 280 18.98 29.79 73.53
C ILE E 280 19.89 30.05 74.75
N ASP E 281 20.00 29.06 75.64
CA ASP E 281 20.86 29.12 76.81
C ASP E 281 22.20 28.48 76.47
N ILE E 282 23.12 29.29 75.91
CA ILE E 282 24.46 28.86 75.49
C ILE E 282 25.35 28.64 76.73
N PRO E 283 26.00 27.45 76.86
CA PRO E 283 26.87 27.22 78.04
C PRO E 283 28.11 28.11 78.06
N GLU E 284 28.61 28.41 79.27
CA GLU E 284 29.80 29.27 79.50
C GLU E 284 31.09 28.72 78.87
N ALA E 285 31.15 27.41 78.60
CA ALA E 285 32.30 26.72 77.97
C ALA E 285 32.50 27.14 76.51
N ALA E 286 31.41 27.56 75.84
CA ALA E 286 31.42 28.01 74.45
C ALA E 286 31.97 29.45 74.29
N PHE E 287 32.05 30.20 75.40
CA PHE E 287 32.53 31.59 75.42
C PHE E 287 34.03 31.73 75.70
N THR E 288 34.64 32.75 75.07
CA THR E 288 36.05 33.12 75.22
C THR E 288 36.13 34.61 75.54
N ARG E 289 36.96 34.99 76.53
CA ARG E 289 37.13 36.38 76.98
C ARG E 289 37.70 37.30 75.88
N VAL E 290 37.34 38.60 75.92
CA VAL E 290 37.79 39.63 74.98
C VAL E 290 39.33 39.73 75.03
N VAL E 291 39.90 39.73 76.25
CA VAL E 291 41.34 39.81 76.53
C VAL E 291 42.06 38.57 75.95
N ASP E 292 41.46 37.38 76.06
CA ASP E 292 41.98 36.11 75.57
C ASP E 292 41.72 35.86 74.07
N ALA E 293 40.87 36.72 73.44
CA ALA E 293 40.54 36.63 72.02
C ALA E 293 41.47 37.53 71.19
N PRO E 294 41.82 37.16 69.93
CA PRO E 294 42.73 38.02 69.13
C PRO E 294 42.12 39.38 68.76
N SER E 295 42.84 40.46 69.09
CA SER E 295 42.46 41.85 68.81
C SER E 295 42.85 42.25 67.39
N LEU E 296 42.04 43.10 66.74
CA LEU E 296 42.27 43.55 65.37
C LEU E 296 42.53 45.05 65.26
N THR E 297 43.56 45.42 64.48
CA THR E 297 43.97 46.80 64.21
C THR E 297 44.24 46.98 62.70
N ASP E 298 44.35 48.25 62.23
CA ASP E 298 44.61 48.63 60.84
C ASP E 298 43.68 47.91 59.85
N MET E 299 42.41 48.32 59.83
CA MET E 299 41.39 47.70 58.99
C MET E 299 40.89 48.58 57.85
N SER E 300 40.83 48.01 56.64
CA SER E 300 40.36 48.67 55.42
C SER E 300 39.41 47.72 54.68
N CYS E 301 38.33 48.27 54.12
CA CYS E 301 37.32 47.50 53.41
C CYS E 301 37.16 47.94 51.95
N GLU E 302 37.38 47.00 51.01
CA GLU E 302 37.28 47.22 49.57
C GLU E 302 36.21 46.28 48.99
N VAL E 303 35.28 46.84 48.19
CA VAL E 303 34.20 46.09 47.55
C VAL E 303 34.44 46.03 46.02
N PRO E 304 35.07 44.94 45.50
CA PRO E 304 35.33 44.87 44.05
C PRO E 304 34.10 44.55 43.20
N ALA E 305 33.07 43.93 43.79
CA ALA E 305 31.84 43.55 43.09
C ALA E 305 30.61 43.55 43.99
N CYS E 306 29.51 44.20 43.51
CA CYS E 306 28.22 44.25 44.20
C CYS E 306 27.03 44.39 43.27
N THR E 307 26.01 43.54 43.49
CA THR E 307 24.76 43.50 42.75
C THR E 307 23.64 43.33 43.80
N HIS E 308 22.85 44.39 44.04
CA HIS E 308 21.77 44.35 45.04
C HIS E 308 20.61 43.44 44.64
N SER E 309 20.54 42.26 45.28
CA SER E 309 19.53 41.23 45.03
C SER E 309 19.12 40.50 46.32
N SER E 310 18.20 39.52 46.20
CA SER E 310 17.70 38.70 47.32
C SER E 310 18.79 37.81 47.91
N ASP E 311 19.73 37.32 47.07
CA ASP E 311 20.86 36.49 47.47
C ASP E 311 22.13 37.33 47.68
N PHE E 312 23.24 36.71 48.13
CA PHE E 312 24.51 37.38 48.37
C PHE E 312 25.19 37.75 47.05
N GLY E 313 24.81 38.91 46.52
CA GLY E 313 25.34 39.44 45.26
C GLY E 313 26.50 40.41 45.41
N GLY E 314 27.05 40.48 46.62
CA GLY E 314 28.18 41.35 46.95
C GLY E 314 29.37 40.62 47.51
N VAL E 315 30.58 41.03 47.09
CA VAL E 315 31.86 40.45 47.51
C VAL E 315 32.68 41.57 48.19
N ALA E 316 33.21 41.30 49.39
CA ALA E 316 34.00 42.28 50.14
C ALA E 316 35.31 41.70 50.68
N ILE E 317 36.42 42.43 50.50
CA ILE E 317 37.75 42.06 50.97
C ILE E 317 38.16 43.01 52.11
N ILE E 318 38.41 42.43 53.30
CA ILE E 318 38.79 43.20 54.50
C ILE E 318 40.23 42.87 54.92
N LYS E 319 41.10 43.91 54.96
CA LYS E 319 42.50 43.79 55.36
C LYS E 319 42.60 44.00 56.87
N TYR E 320 43.52 43.30 57.56
CA TYR E 320 43.65 43.39 59.02
C TYR E 320 45.08 43.15 59.55
N ALA E 321 45.28 43.41 60.85
CA ALA E 321 46.52 43.18 61.59
C ALA E 321 46.13 42.53 62.94
N ALA E 322 46.24 41.19 63.01
CA ALA E 322 45.87 40.38 64.17
C ALA E 322 47.02 40.13 65.15
N SER E 323 46.69 40.03 66.45
CA SER E 323 47.64 39.78 67.51
C SER E 323 48.09 38.31 67.57
N LYS E 324 47.16 37.36 67.34
CA LYS E 324 47.43 35.91 67.39
C LYS E 324 46.46 35.09 66.52
N LYS E 325 46.75 33.78 66.34
CA LYS E 325 45.93 32.84 65.59
C LYS E 325 44.72 32.42 66.43
N GLY E 326 43.52 32.61 65.87
CA GLY E 326 42.25 32.27 66.50
C GLY E 326 41.04 32.56 65.65
N LYS E 327 39.86 32.12 66.12
CA LYS E 327 38.59 32.31 65.43
C LYS E 327 37.90 33.62 65.85
N CYS E 328 37.45 34.40 64.86
CA CYS E 328 36.77 35.68 65.07
C CYS E 328 35.41 35.71 64.37
N ALA E 329 34.38 36.21 65.06
CA ALA E 329 33.02 36.30 64.55
C ALA E 329 32.84 37.49 63.59
N VAL E 330 32.08 37.26 62.50
CA VAL E 330 31.79 38.28 61.48
C VAL E 330 30.29 38.59 61.51
N HIS E 331 29.94 39.88 61.68
CA HIS E 331 28.55 40.33 61.73
C HIS E 331 28.40 41.76 61.24
N SER E 332 27.34 42.03 60.46
CA SER E 332 27.04 43.36 59.95
C SER E 332 26.29 44.17 60.99
N MET E 333 26.82 45.36 61.33
CA MET E 333 26.22 46.27 62.31
C MET E 333 25.11 47.14 61.70
N THR E 334 24.85 46.94 60.39
CA THR E 334 23.81 47.62 59.62
C THR E 334 22.69 46.61 59.35
N ASN E 335 21.43 47.00 59.64
CA ASN E 335 20.26 46.15 59.47
C ASN E 335 19.82 45.92 58.02
N ALA E 336 20.42 46.66 57.06
CA ALA E 336 20.12 46.54 55.63
C ALA E 336 21.00 45.50 54.92
N VAL E 337 22.22 45.25 55.46
CA VAL E 337 23.20 44.31 54.90
C VAL E 337 23.32 43.06 55.78
N THR E 338 23.43 41.87 55.15
CA THR E 338 23.57 40.57 55.85
C THR E 338 24.77 39.80 55.29
N ILE E 339 25.63 39.28 56.19
CA ILE E 339 26.84 38.52 55.85
C ILE E 339 26.56 37.01 55.90
N ARG E 340 27.07 36.26 54.90
CA ARG E 340 26.94 34.81 54.79
C ARG E 340 27.84 34.08 55.80
N GLU E 341 29.03 34.63 56.08
CA GLU E 341 30.02 34.06 57.01
C GLU E 341 29.70 34.39 58.46
N ALA E 342 29.65 33.37 59.32
CA ALA E 342 29.38 33.50 60.75
C ALA E 342 30.68 33.66 61.55
N GLU E 343 31.74 32.90 61.17
CA GLU E 343 33.05 32.93 61.80
C GLU E 343 34.17 32.53 60.84
N ILE E 344 35.33 33.22 60.95
CA ILE E 344 36.52 32.98 60.11
C ILE E 344 37.80 32.86 60.97
N GLU E 345 38.92 32.46 60.34
CA GLU E 345 40.22 32.31 60.99
C GLU E 345 41.17 33.46 60.67
N VAL E 346 41.80 34.03 61.71
CA VAL E 346 42.76 35.14 61.61
C VAL E 346 44.16 34.71 62.10
N GLU E 347 45.23 35.42 61.67
CA GLU E 347 46.60 35.11 62.07
C GLU E 347 47.44 36.33 62.44
N GLY E 348 47.65 37.23 61.49
CA GLY E 348 48.43 38.45 61.69
C GLY E 348 48.15 39.48 60.62
N ASN E 349 49.13 39.74 59.75
CA ASN E 349 49.00 40.69 58.64
C ASN E 349 48.47 39.91 57.43
N SER E 350 47.13 39.90 57.26
CA SER E 350 46.45 39.18 56.19
C SER E 350 45.12 39.84 55.75
N GLN E 351 44.32 39.12 54.93
CA GLN E 351 43.03 39.58 54.41
C GLN E 351 41.96 38.47 54.48
N LEU E 352 40.68 38.85 54.25
CA LEU E 352 39.53 37.93 54.26
C LEU E 352 38.46 38.32 53.24
N GLN E 353 37.89 37.32 52.54
CA GLN E 353 36.83 37.54 51.55
C GLN E 353 35.48 37.11 52.10
N ILE E 354 34.51 38.03 52.10
CA ILE E 354 33.15 37.78 52.59
C ILE E 354 32.05 38.07 51.57
N SER E 355 30.98 37.27 51.59
CA SER E 355 29.81 37.41 50.72
C SER E 355 28.69 38.13 51.47
N PHE E 356 28.10 39.18 50.85
CA PHE E 356 27.04 39.96 51.49
C PHE E 356 25.82 40.22 50.60
N SER E 357 24.64 40.35 51.23
CA SER E 357 23.37 40.62 50.55
C SER E 357 22.78 41.94 51.03
N THR E 358 22.35 42.80 50.09
CA THR E 358 21.74 44.11 50.35
C THR E 358 20.70 44.48 49.28
N ALA E 359 19.84 45.47 49.59
CA ALA E 359 18.79 45.96 48.69
C ALA E 359 19.11 47.35 48.14
N LEU E 360 19.82 48.17 48.93
CA LEU E 360 20.22 49.54 48.58
C LEU E 360 21.24 49.59 47.46
N ALA E 361 21.18 50.66 46.63
CA ALA E 361 22.12 50.89 45.52
C ALA E 361 23.42 51.44 46.09
N SER E 362 23.34 52.44 47.00
CA SER E 362 24.47 53.03 47.70
C SER E 362 24.47 52.46 49.10
N ALA E 363 25.42 51.54 49.38
CA ALA E 363 25.50 50.88 50.68
C ALA E 363 26.76 51.19 51.48
N GLU E 364 26.58 51.93 52.59
CA GLU E 364 27.63 52.28 53.53
C GLU E 364 27.31 51.50 54.80
N PHE E 365 28.08 50.43 55.06
CA PHE E 365 27.84 49.52 56.19
C PHE E 365 29.07 49.19 57.02
N ARG E 366 28.86 48.97 58.32
CA ARG E 366 29.90 48.63 59.29
C ARG E 366 29.92 47.13 59.57
N VAL E 367 31.09 46.48 59.41
CA VAL E 367 31.27 45.04 59.64
C VAL E 367 32.09 44.84 60.92
N GLN E 368 31.52 44.13 61.89
CA GLN E 368 32.19 43.85 63.17
C GLN E 368 32.93 42.51 63.11
N VAL E 369 34.25 42.57 62.86
CA VAL E 369 35.11 41.39 62.82
C VAL E 369 35.73 41.29 64.21
N CYS E 370 35.44 40.17 64.92
CA CYS E 370 35.86 39.88 66.30
C CYS E 370 35.23 40.92 67.26
N SER E 371 35.99 41.94 67.69
CA SER E 371 35.52 43.00 68.59
C SER E 371 35.74 44.41 68.03
N THR E 372 36.41 44.52 66.87
CA THR E 372 36.72 45.78 66.19
C THR E 372 35.85 45.96 64.92
N GLN E 373 35.40 47.20 64.66
CA GLN E 373 34.56 47.53 63.50
C GLN E 373 35.31 48.18 62.33
N VAL E 374 34.83 47.95 61.10
CA VAL E 374 35.39 48.48 59.85
C VAL E 374 34.28 49.01 58.93
N HIS E 375 34.48 50.19 58.31
CA HIS E 375 33.53 50.82 57.40
C HIS E 375 33.72 50.33 55.96
N CYS E 376 32.63 49.85 55.33
CA CYS E 376 32.64 49.35 53.95
C CYS E 376 31.85 50.27 53.03
N ALA E 377 32.48 50.69 51.91
CA ALA E 377 31.87 51.54 50.89
C ALA E 377 31.56 50.70 49.66
N ALA E 378 30.28 50.65 49.26
CA ALA E 378 29.82 49.86 48.11
C ALA E 378 28.77 50.57 47.27
N GLU E 379 28.92 50.48 45.93
CA GLU E 379 27.99 51.04 44.95
C GLU E 379 27.42 49.87 44.14
N CYS E 380 26.42 49.19 44.72
CA CYS E 380 25.76 48.02 44.14
C CYS E 380 24.88 48.36 42.94
N HIS E 381 24.81 47.44 41.97
CA HIS E 381 24.06 47.61 40.72
C HIS E 381 22.79 46.73 40.65
N PRO E 382 21.77 47.10 39.82
CA PRO E 382 20.54 46.29 39.76
C PRO E 382 20.71 44.92 39.10
N PRO E 383 19.91 43.90 39.52
CA PRO E 383 20.05 42.57 38.88
C PRO E 383 19.25 42.45 37.58
N LYS E 384 19.53 41.39 36.79
CA LYS E 384 18.85 41.15 35.51
C LYS E 384 17.38 40.74 35.63
N ASP E 385 17.02 40.06 36.75
CA ASP E 385 15.65 39.59 37.00
C ASP E 385 14.90 40.48 37.99
N HIS E 386 13.63 40.79 37.67
CA HIS E 386 12.73 41.60 38.50
C HIS E 386 12.00 40.76 39.54
N ILE E 387 11.72 39.48 39.20
CA ILE E 387 11.04 38.52 40.08
C ILE E 387 11.98 37.36 40.39
N VAL E 388 12.11 37.02 41.69
CA VAL E 388 12.98 35.95 42.21
C VAL E 388 12.15 34.74 42.72
N ASN E 389 12.77 33.54 42.78
CA ASN E 389 12.13 32.30 43.22
C ASN E 389 12.44 31.88 44.68
N TYR E 390 13.01 32.78 45.50
CA TYR E 390 13.35 32.54 46.91
C TYR E 390 13.17 33.80 47.78
N PRO E 391 12.65 33.66 49.03
CA PRO E 391 12.45 34.84 49.88
C PRO E 391 13.74 35.34 50.56
N ALA E 392 13.75 36.64 50.95
CA ALA E 392 14.88 37.29 51.61
C ALA E 392 14.44 38.23 52.73
N ASN F 1 -13.27 -17.04 61.85
CA ASN F 1 -14.24 -17.93 61.24
C ASN F 1 -15.55 -17.98 62.00
N VAL F 2 -16.34 -16.93 61.87
CA VAL F 2 -17.63 -16.84 62.54
C VAL F 2 -18.57 -17.96 62.09
N TYR F 3 -18.24 -19.19 62.46
CA TYR F 3 -19.05 -20.34 62.09
C TYR F 3 -19.50 -21.12 63.32
N LYS F 4 -19.09 -20.65 64.49
CA LYS F 4 -19.45 -21.31 65.75
C LYS F 4 -20.97 -21.52 65.79
N ALA F 5 -21.74 -20.46 65.44
CA ALA F 5 -23.19 -20.46 65.41
C ALA F 5 -23.73 -21.11 64.14
N THR F 6 -23.20 -20.74 62.96
CA THR F 6 -23.64 -21.27 61.66
C THR F 6 -23.25 -22.75 61.48
N ARG F 7 -24.05 -23.49 60.68
CA ARG F 7 -23.85 -24.91 60.40
C ARG F 7 -24.26 -25.28 58.94
N PRO F 8 -23.66 -26.31 58.31
CA PRO F 8 -24.10 -26.69 56.95
C PRO F 8 -25.48 -27.35 57.00
N TYR F 9 -26.26 -27.25 55.92
CA TYR F 9 -27.61 -27.80 55.89
C TYR F 9 -27.93 -28.67 54.68
N LEU F 10 -29.12 -29.32 54.72
CA LEU F 10 -29.66 -30.15 53.65
C LEU F 10 -30.88 -29.45 53.07
N ALA F 11 -30.81 -29.11 51.78
CA ALA F 11 -31.88 -28.42 51.06
C ALA F 11 -32.27 -29.14 49.77
N HIS F 12 -33.42 -28.75 49.18
CA HIS F 12 -33.93 -29.34 47.93
C HIS F 12 -33.05 -28.98 46.73
N CYS F 13 -32.74 -29.99 45.92
CA CYS F 13 -31.97 -29.86 44.68
C CYS F 13 -32.79 -30.48 43.53
N PRO F 14 -33.00 -29.75 42.40
CA PRO F 14 -33.81 -30.33 41.32
C PRO F 14 -33.13 -31.43 40.51
N ASP F 15 -31.77 -31.47 40.53
CA ASP F 15 -31.00 -32.48 39.81
C ASP F 15 -29.77 -32.95 40.61
N CYS F 16 -29.92 -34.09 41.32
CA CYS F 16 -28.86 -34.71 42.12
C CYS F 16 -27.95 -35.60 41.28
N GLY F 17 -28.40 -35.92 40.06
CA GLY F 17 -27.70 -36.79 39.12
C GLY F 17 -28.70 -37.61 38.33
N GLU F 18 -28.53 -37.63 36.99
CA GLU F 18 -29.38 -38.35 36.02
C GLU F 18 -30.84 -37.84 35.99
N GLY F 19 -31.03 -36.56 36.31
CA GLY F 19 -32.33 -35.89 36.30
C GLY F 19 -33.23 -36.18 37.49
N HIS F 20 -32.70 -36.80 38.56
CA HIS F 20 -33.46 -37.14 39.75
C HIS F 20 -33.27 -36.10 40.86
N SER F 21 -34.38 -35.58 41.40
CA SER F 21 -34.38 -34.59 42.48
C SER F 21 -34.25 -35.24 43.85
N CYS F 22 -33.46 -34.63 44.76
CA CYS F 22 -33.21 -35.13 46.12
C CYS F 22 -32.81 -34.00 47.10
N HIS F 23 -32.51 -34.37 48.36
CA HIS F 23 -32.05 -33.46 49.41
C HIS F 23 -30.53 -33.55 49.38
N SER F 24 -29.89 -32.56 48.73
CA SER F 24 -28.43 -32.55 48.53
C SER F 24 -27.68 -31.66 49.53
N PRO F 25 -26.51 -32.11 50.06
CA PRO F 25 -25.75 -31.24 50.96
C PRO F 25 -24.94 -30.16 50.22
N VAL F 26 -24.91 -30.26 48.87
CA VAL F 26 -24.22 -29.35 47.96
C VAL F 26 -25.28 -28.58 47.10
N ALA F 27 -26.47 -28.34 47.71
CA ALA F 27 -27.61 -27.65 47.10
C ALA F 27 -27.30 -26.20 46.71
N LEU F 28 -27.68 -25.80 45.49
CA LEU F 28 -27.46 -24.46 44.95
C LEU F 28 -28.52 -23.49 45.43
N GLU F 29 -28.09 -22.28 45.85
CA GLU F 29 -28.98 -21.24 46.35
C GLU F 29 -29.12 -20.09 45.37
N ARG F 30 -28.04 -19.30 45.20
CA ARG F 30 -28.00 -18.12 44.35
C ARG F 30 -26.72 -18.12 43.53
N ILE F 31 -26.84 -17.88 42.21
CA ILE F 31 -25.71 -17.82 41.28
C ILE F 31 -25.61 -16.39 40.73
N ARG F 32 -24.73 -15.57 41.34
CA ARG F 32 -24.52 -14.17 40.96
C ARG F 32 -23.54 -14.06 39.80
N ASN F 33 -23.89 -13.23 38.80
CA ASN F 33 -23.08 -13.00 37.59
C ASN F 33 -23.00 -11.50 37.24
N GLU F 34 -22.84 -10.65 38.27
CA GLU F 34 -22.77 -9.19 38.13
C GLU F 34 -21.42 -8.71 37.57
N ALA F 35 -20.35 -9.49 37.78
CA ALA F 35 -19.00 -9.19 37.31
C ALA F 35 -18.88 -9.26 35.80
N THR F 36 -18.41 -8.16 35.19
CA THR F 36 -18.23 -8.02 33.73
C THR F 36 -17.09 -8.87 33.16
N ASP F 37 -16.09 -9.22 34.00
CA ASP F 37 -14.95 -10.04 33.59
C ASP F 37 -15.34 -11.50 33.29
N GLY F 38 -16.36 -12.01 33.99
CA GLY F 38 -16.85 -13.37 33.80
C GLY F 38 -16.91 -14.22 35.06
N THR F 39 -16.46 -13.68 36.21
CA THR F 39 -16.44 -14.37 37.49
C THR F 39 -17.86 -14.59 38.03
N LEU F 40 -18.15 -15.82 38.50
CA LEU F 40 -19.44 -16.22 39.05
C LEU F 40 -19.39 -16.37 40.57
N LYS F 41 -20.35 -15.78 41.29
CA LYS F 41 -20.44 -15.91 42.74
C LYS F 41 -21.55 -16.91 43.07
N ILE F 42 -21.13 -18.16 43.35
CA ILE F 42 -22.01 -19.29 43.63
C ILE F 42 -22.24 -19.47 45.14
N GLN F 43 -23.52 -19.55 45.56
CA GLN F 43 -23.89 -19.78 46.96
C GLN F 43 -24.37 -21.23 47.08
N VAL F 44 -23.71 -22.00 47.96
CA VAL F 44 -23.99 -23.42 48.19
C VAL F 44 -24.55 -23.71 49.60
N SER F 45 -25.06 -24.94 49.82
CA SER F 45 -25.64 -25.40 51.08
C SER F 45 -24.58 -25.69 52.14
N LEU F 46 -23.41 -26.24 51.74
CA LEU F 46 -22.30 -26.59 52.64
C LEU F 46 -21.37 -25.40 52.94
N GLN F 47 -20.34 -25.62 53.79
CA GLN F 47 -19.35 -24.60 54.17
C GLN F 47 -17.92 -25.08 53.88
N ILE F 48 -17.12 -24.24 53.19
CA ILE F 48 -15.73 -24.56 52.81
C ILE F 48 -14.70 -23.77 53.62
N GLY F 49 -13.62 -24.44 54.01
CA GLY F 49 -12.52 -23.86 54.77
C GLY F 49 -12.68 -23.93 56.27
N ILE F 50 -13.75 -24.59 56.75
CA ILE F 50 -14.07 -24.72 58.18
C ILE F 50 -14.32 -26.21 58.53
N LYS F 51 -13.86 -26.63 59.73
CA LYS F 51 -14.04 -27.99 60.23
C LYS F 51 -15.26 -28.07 61.18
N THR F 52 -15.72 -29.30 61.50
CA THR F 52 -16.87 -29.58 62.37
C THR F 52 -16.74 -29.02 63.80
N ASP F 53 -15.50 -28.88 64.31
CA ASP F 53 -15.19 -28.36 65.64
C ASP F 53 -15.08 -26.81 65.65
N ASP F 54 -15.42 -26.17 64.51
CA ASP F 54 -15.37 -24.71 64.27
C ASP F 54 -13.92 -24.19 64.31
N SER F 55 -13.12 -24.58 63.29
CA SER F 55 -11.72 -24.22 63.14
C SER F 55 -11.35 -24.05 61.66
N HIS F 56 -10.51 -23.05 61.35
CA HIS F 56 -10.09 -22.74 59.98
C HIS F 56 -9.05 -23.72 59.45
N ASP F 57 -9.38 -24.39 58.32
CA ASP F 57 -8.54 -25.35 57.62
C ASP F 57 -8.94 -25.33 56.13
N TRP F 58 -8.09 -24.69 55.29
CA TRP F 58 -8.34 -24.52 53.85
C TRP F 58 -8.47 -25.82 53.05
N THR F 59 -7.81 -26.91 53.50
CA THR F 59 -7.86 -28.23 52.85
C THR F 59 -9.11 -29.03 53.24
N LYS F 60 -9.90 -28.56 54.22
CA LYS F 60 -11.10 -29.23 54.69
C LYS F 60 -12.42 -28.56 54.29
N LEU F 61 -13.50 -29.37 54.22
CA LEU F 61 -14.85 -28.97 53.85
C LEU F 61 -15.86 -29.47 54.90
N ARG F 62 -16.91 -28.68 55.17
CA ARG F 62 -17.95 -29.03 56.14
C ARG F 62 -19.33 -29.13 55.46
N TYR F 63 -19.89 -30.35 55.42
CA TYR F 63 -21.18 -30.65 54.81
C TYR F 63 -22.11 -31.36 55.81
N MET F 64 -23.44 -31.32 55.56
CA MET F 64 -24.44 -31.97 56.41
C MET F 64 -24.66 -33.42 55.96
N ASP F 65 -24.50 -34.38 56.90
CA ASP F 65 -24.67 -35.81 56.62
C ASP F 65 -25.63 -36.48 57.60
N ASN F 66 -26.93 -36.55 57.20
CA ASN F 66 -28.03 -37.18 57.95
C ASN F 66 -28.08 -36.78 59.44
N HIS F 67 -28.59 -35.55 59.71
CA HIS F 67 -28.74 -34.92 61.03
C HIS F 67 -27.47 -34.36 61.69
N MET F 68 -26.28 -34.86 61.29
CA MET F 68 -25.01 -34.41 61.83
C MET F 68 -24.00 -33.90 60.79
N PRO F 69 -23.28 -32.79 61.06
CA PRO F 69 -22.30 -32.29 60.07
C PRO F 69 -21.03 -33.13 60.08
N ALA F 70 -20.49 -33.41 58.87
CA ALA F 70 -19.27 -34.22 58.67
C ALA F 70 -18.22 -33.48 57.83
N ASP F 71 -16.94 -33.89 57.96
CA ASP F 71 -15.82 -33.30 57.24
C ASP F 71 -15.54 -34.00 55.91
N ALA F 72 -15.07 -33.23 54.90
CA ALA F 72 -14.73 -33.70 53.56
C ALA F 72 -13.45 -33.01 53.05
N GLU F 73 -13.05 -33.28 51.78
CA GLU F 73 -11.83 -32.70 51.18
C GLU F 73 -12.11 -31.57 50.20
N ARG F 74 -11.26 -30.52 50.24
CA ARG F 74 -11.31 -29.33 49.37
C ARG F 74 -10.99 -29.71 47.91
N ALA F 75 -10.07 -30.69 47.72
CA ALA F 75 -9.66 -31.21 46.41
C ALA F 75 -10.80 -31.90 45.66
N GLY F 76 -11.74 -32.47 46.41
CA GLY F 76 -12.91 -33.16 45.87
C GLY F 76 -13.97 -32.25 45.27
N LEU F 77 -13.98 -30.98 45.69
CA LEU F 77 -14.92 -29.95 45.23
C LEU F 77 -14.69 -29.59 43.76
N PHE F 78 -15.79 -29.54 42.96
CA PHE F 78 -15.74 -29.23 41.54
C PHE F 78 -16.94 -28.39 41.06
N VAL F 79 -16.70 -27.52 40.06
CA VAL F 79 -17.69 -26.65 39.42
C VAL F 79 -17.57 -26.87 37.91
N ARG F 80 -18.71 -27.03 37.20
CA ARG F 80 -18.75 -27.25 35.74
C ARG F 80 -20.05 -26.80 35.07
N THR F 81 -19.95 -26.33 33.81
CA THR F 81 -21.10 -25.90 32.99
C THR F 81 -21.30 -26.87 31.82
N SER F 82 -20.28 -26.97 30.96
CA SER F 82 -20.22 -27.86 29.80
C SER F 82 -18.84 -28.54 29.81
N ALA F 83 -17.89 -27.90 30.52
CA ALA F 83 -16.51 -28.31 30.74
C ALA F 83 -16.12 -27.88 32.17
N PRO F 84 -15.08 -28.47 32.82
CA PRO F 84 -14.75 -28.05 34.21
C PRO F 84 -14.36 -26.58 34.34
N CYS F 85 -14.66 -25.98 35.52
CA CYS F 85 -14.39 -24.59 35.84
C CYS F 85 -13.23 -24.46 36.83
N THR F 86 -12.46 -23.37 36.70
CA THR F 86 -11.33 -23.09 37.59
C THR F 86 -11.82 -22.32 38.82
N ILE F 87 -11.67 -22.92 40.01
CA ILE F 87 -12.08 -22.32 41.27
C ILE F 87 -11.03 -21.28 41.71
N THR F 88 -11.46 -20.01 41.85
CA THR F 88 -10.60 -18.88 42.22
C THR F 88 -10.92 -18.26 43.59
N GLY F 89 -11.51 -19.05 44.48
CA GLY F 89 -11.86 -18.60 45.83
C GLY F 89 -12.96 -19.42 46.48
N THR F 90 -12.73 -19.84 47.74
CA THR F 90 -13.66 -20.62 48.56
C THR F 90 -13.65 -20.18 50.02
N MET F 91 -14.83 -19.83 50.56
CA MET F 91 -15.04 -19.42 51.95
C MET F 91 -16.51 -19.56 52.32
N GLY F 92 -16.79 -20.50 53.22
CA GLY F 92 -18.14 -20.81 53.69
C GLY F 92 -19.03 -21.34 52.59
N HIS F 93 -20.19 -20.70 52.40
CA HIS F 93 -21.18 -21.06 51.39
C HIS F 93 -20.80 -20.56 49.98
N PHE F 94 -19.78 -19.70 49.87
CA PHE F 94 -19.40 -19.06 48.62
C PHE F 94 -18.20 -19.66 47.87
N ILE F 95 -18.38 -19.78 46.53
CA ILE F 95 -17.38 -20.30 45.58
C ILE F 95 -17.25 -19.32 44.40
N LEU F 96 -16.01 -18.98 44.02
CA LEU F 96 -15.73 -18.11 42.87
C LEU F 96 -15.18 -18.95 41.74
N ALA F 97 -15.79 -18.89 40.54
CA ALA F 97 -15.35 -19.68 39.40
C ALA F 97 -15.53 -18.99 38.04
N ARG F 98 -14.59 -19.27 37.12
CA ARG F 98 -14.60 -18.78 35.74
C ARG F 98 -15.02 -19.97 34.87
N CYS F 99 -16.22 -19.88 34.25
CA CYS F 99 -16.80 -20.96 33.47
C CYS F 99 -16.95 -20.69 31.97
N PRO F 100 -16.79 -21.72 31.11
CA PRO F 100 -17.03 -21.50 29.66
C PRO F 100 -18.53 -21.51 29.35
N LYS F 101 -18.90 -21.25 28.07
CA LYS F 101 -20.30 -21.22 27.60
C LYS F 101 -21.08 -22.50 27.93
N GLY F 102 -22.12 -22.35 28.73
CA GLY F 102 -22.98 -23.45 29.17
C GLY F 102 -24.42 -23.05 29.43
N GLU F 103 -25.31 -24.05 29.52
CA GLU F 103 -26.75 -23.86 29.75
C GLU F 103 -27.20 -24.34 31.13
N THR F 104 -26.40 -25.19 31.79
CA THR F 104 -26.68 -25.75 33.13
C THR F 104 -25.42 -25.70 34.01
N LEU F 105 -25.53 -25.15 35.24
CA LEU F 105 -24.42 -25.07 36.19
C LEU F 105 -24.45 -26.27 37.15
N THR F 106 -23.30 -26.95 37.31
CA THR F 106 -23.15 -28.12 38.19
C THR F 106 -22.07 -27.87 39.24
N VAL F 107 -22.41 -28.10 40.53
CA VAL F 107 -21.51 -27.94 41.67
C VAL F 107 -21.55 -29.24 42.50
N GLY F 108 -20.39 -29.85 42.71
CA GLY F 108 -20.26 -31.10 43.46
C GLY F 108 -19.02 -31.21 44.33
N PHE F 109 -18.93 -32.35 45.06
CA PHE F 109 -17.83 -32.69 45.98
C PHE F 109 -17.81 -34.21 46.28
N THR F 110 -16.81 -34.67 47.07
CA THR F 110 -16.64 -36.07 47.48
C THR F 110 -16.53 -36.15 49.00
N ASP F 111 -17.33 -37.01 49.64
CA ASP F 111 -17.37 -37.19 51.10
C ASP F 111 -16.28 -38.12 51.67
N SER F 112 -16.38 -38.43 52.99
CA SER F 112 -15.47 -39.32 53.70
C SER F 112 -15.66 -40.78 53.29
N ARG F 113 -16.91 -41.18 53.01
CA ARG F 113 -17.29 -42.54 52.59
C ARG F 113 -17.04 -42.82 51.10
N LYS F 114 -16.31 -41.90 50.41
CA LYS F 114 -15.95 -41.94 48.98
C LYS F 114 -17.17 -41.93 48.03
N ILE F 115 -18.22 -41.19 48.43
CA ILE F 115 -19.46 -41.03 47.67
C ILE F 115 -19.57 -39.58 47.17
N SER F 116 -19.79 -39.40 45.85
CA SER F 116 -19.88 -38.07 45.24
C SER F 116 -21.32 -37.59 45.04
N HIS F 117 -21.62 -36.38 45.54
CA HIS F 117 -22.93 -35.72 45.43
C HIS F 117 -22.77 -34.44 44.61
N SER F 118 -23.66 -34.20 43.64
CA SER F 118 -23.61 -33.00 42.78
C SER F 118 -25.00 -32.43 42.50
N CYS F 119 -25.13 -31.10 42.55
CA CYS F 119 -26.39 -30.40 42.28
C CYS F 119 -26.31 -29.63 40.95
N THR F 120 -27.31 -29.84 40.09
CA THR F 120 -27.39 -29.20 38.77
C THR F 120 -28.60 -28.26 38.67
N HIS F 121 -28.35 -27.01 38.25
CA HIS F 121 -29.34 -25.96 38.08
C HIS F 121 -29.31 -25.40 36.65
N PRO F 122 -30.49 -25.14 36.01
CA PRO F 122 -30.45 -24.57 34.65
C PRO F 122 -30.06 -23.09 34.69
N PHE F 123 -28.85 -22.78 34.21
CA PHE F 123 -28.29 -21.43 34.21
C PHE F 123 -27.60 -21.07 32.89
N HIS F 124 -28.20 -20.12 32.15
CA HIS F 124 -27.68 -19.62 30.87
C HIS F 124 -26.42 -18.80 31.10
N HIS F 125 -25.25 -19.41 30.83
CA HIS F 125 -23.94 -18.76 31.02
C HIS F 125 -23.25 -18.43 29.70
N ASP F 126 -23.13 -17.13 29.43
CA ASP F 126 -22.49 -16.55 28.26
C ASP F 126 -21.99 -15.15 28.68
N PRO F 127 -20.71 -15.05 29.01
CA PRO F 127 -20.12 -13.77 29.42
C PRO F 127 -20.47 -12.66 28.44
N PRO F 128 -21.22 -11.60 28.93
CA PRO F 128 -21.52 -10.56 27.95
C PRO F 128 -20.58 -9.37 28.08
N VAL F 129 -20.89 -8.28 27.38
CA VAL F 129 -20.07 -7.08 27.43
C VAL F 129 -20.13 -6.41 28.80
N ILE F 130 -18.97 -6.10 29.34
CA ILE F 130 -18.88 -5.46 30.66
C ILE F 130 -17.57 -4.71 30.83
N GLY F 131 -17.61 -3.41 30.61
CA GLY F 131 -16.42 -2.57 30.74
C GLY F 131 -16.75 -1.10 30.78
N ARG F 132 -15.90 -0.33 31.45
CA ARG F 132 -16.09 1.12 31.57
C ARG F 132 -14.82 1.88 31.23
N GLU F 133 -14.15 1.45 30.16
CA GLU F 133 -12.92 2.09 29.73
C GLU F 133 -12.21 1.27 28.66
N LYS F 134 -10.97 1.65 28.35
CA LYS F 134 -10.19 0.94 27.34
C LYS F 134 -9.03 0.19 27.98
N PHE F 135 -8.92 0.29 29.30
CA PHE F 135 -7.84 -0.38 30.03
C PHE F 135 -6.50 -0.21 29.33
N HIS F 136 -5.90 0.97 29.52
CA HIS F 136 -4.60 1.27 28.91
C HIS F 136 -3.99 2.52 29.51
N SER F 137 -2.76 2.38 30.02
CA SER F 137 -2.06 3.49 30.64
C SER F 137 -1.94 4.67 29.66
N ARG F 138 -1.24 5.71 30.08
CA ARG F 138 -0.61 5.74 31.42
C ARG F 138 0.93 5.70 31.39
N PRO F 139 1.63 6.56 32.16
CA PRO F 139 3.10 6.53 32.13
C PRO F 139 3.70 5.45 33.05
N GLN F 140 4.88 4.91 32.65
CA GLN F 140 5.60 3.90 33.42
C GLN F 140 6.25 4.51 34.66
N HIS F 141 6.68 5.79 34.57
CA HIS F 141 7.32 6.55 35.65
C HIS F 141 6.74 7.97 35.69
N GLY F 142 6.28 8.37 36.88
CA GLY F 142 5.71 9.69 37.11
C GLY F 142 5.44 9.99 38.58
N LYS F 143 4.58 11.00 38.84
CA LYS F 143 4.20 11.43 40.18
C LYS F 143 3.28 10.40 40.85
N GLU F 144 3.62 10.02 42.10
CA GLU F 144 2.87 9.04 42.88
C GLU F 144 1.70 9.70 43.61
N LEU F 145 0.47 9.27 43.29
CA LEU F 145 -0.77 9.77 43.90
C LEU F 145 -1.66 8.64 44.43
N PRO F 146 -2.38 8.83 45.57
CA PRO F 146 -3.22 7.74 46.08
C PRO F 146 -4.52 7.56 45.31
N CYS F 147 -4.82 6.31 44.93
CA CYS F 147 -6.02 5.91 44.19
C CYS F 147 -6.53 4.54 44.65
N SER F 148 -7.55 3.99 43.97
CA SER F 148 -8.14 2.68 44.28
C SER F 148 -8.46 1.87 43.02
N THR F 149 -8.29 0.54 43.09
CA THR F 149 -8.57 -0.40 42.01
C THR F 149 -9.02 -1.76 42.55
N TYR F 150 -9.57 -2.63 41.66
CA TYR F 150 -9.99 -3.98 42.01
C TYR F 150 -8.83 -4.93 41.70
N VAL F 151 -8.26 -5.56 42.73
CA VAL F 151 -7.13 -6.49 42.58
C VAL F 151 -7.54 -7.81 41.90
N GLN F 152 -6.56 -8.57 41.37
CA GLN F 152 -6.82 -9.84 40.66
C GLN F 152 -6.68 -11.10 41.53
N SER F 153 -6.69 -10.94 42.86
CA SER F 153 -6.59 -12.07 43.80
C SER F 153 -7.91 -12.84 43.87
N THR F 154 -7.89 -14.11 43.45
CA THR F 154 -9.05 -15.01 43.42
C THR F 154 -9.42 -15.51 44.83
N ALA F 155 -8.44 -15.50 45.78
CA ALA F 155 -8.54 -15.94 47.17
C ALA F 155 -9.84 -15.51 47.87
N ALA F 156 -10.54 -16.48 48.47
CA ALA F 156 -11.83 -16.31 49.16
C ALA F 156 -11.68 -15.50 50.46
N THR F 157 -11.75 -14.15 50.35
CA THR F 157 -11.64 -13.20 51.45
C THR F 157 -12.44 -11.92 51.24
N THR F 158 -12.67 -11.15 52.34
CA THR F 158 -13.35 -9.86 52.41
C THR F 158 -14.84 -9.85 51.98
N GLU F 159 -15.12 -9.49 50.71
CA GLU F 159 -16.46 -9.35 50.13
C GLU F 159 -17.21 -10.68 49.95
N GLU F 160 -18.56 -10.64 50.02
CA GLU F 160 -19.43 -11.81 49.88
C GLU F 160 -20.85 -11.50 49.35
N ILE F 161 -21.45 -12.47 48.62
CA ILE F 161 -22.79 -12.38 48.03
C ILE F 161 -23.75 -13.41 48.64
N GLU F 162 -25.06 -13.14 48.62
CA GLU F 162 -26.08 -14.05 49.14
C GLU F 162 -26.57 -15.01 48.07
N VAL F 163 -26.65 -16.30 48.42
CA VAL F 163 -27.11 -17.38 47.54
C VAL F 163 -28.28 -18.16 48.16
N HIS F 164 -29.21 -18.65 47.33
CA HIS F 164 -30.39 -19.40 47.78
C HIS F 164 -30.81 -20.47 46.77
N MET F 165 -31.83 -21.29 47.11
CA MET F 165 -32.35 -22.33 46.22
C MET F 165 -33.18 -21.69 45.08
N PRO F 166 -33.08 -22.22 43.83
CA PRO F 166 -33.84 -21.60 42.73
C PRO F 166 -35.35 -21.83 42.81
N PRO F 167 -34.75 -21.37 44.19
CA PRO F 167 -36.23 -21.37 44.26
C PRO F 167 -36.86 -22.09 43.07
N ASP F 168 -38.19 -22.34 43.13
CA ASP F 168 -38.94 -23.00 42.07
C ASP F 168 -38.89 -22.15 40.79
N THR F 169 -38.03 -22.56 39.84
CA THR F 169 -37.80 -21.88 38.56
C THR F 169 -39.06 -21.92 37.67
N PRO F 170 -39.72 -20.76 37.40
CA PRO F 170 -40.93 -20.78 36.57
C PRO F 170 -40.64 -21.03 35.10
N ASP F 171 -41.53 -21.78 34.44
CA ASP F 171 -41.44 -22.13 33.02
C ASP F 171 -42.84 -22.28 32.43
N ARG F 172 -43.19 -21.42 31.47
CA ARG F 172 -44.50 -21.43 30.81
C ARG F 172 -44.63 -22.51 29.73
N THR F 173 -43.49 -23.07 29.26
CA THR F 173 -43.47 -24.12 28.24
C THR F 173 -43.94 -25.48 28.77
N LEU F 174 -44.00 -25.65 30.10
CA LEU F 174 -44.45 -26.88 30.78
C LEU F 174 -45.93 -27.16 30.50
N MET F 175 -46.75 -26.09 30.40
CA MET F 175 -48.18 -26.17 30.15
C MET F 175 -48.49 -26.12 28.66
N SER F 176 -49.51 -26.87 28.23
CA SER F 176 -49.97 -26.93 26.84
C SER F 176 -51.48 -27.11 26.75
N GLN F 177 -52.12 -26.38 25.82
CA GLN F 177 -53.57 -26.44 25.61
C GLN F 177 -53.99 -27.64 24.76
N GLN F 178 -54.35 -28.75 25.42
CA GLN F 178 -54.80 -29.98 24.78
C GLN F 178 -56.31 -29.85 24.56
N SER F 179 -56.69 -29.31 23.37
CA SER F 179 -58.06 -29.03 22.93
C SER F 179 -58.77 -28.04 23.85
N GLY F 180 -59.43 -28.56 24.90
CA GLY F 180 -60.13 -27.76 25.90
C GLY F 180 -59.64 -28.00 27.32
N ASN F 181 -58.52 -28.74 27.44
CA ASN F 181 -57.89 -29.10 28.71
C ASN F 181 -56.43 -28.63 28.72
N VAL F 182 -55.79 -28.62 29.91
CA VAL F 182 -54.39 -28.20 30.06
C VAL F 182 -53.52 -29.39 30.43
N LYS F 183 -52.50 -29.68 29.60
CA LYS F 183 -51.55 -30.77 29.82
C LYS F 183 -50.23 -30.21 30.35
N ILE F 184 -49.73 -30.79 31.47
CA ILE F 184 -48.47 -30.39 32.10
C ILE F 184 -47.40 -31.45 31.79
N THR F 185 -46.49 -31.14 30.85
CA THR F 185 -45.42 -32.04 30.43
C THR F 185 -44.21 -31.90 31.36
N VAL F 186 -44.04 -32.88 32.25
CA VAL F 186 -42.99 -32.96 33.27
C VAL F 186 -41.55 -33.10 32.73
N ASN F 187 -41.32 -34.04 31.78
CA ASN F 187 -40.03 -34.37 31.17
C ASN F 187 -38.93 -34.76 32.19
N GLY F 188 -39.29 -35.69 33.09
CA GLY F 188 -38.42 -36.22 34.13
C GLY F 188 -37.97 -35.22 35.18
N GLN F 189 -38.83 -34.23 35.50
CA GLN F 189 -38.55 -33.17 36.47
C GLN F 189 -39.69 -33.01 37.47
N THR F 190 -39.37 -32.51 38.68
CA THR F 190 -40.38 -32.26 39.72
C THR F 190 -41.00 -30.89 39.46
N VAL F 191 -42.32 -30.86 39.17
CA VAL F 191 -43.04 -29.62 38.83
C VAL F 191 -44.14 -29.29 39.86
N ARG F 192 -44.18 -28.01 40.30
CA ARG F 192 -45.18 -27.49 41.24
C ARG F 192 -46.22 -26.69 40.44
N TYR F 193 -47.48 -27.15 40.44
CA TYR F 193 -48.58 -26.54 39.68
C TYR F 193 -49.71 -25.95 40.53
N LYS F 194 -50.45 -24.97 39.94
CA LYS F 194 -51.61 -24.30 40.55
C LYS F 194 -52.53 -23.76 39.45
N CYS F 195 -53.83 -24.05 39.54
CA CYS F 195 -54.85 -23.63 38.57
C CYS F 195 -56.08 -22.97 39.21
N ASN F 196 -56.81 -22.15 38.43
CA ASN F 196 -58.04 -21.46 38.86
C ASN F 196 -59.25 -22.40 38.85
N CYS F 197 -59.25 -23.37 37.90
CA CYS F 197 -60.31 -24.34 37.68
C CYS F 197 -60.46 -25.37 38.81
N GLY F 198 -61.64 -26.02 38.86
CA GLY F 198 -62.00 -27.02 39.86
C GLY F 198 -61.19 -28.30 39.83
N GLY F 199 -61.49 -29.18 40.80
CA GLY F 199 -60.82 -30.47 40.96
C GLY F 199 -59.44 -30.32 41.56
N SER F 200 -58.43 -30.96 40.94
CA SER F 200 -57.04 -30.89 41.37
C SER F 200 -56.46 -29.57 40.88
N ASN F 201 -56.14 -28.66 41.82
CA ASN F 201 -55.63 -27.32 41.52
C ASN F 201 -54.37 -26.92 42.33
N GLU F 202 -53.65 -27.91 42.88
CA GLU F 202 -52.42 -27.75 43.66
C GLU F 202 -51.65 -29.08 43.74
N GLY F 203 -50.37 -29.00 44.10
CA GLY F 203 -49.53 -30.19 44.26
C GLY F 203 -48.15 -30.12 43.67
N LEU F 204 -47.36 -31.16 43.94
CA LEU F 204 -45.98 -31.35 43.48
C LEU F 204 -45.92 -32.66 42.68
N THR F 205 -46.04 -32.57 41.35
CA THR F 205 -46.06 -33.73 40.46
C THR F 205 -44.71 -34.15 39.88
N THR F 206 -44.53 -35.47 39.73
CA THR F 206 -43.34 -36.14 39.17
C THR F 206 -43.77 -36.82 37.85
N THR F 207 -45.08 -36.93 37.62
CA THR F 207 -45.69 -37.54 36.43
C THR F 207 -46.49 -36.51 35.61
N ASP F 208 -46.80 -36.84 34.34
CA ASP F 208 -47.58 -35.99 33.43
C ASP F 208 -49.02 -35.87 33.91
N LYS F 209 -49.48 -34.63 34.13
CA LYS F 209 -50.83 -34.35 34.62
C LYS F 209 -51.68 -33.59 33.62
N VAL F 210 -53.02 -33.81 33.67
CA VAL F 210 -53.98 -33.15 32.79
C VAL F 210 -55.14 -32.53 33.60
N ILE F 211 -55.38 -31.22 33.41
CA ILE F 211 -56.44 -30.47 34.10
C ILE F 211 -57.61 -30.30 33.12
N ASN F 212 -58.74 -30.98 33.41
CA ASN F 212 -59.95 -30.95 32.59
C ASN F 212 -60.70 -29.63 32.66
N ASN F 213 -61.13 -29.12 31.49
CA ASN F 213 -61.87 -27.87 31.29
C ASN F 213 -61.18 -26.65 31.94
N CYS F 214 -60.03 -26.24 31.36
CA CYS F 214 -59.23 -25.11 31.83
C CYS F 214 -58.43 -24.46 30.70
N LYS F 215 -57.97 -23.21 30.92
CA LYS F 215 -57.14 -22.45 29.98
C LYS F 215 -55.72 -22.29 30.53
N VAL F 216 -54.72 -22.23 29.63
CA VAL F 216 -53.30 -22.10 29.95
C VAL F 216 -52.98 -20.84 30.80
N ASP F 217 -53.68 -19.72 30.52
CA ASP F 217 -53.54 -18.44 31.22
C ASP F 217 -54.03 -18.51 32.67
N GLN F 218 -54.95 -19.46 32.96
CA GLN F 218 -55.52 -19.69 34.30
C GLN F 218 -54.67 -20.65 35.16
N CYS F 219 -53.49 -21.08 34.64
CA CYS F 219 -52.58 -22.00 35.33
C CYS F 219 -51.15 -21.46 35.43
N HIS F 220 -50.38 -21.97 36.41
CA HIS F 220 -48.98 -21.60 36.68
C HIS F 220 -48.17 -22.84 37.08
N ALA F 221 -47.01 -23.04 36.45
CA ALA F 221 -46.12 -24.18 36.71
C ALA F 221 -44.66 -23.76 36.87
N ALA F 222 -43.92 -24.47 37.76
CA ALA F 222 -42.50 -24.21 38.04
C ALA F 222 -41.74 -25.50 38.39
N VAL F 223 -40.49 -25.62 37.87
CA VAL F 223 -39.60 -26.76 38.10
C VAL F 223 -38.90 -26.57 39.46
N THR F 224 -38.94 -27.61 40.32
CA THR F 224 -38.31 -27.57 41.65
C THR F 224 -36.95 -28.27 41.65
N ASN F 225 -35.87 -27.48 41.79
CA ASN F 225 -34.49 -27.98 41.83
C ASN F 225 -33.95 -27.95 43.26
N HIS F 226 -33.88 -28.25 43.93
CA HIS F 226 -33.41 -27.98 45.30
C HIS F 226 -31.98 -28.47 45.54
N LYS F 227 -31.36 -29.09 44.52
CA LYS F 227 -30.00 -29.63 44.58
C LYS F 227 -28.92 -28.56 44.42
N LYS F 228 -29.16 -27.54 43.57
CA LYS F 228 -28.19 -26.48 43.28
C LYS F 228 -28.47 -25.15 43.99
N TRP F 229 -27.44 -24.29 44.08
CA TRP F 229 -27.49 -22.95 44.69
C TRP F 229 -27.54 -21.90 43.58
N GLN F 230 -28.19 -20.75 43.86
CA GLN F 230 -28.35 -19.65 42.92
C GLN F 230 -28.30 -18.30 43.64
N TYR F 231 -27.68 -17.28 43.03
CA TYR F 231 -27.54 -15.93 43.59
C TYR F 231 -28.89 -15.30 43.91
N ASN F 232 -28.97 -14.58 45.05
CA ASN F 232 -30.17 -13.87 45.51
C ASN F 232 -30.38 -12.65 44.60
N SER F 233 -30.97 -12.90 43.42
CA SER F 233 -31.20 -11.91 42.38
C SER F 233 -32.60 -11.29 42.43
N PRO F 234 -32.71 -9.96 42.26
CA PRO F 234 -34.04 -9.33 42.24
C PRO F 234 -34.78 -9.54 40.92
N LEU F 235 -34.08 -10.06 39.89
CA LEU F 235 -34.61 -10.33 38.56
C LEU F 235 -35.17 -11.77 38.44
N VAL F 236 -35.04 -12.56 39.52
CA VAL F 236 -35.50 -13.96 39.63
C VAL F 236 -36.46 -14.05 40.85
N PRO F 237 -37.63 -14.74 40.75
CA PRO F 237 -38.54 -14.81 41.91
C PRO F 237 -38.01 -15.63 43.10
N ARG F 238 -38.54 -15.35 44.31
CA ARG F 238 -38.17 -16.05 45.54
C ARG F 238 -38.89 -17.40 45.62
N ASN F 239 -38.21 -18.41 46.22
CA ASN F 239 -38.75 -19.77 46.40
C ASN F 239 -39.99 -19.76 47.29
N ALA F 240 -41.13 -20.22 46.73
CA ALA F 240 -42.45 -20.26 47.39
C ALA F 240 -42.44 -20.93 48.77
N GLU F 241 -42.02 -22.20 48.85
CA GLU F 241 -41.95 -22.95 50.11
C GLU F 241 -40.62 -22.68 50.85
N LEU F 242 -40.35 -21.38 51.10
CA LEU F 242 -39.12 -20.88 51.75
C LEU F 242 -39.33 -19.42 52.19
N GLY F 243 -38.90 -19.11 53.41
CA GLY F 243 -38.97 -17.77 53.97
C GLY F 243 -37.73 -16.98 53.62
N ASP F 244 -36.82 -16.81 54.59
CA ASP F 244 -35.54 -16.11 54.40
C ASP F 244 -34.32 -17.05 54.56
N ARG F 245 -34.47 -18.31 54.12
CA ARG F 245 -33.41 -19.32 54.15
C ARG F 245 -32.45 -19.02 53.01
N LYS F 246 -31.19 -18.69 53.35
CA LYS F 246 -30.16 -18.32 52.37
C LYS F 246 -28.74 -18.69 52.83
N GLY F 247 -27.84 -18.80 51.86
CA GLY F 247 -26.42 -19.07 52.06
C GLY F 247 -25.58 -17.90 51.60
N LYS F 248 -24.26 -17.99 51.77
CA LYS F 248 -23.33 -16.93 51.35
C LYS F 248 -21.99 -17.46 50.86
N ILE F 249 -21.42 -16.83 49.82
CA ILE F 249 -20.14 -17.21 49.22
C ILE F 249 -19.20 -16.02 49.03
N HIS F 250 -17.89 -16.21 49.33
CA HIS F 250 -16.86 -15.17 49.17
C HIS F 250 -16.66 -14.88 47.69
N ILE F 251 -16.50 -13.59 47.34
CA ILE F 251 -16.35 -13.15 45.96
C ILE F 251 -14.97 -12.61 45.57
N PRO F 252 -14.45 -12.91 44.35
CA PRO F 252 -13.14 -12.38 43.96
C PRO F 252 -13.15 -10.90 43.59
N PHE F 253 -11.94 -10.35 43.32
CA PHE F 253 -11.67 -8.96 42.94
C PHE F 253 -12.13 -7.89 43.95
N PRO F 254 -11.53 -7.83 45.18
CA PRO F 254 -11.96 -6.79 46.13
C PRO F 254 -11.31 -5.43 45.88
N LEU F 255 -11.90 -4.36 46.44
CA LEU F 255 -11.38 -3.00 46.29
C LEU F 255 -10.25 -2.78 47.30
N ALA F 256 -9.12 -2.23 46.82
CA ALA F 256 -7.93 -1.95 47.64
C ALA F 256 -7.26 -0.63 47.23
N ASN F 257 -6.77 0.14 48.22
CA ASN F 257 -6.09 1.41 47.99
C ASN F 257 -4.68 1.18 47.46
N VAL F 258 -4.41 1.71 46.25
CA VAL F 258 -3.12 1.59 45.55
C VAL F 258 -2.50 2.96 45.24
N THR F 259 -1.45 2.98 44.39
CA THR F 259 -0.74 4.19 43.98
C THR F 259 -0.83 4.35 42.46
N CYS F 260 -1.34 5.50 42.00
CA CYS F 260 -1.50 5.84 40.59
C CYS F 260 -0.36 6.75 40.12
N ARG F 261 0.28 6.39 38.99
CA ARG F 261 1.39 7.16 38.43
C ARG F 261 0.87 8.14 37.38
N VAL F 262 1.05 9.45 37.64
CA VAL F 262 0.59 10.54 36.77
C VAL F 262 1.76 11.34 36.17
N PRO F 263 1.68 11.79 34.90
CA PRO F 263 2.80 12.56 34.33
C PRO F 263 2.80 14.03 34.73
N LYS F 264 3.97 14.67 34.69
CA LYS F 264 4.13 16.09 34.99
C LYS F 264 4.27 16.86 33.67
N ALA F 265 3.45 17.91 33.51
CA ALA F 265 3.43 18.77 32.31
C ALA F 265 4.76 19.49 32.12
N ARG F 266 5.16 19.74 30.86
CA ARG F 266 6.41 20.41 30.51
C ARG F 266 6.47 21.85 31.04
N ASN F 267 7.66 22.27 31.53
CA ASN F 267 7.91 23.59 32.10
C ASN F 267 7.64 24.72 31.09
N PRO F 268 6.78 25.70 31.43
CA PRO F 268 6.48 26.77 30.46
C PRO F 268 7.59 27.83 30.36
N THR F 269 7.58 28.60 29.25
CA THR F 269 8.53 29.68 29.01
C THR F 269 8.18 30.84 29.95
N VAL F 270 9.00 31.05 30.97
CA VAL F 270 8.80 32.07 32.00
C VAL F 270 9.69 33.32 31.81
N THR F 271 9.05 34.50 31.78
CA THR F 271 9.70 35.81 31.63
C THR F 271 9.18 36.75 32.72
N TYR F 272 10.11 37.36 33.49
CA TYR F 272 9.77 38.26 34.60
C TYR F 272 9.67 39.72 34.19
N GLY F 273 8.84 40.47 34.91
CA GLY F 273 8.61 41.90 34.71
C GLY F 273 8.36 42.65 36.01
N LYS F 274 8.04 43.94 35.90
CA LYS F 274 7.77 44.83 37.05
C LYS F 274 6.49 44.37 37.78
N ASN F 275 6.68 43.64 38.91
CA ASN F 275 5.63 43.08 39.78
C ASN F 275 4.64 42.15 39.05
N GLN F 276 5.09 41.53 37.93
CA GLN F 276 4.28 40.62 37.12
C GLN F 276 5.09 39.45 36.53
N VAL F 277 4.41 38.31 36.31
CA VAL F 277 5.01 37.09 35.75
C VAL F 277 4.25 36.65 34.47
N ILE F 278 5.01 36.39 33.39
CA ILE F 278 4.46 35.97 32.10
C ILE F 278 4.82 34.50 31.81
N MET F 279 3.80 33.68 31.51
CA MET F 279 3.96 32.26 31.23
C MET F 279 3.40 31.87 29.86
N LEU F 280 4.20 31.18 29.05
CA LEU F 280 3.81 30.68 27.73
C LEU F 280 3.51 29.19 27.86
N LEU F 281 2.24 28.86 28.10
CA LEU F 281 1.77 27.49 28.31
C LEU F 281 1.52 26.70 27.02
N TYR F 282 2.22 25.56 26.88
CA TYR F 282 2.11 24.66 25.74
C TYR F 282 1.63 23.26 26.20
N PRO F 283 0.31 23.06 26.37
CA PRO F 283 -0.18 21.75 26.85
C PRO F 283 -0.42 20.72 25.74
N ASP F 284 -0.02 19.47 26.00
CA ASP F 284 -0.20 18.34 25.09
C ASP F 284 -1.60 17.76 25.29
N HIS F 285 -2.11 17.83 26.52
CA HIS F 285 -3.42 17.34 26.97
C HIS F 285 -4.05 18.38 27.93
N PRO F 286 -5.39 18.34 28.25
CA PRO F 286 -5.96 19.34 29.18
C PRO F 286 -5.27 19.39 30.54
N THR F 287 -4.53 20.48 30.79
CA THR F 287 -3.75 20.72 32.00
C THR F 287 -4.36 21.85 32.85
N LEU F 288 -4.51 21.60 34.17
CA LEU F 288 -5.10 22.57 35.11
C LEU F 288 -4.05 23.55 35.66
N LEU F 289 -4.36 24.85 35.55
CA LEU F 289 -3.52 25.94 36.05
C LEU F 289 -4.23 26.64 37.20
N SER F 290 -3.58 26.69 38.37
CA SER F 290 -4.11 27.33 39.57
C SER F 290 -3.07 28.25 40.21
N TYR F 291 -3.52 29.38 40.78
CA TYR F 291 -2.64 30.36 41.42
C TYR F 291 -3.26 31.04 42.63
N ARG F 292 -2.43 31.34 43.64
CA ARG F 292 -2.83 31.99 44.90
C ARG F 292 -1.72 32.89 45.47
N ASN F 293 -2.13 33.91 46.25
CA ASN F 293 -1.21 34.84 46.91
C ASN F 293 -0.80 34.24 48.26
N MET F 294 0.46 34.45 48.66
CA MET F 294 1.01 33.93 49.92
C MET F 294 0.91 34.95 51.08
N GLY F 295 -0.26 35.58 51.20
CA GLY F 295 -0.55 36.57 52.23
C GLY F 295 -1.88 36.39 52.91
N GLU F 296 -2.51 37.52 53.33
CA GLU F 296 -3.80 37.54 54.02
C GLU F 296 -4.95 37.15 53.08
N GLU F 297 -4.99 37.75 51.87
CA GLU F 297 -5.99 37.46 50.85
C GLU F 297 -5.38 36.53 49.78
N PRO F 298 -5.74 35.22 49.77
CA PRO F 298 -5.14 34.32 48.77
C PRO F 298 -5.68 34.50 47.35
N ASN F 299 -7.01 34.72 47.23
CA ASN F 299 -7.74 34.92 45.97
C ASN F 299 -7.44 33.82 44.94
N TYR F 300 -7.90 32.59 45.24
CA TYR F 300 -7.69 31.40 44.41
C TYR F 300 -8.44 31.51 43.08
N GLN F 301 -7.73 31.20 41.98
CA GLN F 301 -8.26 31.21 40.62
C GLN F 301 -7.83 29.93 39.90
N GLU F 302 -8.78 29.22 39.26
CA GLU F 302 -8.50 27.98 38.54
C GLU F 302 -9.04 28.00 37.10
N GLU F 303 -8.27 27.43 36.17
CA GLU F 303 -8.62 27.35 34.74
C GLU F 303 -7.96 26.16 34.03
N TRP F 304 -8.72 25.47 33.17
CA TRP F 304 -8.23 24.33 32.40
C TRP F 304 -7.62 24.80 31.07
N VAL F 305 -6.29 24.76 30.98
CA VAL F 305 -5.55 25.19 29.78
C VAL F 305 -5.49 24.01 28.79
N MET F 306 -5.92 24.25 27.55
CA MET F 306 -5.95 23.24 26.49
C MET F 306 -5.15 23.63 25.25
N HIS F 307 -5.18 24.93 24.88
CA HIS F 307 -4.48 25.48 23.71
C HIS F 307 -3.27 26.32 24.13
N LYS F 308 -2.53 26.88 23.13
CA LYS F 308 -1.36 27.74 23.34
C LYS F 308 -1.85 29.04 24.01
N LYS F 309 -1.40 29.29 25.25
CA LYS F 309 -1.86 30.46 26.00
C LYS F 309 -0.75 31.23 26.70
N GLU F 310 -0.90 32.57 26.75
CA GLU F 310 0.00 33.52 27.40
C GLU F 310 -0.75 34.11 28.60
N VAL F 311 -0.23 33.89 29.82
CA VAL F 311 -0.85 34.40 31.04
C VAL F 311 0.02 35.39 31.82
N VAL F 312 -0.54 36.57 32.14
CA VAL F 312 0.13 37.62 32.90
C VAL F 312 -0.47 37.66 34.31
N LEU F 313 0.35 37.32 35.32
CA LEU F 313 -0.08 37.26 36.72
C LEU F 313 0.70 38.25 37.58
N THR F 314 -0.01 39.07 38.37
CA THR F 314 0.58 40.07 39.26
C THR F 314 1.17 39.40 40.51
N VAL F 315 2.44 39.73 40.84
CA VAL F 315 3.14 39.18 41.99
C VAL F 315 3.20 40.22 43.14
N PRO F 316 2.48 39.99 44.27
CA PRO F 316 2.54 40.95 45.38
C PRO F 316 3.75 40.74 46.29
N THR F 317 3.97 41.67 47.25
CA THR F 317 5.10 41.63 48.22
C THR F 317 5.17 40.32 49.03
N GLU F 318 3.99 39.76 49.38
CA GLU F 318 3.87 38.51 50.14
C GLU F 318 4.31 37.28 49.35
N GLY F 319 4.10 37.32 48.03
CA GLY F 319 4.47 36.23 47.12
C GLY F 319 3.30 35.62 46.38
N LEU F 320 3.59 34.97 45.24
CA LEU F 320 2.60 34.30 44.39
C LEU F 320 3.00 32.85 44.13
N GLU F 321 2.09 31.89 44.46
CA GLU F 321 2.29 30.46 44.26
C GLU F 321 1.46 30.00 43.06
N VAL F 322 2.12 29.44 42.04
CA VAL F 322 1.48 28.96 40.80
C VAL F 322 1.69 27.44 40.65
N THR F 323 0.59 26.69 40.46
CA THR F 323 0.62 25.24 40.27
C THR F 323 0.20 24.93 38.83
N TRP F 324 1.11 24.34 38.04
CA TRP F 324 0.88 23.98 36.64
C TRP F 324 0.82 22.46 36.50
N GLY F 325 -0.39 21.92 36.53
CA GLY F 325 -0.67 20.49 36.43
C GLY F 325 -0.20 19.70 37.64
N ASN F 326 0.44 18.56 37.39
CA ASN F 326 0.96 17.67 38.44
C ASN F 326 2.35 18.06 38.95
N ASN F 327 2.93 19.16 38.42
CA ASN F 327 4.23 19.68 38.84
C ASN F 327 4.14 20.32 40.21
N GLU F 328 5.27 20.37 40.94
CA GLU F 328 5.35 20.98 42.28
C GLU F 328 5.10 22.49 42.18
N PRO F 329 4.39 23.11 43.16
CA PRO F 329 4.07 24.54 43.04
C PRO F 329 5.26 25.48 42.92
N TYR F 330 5.25 26.33 41.86
CA TYR F 330 6.28 27.32 41.60
C TYR F 330 5.97 28.55 42.47
N LYS F 331 6.96 29.02 43.24
CA LYS F 331 6.81 30.18 44.11
C LYS F 331 7.59 31.37 43.59
N TYR F 332 6.94 32.55 43.54
CA TYR F 332 7.54 33.79 43.02
C TYR F 332 7.45 34.94 43.99
N TRP F 333 8.57 35.67 44.17
CA TRP F 333 8.70 36.84 45.04
C TRP F 333 9.33 38.02 44.29
N PRO F 334 8.85 39.27 44.46
CA PRO F 334 9.48 40.39 43.73
C PRO F 334 10.76 40.89 44.40
N GLN F 335 11.70 41.42 43.60
CA GLN F 335 12.97 41.96 44.09
C GLN F 335 12.77 43.34 44.75
N LEU F 336 13.51 43.59 45.83
CA LEU F 336 13.44 44.84 46.61
C LEU F 336 14.03 46.03 45.86
N TYR G 1 -82.91 29.20 38.83
CA TYR G 1 -82.23 30.46 39.17
C TYR G 1 -80.87 30.54 38.47
N GLU G 2 -80.70 31.58 37.63
CA GLU G 2 -79.49 31.84 36.88
C GLU G 2 -78.44 32.55 37.74
N HIS G 3 -77.26 31.95 37.88
CA HIS G 3 -76.13 32.49 38.64
C HIS G 3 -74.95 32.78 37.72
N VAL G 4 -74.64 34.06 37.54
CA VAL G 4 -73.53 34.54 36.70
C VAL G 4 -72.33 34.85 37.59
N THR G 5 -71.14 34.34 37.22
CA THR G 5 -69.90 34.54 37.97
C THR G 5 -68.69 34.62 37.04
N VAL G 6 -67.65 35.36 37.45
CA VAL G 6 -66.41 35.54 36.68
C VAL G 6 -65.22 35.01 37.49
N ILE G 7 -64.49 34.03 36.93
CA ILE G 7 -63.31 33.43 37.57
C ILE G 7 -62.06 33.63 36.70
N PRO G 8 -60.84 33.79 37.28
CA PRO G 8 -59.64 33.98 36.44
C PRO G 8 -59.28 32.73 35.64
N ASN G 9 -58.66 32.90 34.47
CA ASN G 9 -58.24 31.81 33.58
C ASN G 9 -56.99 31.10 34.15
N THR G 10 -57.13 30.49 35.36
CA THR G 10 -56.05 29.80 36.05
C THR G 10 -56.48 28.37 36.40
N VAL G 11 -55.78 27.40 35.80
CA VAL G 11 -56.01 25.96 35.96
C VAL G 11 -55.35 25.46 37.26
N GLY G 12 -56.12 24.69 38.05
CA GLY G 12 -55.65 24.09 39.30
C GLY G 12 -56.02 24.81 40.57
N VAL G 13 -56.62 26.01 40.47
CA VAL G 13 -57.02 26.81 41.63
C VAL G 13 -58.54 26.70 41.87
N PRO G 14 -59.00 26.26 43.06
CA PRO G 14 -60.45 26.19 43.30
C PRO G 14 -61.02 27.53 43.75
N TYR G 15 -62.16 27.94 43.13
CA TYR G 15 -62.82 29.20 43.43
C TYR G 15 -64.24 28.94 43.96
N LYS G 16 -64.59 29.59 45.09
CA LYS G 16 -65.90 29.44 45.71
C LYS G 16 -66.80 30.65 45.49
N THR G 17 -68.07 30.38 45.12
CA THR G 17 -69.08 31.41 44.86
C THR G 17 -70.31 31.23 45.74
N LEU G 18 -70.86 32.35 46.25
CA LEU G 18 -72.05 32.33 47.09
C LEU G 18 -73.30 32.62 46.26
N VAL G 19 -74.20 31.64 46.20
CA VAL G 19 -75.47 31.71 45.46
C VAL G 19 -76.56 32.11 46.45
N ASN G 20 -77.05 33.36 46.35
CA ASN G 20 -78.07 33.89 47.24
C ASN G 20 -79.36 34.25 46.49
N ARG G 21 -80.30 33.29 46.43
CA ARG G 21 -81.60 33.47 45.80
C ARG G 21 -82.51 34.08 46.88
N PRO G 22 -83.04 35.33 46.68
CA PRO G 22 -83.89 35.94 47.72
C PRO G 22 -85.07 35.07 48.18
N GLY G 23 -85.17 34.89 49.50
CA GLY G 23 -86.20 34.08 50.13
C GLY G 23 -85.79 32.63 50.36
N TYR G 24 -84.63 32.23 49.80
CA TYR G 24 -84.09 30.87 49.90
C TYR G 24 -82.69 30.88 50.54
N SER G 25 -82.38 29.82 51.32
CA SER G 25 -81.13 29.63 52.04
C SER G 25 -79.91 29.66 51.10
N PRO G 26 -78.80 30.36 51.48
CA PRO G 26 -77.63 30.44 50.59
C PRO G 26 -76.98 29.10 50.24
N MET G 27 -76.34 29.05 49.07
CA MET G 27 -75.67 27.88 48.50
C MET G 27 -74.25 28.25 48.08
N VAL G 28 -73.27 27.38 48.39
CA VAL G 28 -71.86 27.59 48.06
C VAL G 28 -71.40 26.56 47.03
N LEU G 29 -70.89 27.05 45.87
CA LEU G 29 -70.40 26.20 44.79
C LEU G 29 -68.89 26.36 44.61
N GLU G 30 -68.16 25.23 44.55
CA GLU G 30 -66.73 25.20 44.36
C GLU G 30 -66.44 24.86 42.89
N MET G 31 -65.74 25.77 42.18
CA MET G 31 -65.40 25.58 40.77
C MET G 31 -63.89 25.56 40.57
N GLU G 32 -63.41 24.62 39.74
CA GLU G 32 -61.99 24.47 39.44
C GLU G 32 -61.78 24.17 37.96
N LEU G 33 -60.88 24.91 37.31
CA LEU G 33 -60.54 24.69 35.91
C LEU G 33 -59.54 23.55 35.81
N LEU G 34 -59.90 22.50 35.06
CA LEU G 34 -59.06 21.32 34.88
C LEU G 34 -58.18 21.46 33.64
N SER G 35 -58.71 22.13 32.58
CA SER G 35 -58.02 22.41 31.32
C SER G 35 -58.70 23.52 30.54
N VAL G 36 -57.90 24.35 29.86
CA VAL G 36 -58.36 25.45 28.99
C VAL G 36 -57.64 25.22 27.65
N THR G 37 -58.39 24.72 26.65
CA THR G 37 -57.85 24.37 25.33
C THR G 37 -58.24 25.38 24.24
N LEU G 38 -57.21 25.90 23.54
CA LEU G 38 -57.36 26.84 22.41
C LEU G 38 -56.88 26.15 21.14
N GLU G 39 -57.82 25.64 20.33
CA GLU G 39 -57.50 24.92 19.09
C GLU G 39 -57.64 25.82 17.84
N PRO G 40 -56.53 26.14 17.14
CA PRO G 40 -56.66 26.99 15.95
C PRO G 40 -57.09 26.23 14.70
N THR G 41 -57.85 26.91 13.80
CA THR G 41 -58.32 26.35 12.54
C THR G 41 -57.13 26.39 11.57
N LEU G 42 -56.63 25.21 11.17
CA LEU G 42 -55.47 25.07 10.31
C LEU G 42 -55.79 24.76 8.86
N SER G 43 -54.88 25.18 7.97
CA SER G 43 -54.92 24.95 6.53
C SER G 43 -53.51 24.61 6.10
N LEU G 44 -53.29 23.34 5.70
CA LEU G 44 -51.98 22.84 5.28
C LEU G 44 -51.57 23.45 3.94
N ASP G 45 -50.43 24.15 3.92
CA ASP G 45 -49.88 24.75 2.71
C ASP G 45 -49.11 23.67 1.95
N TYR G 46 -48.13 23.04 2.64
CA TYR G 46 -47.27 21.97 2.12
C TYR G 46 -46.56 21.23 3.27
N ILE G 47 -45.77 20.20 2.93
CA ILE G 47 -44.95 19.43 3.87
C ILE G 47 -43.52 19.32 3.33
N THR G 48 -42.53 19.43 4.22
CA THR G 48 -41.12 19.29 3.84
C THR G 48 -40.45 18.12 4.55
N CYS G 49 -39.51 17.46 3.87
CA CYS G 49 -38.79 16.29 4.36
C CYS G 49 -37.40 16.20 3.72
N GLU G 50 -36.71 15.06 3.88
CA GLU G 50 -35.40 14.81 3.28
C GLU G 50 -35.62 14.48 1.81
N TYR G 51 -34.74 14.97 0.91
CA TYR G 51 -34.88 14.69 -0.51
C TYR G 51 -34.01 13.50 -0.94
N LYS G 52 -34.36 12.88 -2.08
CA LYS G 52 -33.62 11.75 -2.65
C LYS G 52 -33.13 12.12 -4.06
N THR G 53 -31.80 12.17 -4.23
CA THR G 53 -31.17 12.48 -5.52
C THR G 53 -31.04 11.17 -6.29
N VAL G 54 -32.05 10.86 -7.12
CA VAL G 54 -32.13 9.64 -7.93
C VAL G 54 -31.17 9.75 -9.11
N ILE G 55 -30.07 8.98 -9.06
CA ILE G 55 -29.04 8.94 -10.11
C ILE G 55 -28.89 7.53 -10.72
N PRO G 56 -29.29 7.32 -12.00
CA PRO G 56 -29.15 5.97 -12.59
C PRO G 56 -27.73 5.69 -13.09
N SER G 57 -27.53 4.52 -13.73
CA SER G 57 -26.23 4.13 -14.29
C SER G 57 -25.85 5.06 -15.45
N PRO G 58 -24.62 5.63 -15.47
CA PRO G 58 -24.27 6.55 -16.57
C PRO G 58 -24.10 5.86 -17.92
N TYR G 59 -24.68 6.45 -18.97
CA TYR G 59 -24.60 5.90 -20.32
C TYR G 59 -23.25 6.25 -20.96
N VAL G 60 -22.32 5.29 -20.95
CA VAL G 60 -20.99 5.45 -21.51
C VAL G 60 -21.03 4.97 -22.97
N LYS G 61 -20.97 5.93 -23.91
CA LYS G 61 -21.00 5.62 -25.34
C LYS G 61 -19.57 5.49 -25.88
N CYS G 62 -19.16 4.26 -26.19
CA CYS G 62 -17.83 3.98 -26.72
C CYS G 62 -17.84 4.21 -28.24
N CYS G 63 -16.87 4.99 -28.73
CA CYS G 63 -16.69 5.37 -30.14
C CYS G 63 -17.94 6.06 -30.73
N GLY G 64 -18.42 7.07 -30.02
CA GLY G 64 -19.60 7.84 -30.42
C GLY G 64 -20.03 8.93 -29.46
N THR G 65 -21.13 9.63 -29.81
CA THR G 65 -21.69 10.74 -29.04
C THR G 65 -23.11 10.43 -28.53
N ALA G 66 -23.36 10.76 -27.24
CA ALA G 66 -24.65 10.61 -26.59
C ALA G 66 -25.31 11.99 -26.51
N GLU G 67 -26.65 12.04 -26.56
CA GLU G 67 -27.38 13.32 -26.51
C GLU G 67 -28.39 13.41 -25.37
N CYS G 68 -28.41 14.57 -24.68
CA CYS G 68 -29.31 14.84 -23.56
C CYS G 68 -30.73 15.07 -24.02
N LYS G 69 -31.69 14.40 -23.35
CA LYS G 69 -33.11 14.51 -23.61
C LYS G 69 -33.74 15.33 -22.48
N ASP G 70 -34.42 16.45 -22.83
CA ASP G 70 -35.08 17.32 -21.86
C ASP G 70 -36.29 16.61 -21.24
N LYS G 71 -36.15 16.22 -19.96
CA LYS G 71 -37.18 15.49 -19.21
C LYS G 71 -37.91 16.38 -18.21
N ASN G 72 -39.22 16.19 -18.06
CA ASN G 72 -40.06 16.94 -17.13
C ASN G 72 -40.04 16.24 -15.75
N LEU G 73 -38.96 16.48 -14.99
CA LEU G 73 -38.74 15.92 -13.66
C LEU G 73 -38.21 16.98 -12.69
N PRO G 74 -38.54 16.93 -11.37
CA PRO G 74 -38.05 17.97 -10.44
C PRO G 74 -36.53 18.01 -10.32
N ASP G 75 -35.95 19.19 -10.61
CA ASP G 75 -34.51 19.48 -10.60
C ASP G 75 -33.71 18.59 -11.56
N TYR G 76 -34.29 18.27 -12.73
CA TYR G 76 -33.66 17.43 -13.76
C TYR G 76 -32.41 18.11 -14.31
N SER G 77 -31.29 17.40 -14.24
CA SER G 77 -29.98 17.86 -14.69
C SER G 77 -29.36 16.83 -15.63
N CYS G 78 -28.82 17.28 -16.77
CA CYS G 78 -28.21 16.42 -17.78
C CYS G 78 -26.94 17.06 -18.35
N LYS G 79 -25.91 16.24 -18.60
CA LYS G 79 -24.63 16.67 -19.17
C LYS G 79 -23.90 15.52 -19.87
N VAL G 80 -23.27 15.82 -21.02
CA VAL G 80 -22.49 14.86 -21.81
C VAL G 80 -21.02 15.29 -21.78
N PHE G 81 -20.13 14.39 -21.35
CA PHE G 81 -18.69 14.66 -21.24
C PHE G 81 -17.90 13.97 -22.34
N THR G 82 -17.19 14.76 -23.16
CA THR G 82 -16.37 14.30 -24.29
C THR G 82 -14.94 13.94 -23.87
N GLY G 83 -14.34 13.00 -24.60
CA GLY G 83 -12.98 12.54 -24.37
C GLY G 83 -12.77 11.77 -23.08
N VAL G 84 -13.70 10.83 -22.78
CA VAL G 84 -13.64 10.00 -21.58
C VAL G 84 -13.08 8.60 -21.89
N TYR G 85 -12.16 8.13 -21.05
CA TYR G 85 -11.56 6.81 -21.24
C TYR G 85 -11.17 6.19 -19.90
N PRO G 86 -12.18 5.75 -19.15
CA PRO G 86 -11.93 5.13 -17.83
C PRO G 86 -11.93 3.61 -17.93
N PHE G 87 -11.59 2.95 -16.83
CA PHE G 87 -11.55 1.49 -16.79
C PHE G 87 -12.45 0.95 -15.68
N MET G 88 -12.10 -0.22 -15.16
CA MET G 88 -12.87 -0.86 -14.11
C MET G 88 -12.07 -1.95 -13.40
N TRP G 89 -12.68 -2.56 -12.38
CA TRP G 89 -12.02 -3.62 -11.63
C TRP G 89 -11.33 -4.62 -12.56
N GLY G 90 -11.99 -4.93 -13.67
CA GLY G 90 -11.44 -5.86 -14.64
C GLY G 90 -10.50 -5.20 -15.62
N GLY G 91 -10.85 -3.99 -16.05
CA GLY G 91 -10.04 -3.25 -16.99
C GLY G 91 -10.79 -2.09 -17.63
N ALA G 92 -10.47 -1.81 -18.89
CA ALA G 92 -11.11 -0.73 -19.62
C ALA G 92 -12.58 -1.06 -19.90
N TYR G 93 -13.12 -0.45 -20.95
CA TYR G 93 -14.51 -0.67 -21.32
C TYR G 93 -14.83 -0.05 -22.68
N CYS G 94 -13.85 0.64 -23.25
CA CYS G 94 -14.01 1.29 -24.55
C CYS G 94 -12.87 0.95 -25.49
N PHE G 95 -13.10 1.10 -26.78
CA PHE G 95 -12.09 0.80 -27.80
C PHE G 95 -11.30 2.06 -28.19
N CYS G 96 -12.02 3.16 -28.49
CA CYS G 96 -11.45 4.46 -28.88
C CYS G 96 -10.72 5.16 -27.73
N ASP G 97 -9.76 6.03 -28.06
CA ASP G 97 -8.96 6.77 -27.08
C ASP G 97 -9.57 8.10 -26.64
N ALA G 98 -10.14 8.87 -27.59
CA ALA G 98 -10.72 10.18 -27.33
C ALA G 98 -12.13 10.39 -27.92
N GLU G 99 -12.62 9.40 -28.70
CA GLU G 99 -13.91 9.46 -29.37
C GLU G 99 -15.09 8.89 -28.55
N ASN G 100 -14.93 8.83 -27.21
CA ASN G 100 -15.97 8.30 -26.30
C ASN G 100 -16.65 9.41 -25.51
N THR G 101 -17.95 9.21 -25.18
CA THR G 101 -18.77 10.15 -24.42
C THR G 101 -19.48 9.47 -23.24
N GLN G 102 -19.89 10.26 -22.23
CA GLN G 102 -20.61 9.78 -21.05
C GLN G 102 -21.80 10.68 -20.73
N LEU G 103 -23.02 10.13 -20.74
CA LEU G 103 -24.24 10.85 -20.44
C LEU G 103 -24.54 10.72 -18.93
N SER G 104 -24.51 11.85 -18.22
CA SER G 104 -24.79 11.90 -16.78
C SER G 104 -26.11 12.63 -16.52
N GLU G 105 -27.17 11.85 -16.23
CA GLU G 105 -28.50 12.38 -15.94
C GLU G 105 -28.88 12.21 -14.47
N ALA G 106 -29.64 13.17 -13.91
CA ALA G 106 -30.07 13.19 -12.51
C ALA G 106 -31.36 13.98 -12.29
N HIS G 107 -32.10 13.65 -11.21
CA HIS G 107 -33.33 14.33 -10.79
C HIS G 107 -33.59 14.14 -9.29
N VAL G 108 -34.34 15.08 -8.68
CA VAL G 108 -34.66 15.08 -7.25
C VAL G 108 -36.09 14.57 -6.99
N GLU G 109 -36.22 13.62 -6.06
CA GLU G 109 -37.49 13.01 -5.64
C GLU G 109 -37.65 13.06 -4.12
N LYS G 110 -38.86 12.76 -3.63
CA LYS G 110 -39.15 12.68 -2.20
C LYS G 110 -38.56 11.37 -1.69
N SER G 111 -37.84 11.41 -0.55
CA SER G 111 -37.24 10.21 0.06
C SER G 111 -38.32 9.29 0.61
N GLU G 112 -37.99 8.00 0.81
CA GLU G 112 -38.90 6.98 1.35
C GLU G 112 -39.36 7.34 2.78
N SER G 113 -38.53 8.11 3.50
CA SER G 113 -38.75 8.59 4.86
C SER G 113 -39.85 9.64 5.00
N CYS G 114 -40.18 10.37 3.91
CA CYS G 114 -41.19 11.44 3.89
C CYS G 114 -42.56 11.08 4.49
N LYS G 115 -42.91 9.77 4.50
CA LYS G 115 -44.17 9.27 5.07
C LYS G 115 -44.09 9.28 6.59
N THR G 116 -42.87 9.09 7.15
CA THR G 116 -42.57 9.04 8.58
C THR G 116 -41.94 10.35 9.08
N GLU G 117 -40.72 10.69 8.58
CA GLU G 117 -39.98 11.90 8.95
C GLU G 117 -40.33 13.09 8.04
N PHE G 118 -41.18 14.00 8.54
CA PHE G 118 -41.65 15.19 7.82
C PHE G 118 -42.09 16.31 8.75
N ALA G 119 -42.03 17.56 8.25
CA ALA G 119 -42.46 18.76 8.95
C ALA G 119 -43.59 19.40 8.15
N SER G 120 -44.72 19.71 8.82
CA SER G 120 -45.89 20.29 8.17
C SER G 120 -45.98 21.81 8.31
N ALA G 121 -46.22 22.50 7.17
CA ALA G 121 -46.35 23.96 7.11
C ALA G 121 -47.83 24.36 7.08
N TYR G 122 -48.35 24.82 8.23
CA TYR G 122 -49.75 25.22 8.42
C TYR G 122 -49.94 26.73 8.42
N ARG G 123 -51.17 27.17 8.11
CA ARG G 123 -51.60 28.56 8.11
C ARG G 123 -52.76 28.70 9.10
N ALA G 124 -52.47 29.19 10.32
CA ALA G 124 -53.47 29.34 11.37
C ALA G 124 -54.36 30.57 11.14
N HIS G 125 -55.69 30.35 11.14
CA HIS G 125 -56.69 31.40 10.92
C HIS G 125 -57.26 31.89 12.25
N THR G 126 -58.37 31.28 12.72
CA THR G 126 -59.05 31.61 13.97
C THR G 126 -59.00 30.41 14.94
N ALA G 127 -59.19 30.67 16.25
CA ALA G 127 -59.16 29.63 17.27
C ALA G 127 -60.48 29.47 18.03
N SER G 128 -60.83 28.21 18.37
CA SER G 128 -62.03 27.87 19.12
C SER G 128 -61.64 27.38 20.52
N ALA G 129 -62.10 28.10 21.56
CA ALA G 129 -61.81 27.79 22.95
C ALA G 129 -62.79 26.77 23.52
N SER G 130 -62.29 25.87 24.40
CA SER G 130 -63.06 24.84 25.08
C SER G 130 -62.41 24.54 26.44
N ALA G 131 -63.23 24.36 27.49
CA ALA G 131 -62.73 24.13 28.84
C ALA G 131 -63.37 22.98 29.60
N LYS G 132 -62.58 22.33 30.48
CA LYS G 132 -62.99 21.24 31.37
C LYS G 132 -63.06 21.84 32.78
N LEU G 133 -64.27 21.89 33.37
CA LEU G 133 -64.51 22.49 34.69
C LEU G 133 -65.11 21.50 35.68
N ARG G 134 -64.55 21.46 36.91
CA ARG G 134 -65.01 20.62 38.02
C ARG G 134 -65.89 21.48 38.93
N VAL G 135 -67.09 20.97 39.26
CA VAL G 135 -68.05 21.69 40.11
C VAL G 135 -68.52 20.79 41.28
N LEU G 136 -68.40 21.30 42.52
CA LEU G 136 -68.86 20.60 43.71
C LEU G 136 -70.33 21.03 43.94
N TYR G 137 -71.24 20.36 43.22
CA TYR G 137 -72.67 20.62 43.25
C TYR G 137 -73.38 19.54 44.07
N GLN G 138 -74.04 19.96 45.17
CA GLN G 138 -74.78 19.12 46.12
C GLN G 138 -73.92 18.01 46.75
N GLY G 139 -72.72 18.38 47.19
CA GLY G 139 -71.74 17.50 47.84
C GLY G 139 -71.14 16.44 46.94
N ASN G 140 -71.14 16.66 45.61
CA ASN G 140 -70.60 15.74 44.62
C ASN G 140 -69.91 16.47 43.47
N ASN G 141 -68.70 16.01 43.11
CA ASN G 141 -67.91 16.58 42.02
C ASN G 141 -68.47 16.17 40.65
N ILE G 142 -68.79 17.18 39.81
CA ILE G 142 -69.31 16.96 38.46
C ILE G 142 -68.37 17.55 37.40
N THR G 143 -68.20 16.83 36.27
CA THR G 143 -67.32 17.24 35.18
C THR G 143 -68.12 17.89 34.05
N VAL G 144 -67.74 19.13 33.67
CA VAL G 144 -68.39 19.90 32.61
C VAL G 144 -67.34 20.25 31.53
N THR G 145 -67.59 19.80 30.29
CA THR G 145 -66.72 20.06 29.13
C THR G 145 -67.56 20.75 28.06
N ALA G 146 -67.25 22.04 27.77
CA ALA G 146 -67.97 22.85 26.80
C ALA G 146 -67.09 23.94 26.16
N TYR G 147 -67.53 24.47 25.00
CA TYR G 147 -66.83 25.54 24.28
C TYR G 147 -66.98 26.86 25.04
N ALA G 148 -65.87 27.61 25.19
CA ALA G 148 -65.85 28.89 25.91
C ALA G 148 -66.24 30.09 25.02
N ASN G 149 -67.39 29.96 24.32
CA ASN G 149 -67.93 30.99 23.42
C ASN G 149 -69.11 31.76 24.05
N GLY G 150 -69.70 31.21 25.12
CA GLY G 150 -70.84 31.79 25.81
C GLY G 150 -72.16 31.52 25.12
N ASP G 151 -72.23 30.39 24.39
CA ASP G 151 -73.43 29.97 23.64
C ASP G 151 -73.71 28.48 23.83
N HIS G 152 -72.65 27.63 23.80
CA HIS G 152 -72.75 26.17 23.97
C HIS G 152 -73.12 25.80 25.41
N ALA G 153 -74.38 25.38 25.61
CA ALA G 153 -74.93 25.00 26.93
C ALA G 153 -74.88 23.49 27.15
N VAL G 154 -74.42 23.08 28.35
CA VAL G 154 -74.30 21.68 28.76
C VAL G 154 -75.07 21.47 30.08
N THR G 155 -76.01 20.51 30.09
CA THR G 155 -76.83 20.20 31.26
C THR G 155 -76.29 18.97 32.03
N VAL G 156 -75.84 19.19 33.27
CA VAL G 156 -75.32 18.17 34.17
C VAL G 156 -76.12 18.28 35.48
N LYS G 157 -76.80 17.17 35.88
CA LYS G 157 -77.65 17.06 37.08
C LYS G 157 -78.75 18.14 37.10
N ASP G 158 -79.44 18.29 35.95
CA ASP G 158 -80.54 19.24 35.69
C ASP G 158 -80.15 20.74 35.81
N ALA G 159 -78.83 21.04 35.73
CA ALA G 159 -78.30 22.40 35.82
C ALA G 159 -77.60 22.78 34.52
N LYS G 160 -78.07 23.87 33.88
CA LYS G 160 -77.53 24.37 32.62
C LYS G 160 -76.26 25.18 32.86
N PHE G 161 -75.16 24.79 32.18
CA PHE G 161 -73.85 25.43 32.28
C PHE G 161 -73.46 26.14 30.99
N ILE G 162 -73.14 27.44 31.07
CA ILE G 162 -72.67 28.24 29.94
C ILE G 162 -71.29 28.82 30.29
N VAL G 163 -70.26 28.40 29.54
CA VAL G 163 -68.87 28.79 29.73
C VAL G 163 -68.46 29.82 28.67
N GLY G 164 -67.80 30.88 29.13
CA GLY G 164 -67.30 31.96 28.27
C GLY G 164 -68.30 33.09 28.04
N PRO G 165 -68.05 34.01 27.08
CA PRO G 165 -66.90 34.08 26.15
C PRO G 165 -65.61 34.57 26.79
N MET G 166 -64.46 34.08 26.30
CA MET G 166 -63.10 34.39 26.76
C MET G 166 -62.84 35.89 26.78
N SER G 167 -62.18 36.38 27.84
CA SER G 167 -61.82 37.78 28.04
C SER G 167 -60.79 38.25 27.00
N SER G 168 -59.79 37.39 26.72
CA SER G 168 -58.72 37.67 25.75
C SER G 168 -58.80 36.74 24.55
N ALA G 169 -58.68 37.30 23.34
CA ALA G 169 -58.70 36.56 22.08
C ALA G 169 -57.28 36.15 21.65
N TRP G 170 -56.29 36.38 22.54
CA TRP G 170 -54.87 36.07 22.35
C TRP G 170 -54.59 34.58 22.21
N THR G 171 -53.67 34.24 21.29
CA THR G 171 -53.20 32.88 20.99
C THR G 171 -51.66 32.93 20.87
N PRO G 172 -50.91 31.89 21.33
CA PRO G 172 -49.45 31.92 21.19
C PRO G 172 -48.96 31.69 19.75
N PHE G 173 -49.85 31.20 18.87
CA PHE G 173 -49.55 30.92 17.46
C PHE G 173 -49.74 32.16 16.60
N ASP G 174 -48.91 32.29 15.55
CA ASP G 174 -48.99 33.38 14.57
C ASP G 174 -49.86 32.92 13.40
N ASN G 175 -49.89 33.70 12.28
CA ASN G 175 -50.68 33.36 11.10
C ASN G 175 -50.05 32.24 10.26
N LYS G 176 -48.75 31.93 10.52
CA LYS G 176 -47.98 30.89 9.86
C LYS G 176 -47.23 30.05 10.90
N ILE G 177 -47.50 28.73 10.95
CA ILE G 177 -46.86 27.80 11.90
C ILE G 177 -46.25 26.56 11.24
N VAL G 178 -45.27 25.93 11.92
CA VAL G 178 -44.59 24.72 11.45
C VAL G 178 -44.65 23.62 12.54
N VAL G 179 -45.16 22.43 12.19
CA VAL G 179 -45.32 21.31 13.13
C VAL G 179 -44.45 20.10 12.77
N TYR G 180 -43.58 19.69 13.71
CA TYR G 180 -42.72 18.52 13.60
C TYR G 180 -42.96 17.62 14.81
N LYS G 181 -43.56 16.43 14.56
CA LYS G 181 -43.92 15.43 15.57
C LYS G 181 -44.77 16.00 16.72
N GLY G 182 -44.11 16.43 17.81
CA GLY G 182 -44.77 17.02 18.98
C GLY G 182 -44.33 18.42 19.31
N ASP G 183 -43.67 19.10 18.35
CA ASP G 183 -43.17 20.46 18.53
C ASP G 183 -43.75 21.42 17.47
N VAL G 184 -44.26 22.58 17.93
CA VAL G 184 -44.85 23.63 17.08
C VAL G 184 -43.96 24.87 17.12
N TYR G 185 -43.60 25.40 15.94
CA TYR G 185 -42.73 26.57 15.78
C TYR G 185 -43.44 27.70 15.05
N ASN G 186 -43.32 28.94 15.56
CA ASN G 186 -43.88 30.13 14.92
C ASN G 186 -42.87 30.56 13.85
N MET G 187 -43.02 30.00 12.63
CA MET G 187 -42.10 30.26 11.52
C MET G 187 -42.74 30.99 10.35
N ASP G 188 -41.97 31.88 9.70
CA ASP G 188 -42.36 32.62 8.51
C ASP G 188 -41.74 31.88 7.31
N TYR G 189 -42.20 30.63 7.10
CA TYR G 189 -41.74 29.71 6.05
C TYR G 189 -41.93 30.25 4.61
N PRO G 190 -41.09 29.83 3.63
CA PRO G 190 -41.27 30.33 2.26
C PRO G 190 -42.53 29.79 1.59
N PRO G 191 -43.22 30.58 0.73
CA PRO G 191 -44.45 30.08 0.09
C PRO G 191 -44.23 28.89 -0.86
N PHE G 192 -45.31 28.19 -1.21
CA PHE G 192 -45.30 27.02 -2.10
C PHE G 192 -44.79 27.37 -3.50
N GLY G 193 -43.68 26.74 -3.88
CA GLY G 193 -43.02 26.95 -5.16
C GLY G 193 -42.02 28.10 -5.15
N ALA G 194 -41.54 28.48 -3.95
CA ALA G 194 -40.58 29.57 -3.76
C ALA G 194 -39.47 29.23 -2.75
N GLY G 195 -39.21 27.94 -2.55
CA GLY G 195 -38.17 27.46 -1.66
C GLY G 195 -36.77 27.63 -2.21
N ARG G 196 -35.80 27.86 -1.32
CA ARG G 196 -34.39 28.09 -1.67
C ARG G 196 -33.50 26.88 -1.31
N PRO G 197 -32.38 26.62 -2.05
CA PRO G 197 -31.52 25.48 -1.72
C PRO G 197 -30.79 25.61 -0.38
N GLY G 198 -30.73 24.50 0.35
CA GLY G 198 -30.07 24.42 1.66
C GLY G 198 -30.89 24.93 2.82
N GLN G 199 -32.02 25.60 2.53
CA GLN G 199 -32.94 26.18 3.52
C GLN G 199 -34.20 25.33 3.69
N PHE G 200 -35.01 25.64 4.74
CA PHE G 200 -36.28 24.98 5.04
C PHE G 200 -37.25 25.27 3.90
N GLY G 201 -37.58 24.23 3.14
CA GLY G 201 -38.47 24.34 1.99
C GLY G 201 -37.80 24.12 0.65
N ASP G 202 -36.57 23.55 0.65
CA ASP G 202 -35.81 23.23 -0.57
C ASP G 202 -36.52 22.18 -1.42
N ILE G 203 -37.35 21.34 -0.76
CA ILE G 203 -38.21 20.31 -1.33
C ILE G 203 -39.61 20.51 -0.74
N GLN G 204 -40.60 20.82 -1.59
CA GLN G 204 -41.98 21.08 -1.17
C GLN G 204 -42.97 20.13 -1.84
N SER G 205 -43.80 19.45 -1.01
CA SER G 205 -44.83 18.53 -1.45
C SER G 205 -46.13 18.80 -0.70
N ARG G 206 -47.29 18.57 -1.34
CA ARG G 206 -48.61 18.81 -0.77
C ARG G 206 -48.91 17.94 0.45
N THR G 207 -48.70 16.61 0.34
CA THR G 207 -48.94 15.63 1.42
C THR G 207 -47.81 14.59 1.45
N PRO G 208 -47.56 13.85 2.58
CA PRO G 208 -46.48 12.83 2.58
C PRO G 208 -46.65 11.70 1.57
N GLU G 209 -47.85 11.55 0.97
CA GLU G 209 -48.17 10.53 -0.02
C GLU G 209 -48.40 11.12 -1.44
N SER G 210 -48.23 12.46 -1.58
CA SER G 210 -48.42 13.20 -2.84
C SER G 210 -47.52 12.71 -3.99
N LYS G 211 -48.01 12.86 -5.24
CA LYS G 211 -47.33 12.44 -6.47
C LYS G 211 -46.33 13.49 -6.97
N ASP G 212 -46.79 14.74 -7.21
CA ASP G 212 -45.94 15.82 -7.72
C ASP G 212 -45.24 16.58 -6.60
N VAL G 213 -43.95 16.92 -6.83
CA VAL G 213 -43.10 17.63 -5.87
C VAL G 213 -42.36 18.83 -6.47
N TYR G 214 -42.04 19.82 -5.63
CA TYR G 214 -41.27 21.02 -6.00
C TYR G 214 -39.85 20.81 -5.47
N ALA G 215 -38.83 21.09 -6.30
CA ALA G 215 -37.43 20.92 -5.91
C ALA G 215 -36.49 22.01 -6.41
N ASN G 216 -35.79 22.66 -5.46
CA ASN G 216 -34.78 23.67 -5.70
C ASN G 216 -33.61 23.35 -4.76
N THR G 217 -32.65 22.56 -5.27
CA THR G 217 -31.51 22.07 -4.51
C THR G 217 -30.14 22.50 -5.07
N GLN G 218 -30.13 23.16 -6.25
CA GLN G 218 -28.94 23.63 -6.97
C GLN G 218 -28.00 22.45 -7.30
N LEU G 219 -28.52 21.51 -8.11
CA LEU G 219 -27.84 20.29 -8.53
C LEU G 219 -27.12 20.51 -9.87
N VAL G 220 -25.79 20.30 -9.88
CA VAL G 220 -24.92 20.45 -11.06
C VAL G 220 -24.01 19.23 -11.18
N LEU G 221 -23.96 18.60 -12.37
CA LEU G 221 -23.09 17.44 -12.61
C LEU G 221 -21.65 17.89 -12.86
N GLN G 222 -20.68 17.06 -12.42
CA GLN G 222 -19.25 17.31 -12.59
C GLN G 222 -18.65 16.24 -13.51
N ARG G 223 -17.47 16.54 -14.10
CA ARG G 223 -16.75 15.60 -14.98
C ARG G 223 -16.16 14.45 -14.15
N PRO G 224 -16.34 13.17 -14.57
CA PRO G 224 -15.79 12.06 -13.77
C PRO G 224 -14.25 11.99 -13.77
N ALA G 225 -13.69 11.33 -12.74
CA ALA G 225 -12.24 11.15 -12.57
C ALA G 225 -11.63 10.27 -13.67
N ALA G 226 -10.31 10.42 -13.91
CA ALA G 226 -9.56 9.68 -14.93
C ALA G 226 -9.67 8.16 -14.78
N GLY G 227 -10.26 7.52 -15.79
CA GLY G 227 -10.48 6.08 -15.85
C GLY G 227 -11.44 5.57 -14.79
N THR G 228 -12.46 6.38 -14.44
CA THR G 228 -13.43 6.07 -13.39
C THR G 228 -14.87 6.21 -13.88
N VAL G 229 -15.72 5.23 -13.53
CA VAL G 229 -17.14 5.26 -13.85
C VAL G 229 -17.89 5.64 -12.57
N HIS G 230 -18.39 6.88 -12.52
CA HIS G 230 -19.14 7.47 -11.40
C HIS G 230 -19.82 8.76 -11.86
N VAL G 231 -20.84 9.21 -11.10
CA VAL G 231 -21.58 10.44 -11.41
C VAL G 231 -21.29 11.50 -10.33
N PRO G 232 -20.18 12.28 -10.44
CA PRO G 232 -19.91 13.30 -9.41
C PRO G 232 -20.82 14.51 -9.59
N TYR G 233 -21.28 15.09 -8.46
CA TYR G 233 -22.19 16.23 -8.49
C TYR G 233 -22.00 17.22 -7.34
N SER G 234 -22.42 18.48 -7.57
CA SER G 234 -22.40 19.54 -6.57
C SER G 234 -23.85 19.92 -6.28
N GLN G 235 -24.28 19.72 -5.03
CA GLN G 235 -25.65 19.98 -4.58
C GLN G 235 -25.66 20.48 -3.14
N ALA G 236 -26.54 21.46 -2.84
CA ALA G 236 -26.70 22.03 -1.51
C ALA G 236 -27.33 21.00 -0.56
N PRO G 237 -26.77 20.76 0.65
CA PRO G 237 -27.34 19.73 1.55
C PRO G 237 -28.78 19.97 1.98
N SER G 238 -29.47 18.90 2.41
CA SER G 238 -30.88 18.89 2.85
C SER G 238 -31.22 19.99 3.86
N GLY G 239 -32.13 20.87 3.45
CA GLY G 239 -32.61 21.99 4.24
C GLY G 239 -33.39 21.55 5.46
N PHE G 240 -34.12 20.42 5.34
CA PHE G 240 -34.91 19.82 6.40
C PHE G 240 -33.99 19.24 7.49
N LYS G 241 -32.91 18.53 7.07
CA LYS G 241 -31.92 17.94 7.97
C LYS G 241 -31.14 19.02 8.72
N TYR G 242 -30.86 20.16 8.04
CA TYR G 242 -30.18 21.31 8.62
C TYR G 242 -31.08 22.03 9.63
N TRP G 243 -32.38 22.20 9.29
CA TRP G 243 -33.37 22.83 10.16
C TRP G 243 -33.60 22.03 11.45
N LEU G 244 -33.63 20.69 11.35
CA LEU G 244 -33.81 19.77 12.47
C LEU G 244 -32.71 19.93 13.54
N LYS G 245 -31.55 20.49 13.14
CA LYS G 245 -30.40 20.77 14.00
C LYS G 245 -30.42 22.23 14.48
N GLU G 246 -30.80 23.18 13.59
CA GLU G 246 -30.83 24.62 13.89
C GLU G 246 -32.25 25.23 13.91
N ARG G 247 -33.14 24.70 14.78
CA ARG G 247 -34.51 25.18 14.93
C ARG G 247 -34.75 25.89 16.28
N GLY G 248 -34.01 25.45 17.31
CA GLY G 248 -34.12 26.01 18.64
C GLY G 248 -35.29 25.43 19.43
N ALA G 249 -35.75 26.18 20.44
CA ALA G 249 -36.86 25.76 21.30
C ALA G 249 -38.21 26.06 20.66
N SER G 250 -39.17 25.14 20.84
CA SER G 250 -40.53 25.24 20.31
C SER G 250 -41.39 26.16 21.19
N LEU G 251 -42.65 26.40 20.77
CA LEU G 251 -43.62 27.24 21.49
C LEU G 251 -43.86 26.75 22.92
N GLN G 252 -43.83 25.42 23.14
CA GLN G 252 -43.99 24.74 24.44
C GLN G 252 -43.05 25.35 25.51
N HIS G 253 -41.84 25.78 25.10
CA HIS G 253 -40.82 26.37 25.98
C HIS G 253 -40.70 27.90 25.88
N THR G 254 -41.04 28.50 24.71
CA THR G 254 -40.90 29.95 24.50
C THR G 254 -42.16 30.81 24.65
N ALA G 255 -43.37 30.21 24.58
CA ALA G 255 -44.64 30.95 24.66
C ALA G 255 -44.91 31.63 26.01
N PRO G 256 -45.50 32.84 26.02
CA PRO G 256 -45.81 33.50 27.31
C PRO G 256 -47.06 32.93 27.99
N PHE G 257 -47.36 33.41 29.22
CA PHE G 257 -48.50 33.01 30.07
C PHE G 257 -48.50 31.52 30.49
N GLY G 258 -47.34 30.88 30.42
CA GLY G 258 -47.13 29.49 30.79
C GLY G 258 -47.90 28.50 29.92
N CYS G 259 -47.99 28.78 28.61
CA CYS G 259 -48.70 27.95 27.63
C CYS G 259 -48.05 26.57 27.44
N GLN G 260 -48.89 25.53 27.40
CA GLN G 260 -48.48 24.15 27.16
C GLN G 260 -48.98 23.78 25.76
N ILE G 261 -48.05 23.43 24.86
CA ILE G 261 -48.39 23.09 23.47
C ILE G 261 -48.54 21.59 23.24
N ALA G 262 -49.73 21.17 22.78
CA ALA G 262 -50.06 19.78 22.47
C ALA G 262 -50.20 19.60 20.96
N THR G 263 -50.13 18.34 20.49
CA THR G 263 -50.22 18.00 19.06
C THR G 263 -51.30 16.96 18.75
N ASN G 264 -51.66 16.85 17.46
CA ASN G 264 -52.66 15.93 16.88
C ASN G 264 -54.03 15.93 17.63
N PRO G 265 -54.86 17.00 17.51
CA PRO G 265 -54.65 18.26 16.77
C PRO G 265 -53.79 19.26 17.55
N VAL G 266 -53.17 20.25 16.85
CA VAL G 266 -52.34 21.25 17.52
C VAL G 266 -53.22 22.22 18.33
N ARG G 267 -52.83 22.48 19.58
CA ARG G 267 -53.62 23.33 20.49
C ARG G 267 -52.79 23.96 21.61
N ALA G 268 -53.27 25.12 22.12
CA ALA G 268 -52.67 25.84 23.24
C ALA G 268 -53.44 25.42 24.49
N VAL G 269 -52.76 24.76 25.43
CA VAL G 269 -53.37 24.26 26.66
C VAL G 269 -52.86 25.01 27.89
N ASN G 270 -53.80 25.38 28.79
CA ASN G 270 -53.57 26.06 30.07
C ASN G 270 -52.78 27.38 29.99
N CYS G 271 -53.27 28.32 29.16
CA CYS G 271 -52.65 29.63 28.99
C CYS G 271 -53.31 30.61 29.99
N ALA G 272 -52.53 31.01 31.03
CA ALA G 272 -53.00 31.92 32.08
C ALA G 272 -53.15 33.37 31.58
N VAL G 273 -54.20 33.62 30.80
CA VAL G 273 -54.49 34.93 30.22
C VAL G 273 -55.97 35.35 30.36
N GLY G 274 -56.19 36.49 31.02
CA GLY G 274 -57.50 37.06 31.24
C GLY G 274 -58.36 36.31 32.24
N ASN G 275 -59.69 36.44 32.10
CA ASN G 275 -60.71 35.82 32.95
C ASN G 275 -61.70 35.00 32.12
N MET G 276 -62.65 34.30 32.79
CA MET G 276 -63.66 33.47 32.12
C MET G 276 -65.02 33.53 32.84
N PRO G 277 -66.07 34.07 32.16
CA PRO G 277 -67.40 34.12 32.80
C PRO G 277 -68.13 32.78 32.69
N ILE G 278 -68.76 32.35 33.79
CA ILE G 278 -69.50 31.10 33.86
C ILE G 278 -70.93 31.33 34.38
N SER G 279 -71.94 30.95 33.57
CA SER G 279 -73.35 31.07 33.89
C SER G 279 -73.91 29.70 34.28
N ILE G 280 -74.49 29.60 35.49
CA ILE G 280 -75.06 28.35 36.01
C ILE G 280 -76.54 28.53 36.35
N ASP G 281 -77.42 27.83 35.62
CA ASP G 281 -78.86 27.87 35.84
C ASP G 281 -79.23 26.71 36.77
N ILE G 282 -79.15 26.95 38.09
CA ILE G 282 -79.45 25.98 39.14
C ILE G 282 -80.98 25.75 39.23
N PRO G 283 -81.46 24.48 39.16
CA PRO G 283 -82.92 24.26 39.26
C PRO G 283 -83.50 24.59 40.63
N GLU G 284 -84.79 24.99 40.68
CA GLU G 284 -85.51 25.36 41.90
C GLU G 284 -85.61 24.24 42.95
N ALA G 285 -85.46 22.97 42.53
CA ALA G 285 -85.50 21.78 43.38
C ALA G 285 -84.30 21.70 44.33
N ALA G 286 -83.16 22.33 43.93
CA ALA G 286 -81.93 22.37 44.72
C ALA G 286 -81.98 23.39 45.86
N PHE G 287 -82.96 24.32 45.80
CA PHE G 287 -83.14 25.39 46.79
C PHE G 287 -84.09 25.03 47.93
N THR G 288 -83.79 25.55 49.13
CA THR G 288 -84.59 25.40 50.36
C THR G 288 -84.83 26.79 50.96
N ARG G 289 -86.08 27.07 51.38
CA ARG G 289 -86.48 28.36 51.95
C ARG G 289 -85.75 28.68 53.25
N VAL G 290 -85.56 29.99 53.54
CA VAL G 290 -84.89 30.50 54.76
C VAL G 290 -85.67 30.04 56.00
N VAL G 291 -87.01 30.13 55.94
CA VAL G 291 -87.95 29.74 57.01
C VAL G 291 -87.85 28.21 57.27
N ASP G 292 -87.72 27.41 56.20
CA ASP G 292 -87.60 25.95 56.26
C ASP G 292 -86.17 25.45 56.55
N ALA G 293 -85.17 26.36 56.53
CA ALA G 293 -83.78 26.06 56.81
C ALA G 293 -83.45 26.30 58.29
N PRO G 294 -82.53 25.53 58.93
CA PRO G 294 -82.23 25.75 60.35
C PRO G 294 -81.55 27.10 60.63
N SER G 295 -82.13 27.88 61.56
CA SER G 295 -81.64 29.18 61.98
C SER G 295 -80.56 29.03 63.06
N LEU G 296 -79.56 29.94 63.06
CA LEU G 296 -78.46 29.91 64.02
C LEU G 296 -78.40 31.12 64.94
N THR G 297 -78.20 30.88 66.24
CA THR G 297 -78.11 31.89 67.30
C THR G 297 -76.90 31.56 68.21
N ASP G 298 -76.47 32.53 69.05
CA ASP G 298 -75.36 32.42 70.01
C ASP G 298 -74.08 31.87 69.36
N MET G 299 -73.44 32.71 68.54
CA MET G 299 -72.24 32.32 67.80
C MET G 299 -70.97 33.00 68.27
N SER G 300 -69.90 32.21 68.46
CA SER G 300 -68.58 32.66 68.89
C SER G 300 -67.52 31.98 68.02
N CYS G 301 -66.47 32.73 67.63
CA CYS G 301 -65.40 32.23 66.78
C CYS G 301 -64.03 32.32 67.44
N GLU G 302 -63.36 31.15 67.59
CA GLU G 302 -62.04 31.03 68.20
C GLU G 302 -61.06 30.44 67.18
N VAL G 303 -59.88 31.08 67.01
CA VAL G 303 -58.84 30.65 66.08
C VAL G 303 -57.63 30.12 66.87
N PRO G 304 -57.53 28.77 67.10
CA PRO G 304 -56.39 28.25 67.87
C PRO G 304 -55.06 28.20 67.11
N ALA G 305 -55.12 28.18 65.76
CA ALA G 305 -53.93 28.12 64.91
C ALA G 305 -54.12 28.81 63.56
N CYS G 306 -53.15 29.68 63.17
CA CYS G 306 -53.13 30.37 61.89
C CYS G 306 -51.73 30.70 61.40
N THR G 307 -51.47 30.38 60.12
CA THR G 307 -50.23 30.63 59.40
C THR G 307 -50.61 31.15 58.01
N HIS G 308 -50.40 32.45 57.75
CA HIS G 308 -50.74 33.08 56.46
C HIS G 308 -49.89 32.58 55.30
N SER G 309 -50.48 31.72 54.46
CA SER G 309 -49.82 31.11 53.30
C SER G 309 -50.78 30.95 52.12
N SER G 310 -50.29 30.37 51.00
CA SER G 310 -51.06 30.11 49.78
C SER G 310 -52.16 29.06 50.00
N ASP G 311 -51.89 28.06 50.87
CA ASP G 311 -52.82 27.01 51.23
C ASP G 311 -53.58 27.34 52.52
N PHE G 312 -54.53 26.48 52.94
CA PHE G 312 -55.32 26.67 54.15
C PHE G 312 -54.48 26.42 55.41
N GLY G 313 -53.77 27.46 55.84
CA GLY G 313 -52.90 27.42 57.01
C GLY G 313 -53.54 27.89 58.31
N GLY G 314 -54.87 28.06 58.28
CA GLY G 314 -55.65 28.51 59.42
C GLY G 314 -56.76 27.54 59.81
N VAL G 315 -56.94 27.36 61.13
CA VAL G 315 -57.95 26.48 61.72
C VAL G 315 -58.89 27.33 62.59
N ALA G 316 -60.21 27.20 62.40
CA ALA G 316 -61.21 27.97 63.16
C ALA G 316 -62.33 27.11 63.71
N ILE G 317 -62.68 27.31 65.00
CA ILE G 317 -63.75 26.59 65.70
C ILE G 317 -64.89 27.58 65.97
N ILE G 318 -66.09 27.28 65.42
CA ILE G 318 -67.28 28.12 65.57
C ILE G 318 -68.35 27.40 66.40
N LYS G 319 -68.75 28.02 67.53
CA LYS G 319 -69.79 27.49 68.43
C LYS G 319 -71.14 28.04 67.97
N TYR G 320 -72.22 27.24 68.10
CA TYR G 320 -73.56 27.64 67.66
C TYR G 320 -74.73 27.02 68.47
N ALA G 321 -75.95 27.51 68.21
CA ALA G 321 -77.21 27.04 68.78
C ALA G 321 -78.23 26.94 67.63
N ALA G 322 -78.40 25.71 67.08
CA ALA G 322 -79.29 25.43 65.95
C ALA G 322 -80.71 25.04 66.35
N SER G 323 -81.68 25.39 65.50
CA SER G 323 -83.10 25.08 65.71
C SER G 323 -83.43 23.62 65.39
N LYS G 324 -82.83 23.06 64.32
CA LYS G 324 -83.07 21.68 63.87
C LYS G 324 -81.88 21.09 63.07
N LYS G 325 -81.94 19.76 62.81
CA LYS G 325 -80.93 19.04 62.03
C LYS G 325 -81.10 19.32 60.54
N GLY G 326 -80.02 19.80 59.92
CA GLY G 326 -79.98 20.12 58.49
C GLY G 326 -78.63 20.62 58.00
N LYS G 327 -78.50 20.78 56.67
CA LYS G 327 -77.27 21.25 56.05
C LYS G 327 -77.24 22.78 55.91
N CYS G 328 -76.13 23.40 56.31
CA CYS G 328 -75.93 24.84 56.25
C CYS G 328 -74.65 25.19 55.48
N ALA G 329 -74.74 26.20 54.61
CA ALA G 329 -73.63 26.67 53.77
C ALA G 329 -72.65 27.55 54.55
N VAL G 330 -71.35 27.34 54.30
CA VAL G 330 -70.27 28.10 54.94
C VAL G 330 -69.55 28.94 53.88
N HIS G 331 -69.47 30.26 54.10
CA HIS G 331 -68.82 31.20 53.18
C HIS G 331 -68.26 32.41 53.91
N SER G 332 -67.05 32.85 53.50
CA SER G 332 -66.39 34.02 54.07
C SER G 332 -66.89 35.28 53.41
N MET G 333 -67.39 36.23 54.22
CA MET G 333 -67.92 37.52 53.75
C MET G 333 -66.80 38.55 53.51
N THR G 334 -65.55 38.14 53.75
CA THR G 334 -64.34 38.93 53.55
C THR G 334 -63.60 38.38 52.31
N ASN G 335 -63.24 39.28 51.38
CA ASN G 335 -62.57 38.90 50.13
C ASN G 335 -61.09 38.49 50.28
N ALA G 336 -60.52 38.68 51.48
CA ALA G 336 -59.13 38.33 51.78
C ALA G 336 -58.98 36.90 52.31
N VAL G 337 -60.04 36.35 52.93
CA VAL G 337 -60.08 35.00 53.53
C VAL G 337 -60.97 34.06 52.70
N THR G 338 -60.53 32.80 52.50
CA THR G 338 -61.25 31.77 51.76
C THR G 338 -61.39 30.49 52.58
N ILE G 339 -62.62 29.94 52.68
CA ILE G 339 -62.93 28.73 53.44
C ILE G 339 -62.92 27.49 52.51
N ARG G 340 -62.33 26.38 53.01
CA ARG G 340 -62.24 25.11 52.29
C ARG G 340 -63.60 24.38 52.25
N GLU G 341 -64.38 24.50 53.34
CA GLU G 341 -65.69 23.85 53.48
C GLU G 341 -66.80 24.64 52.79
N ALA G 342 -67.58 23.96 51.93
CA ALA G 342 -68.69 24.54 51.19
C ALA G 342 -70.02 24.40 51.96
N GLU G 343 -70.22 23.24 52.62
CA GLU G 343 -71.41 22.94 53.43
C GLU G 343 -71.13 21.92 54.52
N ILE G 344 -71.75 22.13 55.71
CA ILE G 344 -71.60 21.26 56.88
C ILE G 344 -72.96 20.90 57.49
N GLU G 345 -72.97 19.97 58.48
CA GLU G 345 -74.18 19.51 59.16
C GLU G 345 -74.29 20.10 60.57
N VAL G 346 -75.49 20.64 60.90
CA VAL G 346 -75.80 21.25 62.20
C VAL G 346 -76.92 20.47 62.91
N GLU G 347 -77.02 20.61 64.25
CA GLU G 347 -78.06 19.92 65.04
C GLU G 347 -78.73 20.79 66.10
N GLY G 348 -77.95 21.28 67.06
CA GLY G 348 -78.44 22.13 68.15
C GLY G 348 -77.31 22.88 68.81
N ASN G 349 -77.03 22.53 70.08
CA ASN G 349 -75.94 23.14 70.85
C ASN G 349 -74.66 22.33 70.58
N SER G 350 -73.87 22.78 69.58
CA SER G 350 -72.63 22.11 69.16
C SER G 350 -71.59 23.09 68.58
N GLN G 351 -70.53 22.54 67.97
CA GLN G 351 -69.42 23.29 67.36
C GLN G 351 -69.01 22.72 65.98
N LEU G 352 -68.18 23.47 65.23
CA LEU G 352 -67.68 23.08 63.91
C LEU G 352 -66.25 23.57 63.65
N GLN G 353 -65.41 22.71 63.04
CA GLN G 353 -64.03 23.04 62.70
C GLN G 353 -63.88 23.30 61.21
N ILE G 354 -63.36 24.49 60.84
CA ILE G 354 -63.16 24.90 59.45
C ILE G 354 -61.71 25.31 59.14
N SER G 355 -61.27 24.99 57.92
CA SER G 355 -59.93 25.32 57.41
C SER G 355 -60.02 26.59 56.54
N PHE G 356 -59.14 27.57 56.80
CA PHE G 356 -59.14 28.83 56.04
C PHE G 356 -57.76 29.29 55.56
N SER G 357 -57.74 30.00 54.41
CA SER G 357 -56.52 30.54 53.80
C SER G 357 -56.61 32.07 53.72
N THR G 358 -55.52 32.75 54.15
CA THR G 358 -55.39 34.21 54.15
C THR G 358 -53.94 34.66 53.92
N ALA G 359 -53.76 35.95 53.56
CA ALA G 359 -52.43 36.54 53.32
C ALA G 359 -52.03 37.52 54.42
N LEU G 360 -53.03 38.20 55.03
CA LEU G 360 -52.85 39.19 56.09
C LEU G 360 -52.36 38.56 57.40
N ALA G 361 -51.55 39.32 58.17
CA ALA G 361 -51.03 38.90 59.47
C ALA G 361 -52.13 39.04 60.53
N SER G 362 -52.83 40.21 60.52
CA SER G 362 -53.95 40.50 61.40
C SER G 362 -55.21 40.34 60.56
N ALA G 363 -55.96 39.24 60.80
CA ALA G 363 -57.16 38.94 60.03
C ALA G 363 -58.46 38.97 60.85
N GLU G 364 -59.30 39.96 60.57
CA GLU G 364 -60.62 40.13 61.17
C GLU G 364 -61.62 39.88 60.05
N PHE G 365 -62.26 38.70 60.07
CA PHE G 365 -63.18 38.27 59.01
C PHE G 365 -64.51 37.72 59.51
N ARG G 366 -65.57 37.94 58.70
CA ARG G 366 -66.93 37.49 58.97
C ARG G 366 -67.26 36.21 58.20
N VAL G 367 -67.71 35.16 58.90
CA VAL G 367 -68.07 33.86 58.31
C VAL G 367 -69.59 33.71 58.34
N GLN G 368 -70.21 33.53 57.17
CA GLN G 368 -71.66 33.35 57.06
C GLN G 368 -72.03 31.87 57.07
N VAL G 369 -72.43 31.37 58.24
CA VAL G 369 -72.88 29.98 58.41
C VAL G 369 -74.40 30.01 58.29
N CYS G 370 -74.93 29.31 57.27
CA CYS G 370 -76.36 29.25 56.90
C CYS G 370 -76.84 30.64 56.47
N SER G 371 -77.54 31.38 57.35
CA SER G 371 -78.05 32.73 57.08
C SER G 371 -77.60 33.77 58.12
N THR G 372 -76.89 33.32 59.18
CA THR G 372 -76.38 34.17 60.27
C THR G 372 -74.85 34.33 60.17
N GLN G 373 -74.34 35.53 60.48
CA GLN G 373 -72.91 35.84 60.44
C GLN G 373 -72.22 35.85 61.82
N VAL G 374 -70.92 35.50 61.83
CA VAL G 374 -70.07 35.46 63.03
C VAL G 374 -68.70 36.12 62.76
N HIS G 375 -68.20 36.94 63.71
CA HIS G 375 -66.91 37.62 63.60
C HIS G 375 -65.78 36.74 64.14
N CYS G 376 -64.72 36.56 63.32
CA CYS G 376 -63.55 35.76 63.66
C CYS G 376 -62.31 36.64 63.82
N ALA G 377 -61.61 36.50 64.97
CA ALA G 377 -60.39 37.22 65.29
C ALA G 377 -59.20 36.28 65.18
N ALA G 378 -58.23 36.60 64.30
CA ALA G 378 -57.05 35.78 64.06
C ALA G 378 -55.77 36.59 63.89
N GLU G 379 -54.68 36.11 64.51
CA GLU G 379 -53.35 36.71 64.43
C GLU G 379 -52.41 35.67 63.80
N CYS G 380 -52.47 35.58 62.46
CA CYS G 380 -51.71 34.64 61.65
C CYS G 380 -50.22 34.96 61.60
N HIS G 381 -49.38 33.92 61.53
CA HIS G 381 -47.92 34.03 61.52
C HIS G 381 -47.28 33.71 60.16
N PRO G 382 -46.05 34.20 59.86
CA PRO G 382 -45.45 33.92 58.53
C PRO G 382 -45.01 32.47 58.33
N PRO G 383 -45.05 31.95 57.07
CA PRO G 383 -44.62 30.56 56.84
C PRO G 383 -43.10 30.42 56.68
N LYS G 384 -42.60 29.17 56.76
CA LYS G 384 -41.16 28.87 56.64
C LYS G 384 -40.59 29.09 55.24
N ASP G 385 -41.42 28.90 54.19
CA ASP G 385 -41.00 29.05 52.80
C ASP G 385 -41.46 30.37 52.18
N HIS G 386 -40.56 31.04 51.45
CA HIS G 386 -40.82 32.32 50.77
C HIS G 386 -41.41 32.10 49.37
N ILE G 387 -41.05 30.97 48.71
CA ILE G 387 -41.53 30.60 47.38
C ILE G 387 -42.31 29.28 47.49
N VAL G 388 -43.53 29.26 46.90
CA VAL G 388 -44.44 28.13 46.89
C VAL G 388 -44.56 27.47 45.49
N ASN G 389 -44.97 26.19 45.42
CA ASN G 389 -45.11 25.43 44.17
C ASN G 389 -46.55 25.30 43.63
N TYR G 390 -47.50 26.11 44.16
CA TYR G 390 -48.91 26.12 43.73
C TYR G 390 -49.53 27.53 43.80
N PRO G 391 -50.38 27.93 42.81
CA PRO G 391 -50.97 29.27 42.83
C PRO G 391 -52.15 29.41 43.79
N ALA G 392 -52.44 30.66 44.22
CA ALA G 392 -53.52 31.00 45.14
C ALA G 392 -54.26 32.29 44.74
N ASN H 1 -51.58 -4.48 -5.72
CA ASN H 1 -50.62 -5.08 -6.64
C ASN H 1 -50.66 -4.44 -8.02
N VAL H 2 -50.12 -3.23 -8.13
CA VAL H 2 -50.09 -2.50 -9.39
C VAL H 2 -49.28 -3.26 -10.44
N TYR H 3 -49.83 -4.39 -10.89
CA TYR H 3 -49.17 -5.22 -11.89
C TYR H 3 -50.07 -5.44 -13.10
N LYS H 4 -51.27 -4.86 -13.06
CA LYS H 4 -52.23 -5.00 -14.15
C LYS H 4 -51.54 -4.61 -15.47
N ALA H 5 -50.82 -3.48 -15.46
CA ALA H 5 -50.09 -2.95 -16.61
C ALA H 5 -48.75 -3.64 -16.81
N THR H 6 -47.95 -3.81 -15.72
CA THR H 6 -46.64 -4.46 -15.77
C THR H 6 -46.73 -5.96 -16.06
N ARG H 7 -45.68 -6.52 -16.69
CA ARG H 7 -45.60 -7.94 -17.04
C ARG H 7 -44.16 -8.49 -16.95
N PRO H 8 -43.94 -9.80 -16.67
CA PRO H 8 -42.56 -10.30 -16.62
C PRO H 8 -41.96 -10.39 -18.04
N TYR H 9 -40.63 -10.27 -18.17
CA TYR H 9 -39.99 -10.27 -19.48
C TYR H 9 -38.81 -11.23 -19.63
N LEU H 10 -38.31 -11.36 -20.87
CA LEU H 10 -37.16 -12.18 -21.23
C LEU H 10 -36.03 -11.25 -21.65
N ALA H 11 -34.91 -11.30 -20.91
CA ALA H 11 -33.74 -10.45 -21.16
C ALA H 11 -32.45 -11.29 -21.25
N HIS H 12 -31.36 -10.66 -21.75
CA HIS H 12 -30.06 -11.31 -21.90
C HIS H 12 -29.41 -11.62 -20.55
N CYS H 13 -28.89 -12.85 -20.42
CA CYS H 13 -28.19 -13.33 -19.24
C CYS H 13 -26.81 -13.88 -19.69
N PRO H 14 -25.69 -13.43 -19.08
CA PRO H 14 -24.37 -13.92 -19.53
C PRO H 14 -24.06 -15.37 -19.15
N ASP H 15 -24.72 -15.91 -18.10
CA ASP H 15 -24.51 -17.28 -17.63
C ASP H 15 -25.83 -17.94 -17.20
N CYS H 16 -26.43 -18.73 -18.12
CA CYS H 16 -27.67 -19.47 -17.89
C CYS H 16 -27.41 -20.82 -17.22
N GLY H 17 -26.16 -21.25 -17.22
CA GLY H 17 -25.71 -22.52 -16.66
C GLY H 17 -24.57 -23.09 -17.50
N GLU H 18 -23.48 -23.51 -16.82
CA GLU H 18 -22.26 -24.08 -17.41
C GLU H 18 -21.51 -23.09 -18.34
N GLY H 19 -21.63 -21.79 -18.04
CA GLY H 19 -20.97 -20.71 -18.78
C GLY H 19 -21.58 -20.33 -20.11
N HIS H 20 -22.81 -20.82 -20.40
CA HIS H 20 -23.50 -20.53 -21.65
C HIS H 20 -24.52 -19.40 -21.48
N SER H 21 -24.43 -18.39 -22.37
CA SER H 21 -25.33 -17.22 -22.36
C SER H 21 -26.62 -17.51 -23.12
N CYS H 22 -27.77 -17.03 -22.58
CA CYS H 22 -29.10 -17.21 -23.17
C CYS H 22 -30.10 -16.11 -22.76
N HIS H 23 -31.36 -16.23 -23.21
CA HIS H 23 -32.46 -15.32 -22.87
C HIS H 23 -33.16 -15.97 -21.68
N SER H 24 -32.85 -15.50 -20.46
CA SER H 24 -33.39 -16.07 -19.23
C SER H 24 -34.57 -15.31 -18.63
N PRO H 25 -35.62 -16.00 -18.13
CA PRO H 25 -36.74 -15.29 -17.51
C PRO H 25 -36.42 -14.81 -16.07
N VAL H 26 -35.27 -15.26 -15.54
CA VAL H 26 -34.75 -14.93 -14.21
C VAL H 26 -33.46 -14.05 -14.36
N ALA H 27 -33.40 -13.25 -15.45
CA ALA H 27 -32.28 -12.37 -15.79
C ALA H 27 -32.03 -11.29 -14.73
N LEU H 28 -30.76 -11.11 -14.35
CA LEU H 28 -30.33 -10.12 -13.35
C LEU H 28 -30.19 -8.74 -13.96
N GLU H 29 -30.70 -7.72 -13.25
CA GLU H 29 -30.66 -6.32 -13.70
C GLU H 29 -29.69 -5.49 -12.89
N ARG H 30 -30.02 -5.23 -11.62
CA ARG H 30 -29.22 -4.41 -10.71
C ARG H 30 -29.13 -5.09 -9.34
N ILE H 31 -27.90 -5.18 -8.79
CA ILE H 31 -27.63 -5.77 -7.48
C ILE H 31 -27.13 -4.67 -6.55
N ARG H 32 -28.04 -4.11 -5.73
CA ARG H 32 -27.75 -3.04 -4.78
C ARG H 32 -27.20 -3.60 -3.47
N ASN H 33 -26.12 -2.98 -2.96
CA ASN H 33 -25.44 -3.38 -1.72
C ASN H 33 -25.09 -2.16 -0.84
N GLU H 34 -26.03 -1.20 -0.76
CA GLU H 34 -25.87 0.04 0.01
C GLU H 34 -26.01 -0.17 1.53
N ALA H 35 -26.75 -1.21 1.94
CA ALA H 35 -26.97 -1.56 3.34
C ALA H 35 -25.71 -2.06 4.02
N THR H 36 -25.35 -1.40 5.14
CA THR H 36 -24.15 -1.71 5.94
C THR H 36 -24.25 -3.04 6.70
N ASP H 37 -25.48 -3.51 6.99
CA ASP H 37 -25.70 -4.78 7.70
C ASP H 37 -25.33 -6.01 6.87
N GLY H 38 -25.46 -5.91 5.54
CA GLY H 38 -25.13 -6.98 4.61
C GLY H 38 -26.24 -7.40 3.67
N THR H 39 -27.44 -6.80 3.81
CA THR H 39 -28.62 -7.09 2.98
C THR H 39 -28.41 -6.63 1.53
N LEU H 40 -28.74 -7.50 0.56
CA LEU H 40 -28.61 -7.23 -0.87
C LEU H 40 -29.98 -7.01 -1.52
N LYS H 41 -30.12 -5.94 -2.32
CA LYS H 41 -31.35 -5.65 -3.05
C LYS H 41 -31.16 -6.05 -4.52
N ILE H 42 -31.67 -7.25 -4.86
CA ILE H 42 -31.54 -7.86 -6.18
C ILE H 42 -32.76 -7.55 -7.06
N GLN H 43 -32.51 -7.04 -8.28
CA GLN H 43 -33.57 -6.76 -9.26
C GLN H 43 -33.52 -7.84 -10.34
N VAL H 44 -34.63 -8.55 -10.52
CA VAL H 44 -34.77 -9.66 -11.46
C VAL H 44 -35.75 -9.35 -12.63
N SER H 45 -35.75 -10.20 -13.67
CA SER H 45 -36.60 -10.08 -14.86
C SER H 45 -38.07 -10.47 -14.59
N LEU H 46 -38.29 -11.49 -13.74
CA LEU H 46 -39.64 -11.98 -13.38
C LEU H 46 -40.29 -11.20 -12.22
N GLN H 47 -41.54 -11.55 -11.86
CA GLN H 47 -42.31 -10.92 -10.79
C GLN H 47 -42.76 -11.95 -9.74
N ILE H 48 -42.51 -11.67 -8.44
CA ILE H 48 -42.85 -12.57 -7.33
C ILE H 48 -44.02 -12.04 -6.49
N GLY H 49 -44.91 -12.94 -6.10
CA GLY H 49 -46.08 -12.65 -5.28
C GLY H 49 -47.32 -12.26 -6.04
N ILE H 50 -47.26 -12.34 -7.39
CA ILE H 50 -48.35 -11.97 -8.29
C ILE H 50 -48.62 -13.11 -9.30
N LYS H 51 -49.90 -13.36 -9.62
CA LYS H 51 -50.34 -14.39 -10.58
C LYS H 51 -50.58 -13.76 -11.96
N THR H 52 -50.70 -14.60 -13.01
CA THR H 52 -50.92 -14.20 -14.41
C THR H 52 -52.20 -13.38 -14.65
N ASP H 53 -53.23 -13.59 -13.81
CA ASP H 53 -54.53 -12.90 -13.87
C ASP H 53 -54.52 -11.56 -13.10
N ASP H 54 -53.33 -11.14 -12.61
CA ASP H 54 -53.08 -9.93 -11.82
C ASP H 54 -53.78 -9.99 -10.46
N SER H 55 -53.28 -10.90 -9.59
CA SER H 55 -53.81 -11.14 -8.24
C SER H 55 -52.68 -11.49 -7.26
N HIS H 56 -52.77 -10.99 -6.02
CA HIS H 56 -51.76 -11.22 -4.99
C HIS H 56 -51.83 -12.62 -4.37
N ASP H 57 -50.73 -13.37 -4.48
CA ASP H 57 -50.56 -14.73 -3.94
C ASP H 57 -49.07 -14.93 -3.64
N TRP H 58 -48.71 -14.90 -2.34
CA TRP H 58 -47.32 -15.02 -1.87
C TRP H 58 -46.62 -16.34 -2.22
N THR H 59 -47.38 -17.43 -2.37
CA THR H 59 -46.86 -18.75 -2.73
C THR H 59 -46.63 -18.91 -4.25
N LYS H 60 -47.09 -17.94 -5.06
CA LYS H 60 -46.96 -17.98 -6.52
C LYS H 60 -45.94 -17.00 -7.09
N LEU H 61 -45.40 -17.33 -8.28
CA LEU H 61 -44.40 -16.57 -9.03
C LEU H 61 -44.86 -16.38 -10.49
N ARG H 62 -44.55 -15.21 -11.09
CA ARG H 62 -44.92 -14.89 -12.46
C ARG H 62 -43.66 -14.64 -13.32
N TYR H 63 -43.42 -15.54 -14.29
CA TYR H 63 -42.28 -15.48 -15.20
C TYR H 63 -42.73 -15.52 -16.67
N MET H 64 -41.88 -15.04 -17.60
CA MET H 64 -42.16 -15.04 -19.04
C MET H 64 -41.74 -16.37 -19.67
N ASP H 65 -42.69 -17.04 -20.36
CA ASP H 65 -42.44 -18.34 -21.02
C ASP H 65 -42.86 -18.31 -22.50
N ASN H 66 -41.90 -18.01 -23.39
CA ASN H 66 -42.04 -17.96 -24.85
C ASN H 66 -43.30 -17.21 -25.32
N HIS H 67 -43.24 -15.85 -25.29
CA HIS H 67 -44.29 -14.91 -25.68
C HIS H 67 -45.45 -14.71 -24.68
N MET H 68 -45.69 -15.69 -23.79
CA MET H 68 -46.77 -15.64 -22.81
C MET H 68 -46.31 -15.82 -21.36
N PRO H 69 -46.84 -15.02 -20.40
CA PRO H 69 -46.43 -15.20 -18.99
C PRO H 69 -47.08 -16.42 -18.35
N ALA H 70 -46.30 -17.17 -17.55
CA ALA H 70 -46.75 -18.39 -16.87
C ALA H 70 -46.48 -18.33 -15.36
N ASP H 71 -47.23 -19.14 -14.58
CA ASP H 71 -47.10 -19.22 -13.12
C ASP H 71 -46.11 -20.30 -12.66
N ALA H 72 -45.42 -20.02 -11.54
CA ALA H 72 -44.44 -20.92 -10.92
C ALA H 72 -44.56 -20.90 -9.39
N GLU H 73 -43.67 -21.61 -8.67
CA GLU H 73 -43.70 -21.70 -7.21
C GLU H 73 -42.65 -20.83 -6.51
N ARG H 74 -43.04 -20.21 -5.38
CA ARG H 74 -42.20 -19.36 -4.53
C ARG H 74 -41.10 -20.17 -3.84
N ALA H 75 -41.42 -21.43 -3.48
CA ALA H 75 -40.50 -22.39 -2.84
C ALA H 75 -39.32 -22.77 -3.74
N GLY H 76 -39.55 -22.74 -5.06
CA GLY H 76 -38.56 -23.06 -6.08
C GLY H 76 -37.48 -22.01 -6.26
N LEU H 77 -37.77 -20.76 -5.87
CA LEU H 77 -36.86 -19.61 -5.97
C LEU H 77 -35.67 -19.75 -5.02
N PHE H 78 -34.45 -19.50 -5.54
CA PHE H 78 -33.21 -19.60 -4.78
C PHE H 78 -32.18 -18.53 -5.15
N VAL H 79 -31.37 -18.09 -4.16
CA VAL H 79 -30.30 -17.11 -4.30
C VAL H 79 -29.04 -17.73 -3.68
N ARG H 80 -27.87 -17.63 -4.37
CA ARG H 80 -26.59 -18.17 -3.89
C ARG H 80 -25.36 -17.46 -4.45
N THR H 81 -24.27 -17.41 -3.65
CA THR H 81 -22.99 -16.81 -4.03
C THR H 81 -21.92 -17.88 -4.14
N SER H 82 -21.66 -18.59 -3.02
CA SER H 82 -20.71 -19.70 -2.88
C SER H 82 -21.42 -20.81 -2.11
N ALA H 83 -22.47 -20.40 -1.36
CA ALA H 83 -23.35 -21.23 -0.53
C ALA H 83 -24.77 -20.63 -0.62
N PRO H 84 -25.87 -21.38 -0.33
CA PRO H 84 -27.21 -20.77 -0.45
C PRO H 84 -27.45 -19.57 0.46
N CYS H 85 -28.30 -18.64 0.00
CA CYS H 85 -28.65 -17.41 0.71
C CYS H 85 -30.07 -17.47 1.29
N THR H 86 -30.28 -16.82 2.44
CA THR H 86 -31.58 -16.76 3.09
C THR H 86 -32.38 -15.58 2.54
N ILE H 87 -33.52 -15.86 1.91
CA ILE H 87 -34.40 -14.85 1.33
C ILE H 87 -35.24 -14.20 2.44
N THR H 88 -35.10 -12.87 2.61
CA THR H 88 -35.78 -12.10 3.65
C THR H 88 -36.79 -11.07 3.10
N GLY H 89 -37.33 -11.34 1.92
CA GLY H 89 -38.32 -10.46 1.29
C GLY H 89 -38.40 -10.61 -0.22
N THR H 90 -39.63 -10.75 -0.74
CA THR H 90 -39.93 -10.90 -2.18
C THR H 90 -41.20 -10.14 -2.56
N MET H 91 -41.09 -9.25 -3.57
CA MET H 91 -42.19 -8.46 -4.12
C MET H 91 -41.80 -7.94 -5.50
N GLY H 92 -42.50 -8.46 -6.52
CA GLY H 92 -42.29 -8.10 -7.92
C GLY H 92 -40.92 -8.52 -8.42
N HIS H 93 -40.17 -7.57 -8.97
CA HIS H 93 -38.82 -7.79 -9.50
C HIS H 93 -37.74 -7.83 -8.40
N PHE H 94 -38.10 -7.47 -7.16
CA PHE H 94 -37.15 -7.36 -6.05
C PHE H 94 -37.09 -8.52 -5.06
N ILE H 95 -35.85 -8.91 -4.70
CA ILE H 95 -35.53 -9.99 -3.76
C ILE H 95 -34.50 -9.46 -2.73
N LEU H 96 -34.76 -9.71 -1.43
CA LEU H 96 -33.84 -9.33 -0.35
C LEU H 96 -33.16 -10.59 0.19
N ALA H 97 -31.82 -10.60 0.22
CA ALA H 97 -31.05 -11.76 0.69
C ALA H 97 -29.75 -11.43 1.40
N ARG H 98 -29.41 -12.25 2.41
CA ARG H 98 -28.17 -12.16 3.19
C ARG H 98 -27.27 -13.29 2.68
N CYS H 99 -26.15 -12.92 2.03
CA CYS H 99 -25.23 -13.86 1.39
C CYS H 99 -23.84 -13.94 2.02
N PRO H 100 -23.20 -15.15 2.04
CA PRO H 100 -21.82 -15.23 2.54
C PRO H 100 -20.83 -14.75 1.48
N LYS H 101 -19.51 -14.72 1.83
CA LYS H 101 -18.43 -14.29 0.93
C LYS H 101 -18.41 -15.06 -0.40
N GLY H 102 -18.59 -14.33 -1.50
CA GLY H 102 -18.62 -14.88 -2.84
C GLY H 102 -18.13 -13.93 -3.92
N GLU H 103 -17.83 -14.47 -5.11
CA GLU H 103 -17.34 -13.70 -6.27
C GLU H 103 -18.35 -13.61 -7.41
N THR H 104 -19.36 -14.51 -7.42
CA THR H 104 -20.42 -14.55 -8.44
C THR H 104 -21.79 -14.77 -7.79
N LEU H 105 -22.79 -13.92 -8.14
CA LEU H 105 -24.16 -14.02 -7.61
C LEU H 105 -25.04 -14.83 -8.57
N THR H 106 -25.76 -15.83 -8.02
CA THR H 106 -26.66 -16.71 -8.78
C THR H 106 -28.09 -16.62 -8.25
N VAL H 107 -29.06 -16.37 -9.16
CA VAL H 107 -30.49 -16.27 -8.84
C VAL H 107 -31.26 -17.21 -9.79
N GLY H 108 -32.03 -18.13 -9.22
CA GLY H 108 -32.80 -19.11 -9.99
C GLY H 108 -34.16 -19.44 -9.42
N PHE H 109 -34.91 -20.30 -10.16
CA PHE H 109 -36.26 -20.78 -9.81
C PHE H 109 -36.60 -22.07 -10.60
N THR H 110 -37.79 -22.66 -10.34
CA THR H 110 -38.30 -23.87 -11.00
C THR H 110 -39.70 -23.59 -11.57
N ASP H 111 -39.91 -23.91 -12.86
CA ASP H 111 -41.18 -23.67 -13.57
C ASP H 111 -42.25 -24.76 -13.36
N SER H 112 -43.37 -24.67 -14.12
CA SER H 112 -44.48 -25.62 -14.09
C SER H 112 -44.10 -26.96 -14.71
N ARG H 113 -43.26 -26.92 -15.78
CA ARG H 113 -42.78 -28.11 -16.52
C ARG H 113 -41.60 -28.82 -15.83
N LYS H 114 -41.31 -28.45 -14.55
CA LYS H 114 -40.24 -28.99 -13.70
C LYS H 114 -38.83 -28.76 -14.26
N ILE H 115 -38.62 -27.60 -14.94
CA ILE H 115 -37.35 -27.20 -15.54
C ILE H 115 -36.80 -26.00 -14.77
N SER H 116 -35.54 -26.08 -14.31
CA SER H 116 -34.88 -25.01 -13.55
C SER H 116 -33.99 -24.11 -14.39
N HIS H 117 -34.23 -22.78 -14.29
CA HIS H 117 -33.47 -21.74 -14.99
C HIS H 117 -32.77 -20.85 -13.95
N SER H 118 -31.48 -20.56 -14.16
CA SER H 118 -30.70 -19.74 -13.24
C SER H 118 -29.75 -18.78 -13.96
N CYS H 119 -29.66 -17.52 -13.49
CA CYS H 119 -28.79 -16.50 -14.06
C CYS H 119 -27.63 -16.18 -13.12
N THR H 120 -26.39 -16.22 -13.64
CA THR H 120 -25.18 -15.95 -12.88
C THR H 120 -24.47 -14.69 -13.37
N HIS H 121 -24.15 -13.78 -12.44
CA HIS H 121 -23.47 -12.51 -12.70
C HIS H 121 -22.21 -12.38 -11.84
N PRO H 122 -21.07 -11.88 -12.38
CA PRO H 122 -19.88 -11.72 -11.54
C PRO H 122 -20.03 -10.53 -10.58
N PHE H 123 -20.18 -10.83 -9.29
CA PHE H 123 -20.38 -9.83 -8.24
C PHE H 123 -19.53 -10.10 -6.99
N HIS H 124 -18.55 -9.22 -6.73
CA HIS H 124 -17.65 -9.30 -5.57
C HIS H 124 -18.43 -8.97 -4.29
N HIS H 125 -18.78 -10.02 -3.52
CA HIS H 125 -19.55 -9.87 -2.28
C HIS H 125 -18.71 -10.17 -1.04
N ASP H 126 -18.47 -9.12 -0.25
CA ASP H 126 -17.73 -9.14 1.00
C ASP H 126 -18.25 -7.97 1.85
N PRO H 127 -19.16 -8.26 2.77
CA PRO H 127 -19.74 -7.24 3.65
C PRO H 127 -18.66 -6.36 4.27
N PRO H 128 -18.69 -5.02 3.95
CA PRO H 128 -17.62 -4.23 4.58
C PRO H 128 -18.14 -3.48 5.80
N VAL H 129 -17.32 -2.58 6.33
CA VAL H 129 -17.70 -1.80 7.50
C VAL H 129 -18.83 -0.83 7.19
N ILE H 130 -19.86 -0.84 8.02
CA ILE H 130 -21.01 0.04 7.83
C ILE H 130 -21.76 0.26 9.14
N GLY H 131 -21.50 1.39 9.78
CA GLY H 131 -22.14 1.72 11.04
C GLY H 131 -21.95 3.17 11.43
N ARG H 132 -22.90 3.71 12.17
CA ARG H 132 -22.84 5.11 12.61
C ARG H 132 -23.12 5.22 14.11
N GLU H 133 -22.53 4.33 14.89
CA GLU H 133 -22.72 4.32 16.34
C GLU H 133 -22.16 3.05 16.97
N LYS H 134 -22.46 2.86 18.25
CA LYS H 134 -21.99 1.68 18.97
C LYS H 134 -23.15 0.74 19.29
N PHE H 135 -24.34 1.12 18.88
CA PHE H 135 -25.53 0.31 19.12
C PHE H 135 -25.57 -0.20 20.57
N HIS H 136 -25.95 0.66 21.49
CA HIS H 136 -26.03 0.29 22.90
C HIS H 136 -26.80 1.33 23.70
N SER H 137 -27.85 0.89 24.40
CA SER H 137 -28.66 1.78 25.21
C SER H 137 -27.81 2.53 26.23
N ARG H 138 -28.47 3.31 27.08
CA ARG H 138 -29.93 3.44 27.04
C ARG H 138 -30.66 2.82 28.26
N PRO H 139 -31.62 3.53 28.88
CA PRO H 139 -32.31 2.95 30.05
C PRO H 139 -33.45 2.00 29.67
N GLN H 140 -33.69 0.98 30.52
CA GLN H 140 -34.76 0.00 30.32
C GLN H 140 -36.14 0.63 30.61
N HIS H 141 -36.19 1.58 31.56
CA HIS H 141 -37.40 2.29 31.96
C HIS H 141 -37.12 3.79 32.12
N GLY H 142 -37.91 4.62 31.44
CA GLY H 142 -37.77 6.07 31.47
C GLY H 142 -38.91 6.81 30.80
N LYS H 143 -38.66 8.09 30.45
CA LYS H 143 -39.64 8.97 29.79
C LYS H 143 -39.84 8.55 28.34
N GLU H 144 -41.11 8.41 27.92
CA GLU H 144 -41.48 8.01 26.56
C GLU H 144 -41.53 9.22 25.63
N LEU H 145 -40.67 9.21 24.59
CA LEU H 145 -40.59 10.28 23.58
C LEU H 145 -40.68 9.73 22.15
N PRO H 146 -41.32 10.45 21.19
CA PRO H 146 -41.41 9.92 19.82
C PRO H 146 -40.12 10.04 19.02
N CYS H 147 -39.71 8.95 18.39
CA CYS H 147 -38.50 8.86 17.56
C CYS H 147 -38.72 7.93 16.36
N SER H 148 -37.66 7.64 15.58
CA SER H 148 -37.72 6.77 14.40
C SER H 148 -36.49 5.86 14.30
N THR H 149 -36.71 4.62 13.81
CA THR H 149 -35.67 3.61 13.62
C THR H 149 -35.99 2.69 12.42
N TYR H 150 -34.99 1.91 11.97
CA TYR H 150 -35.16 0.94 10.89
C TYR H 150 -35.49 -0.42 11.51
N VAL H 151 -36.70 -0.94 11.26
CA VAL H 151 -37.16 -2.23 11.80
C VAL H 151 -36.43 -3.43 11.16
N GLN H 152 -36.48 -4.60 11.82
CA GLN H 152 -35.79 -5.81 11.34
C GLN H 152 -36.68 -6.78 10.53
N SER H 153 -37.84 -6.30 10.03
CA SER H 153 -38.77 -7.11 9.23
C SER H 153 -38.22 -7.28 7.80
N THR H 154 -37.93 -8.53 7.43
CA THR H 154 -37.38 -8.91 6.11
C THR H 154 -38.47 -8.86 5.02
N ALA H 155 -39.77 -8.97 5.42
CA ALA H 155 -40.96 -8.97 4.56
C ALA H 155 -40.92 -7.92 3.44
N ALA H 156 -41.16 -8.39 2.20
CA ALA H 156 -41.13 -7.58 0.97
C ALA H 156 -42.31 -6.58 0.91
N THR H 157 -42.11 -5.38 1.51
CA THR H 157 -43.09 -4.30 1.56
C THR H 157 -42.45 -2.90 1.59
N THR H 158 -43.27 -1.86 1.31
CA THR H 158 -42.93 -0.42 1.31
C THR H 158 -41.84 0.03 0.31
N GLU H 159 -40.58 0.13 0.77
CA GLU H 159 -39.42 0.60 0.00
C GLU H 159 -38.96 -0.34 -1.11
N GLU H 160 -38.37 0.21 -2.19
CA GLU H 160 -37.89 -0.55 -3.36
C GLU H 160 -36.72 0.12 -4.12
N ILE H 161 -35.85 -0.72 -4.73
CA ILE H 161 -34.68 -0.28 -5.52
C ILE H 161 -34.81 -0.70 -6.99
N GLU H 162 -34.15 0.03 -7.90
CA GLU H 162 -34.15 -0.26 -9.33
C GLU H 162 -33.03 -1.22 -9.71
N VAL H 163 -33.36 -2.26 -10.49
CA VAL H 163 -32.41 -3.27 -10.97
C VAL H 163 -32.43 -3.37 -12.50
N HIS H 164 -31.28 -3.68 -13.13
CA HIS H 164 -31.15 -3.80 -14.59
C HIS H 164 -30.11 -4.86 -14.98
N MET H 165 -29.96 -5.12 -16.29
CA MET H 165 -28.97 -6.07 -16.81
C MET H 165 -27.56 -5.50 -16.71
N PRO H 166 -26.53 -6.31 -16.35
CA PRO H 166 -25.17 -5.77 -16.23
C PRO H 166 -24.54 -5.38 -17.57
N PRO H 167 -26.00 -4.84 -17.45
CA PRO H 167 -25.35 -4.27 -18.66
C PRO H 167 -24.04 -4.99 -18.99
N ASP H 168 -23.47 -4.70 -20.18
CA ASP H 168 -22.21 -5.29 -20.63
C ASP H 168 -21.08 -4.87 -19.68
N THR H 169 -20.67 -5.79 -18.80
CA THR H 169 -19.64 -5.60 -17.79
C THR H 169 -18.25 -5.39 -18.44
N PRO H 170 -17.65 -4.18 -18.32
CA PRO H 170 -16.33 -3.96 -18.95
C PRO H 170 -15.20 -4.66 -18.23
N ASP H 171 -14.22 -5.17 -19.01
CA ASP H 171 -13.05 -5.88 -18.50
C ASP H 171 -11.87 -5.64 -19.44
N ARG H 172 -10.81 -4.98 -18.93
CA ARG H 172 -9.60 -4.67 -19.71
C ARG H 172 -8.64 -5.86 -19.85
N THR H 173 -8.81 -6.90 -19.01
CA THR H 173 -7.97 -8.11 -19.03
C THR H 173 -8.28 -9.02 -20.23
N LEU H 174 -9.43 -8.82 -20.91
CA LEU H 174 -9.86 -9.56 -22.09
C LEU H 174 -8.92 -9.34 -23.28
N MET H 175 -8.39 -8.10 -23.41
CA MET H 175 -7.48 -7.71 -24.48
C MET H 175 -6.03 -7.92 -24.09
N SER H 176 -5.20 -8.33 -25.07
CA SER H 176 -3.76 -8.57 -24.87
C SER H 176 -2.96 -8.19 -26.12
N GLN H 177 -1.81 -7.54 -25.92
CA GLN H 177 -0.93 -7.10 -27.01
C GLN H 177 -0.03 -8.24 -27.52
N GLN H 178 -0.50 -8.92 -28.58
CA GLN H 178 0.22 -10.02 -29.23
C GLN H 178 1.14 -9.39 -30.28
N SER H 179 2.39 -9.07 -29.85
CA SER H 179 3.46 -8.43 -30.63
C SER H 179 3.04 -7.04 -31.13
N GLY H 180 2.41 -6.99 -32.31
CA GLY H 180 1.91 -5.76 -32.92
C GLY H 180 0.43 -5.81 -33.23
N ASN H 181 -0.26 -6.85 -32.72
CA ASN H 181 -1.69 -7.08 -32.90
C ASN H 181 -2.38 -7.22 -31.54
N VAL H 182 -3.72 -7.13 -31.51
CA VAL H 182 -4.52 -7.23 -30.28
C VAL H 182 -5.31 -8.54 -30.27
N LYS H 183 -5.10 -9.38 -29.25
CA LYS H 183 -5.80 -10.65 -29.08
C LYS H 183 -6.88 -10.50 -27.99
N ILE H 184 -8.11 -10.93 -28.31
CA ILE H 184 -9.26 -10.88 -27.40
C ILE H 184 -9.54 -12.30 -26.90
N THR H 185 -9.15 -12.59 -25.65
CA THR H 185 -9.34 -13.91 -25.03
C THR H 185 -10.73 -14.00 -24.38
N VAL H 186 -11.64 -14.72 -25.05
CA VAL H 186 -13.04 -14.91 -24.68
C VAL H 186 -13.27 -15.71 -23.38
N ASN H 187 -12.58 -16.86 -23.23
CA ASN H 187 -12.70 -17.80 -22.09
C ASN H 187 -14.14 -18.29 -21.82
N GLY H 188 -14.79 -18.76 -22.89
CA GLY H 188 -16.15 -19.29 -22.87
C GLY H 188 -17.24 -18.30 -22.49
N GLN H 189 -17.05 -17.02 -22.86
CA GLN H 189 -17.99 -15.93 -22.57
C GLN H 189 -18.30 -15.11 -23.81
N THR H 190 -19.49 -14.47 -23.84
CA THR H 190 -19.90 -13.62 -24.95
C THR H 190 -19.31 -12.22 -24.71
N VAL H 191 -18.43 -11.78 -25.63
CA VAL H 191 -17.71 -10.50 -25.52
C VAL H 191 -18.08 -9.53 -26.67
N ARG H 192 -18.38 -8.26 -26.31
CA ARG H 192 -18.70 -7.19 -27.25
C ARG H 192 -17.46 -6.29 -27.38
N TYR H 193 -16.88 -6.23 -28.60
CA TYR H 193 -15.65 -5.47 -28.89
C TYR H 193 -15.81 -4.31 -29.87
N LYS H 194 -14.91 -3.31 -29.78
CA LYS H 194 -14.84 -2.12 -30.65
C LYS H 194 -13.41 -1.59 -30.67
N CYS H 195 -12.87 -1.33 -31.89
CA CYS H 195 -11.51 -0.82 -32.10
C CYS H 195 -11.46 0.39 -33.05
N ASN H 196 -10.38 1.20 -32.95
CA ASN H 196 -10.13 2.37 -33.79
C ASN H 196 -9.58 1.98 -35.16
N CYS H 197 -8.80 0.88 -35.20
CA CYS H 197 -8.14 0.35 -36.39
C CYS H 197 -9.11 -0.23 -37.45
N GLY H 198 -8.62 -0.36 -38.67
CA GLY H 198 -9.37 -0.87 -39.82
C GLY H 198 -9.79 -2.32 -39.75
N GLY H 199 -10.54 -2.75 -40.78
CA GLY H 199 -11.07 -4.11 -40.89
C GLY H 199 -12.25 -4.34 -39.97
N SER H 200 -12.22 -5.45 -39.21
CA SER H 200 -13.27 -5.79 -38.24
C SER H 200 -13.05 -4.94 -36.99
N ASN H 201 -13.99 -4.01 -36.72
CA ASN H 201 -13.91 -3.08 -35.59
C ASN H 201 -15.20 -2.97 -34.75
N GLU H 202 -16.08 -4.00 -34.84
CA GLU H 202 -17.35 -4.12 -34.11
C GLU H 202 -17.85 -5.57 -34.13
N GLY H 203 -18.78 -5.88 -33.23
CA GLY H 203 -19.37 -7.22 -33.16
C GLY H 203 -19.52 -7.81 -31.78
N LEU H 204 -20.19 -8.98 -31.73
CA LEU H 204 -20.46 -9.76 -30.53
C LEU H 204 -19.85 -11.17 -30.75
N THR H 205 -18.62 -11.38 -30.25
CA THR H 205 -17.89 -12.63 -30.42
C THR H 205 -18.06 -13.66 -29.29
N THR H 206 -18.07 -14.94 -29.68
CA THR H 206 -18.19 -16.12 -28.80
C THR H 206 -16.86 -16.90 -28.90
N THR H 207 -16.03 -16.57 -29.91
CA THR H 207 -14.73 -17.19 -30.18
C THR H 207 -13.58 -16.19 -30.01
N ASP H 208 -12.33 -16.69 -29.87
CA ASP H 208 -11.12 -15.87 -29.73
C ASP H 208 -10.84 -15.10 -31.03
N LYS H 209 -10.75 -13.76 -30.94
CA LYS H 209 -10.51 -12.89 -32.08
C LYS H 209 -9.19 -12.15 -32.00
N VAL H 210 -8.61 -11.84 -33.18
CA VAL H 210 -7.34 -11.11 -33.29
C VAL H 210 -7.45 -9.92 -34.28
N ILE H 211 -7.11 -8.72 -33.80
CA ILE H 211 -7.16 -7.48 -34.58
C ILE H 211 -5.74 -7.14 -35.04
N ASN H 212 -5.49 -7.25 -36.36
CA ASN H 212 -4.18 -6.99 -36.97
C ASN H 212 -3.82 -5.51 -37.01
N ASN H 213 -2.56 -5.19 -36.63
CA ASN H 213 -1.97 -3.85 -36.57
C ASN H 213 -2.81 -2.86 -35.75
N CYS H 214 -2.83 -3.06 -34.42
CA CYS H 214 -3.59 -2.23 -33.47
C CYS H 214 -2.95 -2.24 -32.07
N LYS H 215 -3.30 -1.24 -31.24
CA LYS H 215 -2.83 -1.09 -29.87
C LYS H 215 -3.99 -1.34 -28.89
N VAL H 216 -3.68 -1.89 -27.70
CA VAL H 216 -4.65 -2.21 -26.64
C VAL H 216 -5.48 -0.99 -26.16
N ASP H 217 -4.84 0.19 -26.12
CA ASP H 217 -5.46 1.47 -25.71
C ASP H 217 -6.50 1.95 -26.74
N GLN H 218 -6.37 1.52 -28.00
CA GLN H 218 -7.26 1.86 -29.11
C GLN H 218 -8.47 0.91 -29.23
N CYS H 219 -8.61 -0.04 -28.27
CA CYS H 219 -9.69 -1.03 -28.24
C CYS H 219 -10.45 -1.06 -26.90
N HIS H 220 -11.70 -1.55 -26.93
CA HIS H 220 -12.59 -1.67 -25.76
C HIS H 220 -13.39 -2.98 -25.85
N ALA H 221 -13.41 -3.74 -24.74
CA ALA H 221 -14.12 -5.03 -24.66
C ALA H 221 -14.94 -5.16 -23.38
N ALA H 222 -16.10 -5.84 -23.46
CA ALA H 222 -17.02 -6.06 -22.34
C ALA H 222 -17.75 -7.40 -22.45
N VAL H 223 -17.91 -8.10 -21.31
CA VAL H 223 -18.60 -9.40 -21.21
C VAL H 223 -20.12 -9.15 -21.12
N THR H 224 -20.90 -9.85 -21.98
CA THR H 224 -22.36 -9.70 -22.00
C THR H 224 -23.06 -10.83 -21.24
N ASN H 225 -23.66 -10.50 -20.09
CA ASN H 225 -24.38 -11.44 -19.23
C ASN H 225 -25.89 -11.25 -19.38
N HIS H 226 -26.52 -11.38 -19.73
CA HIS H 226 -27.93 -10.97 -19.81
C HIS H 226 -28.86 -11.88 -18.98
N LYS H 227 -28.29 -12.91 -18.34
CA LYS H 227 -29.03 -13.88 -17.54
C LYS H 227 -29.36 -13.38 -16.12
N LYS H 228 -28.45 -12.59 -15.52
CA LYS H 228 -28.61 -12.08 -14.15
C LYS H 228 -29.02 -10.60 -14.07
N TRP H 229 -29.57 -10.20 -12.91
CA TRP H 229 -29.99 -8.83 -12.60
C TRP H 229 -28.96 -8.14 -11.72
N GLN H 230 -28.84 -6.82 -11.83
CA GLN H 230 -27.88 -6.01 -11.08
C GLN H 230 -28.48 -4.64 -10.73
N TYR H 231 -28.20 -4.12 -9.52
CA TYR H 231 -28.68 -2.81 -9.05
C TYR H 231 -28.28 -1.66 -9.97
N ASN H 232 -29.21 -0.71 -10.19
CA ASN H 232 -29.00 0.49 -10.99
C ASN H 232 -28.04 1.42 -10.24
N SER H 233 -26.74 1.12 -10.34
CA SER H 233 -25.66 1.82 -9.65
C SER H 233 -25.01 2.90 -10.51
N PRO H 234 -24.74 4.11 -9.93
CA PRO H 234 -24.05 5.15 -10.70
C PRO H 234 -22.54 4.90 -10.83
N LEU H 235 -22.01 3.90 -10.09
CA LEU H 235 -20.60 3.52 -10.08
C LEU H 235 -20.30 2.42 -11.12
N VAL H 236 -21.35 1.94 -11.82
CA VAL H 236 -21.30 0.90 -12.85
C VAL H 236 -21.89 1.48 -14.16
N PRO H 237 -21.28 1.27 -15.35
CA PRO H 237 -21.87 1.84 -16.59
C PRO H 237 -23.19 1.22 -17.02
N ARG H 238 -23.98 1.97 -17.81
CA ARG H 238 -25.28 1.52 -18.34
C ARG H 238 -25.07 0.60 -19.54
N ASN H 239 -25.97 -0.40 -19.71
CA ASN H 239 -25.93 -1.37 -20.81
C ASN H 239 -26.11 -0.67 -22.16
N ALA H 240 -25.10 -0.80 -23.05
CA ALA H 240 -25.04 -0.19 -24.38
C ALA H 240 -26.27 -0.43 -25.24
N GLU H 241 -26.62 -1.71 -25.51
CA GLU H 241 -27.80 -2.07 -26.32
C GLU H 241 -29.05 -2.14 -25.44
N LEU H 242 -29.35 -1.02 -24.75
CA LEU H 242 -30.49 -0.87 -23.83
C LEU H 242 -30.71 0.63 -23.51
N GLY H 243 -31.96 1.05 -23.53
CA GLY H 243 -32.36 2.42 -23.21
C GLY H 243 -32.60 2.57 -21.73
N ASP H 244 -33.89 2.63 -21.34
CA ASP H 244 -34.30 2.74 -19.93
C ASP H 244 -35.06 1.50 -19.45
N ARG H 245 -34.66 0.30 -19.95
CA ARG H 245 -35.26 -0.98 -19.57
C ARG H 245 -34.71 -1.36 -18.20
N LYS H 246 -35.60 -1.46 -17.19
CA LYS H 246 -35.22 -1.75 -15.81
C LYS H 246 -36.32 -2.49 -15.04
N GLY H 247 -35.92 -3.17 -13.98
CA GLY H 247 -36.79 -3.89 -13.05
C GLY H 247 -36.72 -3.27 -11.67
N LYS H 248 -37.52 -3.80 -10.72
CA LYS H 248 -37.55 -3.30 -9.34
C LYS H 248 -37.79 -4.41 -8.31
N ILE H 249 -37.12 -4.32 -7.15
CA ILE H 249 -37.23 -5.29 -6.06
C ILE H 249 -37.47 -4.62 -4.71
N HIS H 250 -38.36 -5.20 -3.87
CA HIS H 250 -38.67 -4.69 -2.52
C HIS H 250 -37.45 -4.88 -1.62
N ILE H 251 -37.17 -3.87 -0.78
CA ILE H 251 -35.99 -3.90 0.11
C ILE H 251 -36.31 -4.02 1.61
N PRO H 252 -35.50 -4.78 2.38
CA PRO H 252 -35.76 -4.90 3.82
C PRO H 252 -35.37 -3.67 4.63
N PHE H 253 -35.68 -3.70 5.95
CA PHE H 253 -35.41 -2.66 6.94
C PHE H 253 -36.02 -1.27 6.65
N PRO H 254 -37.38 -1.13 6.63
CA PRO H 254 -37.96 0.20 6.36
C PRO H 254 -37.98 1.11 7.60
N LEU H 255 -38.14 2.43 7.37
CA LEU H 255 -38.20 3.41 8.46
C LEU H 255 -39.62 3.45 9.05
N ALA H 256 -39.71 3.39 10.38
CA ALA H 256 -40.98 3.42 11.11
C ALA H 256 -40.88 4.23 12.39
N ASN H 257 -41.95 4.99 12.72
CA ASN H 257 -42.02 5.81 13.93
C ASN H 257 -42.24 4.95 15.17
N VAL H 258 -41.28 5.02 16.12
CA VAL H 258 -41.30 4.25 17.37
C VAL H 258 -41.25 5.17 18.61
N THR H 259 -41.02 4.58 19.79
CA THR H 259 -40.94 5.29 21.07
C THR H 259 -39.55 5.09 21.69
N CYS H 260 -38.86 6.19 21.99
CA CYS H 260 -37.52 6.18 22.60
C CYS H 260 -37.63 6.46 24.10
N ARG H 261 -36.96 5.62 24.92
CA ARG H 261 -36.96 5.75 26.38
C ARG H 261 -35.75 6.56 26.83
N VAL H 262 -36.00 7.72 27.46
CA VAL H 262 -34.97 8.64 27.93
C VAL H 262 -34.96 8.77 29.48
N PRO H 263 -33.79 8.89 30.13
CA PRO H 263 -33.81 9.01 31.60
C PRO H 263 -34.07 10.43 32.08
N LYS H 264 -34.57 10.55 33.33
CA LYS H 264 -34.85 11.83 33.97
C LYS H 264 -33.71 12.14 34.96
N ALA H 265 -33.13 13.34 34.85
CA ALA H 265 -32.03 13.80 35.70
C ALA H 265 -32.47 13.91 37.17
N ARG H 266 -31.54 13.65 38.11
CA ARG H 266 -31.81 13.71 39.55
C ARG H 266 -32.23 15.10 40.02
N ASN H 267 -33.21 15.16 40.95
CA ASN H 267 -33.76 16.40 41.50
C ASN H 267 -32.70 17.24 42.21
N PRO H 268 -32.52 18.53 41.83
CA PRO H 268 -31.49 19.35 42.48
C PRO H 268 -31.88 19.86 43.87
N THR H 269 -30.87 20.27 44.66
CA THR H 269 -31.07 20.82 46.00
C THR H 269 -31.65 22.23 45.85
N VAL H 270 -32.95 22.36 46.18
CA VAL H 270 -33.69 23.61 46.05
C VAL H 270 -33.90 24.35 47.39
N THR H 271 -33.50 25.64 47.43
CA THR H 271 -33.63 26.53 48.58
C THR H 271 -34.28 27.83 48.15
N TYR H 272 -35.37 28.22 48.84
CA TYR H 272 -36.14 29.43 48.51
C TYR H 272 -35.66 30.68 49.26
N GLY H 273 -35.86 31.84 48.63
CA GLY H 273 -35.49 33.15 49.17
C GLY H 273 -36.48 34.24 48.77
N LYS H 274 -36.16 35.49 49.15
CA LYS H 274 -37.00 36.66 48.85
C LYS H 274 -37.05 36.92 47.34
N ASN H 275 -38.16 36.49 46.70
CA ASN H 275 -38.44 36.59 45.25
C ASN H 275 -37.37 35.94 44.35
N GLN H 276 -36.64 34.95 44.89
CA GLN H 276 -35.58 34.23 44.18
C GLN H 276 -35.51 32.74 44.54
N VAL H 277 -35.05 31.91 43.58
CA VAL H 277 -34.90 30.46 43.74
C VAL H 277 -33.44 30.02 43.47
N ILE H 278 -32.88 29.23 44.40
CA ILE H 278 -31.49 28.74 44.31
C ILE H 278 -31.49 27.22 44.05
N MET H 279 -30.77 26.79 43.00
CA MET H 279 -30.67 25.38 42.61
C MET H 279 -29.23 24.90 42.55
N LEU H 280 -28.94 23.77 43.22
CA LEU H 280 -27.61 23.15 43.22
C LEU H 280 -27.67 21.96 42.27
N LEU H 281 -27.27 22.19 41.00
CA LEU H 281 -27.31 21.19 39.94
C LEU H 281 -26.10 20.26 39.92
N TYR H 282 -26.37 18.94 40.01
CA TYR H 282 -25.36 17.88 40.01
C TYR H 282 -25.60 16.94 38.81
N PRO H 283 -25.12 17.29 37.60
CA PRO H 283 -25.37 16.43 36.43
C PRO H 283 -24.34 15.32 36.23
N ASP H 284 -24.82 14.12 35.88
CA ASP H 284 -23.98 12.94 35.60
C ASP H 284 -23.50 12.98 34.16
N HIS H 285 -24.34 13.55 33.27
CA HIS H 285 -24.12 13.72 31.83
C HIS H 285 -24.62 15.12 31.39
N PRO H 286 -24.25 15.66 30.19
CA PRO H 286 -24.73 17.01 29.81
C PRO H 286 -26.26 17.14 29.81
N THR H 287 -26.78 17.91 30.78
CA THR H 287 -28.21 18.13 31.00
C THR H 287 -28.60 19.58 30.67
N LEU H 288 -29.69 19.76 29.90
CA LEU H 288 -30.19 21.07 29.48
C LEU H 288 -31.12 21.70 30.52
N LEU H 289 -30.82 22.96 30.92
CA LEU H 289 -31.60 23.75 31.87
C LEU H 289 -32.24 24.93 31.14
N SER H 290 -33.58 25.03 31.20
CA SER H 290 -34.33 26.10 30.57
C SER H 290 -35.35 26.69 31.53
N TYR H 291 -35.58 28.02 31.45
CA TYR H 291 -36.51 28.72 32.32
C TYR H 291 -37.24 29.87 31.63
N ARG H 292 -38.52 30.08 32.02
CA ARG H 292 -39.40 31.12 31.47
C ARG H 292 -40.39 31.67 32.51
N ASN H 293 -40.81 32.93 32.33
CA ASN H 293 -41.80 33.59 33.20
C ASN H 293 -43.20 33.25 32.70
N MET H 294 -44.14 33.06 33.63
CA MET H 294 -45.54 32.72 33.31
C MET H 294 -46.45 33.96 33.22
N GLY H 295 -45.97 34.99 32.52
CA GLY H 295 -46.68 36.24 32.32
C GLY H 295 -46.65 36.75 30.88
N GLU H 296 -46.65 38.09 30.73
CA GLU H 296 -46.63 38.77 29.42
C GLU H 296 -45.28 38.60 28.72
N GLU H 297 -44.17 38.85 29.46
CA GLU H 297 -42.81 38.70 28.95
C GLU H 297 -42.20 37.38 29.46
N PRO H 298 -42.10 36.34 28.60
CA PRO H 298 -41.56 35.05 29.08
C PRO H 298 -40.04 35.06 29.32
N ASN H 299 -39.28 35.71 28.41
CA ASN H 299 -37.83 35.85 28.43
C ASN H 299 -37.12 34.50 28.61
N TYR H 300 -37.22 33.64 27.58
CA TYR H 300 -36.65 32.29 27.54
C TYR H 300 -35.12 32.32 27.54
N GLN H 301 -34.51 31.51 28.43
CA GLN H 301 -33.07 31.37 28.56
C GLN H 301 -32.72 29.88 28.63
N GLU H 302 -31.74 29.44 27.83
CA GLU H 302 -31.28 28.05 27.79
C GLU H 302 -29.77 27.90 27.97
N GLU H 303 -29.35 26.86 28.71
CA GLU H 303 -27.93 26.56 28.98
C GLU H 303 -27.70 25.07 29.26
N TRP H 304 -26.60 24.51 28.70
CA TRP H 304 -26.22 23.12 28.91
C TRP H 304 -25.33 22.98 30.14
N VAL H 305 -25.89 22.43 31.22
CA VAL H 305 -25.18 22.23 32.49
C VAL H 305 -24.40 20.91 32.42
N MET H 306 -23.10 20.96 32.70
CA MET H 306 -22.20 19.80 32.65
C MET H 306 -21.48 19.54 33.98
N HIS H 307 -21.07 20.62 34.68
CA HIS H 307 -20.37 20.55 35.96
C HIS H 307 -21.28 20.97 37.14
N LYS H 308 -20.74 20.92 38.39
CA LYS H 308 -21.44 21.33 39.61
C LYS H 308 -21.72 22.83 39.52
N LYS H 309 -23.01 23.21 39.49
CA LYS H 309 -23.39 24.61 39.34
C LYS H 309 -24.50 25.06 40.27
N GLU H 310 -24.40 26.32 40.72
CA GLU H 310 -25.36 27.01 41.60
C GLU H 310 -26.02 28.12 40.78
N VAL H 311 -27.35 28.04 40.60
CA VAL H 311 -28.10 29.03 39.81
C VAL H 311 -29.15 29.79 40.64
N VAL H 312 -29.10 31.13 40.59
CA VAL H 312 -30.04 32.01 41.28
C VAL H 312 -30.99 32.63 40.24
N LEU H 313 -32.28 32.28 40.31
CA LEU H 313 -33.30 32.75 39.37
C LEU H 313 -34.38 33.56 40.08
N THR H 314 -34.69 34.76 39.56
CA THR H 314 -35.70 35.66 40.12
C THR H 314 -37.11 35.15 39.77
N VAL H 315 -37.99 35.06 40.79
CA VAL H 315 -39.38 34.60 40.62
C VAL H 315 -40.35 35.80 40.66
N PRO H 316 -41.00 36.14 39.52
CA PRO H 316 -41.96 37.27 39.54
C PRO H 316 -43.34 36.86 40.04
N THR H 317 -44.26 37.84 40.23
CA THR H 317 -45.64 37.64 40.71
C THR H 317 -46.45 36.65 39.84
N GLU H 318 -46.22 36.67 38.51
CA GLU H 318 -46.88 35.80 37.54
C GLU H 318 -46.46 34.34 37.66
N GLY H 319 -45.21 34.11 38.07
CA GLY H 319 -44.64 32.78 38.25
C GLY H 319 -43.45 32.48 37.34
N LEU H 320 -42.63 31.49 37.76
CA LEU H 320 -41.44 31.05 37.01
C LEU H 320 -41.48 29.53 36.79
N GLU H 321 -41.37 29.11 35.52
CA GLU H 321 -41.37 27.70 35.11
C GLU H 321 -39.94 27.30 34.74
N VAL H 322 -39.39 26.29 35.44
CA VAL H 322 -38.03 25.79 35.22
C VAL H 322 -38.07 24.31 34.78
N THR H 323 -37.42 24.01 33.64
CA THR H 323 -37.33 22.65 33.10
C THR H 323 -35.88 22.16 33.21
N TRP H 324 -35.65 21.10 34.00
CA TRP H 324 -34.34 20.51 34.23
C TRP H 324 -34.26 19.13 33.56
N GLY H 325 -33.73 19.11 32.34
CA GLY H 325 -33.58 17.92 31.53
C GLY H 325 -34.90 17.35 31.04
N ASN H 326 -35.05 16.01 31.15
CA ASN H 326 -36.25 15.29 30.73
C ASN H 326 -37.35 15.26 31.80
N ASN H 327 -37.11 15.89 32.97
CA ASN H 327 -38.08 15.97 34.06
C ASN H 327 -39.22 16.93 33.70
N GLU H 328 -40.39 16.74 34.33
CA GLU H 328 -41.57 17.59 34.11
C GLU H 328 -41.28 19.01 34.63
N PRO H 329 -41.77 20.08 33.94
CA PRO H 329 -41.44 21.44 34.38
C PRO H 329 -41.87 21.82 35.80
N TYR H 330 -40.90 22.30 36.60
CA TYR H 330 -41.11 22.75 37.97
C TYR H 330 -41.67 24.18 37.93
N LYS H 331 -42.79 24.42 38.59
CA LYS H 331 -43.43 25.73 38.64
C LYS H 331 -43.29 26.38 40.00
N TYR H 332 -42.87 27.66 40.04
CA TYR H 332 -42.65 28.40 41.28
C TYR H 332 -43.41 29.73 41.32
N TRP H 333 -44.06 30.00 42.47
CA TRP H 333 -44.82 31.22 42.73
C TRP H 333 -44.41 31.84 44.08
N PRO H 334 -44.27 33.19 44.18
CA PRO H 334 -43.88 33.77 45.47
C PRO H 334 -45.06 33.91 46.44
N GLN H 335 -44.78 33.83 47.75
CA GLN H 335 -45.80 33.97 48.81
C GLN H 335 -46.21 35.43 48.98
N LEU H 336 -47.51 35.66 49.25
CA LEU H 336 -48.09 37.00 49.43
C LEU H 336 -47.65 37.65 50.73
N GLN I 1 52.31 21.83 -92.67
CA GLN I 1 52.14 21.79 -91.23
C GLN I 1 51.51 20.48 -90.94
N ILE I 2 50.16 20.33 -90.83
CA ILE I 2 49.61 19.03 -90.43
C ILE I 2 49.36 18.21 -91.67
N GLN I 3 49.85 16.99 -91.77
CA GLN I 3 49.62 16.14 -92.92
C GLN I 3 49.23 14.81 -92.29
N LEU I 4 48.14 14.20 -92.69
CA LEU I 4 47.87 12.87 -92.25
C LEU I 4 47.92 12.19 -93.61
N VAL I 5 48.87 11.26 -93.77
CA VAL I 5 49.03 10.59 -95.05
C VAL I 5 48.66 9.15 -94.77
N GLN I 6 47.84 8.54 -95.63
CA GLN I 6 47.29 7.24 -95.31
C GLN I 6 47.92 6.19 -96.18
N SER I 7 47.77 4.89 -95.86
CA SER I 7 48.25 3.87 -96.77
C SER I 7 47.48 3.89 -98.09
N GLY I 8 48.04 3.16 -99.04
CA GLY I 8 47.43 3.05 -100.35
C GLY I 8 46.26 2.07 -100.31
N ARG I 9 45.50 1.96 -101.39
CA ARG I 9 44.18 1.32 -101.42
C ARG I 9 44.28 -0.21 -101.51
N GLU I 10 43.60 -1.04 -100.71
CA GLU I 10 43.74 -2.46 -100.97
C GLU I 10 42.57 -3.17 -101.51
N VAL I 11 42.97 -4.29 -102.09
CA VAL I 11 42.05 -5.30 -102.57
C VAL I 11 42.18 -6.47 -101.60
N LYS I 12 41.10 -7.11 -101.17
CA LYS I 12 41.14 -8.25 -100.24
C LYS I 12 39.89 -9.12 -100.51
N ASN I 13 39.97 -10.47 -100.57
CA ASN I 13 38.84 -11.35 -100.88
C ASN I 13 38.08 -11.46 -99.55
N PRO I 14 36.78 -11.74 -99.53
CA PRO I 14 36.01 -11.85 -98.29
C PRO I 14 36.68 -12.77 -97.30
N GLY I 15 36.56 -12.34 -96.05
CA GLY I 15 37.13 -13.11 -94.95
C GLY I 15 38.45 -12.57 -94.45
N GLU I 16 39.28 -11.97 -95.33
CA GLU I 16 40.55 -11.41 -94.91
C GLU I 16 40.56 -10.26 -93.88
N THR I 17 41.73 -9.77 -93.49
CA THR I 17 41.93 -8.70 -92.52
C THR I 17 42.72 -7.59 -93.21
N VAL I 18 42.55 -6.34 -92.79
CA VAL I 18 43.36 -5.29 -93.35
C VAL I 18 43.80 -4.33 -92.24
N LYS I 19 45.03 -3.82 -92.38
CA LYS I 19 45.51 -2.84 -91.44
C LYS I 19 45.85 -1.62 -92.31
N ILE I 20 45.08 -0.55 -92.08
CA ILE I 20 45.19 0.75 -92.75
C ILE I 20 45.95 1.68 -91.79
N SER I 21 47.08 2.22 -92.20
CA SER I 21 47.83 3.16 -91.41
C SER I 21 47.49 4.60 -91.74
N CYS I 22 47.68 5.47 -90.72
CA CYS I 22 47.52 6.92 -90.77
C CYS I 22 48.72 7.52 -90.05
N LYS I 23 49.68 8.12 -90.79
CA LYS I 23 50.94 8.66 -90.27
C LYS I 23 50.71 10.15 -90.14
N ALA I 24 50.87 10.68 -88.93
CA ALA I 24 50.53 12.06 -88.63
C ALA I 24 51.73 12.98 -88.69
N SER I 25 51.59 14.19 -89.19
CA SER I 25 52.69 15.11 -89.23
C SER I 25 52.21 16.50 -88.82
N GLY I 26 53.07 17.27 -88.19
CA GLY I 26 52.77 18.64 -87.89
C GLY I 26 52.25 18.89 -86.49
N TYR I 27 51.70 17.93 -85.77
CA TYR I 27 51.21 18.23 -84.44
C TYR I 27 51.80 17.32 -83.36
N THR I 28 51.53 17.53 -82.08
CA THR I 28 52.03 16.57 -81.12
C THR I 28 50.92 15.56 -80.91
N PHE I 29 51.15 14.41 -81.54
CA PHE I 29 50.26 13.24 -81.61
C PHE I 29 49.33 13.01 -80.44
N THR I 30 50.01 13.14 -79.30
CA THR I 30 49.54 12.96 -77.95
C THR I 30 48.50 13.88 -77.38
N GLU I 31 48.38 15.07 -77.95
CA GLU I 31 47.39 15.99 -77.42
C GLU I 31 46.16 16.01 -78.31
N TYR I 32 46.11 15.23 -79.39
CA TYR I 32 45.00 15.19 -80.33
C TYR I 32 44.72 13.76 -80.82
N PRO I 33 43.55 13.28 -80.44
CA PRO I 33 43.20 11.92 -80.77
C PRO I 33 42.67 11.82 -82.19
N MET I 34 42.39 10.58 -82.65
CA MET I 34 41.99 10.28 -84.04
C MET I 34 40.65 9.67 -84.27
N LEU I 35 39.97 10.31 -85.21
CA LEU I 35 38.63 9.98 -85.65
C LEU I 35 38.74 9.07 -86.82
N TRP I 36 37.96 8.01 -86.98
CA TRP I 36 38.05 7.18 -88.17
C TRP I 36 36.71 7.27 -88.80
N VAL I 37 36.60 7.66 -90.05
CA VAL I 37 35.31 7.95 -90.68
C VAL I 37 35.22 7.02 -91.89
N LYS I 38 34.02 6.51 -92.19
CA LYS I 38 33.82 5.63 -93.35
C LYS I 38 32.96 6.39 -94.34
N GLN I 39 33.36 6.59 -95.58
CA GLN I 39 32.51 7.25 -96.55
C GLN I 39 32.34 6.12 -97.50
N ALA I 40 31.13 5.65 -97.43
CA ALA I 40 30.74 4.54 -98.23
C ALA I 40 30.31 5.07 -99.57
N PRO I 41 30.78 4.46 -100.65
CA PRO I 41 30.43 4.75 -102.04
C PRO I 41 29.19 5.59 -102.33
N GLY I 42 28.02 5.15 -101.87
CA GLY I 42 26.84 5.97 -102.05
C GLY I 42 26.57 6.76 -100.79
N LYS I 43 26.26 5.98 -99.75
CA LYS I 43 25.82 6.46 -98.45
C LYS I 43 26.31 7.74 -97.77
N GLY I 44 27.45 8.38 -98.08
CA GLY I 44 27.88 9.57 -97.33
C GLY I 44 28.85 9.30 -96.16
N PHE I 45 29.00 10.25 -95.20
CA PHE I 45 30.01 10.13 -94.18
C PHE I 45 29.47 9.56 -92.88
N ARG I 46 30.24 8.68 -92.21
CA ARG I 46 29.86 8.07 -90.94
C ARG I 46 31.01 7.98 -89.91
N TRP I 47 30.81 8.40 -88.65
CA TRP I 47 31.85 8.33 -87.62
C TRP I 47 32.02 6.87 -87.22
N MET I 48 33.22 6.31 -87.30
CA MET I 48 33.47 4.95 -86.85
C MET I 48 33.94 4.88 -85.40
N GLY I 49 34.40 5.99 -84.80
CA GLY I 49 34.86 6.01 -83.42
C GLY I 49 36.00 7.00 -83.27
N LEU I 50 36.70 6.95 -82.14
CA LEU I 50 37.76 7.87 -81.81
C LEU I 50 38.74 7.12 -80.89
N ILE I 51 40.02 7.43 -81.04
CA ILE I 51 41.03 6.80 -80.18
C ILE I 51 41.81 7.92 -79.47
N TYR I 52 41.87 7.71 -78.15
CA TYR I 52 42.60 8.59 -77.27
C TYR I 52 44.09 8.32 -77.48
N THR I 53 44.77 9.05 -78.33
CA THR I 53 46.16 8.83 -78.58
C THR I 53 47.06 9.08 -77.37
N ASN I 54 46.47 9.40 -76.23
CA ASN I 54 47.25 9.62 -75.04
C ASN I 54 47.27 8.34 -74.23
N THR I 55 46.11 7.87 -73.75
CA THR I 55 45.96 6.62 -72.98
C THR I 55 46.06 5.35 -73.87
N GLY I 56 45.56 5.54 -75.09
CA GLY I 56 45.32 4.47 -76.03
C GLY I 56 43.85 3.98 -75.97
N GLU I 57 42.82 4.42 -75.21
CA GLU I 57 41.47 3.82 -75.28
C GLU I 57 40.67 4.23 -76.50
N PRO I 58 40.15 3.26 -77.26
CA PRO I 58 39.22 3.45 -78.36
C PRO I 58 37.75 3.52 -78.00
N THR I 59 37.00 4.31 -78.75
CA THR I 59 35.56 4.31 -78.65
C THR I 59 35.15 3.77 -80.02
N TYR I 60 34.16 2.90 -80.12
CA TYR I 60 33.73 2.46 -81.42
C TYR I 60 32.34 2.99 -81.59
N ALA I 61 31.94 3.31 -82.81
CA ALA I 61 30.53 3.62 -82.99
C ALA I 61 29.81 2.28 -82.81
N GLU I 62 28.56 2.15 -82.39
CA GLU I 62 27.94 0.83 -82.22
C GLU I 62 27.99 0.05 -83.53
N GLU I 63 27.78 0.69 -84.68
CA GLU I 63 27.89 0.03 -85.97
C GLU I 63 29.23 -0.67 -86.21
N PHE I 64 30.27 -0.30 -85.42
CA PHE I 64 31.64 -0.72 -85.65
C PHE I 64 32.30 -1.51 -84.54
N LYS I 65 31.57 -1.70 -83.43
CA LYS I 65 32.09 -2.47 -82.30
C LYS I 65 32.18 -3.94 -82.79
N GLY I 66 33.34 -4.63 -82.86
CA GLY I 66 33.31 -6.02 -83.26
C GLY I 66 34.43 -6.38 -84.19
N ARG I 67 34.23 -6.23 -85.49
CA ARG I 67 35.28 -6.50 -86.46
C ARG I 67 36.32 -5.40 -86.54
N PHE I 68 35.98 -4.22 -86.04
CA PHE I 68 36.89 -3.10 -86.08
C PHE I 68 37.65 -2.91 -84.77
N VAL I 69 38.93 -2.67 -85.00
CA VAL I 69 39.95 -2.46 -83.99
C VAL I 69 40.97 -1.36 -84.29
N PHE I 70 40.94 -0.25 -83.53
CA PHE I 70 41.84 0.88 -83.62
C PHE I 70 43.08 0.61 -82.79
N SER I 71 44.27 0.98 -83.22
CA SER I 71 45.49 0.82 -82.44
C SER I 71 46.46 1.90 -82.89
N LEU I 72 47.63 2.04 -82.27
CA LEU I 72 48.50 3.09 -82.71
C LEU I 72 49.96 2.83 -82.57
N GLU I 73 50.81 3.13 -83.54
CA GLU I 73 52.23 3.02 -83.32
C GLU I 73 52.55 4.43 -82.86
N ILE I 74 52.21 4.66 -81.60
CA ILE I 74 52.43 5.89 -80.85
C ILE I 74 53.72 6.63 -81.21
N SER I 75 54.67 5.73 -81.17
CA SER I 75 56.09 5.99 -81.29
C SER I 75 56.47 6.60 -82.64
N ALA I 76 55.62 6.35 -83.62
CA ALA I 76 55.87 6.75 -84.98
C ALA I 76 54.73 7.65 -85.42
N SER I 77 53.88 8.11 -84.48
CA SER I 77 52.77 8.94 -84.82
C SER I 77 51.86 8.28 -85.86
N THR I 78 51.60 6.98 -85.67
CA THR I 78 50.69 6.32 -86.57
C THR I 78 49.47 5.83 -85.84
N ALA I 79 48.27 5.93 -86.42
CA ALA I 79 47.05 5.36 -85.87
C ALA I 79 46.69 4.33 -86.91
N TYR I 80 46.00 3.24 -86.56
CA TYR I 80 45.70 2.24 -87.57
C TYR I 80 44.32 1.70 -87.43
N LEU I 81 43.70 1.32 -88.54
CA LEU I 81 42.39 0.77 -88.53
C LEU I 81 42.56 -0.66 -88.93
N GLN I 82 41.97 -1.60 -88.21
CA GLN I 82 42.02 -2.98 -88.63
C GLN I 82 40.61 -3.50 -88.63
N ILE I 83 40.30 -4.07 -89.79
CA ILE I 83 38.99 -4.62 -90.09
C ILE I 83 39.32 -6.06 -90.38
N ASN I 84 38.76 -6.88 -89.50
CA ASN I 84 38.96 -8.31 -89.54
C ASN I 84 37.72 -8.95 -90.12
N ASN I 85 37.91 -10.15 -90.73
CA ASN I 85 36.84 -10.95 -91.31
C ASN I 85 35.98 -10.07 -92.19
N LEU I 86 36.70 -9.61 -93.22
CA LEU I 86 36.19 -8.60 -94.12
C LEU I 86 34.91 -9.08 -94.75
N THR I 87 33.94 -8.20 -94.77
CA THR I 87 32.67 -8.51 -95.39
C THR I 87 32.71 -7.74 -96.67
N ASN I 88 32.03 -8.30 -97.65
CA ASN I 88 31.98 -7.69 -98.98
C ASN I 88 31.43 -6.25 -98.94
N GLU I 89 30.48 -5.94 -98.04
CA GLU I 89 29.92 -4.59 -97.99
C GLU I 89 30.75 -3.58 -97.20
N ASP I 90 32.02 -3.91 -96.99
CA ASP I 90 32.94 -2.98 -96.35
C ASP I 90 33.70 -2.22 -97.43
N THR I 91 33.36 -2.35 -98.75
CA THR I 91 34.13 -1.58 -99.73
C THR I 91 33.64 -0.15 -99.59
N ALA I 92 34.63 0.70 -99.46
CA ALA I 92 34.42 2.09 -99.13
C ALA I 92 35.79 2.66 -98.92
N THR I 93 35.81 3.93 -98.52
CA THR I 93 37.03 4.69 -98.25
C THR I 93 37.01 5.06 -96.77
N TYR I 94 38.15 4.99 -96.10
CA TYR I 94 38.21 5.25 -94.69
C TYR I 94 39.19 6.38 -94.58
N PHE I 95 38.81 7.37 -93.79
CA PHE I 95 39.62 8.57 -93.62
C PHE I 95 40.13 8.61 -92.21
N CYS I 96 41.39 8.91 -91.81
CA CYS I 96 41.68 9.33 -90.42
C CYS I 96 41.53 10.88 -90.35
N VAL I 97 41.30 11.37 -89.16
CA VAL I 97 40.91 12.75 -88.95
C VAL I 97 41.38 13.19 -87.56
N ARG I 98 41.70 14.47 -87.40
CA ARG I 98 42.18 14.95 -86.11
C ARG I 98 41.02 15.63 -85.39
N ASP I 99 40.75 15.26 -84.14
CA ASP I 99 39.69 15.91 -83.41
C ASP I 99 40.28 17.09 -82.67
N TYR I 100 39.81 18.29 -82.97
CA TYR I 100 40.33 19.49 -82.33
C TYR I 100 39.40 20.64 -82.65
N PHE I 101 39.45 21.69 -81.83
CA PHE I 101 38.50 22.77 -82.06
C PHE I 101 37.05 22.37 -82.08
N ILE I 102 36.63 21.54 -81.10
CA ILE I 102 35.21 21.21 -80.88
C ILE I 102 34.62 20.53 -82.11
N SER I 103 35.47 19.86 -82.88
CA SER I 103 35.03 19.16 -84.11
C SER I 103 36.18 18.38 -84.74
N LEU I 104 36.30 18.46 -86.06
CA LEU I 104 37.41 17.79 -86.72
C LEU I 104 38.01 18.88 -87.55
N ASP I 105 39.35 19.04 -87.53
CA ASP I 105 39.95 20.13 -88.33
C ASP I 105 40.71 19.68 -89.56
N TYR I 106 41.36 18.55 -89.50
CA TYR I 106 42.08 18.05 -90.66
C TYR I 106 41.60 16.63 -90.97
N TRP I 107 41.44 16.33 -92.24
CA TRP I 107 41.13 14.98 -92.74
C TRP I 107 42.30 14.45 -93.53
N GLY I 108 42.46 13.12 -93.59
CA GLY I 108 43.54 12.48 -94.36
C GLY I 108 43.16 12.41 -95.85
N GLN I 109 44.05 11.69 -96.67
CA GLN I 109 43.64 11.43 -98.05
C GLN I 109 42.61 10.31 -98.27
N GLY I 110 42.51 9.31 -97.42
CA GLY I 110 41.57 8.21 -97.63
C GLY I 110 42.32 6.97 -98.06
N THR I 111 41.85 5.80 -97.69
CA THR I 111 42.40 4.53 -98.11
C THR I 111 41.11 3.81 -98.47
N THR I 112 41.04 3.39 -99.73
CA THR I 112 39.87 2.75 -100.29
C THR I 112 40.02 1.24 -100.32
N LEU I 113 39.05 0.46 -99.84
CA LEU I 113 39.22 -0.98 -99.81
C LEU I 113 38.19 -1.47 -100.78
N THR I 114 38.64 -2.45 -101.56
CA THR I 114 37.73 -3.15 -102.45
C THR I 114 37.84 -4.62 -102.07
N VAL I 115 36.84 -5.07 -101.34
CA VAL I 115 36.66 -6.46 -100.92
C VAL I 115 36.16 -7.22 -102.13
N SER I 116 36.94 -8.13 -102.69
CA SER I 116 36.49 -8.79 -103.89
C SER I 116 37.32 -10.03 -104.20
N SER I 117 36.60 -11.12 -104.49
CA SER I 117 37.23 -12.39 -104.81
C SER I 117 37.87 -12.35 -106.20
N ALA I 118 39.10 -12.84 -106.28
CA ALA I 118 39.83 -12.86 -107.56
C ALA I 118 41.29 -13.21 -107.34
N LYS I 119 41.90 -13.85 -108.35
CA LYS I 119 43.30 -14.24 -108.27
C LYS I 119 44.22 -13.03 -108.42
N THR I 120 45.45 -13.28 -108.85
CA THR I 120 46.42 -12.22 -109.03
C THR I 120 46.97 -12.20 -110.46
N THR I 121 46.64 -11.14 -111.19
CA THR I 121 47.10 -10.99 -112.57
C THR I 121 47.97 -9.75 -112.71
N ALA I 122 49.18 -9.93 -113.21
CA ALA I 122 50.08 -8.81 -113.45
C ALA I 122 49.61 -7.99 -114.66
N PRO I 123 49.83 -6.67 -114.61
CA PRO I 123 49.42 -5.80 -115.72
C PRO I 123 50.36 -5.89 -116.92
N SER I 124 49.83 -5.56 -118.09
CA SER I 124 50.65 -5.38 -119.28
C SER I 124 50.74 -3.88 -119.54
N VAL I 125 51.96 -3.38 -119.62
CA VAL I 125 52.18 -1.95 -119.76
C VAL I 125 52.54 -1.58 -121.21
N TYR I 126 51.70 -0.77 -121.84
CA TYR I 126 51.84 -0.44 -123.25
C TYR I 126 52.08 1.04 -123.46
N PRO I 127 53.09 1.39 -124.25
CA PRO I 127 53.38 2.80 -124.55
C PRO I 127 52.38 3.35 -125.55
N LEU I 128 51.96 4.60 -125.36
CA LEU I 128 51.06 5.25 -126.30
C LEU I 128 51.75 6.45 -126.93
N ALA I 129 52.25 6.25 -128.15
CA ALA I 129 52.93 7.29 -128.89
C ALA I 129 51.99 7.82 -129.97
N PRO I 130 52.22 9.06 -130.43
CA PRO I 130 51.32 9.69 -131.41
C PRO I 130 51.30 8.96 -132.74
N VAL I 131 50.31 9.32 -133.56
CA VAL I 131 50.13 8.70 -134.88
C VAL I 131 51.38 8.79 -135.74
N CYS I 132 51.54 7.81 -136.63
CA CYS I 132 52.75 7.64 -137.42
C CYS I 132 53.15 8.87 -138.23
N GLY I 133 52.18 9.73 -138.53
CA GLY I 133 52.43 10.88 -139.38
C GLY I 133 52.27 12.23 -138.71
N GLY I 134 53.24 13.12 -138.97
CA GLY I 134 53.16 14.50 -138.56
C GLY I 134 53.16 14.75 -137.06
N THR I 135 51.98 15.04 -136.52
CA THR I 135 51.80 15.44 -135.12
C THR I 135 52.62 16.69 -134.79
N THR I 136 52.27 17.82 -135.42
CA THR I 136 53.01 19.05 -135.23
C THR I 136 52.17 20.15 -134.60
N GLY I 137 52.38 20.37 -133.30
CA GLY I 137 51.76 21.47 -132.57
C GLY I 137 52.79 22.08 -131.64
N SER I 138 52.38 23.07 -130.84
CA SER I 138 53.29 23.67 -129.87
C SER I 138 53.62 22.68 -128.75
N SER I 139 52.73 21.72 -128.52
CA SER I 139 52.96 20.68 -127.53
C SER I 139 52.69 19.30 -128.10
N VAL I 140 52.75 18.28 -127.23
CA VAL I 140 52.55 16.89 -127.62
C VAL I 140 52.09 16.05 -126.43
N THR I 141 51.14 15.15 -126.71
CA THR I 141 50.57 14.30 -125.68
C THR I 141 50.97 12.85 -125.87
N LEU I 142 51.65 12.29 -124.88
CA LEU I 142 51.98 10.88 -124.86
C LEU I 142 51.08 10.18 -123.85
N GLY I 143 51.10 8.86 -123.86
CA GLY I 143 50.28 8.09 -122.94
C GLY I 143 50.88 6.76 -122.53
N CYS I 144 50.22 6.12 -121.58
CA CYS I 144 50.67 4.84 -121.04
C CYS I 144 49.42 4.05 -120.62
N LEU I 145 49.27 2.86 -121.20
CA LEU I 145 48.10 2.03 -120.94
C LEU I 145 48.46 0.80 -120.10
N VAL I 146 47.95 0.77 -118.87
CA VAL I 146 48.17 -0.32 -117.95
C VAL I 146 46.97 -1.27 -117.95
N LYS I 147 47.09 -2.36 -118.71
CA LYS I 147 45.93 -3.20 -119.02
C LYS I 147 45.92 -4.56 -118.33
N GLY I 148 44.74 -4.94 -117.85
CA GLY I 148 44.48 -6.30 -117.37
C GLY I 148 45.20 -6.76 -116.12
N TYR I 149 44.94 -6.10 -114.99
CA TYR I 149 45.54 -6.51 -113.73
C TYR I 149 44.51 -6.74 -112.61
N PHE I 150 44.95 -7.45 -111.58
CA PHE I 150 44.10 -7.76 -110.44
C PHE I 150 44.96 -8.28 -109.28
N PRO I 151 44.73 -7.76 -108.07
CA PRO I 151 43.72 -6.73 -107.78
C PRO I 151 44.32 -5.34 -107.80
N GLU I 152 43.56 -4.38 -107.30
CA GLU I 152 44.05 -3.02 -107.07
C GLU I 152 44.97 -3.01 -105.84
N PRO I 153 45.87 -2.01 -105.74
CA PRO I 153 46.07 -0.90 -106.69
C PRO I 153 47.31 -1.03 -107.56
N VAL I 154 47.40 -0.17 -108.57
CA VAL I 154 48.67 0.09 -109.26
C VAL I 154 49.07 1.53 -109.03
N THR I 155 50.36 1.79 -108.98
CA THR I 155 50.84 3.17 -108.97
C THR I 155 51.51 3.50 -110.30
N LEU I 156 51.35 4.75 -110.75
CA LEU I 156 51.93 5.19 -112.00
C LEU I 156 52.56 6.57 -111.85
N THR I 157 53.81 6.69 -112.29
CA THR I 157 54.48 8.00 -112.32
C THR I 157 55.09 8.22 -113.70
N TRP I 158 55.54 9.45 -113.95
CA TRP I 158 56.22 9.79 -115.18
C TRP I 158 57.63 10.29 -114.87
N ASN I 159 58.64 9.65 -115.47
CA ASN I 159 60.04 9.96 -115.19
C ASN I 159 60.36 9.93 -113.71
N SER I 160 59.96 8.83 -113.06
CA SER I 160 60.19 8.62 -111.63
C SER I 160 59.52 9.67 -110.74
N GLY I 161 58.56 10.39 -111.31
CA GLY I 161 57.82 11.38 -110.55
C GLY I 161 58.32 12.80 -110.72
N SER I 162 59.42 12.97 -111.44
CA SER I 162 59.98 14.31 -111.67
C SER I 162 59.15 15.07 -112.69
N LEU I 163 58.35 14.35 -113.45
CA LEU I 163 57.43 14.95 -114.42
C LEU I 163 55.99 14.73 -113.94
N SER I 164 55.46 15.72 -113.24
CA SER I 164 54.11 15.61 -112.68
C SER I 164 53.16 16.64 -113.28
N SER I 165 53.70 17.77 -113.72
CA SER I 165 52.89 18.80 -114.34
C SER I 165 52.44 18.37 -115.73
N GLY I 166 51.14 18.55 -116.01
CA GLY I 166 50.60 18.19 -117.31
C GLY I 166 50.30 16.71 -117.43
N VAL I 167 50.04 16.07 -116.30
CA VAL I 167 49.74 14.65 -116.27
C VAL I 167 48.28 14.42 -115.89
N HIS I 168 47.62 13.52 -116.61
CA HIS I 168 46.28 13.09 -116.23
C HIS I 168 46.28 11.58 -116.05
N THR I 169 46.18 11.12 -114.81
CA THR I 169 46.05 9.69 -114.56
C THR I 169 44.57 9.34 -114.39
N PHE I 170 44.13 8.30 -115.08
CA PHE I 170 42.73 7.97 -115.14
C PHE I 170 42.41 6.78 -114.24
N PRO I 171 41.42 6.95 -113.36
CA PRO I 171 41.03 5.94 -112.36
C PRO I 171 40.83 4.57 -112.99
N ALA I 172 41.30 3.54 -112.30
CA ALA I 172 41.21 2.17 -112.77
C ALA I 172 39.76 1.74 -112.88
N LEU I 173 39.46 0.97 -113.92
CA LEU I 173 38.10 0.49 -114.12
C LEU I 173 38.09 -0.99 -114.43
N LEU I 174 37.08 -1.68 -113.91
CA LEU I 174 36.97 -3.11 -114.02
C LEU I 174 36.29 -3.47 -115.33
N GLN I 175 36.93 -4.33 -116.10
CA GLN I 175 36.40 -4.76 -117.38
C GLN I 175 36.78 -6.21 -117.62
N SER I 176 35.77 -7.07 -117.71
CA SER I 176 35.97 -8.52 -117.88
C SER I 176 36.80 -9.13 -116.75
N GLY I 177 36.52 -8.69 -115.53
CA GLY I 177 37.16 -9.27 -114.36
C GLY I 177 38.54 -8.74 -114.07
N LEU I 178 39.02 -7.81 -114.88
CA LEU I 178 40.34 -7.23 -114.67
C LEU I 178 40.30 -5.72 -114.68
N TYR I 179 41.25 -5.09 -113.98
CA TYR I 179 41.34 -3.64 -113.96
C TYR I 179 42.19 -3.13 -115.12
N THR I 180 41.80 -1.99 -115.65
CA THR I 180 42.60 -1.30 -116.64
C THR I 180 42.68 0.17 -116.26
N LEU I 181 43.89 0.72 -116.41
CA LEU I 181 44.19 2.10 -116.05
C LEU I 181 44.95 2.72 -117.21
N SER I 182 44.99 4.05 -117.27
CA SER I 182 45.78 4.72 -118.29
C SER I 182 46.20 6.09 -117.79
N SER I 183 47.21 6.66 -118.43
CA SER I 183 47.65 8.00 -118.07
C SER I 183 48.14 8.74 -119.30
N SER I 184 47.95 10.05 -119.32
CA SER I 184 48.50 10.88 -120.38
C SER I 184 49.43 11.90 -119.77
N VAL I 185 50.36 12.39 -120.58
CA VAL I 185 51.23 13.47 -120.16
C VAL I 185 51.45 14.39 -121.36
N THR I 186 51.44 15.69 -121.11
CA THR I 186 51.62 16.65 -122.20
C THR I 186 52.84 17.53 -121.96
N VAL I 187 53.75 17.56 -122.93
CA VAL I 187 54.96 18.37 -122.81
C VAL I 187 55.14 19.21 -124.07
N THR I 188 56.04 20.19 -124.03
CA THR I 188 56.34 20.98 -125.21
C THR I 188 56.94 20.09 -126.29
N SER I 189 56.72 20.45 -127.56
CA SER I 189 57.17 19.61 -128.67
C SER I 189 58.68 19.50 -128.78
N ASN I 190 59.39 20.36 -128.05
CA ASN I 190 60.85 20.33 -128.03
C ASN I 190 61.39 19.30 -127.06
N THR I 191 60.62 19.02 -126.01
CA THR I 191 61.00 18.06 -124.98
C THR I 191 61.06 16.65 -125.56
N TRP I 192 60.00 16.25 -126.25
CA TRP I 192 59.90 14.89 -126.79
C TRP I 192 59.88 14.94 -128.32
N PRO I 193 60.58 14.00 -128.98
CA PRO I 193 61.31 12.88 -128.39
C PRO I 193 62.78 13.19 -128.09
N SER I 194 63.13 14.46 -127.99
CA SER I 194 64.50 14.86 -127.68
C SER I 194 64.94 14.28 -126.34
N GLN I 195 64.17 14.59 -125.30
CA GLN I 195 64.43 14.07 -123.97
C GLN I 195 63.57 12.84 -123.72
N THR I 196 64.11 11.89 -122.96
CA THR I 196 63.42 10.65 -122.67
C THR I 196 62.23 10.88 -121.75
N ILE I 197 61.09 10.26 -122.08
CA ILE I 197 59.92 10.27 -121.22
C ILE I 197 59.52 8.84 -120.92
N THR I 198 59.46 8.48 -119.64
CA THR I 198 59.25 7.10 -119.23
C THR I 198 58.08 6.94 -118.26
N CYS I 199 57.23 5.96 -118.56
CA CYS I 199 56.12 5.57 -117.71
C CYS I 199 56.61 4.56 -116.67
N ASN I 200 56.37 4.82 -115.38
CA ASN I 200 56.74 3.90 -114.32
C ASN I 200 55.52 3.31 -113.63
N VAL I 201 55.38 1.98 -113.68
CA VAL I 201 54.21 1.30 -113.17
C VAL I 201 54.55 0.25 -112.12
N ALA I 202 53.87 0.27 -110.98
CA ALA I 202 54.05 -0.77 -109.99
C ALA I 202 52.73 -1.44 -109.63
N HIS I 203 52.76 -2.76 -109.54
CA HIS I 203 51.61 -3.55 -109.10
C HIS I 203 52.03 -4.41 -107.91
N PRO I 204 51.87 -3.88 -106.68
CA PRO I 204 52.36 -4.49 -105.45
C PRO I 204 51.89 -5.93 -105.25
N ALA I 205 50.64 -6.21 -105.57
CA ALA I 205 50.07 -7.54 -105.37
C ALA I 205 50.79 -8.63 -106.15
N SER I 206 51.42 -8.28 -107.26
CA SER I 206 52.16 -9.26 -108.07
C SER I 206 53.66 -9.04 -108.07
N SER I 207 54.11 -8.04 -107.30
CA SER I 207 55.52 -7.65 -107.29
C SER I 207 56.04 -7.31 -108.68
N THR I 208 55.17 -6.66 -109.46
CA THR I 208 55.48 -6.26 -110.82
C THR I 208 55.86 -4.77 -110.87
N LYS I 209 57.05 -4.50 -111.41
CA LYS I 209 57.47 -3.13 -111.72
C LYS I 209 57.88 -3.05 -113.19
N VAL I 210 57.28 -2.13 -113.92
CA VAL I 210 57.59 -1.94 -115.33
C VAL I 210 57.94 -0.49 -115.66
N ASP I 211 59.11 -0.31 -116.28
CA ASP I 211 59.50 0.99 -116.81
C ASP I 211 59.41 0.95 -118.32
N LYS I 212 58.52 1.76 -118.89
CA LYS I 212 58.32 1.76 -120.34
C LYS I 212 58.60 3.14 -120.93
N LYS I 213 59.68 3.25 -121.69
CA LYS I 213 60.01 4.49 -122.37
C LYS I 213 59.14 4.65 -123.62
N ILE I 214 58.57 5.84 -123.78
CA ILE I 214 57.73 6.11 -124.94
C ILE I 214 58.60 6.38 -126.17
N GLU I 215 58.52 5.50 -127.15
CA GLU I 215 59.34 5.62 -128.36
C GLU I 215 58.49 6.05 -129.54
N SER I 216 59.11 6.79 -130.45
CA SER I 216 58.42 7.22 -131.67
C SER I 216 58.10 6.02 -132.54
N ARG I 217 56.98 6.08 -133.26
CA ARG I 217 56.53 4.94 -134.06
C ARG I 217 57.41 4.66 -135.28
N ARG I 218 58.23 5.62 -135.65
CA ARG I 218 59.20 5.42 -136.72
C ARG I 218 60.46 6.26 -136.52
N GLN J 1 9.97 -43.35 50.09
CA GLN J 1 9.90 -42.39 49.00
C GLN J 1 10.98 -42.79 48.05
N ILE J 2 12.22 -42.24 48.10
CA ILE J 2 13.22 -42.59 47.08
C ILE J 2 13.98 -43.80 47.55
N GLN J 3 14.09 -44.87 46.78
CA GLN J 3 14.85 -46.03 47.16
C GLN J 3 15.67 -46.34 45.92
N LEU J 4 16.97 -46.51 46.02
CA LEU J 4 17.70 -46.99 44.89
C LEU J 4 18.17 -48.30 45.49
N VAL J 5 17.77 -49.41 44.89
CA VAL J 5 18.12 -50.72 45.42
C VAL J 5 19.02 -51.33 44.36
N GLN J 6 20.16 -51.89 44.77
CA GLN J 6 21.16 -52.31 43.79
C GLN J 6 21.19 -53.81 43.70
N SER J 7 21.84 -54.38 42.68
CA SER J 7 21.98 -55.82 42.65
C SER J 7 22.88 -56.30 43.79
N GLY J 8 22.87 -57.62 43.98
CA GLY J 8 23.66 -58.25 45.00
C GLY J 8 25.11 -58.36 44.55
N ARG J 9 26.01 -58.76 45.43
CA ARG J 9 27.46 -58.64 45.28
C ARG J 9 28.06 -59.72 44.37
N GLU J 10 28.88 -59.48 43.35
CA GLU J 10 29.41 -60.62 42.64
C GLU J 10 30.85 -60.93 42.80
N VAL J 11 31.07 -62.19 42.46
CA VAL J 11 32.41 -62.75 42.35
C VAL J 11 32.62 -62.95 40.87
N LYS J 12 33.80 -62.63 40.31
CA LYS J 12 34.10 -62.81 38.89
C LYS J 12 35.63 -63.02 38.75
N ASN J 13 36.14 -63.96 37.94
CA ASN J 13 37.58 -64.23 37.80
C ASN J 13 38.08 -63.14 36.84
N PRO J 14 39.36 -62.75 36.86
CA PRO J 14 39.88 -61.72 35.99
C PRO J 14 39.52 -61.99 34.55
N GLY J 15 39.23 -60.88 33.87
CA GLY J 15 38.89 -60.94 32.47
C GLY J 15 37.41 -60.84 32.20
N GLU J 16 36.57 -61.35 33.11
CA GLU J 16 35.12 -61.27 32.94
C GLU J 16 34.45 -59.89 32.86
N THR J 17 33.13 -59.84 32.68
CA THR J 17 32.34 -58.61 32.58
C THR J 17 31.27 -58.66 33.67
N VAL J 18 30.80 -57.52 34.17
CA VAL J 18 29.72 -57.54 35.12
C VAL J 18 28.74 -56.41 34.80
N LYS J 19 27.45 -56.69 35.02
CA LYS J 19 26.44 -55.68 34.84
C LYS J 19 25.77 -55.57 36.21
N ILE J 20 25.94 -54.40 36.83
CA ILE J 20 25.40 -54.02 38.12
C ILE J 20 24.18 -53.14 37.86
N SER J 21 22.99 -53.53 38.33
CA SER J 21 21.79 -52.76 38.18
C SER J 21 21.54 -51.88 39.39
N CYS J 22 20.82 -50.76 39.13
CA CYS J 22 20.35 -49.78 40.10
C CYS J 22 18.90 -49.46 39.73
N LYS J 23 17.91 -49.95 40.51
CA LYS J 23 16.47 -49.81 40.25
C LYS J 23 16.03 -48.66 41.12
N ALA J 24 15.46 -47.63 40.50
CA ALA J 24 15.11 -46.41 41.19
C ALA J 24 13.66 -46.36 41.62
N SER J 25 13.34 -45.82 42.78
CA SER J 25 11.96 -45.72 43.21
C SER J 25 11.74 -44.36 43.83
N GLY J 26 10.53 -43.82 43.69
CA GLY J 26 10.16 -42.61 44.38
C GLY J 26 10.30 -41.36 43.56
N TYR J 27 11.08 -41.30 42.50
CA TYR J 27 11.16 -40.05 41.74
C TYR J 27 10.86 -40.23 40.25
N THR J 28 10.79 -39.18 39.45
CA THR J 28 10.60 -39.42 38.04
C THR J 28 11.99 -39.47 37.41
N PHE J 29 12.38 -40.71 37.15
CA PHE J 29 13.68 -41.12 36.62
C PHE J 29 14.42 -40.14 35.73
N THR J 30 13.57 -39.65 34.83
CA THR J 30 13.85 -38.71 33.77
C THR J 30 14.29 -37.31 34.08
N GLU J 31 13.96 -36.83 35.27
CA GLU J 31 14.35 -35.48 35.61
C GLU J 31 15.59 -35.49 36.50
N TYR J 32 16.15 -36.66 36.84
CA TYR J 32 17.30 -36.80 37.73
C TYR J 32 18.25 -37.90 37.24
N PRO J 33 19.43 -37.47 36.85
CA PRO J 33 20.38 -38.41 36.31
C PRO J 33 21.12 -39.14 37.41
N MET J 34 21.99 -40.11 37.04
CA MET J 34 22.70 -40.99 37.97
C MET J 34 24.19 -40.95 37.99
N LEU J 35 24.68 -40.83 39.21
CA LEU J 35 26.07 -40.75 39.57
C LEU J 35 26.56 -42.12 39.86
N TRP J 36 27.73 -42.57 39.46
CA TRP J 36 28.20 -43.89 39.83
C TRP J 36 29.46 -43.65 40.58
N VAL J 37 29.59 -44.13 41.80
CA VAL J 37 30.72 -43.78 42.67
C VAL J 37 31.41 -45.11 43.03
N LYS J 38 32.73 -45.11 43.15
CA LYS J 38 33.48 -46.32 43.51
C LYS J 38 34.07 -46.07 44.88
N GLN J 39 33.84 -46.89 45.89
CA GLN J 39 34.46 -46.69 47.17
C GLN J 39 35.26 -47.95 47.22
N ALA J 40 36.52 -47.69 47.07
CA ALA J 40 37.48 -48.75 47.04
C ALA J 40 37.85 -49.06 48.47
N PRO J 41 37.87 -50.33 48.83
CA PRO J 41 38.29 -50.86 50.13
C PRO J 41 39.08 -49.97 51.08
N GLY J 42 40.22 -49.46 50.65
CA GLY J 42 40.95 -48.53 51.50
C GLY J 42 40.64 -47.11 51.07
N LYS J 43 41.08 -46.83 49.85
CA LYS J 43 41.06 -45.52 49.23
C LYS J 43 39.95 -44.48 49.43
N GLY J 44 38.72 -44.74 49.87
CA GLY J 44 37.69 -43.68 49.97
C GLY J 44 36.76 -43.54 48.75
N PHE J 45 36.07 -42.39 48.59
CA PHE J 45 35.05 -42.28 47.57
C PHE J 45 35.56 -41.59 46.31
N ARG J 46 35.15 -42.08 45.13
CA ARG J 46 35.54 -41.52 43.85
C ARG J 46 34.39 -41.42 42.81
N TRP J 47 34.18 -40.28 42.14
CA TRP J 47 33.13 -40.13 41.15
C TRP J 47 33.54 -40.90 39.90
N MET J 48 32.73 -41.83 39.41
CA MET J 48 33.02 -42.55 38.18
C MET J 48 32.40 -41.88 36.95
N GLY J 49 31.41 -41.00 37.11
CA GLY J 49 30.76 -40.32 35.99
C GLY J 49 29.30 -40.07 36.31
N LEU J 50 28.52 -39.69 35.30
CA LEU J 50 27.12 -39.35 35.45
C LEU J 50 26.43 -39.69 34.12
N ILE J 51 25.18 -40.12 34.22
CA ILE J 51 24.43 -40.43 33.01
C ILE J 51 23.13 -39.60 33.04
N TYR J 52 22.95 -38.94 31.89
CA TYR J 52 21.78 -38.13 31.64
C TYR J 52 20.61 -39.08 31.40
N THR J 53 19.83 -39.43 32.39
CA THR J 53 18.73 -40.33 32.22
C THR J 53 17.63 -39.80 31.30
N ASN J 54 17.83 -38.62 30.73
CA ASN J 54 16.84 -38.07 29.84
C ASN J 54 17.24 -38.40 28.41
N THR J 55 18.40 -37.91 27.94
CA THR J 55 18.95 -38.18 26.59
C THR J 55 19.55 -39.60 26.46
N GLY J 56 20.11 -40.03 27.60
CA GLY J 56 20.95 -41.21 27.67
C GLY J 56 22.45 -40.86 27.57
N GLU J 57 23.04 -39.64 27.44
CA GLU J 57 24.52 -39.50 27.34
C GLU J 57 25.25 -39.65 28.64
N PRO J 58 26.25 -40.53 28.72
CA PRO J 58 27.17 -40.69 29.81
C PRO J 58 28.39 -39.80 29.83
N THR J 59 28.84 -39.43 31.01
CA THR J 59 30.10 -38.73 31.17
C THR J 59 30.92 -39.76 31.94
N TYR J 60 32.19 -39.97 31.65
CA TYR J 60 32.98 -40.89 32.44
C TYR J 60 34.01 -40.05 33.13
N ALA J 61 34.41 -40.43 34.32
CA ALA J 61 35.56 -39.74 34.88
C ALA J 61 36.76 -40.18 34.03
N GLU J 62 37.86 -39.46 33.82
CA GLU J 62 38.94 -39.95 32.97
C GLU J 62 39.45 -41.29 33.47
N GLU J 63 39.55 -41.50 34.79
CA GLU J 63 39.95 -42.78 35.34
C GLU J 63 39.10 -43.96 34.85
N PHE J 64 37.89 -43.69 34.32
CA PHE J 64 36.89 -44.70 34.02
C PHE J 64 36.46 -44.79 32.56
N LYS J 65 37.01 -43.91 31.72
CA LYS J 65 36.70 -43.93 30.29
C LYS J 65 37.33 -45.22 29.73
N GLY J 66 36.62 -46.22 29.17
CA GLY J 66 37.31 -47.37 28.59
C GLY J 66 36.62 -48.67 28.90
N ARG J 67 36.96 -49.30 30.03
CA ARG J 67 36.28 -50.52 30.42
C ARG J 67 34.91 -50.31 31.00
N PHE J 68 34.62 -49.09 31.42
CA PHE J 68 33.33 -48.77 32.00
C PHE J 68 32.37 -48.16 30.99
N VAL J 69 31.16 -48.70 31.11
CA VAL J 69 30.00 -48.36 30.29
C VAL J 69 28.67 -48.27 31.04
N PHE J 70 28.10 -47.07 31.17
CA PHE J 70 26.82 -46.78 31.79
C PHE J 70 25.71 -46.98 30.79
N SER J 71 24.56 -47.52 31.16
CA SER J 71 23.42 -47.65 30.26
C SER J 71 22.16 -47.65 31.12
N LEU J 72 20.97 -47.68 30.55
CA LEU J 72 19.82 -47.65 31.39
C LEU J 72 18.60 -48.37 30.89
N GLU J 73 17.89 -49.14 31.67
CA GLU J 73 16.64 -49.68 31.21
C GLU J 73 15.66 -48.62 31.68
N ILE J 74 15.65 -47.54 30.92
CA ILE J 74 14.80 -46.36 31.08
C ILE J 74 13.41 -46.66 31.61
N SER J 75 12.95 -47.64 30.85
CA SER J 75 11.60 -48.16 30.88
C SER J 75 11.20 -48.77 32.23
N ALA J 76 12.23 -49.17 32.97
CA ALA J 76 12.05 -49.87 34.22
C ALA J 76 12.76 -49.07 35.30
N SER J 77 13.16 -47.82 35.00
CA SER J 77 13.84 -47.02 35.97
C SER J 77 15.10 -47.69 36.50
N THR J 78 15.86 -48.31 35.59
CA THR J 78 17.11 -48.91 36.00
C THR J 78 18.28 -48.25 35.33
N ALA J 79 19.39 -48.02 36.03
CA ALA J 79 20.64 -47.52 35.46
C ALA J 79 21.57 -48.69 35.67
N TYR J 80 22.59 -48.89 34.85
CA TYR J 80 23.46 -50.04 35.03
C TYR J 80 24.89 -49.69 34.81
N LEU J 81 25.79 -50.38 35.51
CA LEU J 81 27.19 -50.16 35.38
C LEU J 81 27.72 -51.42 34.77
N GLN J 82 28.53 -51.33 33.72
CA GLN J 82 29.14 -52.51 33.18
C GLN J 82 30.62 -52.23 33.08
N ILE J 83 31.33 -53.20 33.67
CA ILE J 83 32.78 -53.18 33.76
C ILE J 83 33.14 -54.44 33.03
N ASN J 84 33.86 -54.18 31.94
CA ASN J 84 34.31 -55.23 31.04
C ASN J 84 35.79 -55.47 31.28
N ASN J 85 36.23 -56.70 30.96
CA ASN J 85 37.63 -57.12 31.08
C ASN J 85 38.15 -56.74 32.45
N LEU J 86 37.47 -57.39 33.40
CA LEU J 86 37.64 -57.08 34.81
C LEU J 86 39.09 -57.24 35.19
N THR J 87 39.58 -56.25 35.92
CA THR J 87 40.93 -56.30 36.40
C THR J 87 40.77 -56.62 37.86
N ASN J 88 41.77 -57.29 38.37
CA ASN J 88 41.77 -57.69 39.77
C ASN J 88 41.64 -56.51 40.73
N GLU J 89 42.19 -55.33 40.40
CA GLU J 89 42.11 -54.19 41.29
C GLU J 89 40.80 -53.39 41.18
N ASP J 90 39.79 -54.02 40.59
CA ASP J 90 38.47 -53.41 40.55
C ASP J 90 37.64 -53.93 41.72
N THR J 91 38.21 -54.69 42.71
CA THR J 91 37.36 -55.12 43.81
C THR J 91 37.16 -53.90 44.67
N ALA J 92 35.89 -53.69 44.95
CA ALA J 92 35.43 -52.49 45.60
C ALA J 92 33.92 -52.58 45.57
N THR J 93 33.29 -51.52 46.06
CA THR J 93 31.83 -51.39 46.13
C THR J 93 31.45 -50.21 45.23
N TYR J 94 30.36 -50.33 44.50
CA TYR J 94 29.97 -49.30 43.57
C TYR J 94 28.59 -48.91 44.04
N PHE J 95 28.37 -47.62 44.11
CA PHE J 95 27.10 -47.08 44.60
C PHE J 95 26.40 -46.39 43.47
N CYS J 96 25.10 -46.50 43.14
CA CYS J 96 24.43 -45.48 42.31
C CYS J 96 23.88 -44.37 43.23
N VAL J 97 23.68 -43.19 42.67
CA VAL J 97 23.39 -42.00 43.44
C VAL J 97 22.56 -41.05 42.58
N ARG J 98 21.71 -40.26 43.20
CA ARG J 98 20.85 -39.34 42.44
C ARG J 98 21.47 -37.94 42.51
N ASP J 99 21.66 -37.28 41.37
CA ASP J 99 22.21 -35.95 41.39
C ASP J 99 21.05 -34.98 41.46
N TYR J 100 21.01 -34.19 42.51
CA TYR J 100 19.91 -33.23 42.70
C TYR J 100 20.30 -32.28 43.81
N PHE J 101 19.68 -31.10 43.84
CA PHE J 101 20.07 -30.13 44.84
C PHE J 101 21.55 -29.78 44.84
N ILE J 102 22.11 -29.52 43.65
CA ILE J 102 23.48 -29.00 43.50
C ILE J 102 24.50 -29.95 44.11
N SER J 103 24.16 -31.23 44.14
CA SER J 103 25.05 -32.27 44.72
C SER J 103 24.47 -33.67 44.53
N LEU J 104 24.55 -34.49 45.56
CA LEU J 104 23.96 -35.82 45.46
C LEU J 104 23.09 -35.89 46.68
N ASP J 105 21.83 -36.33 46.55
CA ASP J 105 20.95 -36.41 47.74
C ASP J 105 20.68 -37.79 48.28
N TYR J 106 20.59 -38.77 47.41
CA TYR J 106 20.36 -40.13 47.87
C TYR J 106 21.44 -41.03 47.29
N TRP J 107 21.92 -41.96 48.10
CA TRP J 107 22.86 -43.00 47.69
C TRP J 107 22.17 -44.36 47.77
N GLY J 108 22.63 -45.33 46.96
CA GLY J 108 22.06 -46.69 46.96
C GLY J 108 22.67 -47.51 48.11
N GLN J 109 22.33 -48.87 48.15
CA GLN J 109 23.03 -49.72 49.11
C GLN J 109 24.46 -50.15 48.75
N GLY J 110 24.85 -50.23 47.48
CA GLY J 110 26.19 -50.66 47.12
C GLY J 110 26.13 -52.05 46.54
N THR J 111 26.99 -52.39 45.60
CA THR J 111 27.12 -53.72 45.05
C THR J 111 28.64 -53.85 45.08
N THR J 112 29.08 -54.88 45.78
CA THR J 112 30.49 -55.15 46.02
C THR J 112 31.01 -56.20 45.07
N LEU J 113 32.13 -56.01 44.37
CA LEU J 113 32.60 -56.99 43.42
C LEU J 113 33.88 -57.47 44.02
N THR J 114 34.04 -58.79 43.92
CA THR J 114 35.28 -59.40 44.31
C THR J 114 35.76 -60.18 43.10
N VAL J 115 36.72 -59.57 42.41
CA VAL J 115 37.41 -60.14 41.26
C VAL J 115 38.38 -61.18 41.78
N SER J 116 38.18 -62.45 41.52
CA SER J 116 39.06 -63.44 42.09
C SER J 116 38.91 -64.80 41.42
N SER J 117 40.06 -65.37 41.08
CA SER J 117 40.10 -66.67 40.43
C SER J 117 39.75 -67.79 41.40
N ALA J 118 38.88 -68.69 40.97
CA ALA J 118 38.45 -69.82 41.80
C ALA J 118 37.27 -70.54 41.18
N LYS J 119 37.17 -71.84 41.45
CA LYS J 119 36.09 -72.66 40.91
C LYS J 119 34.77 -72.36 41.63
N THR J 120 33.86 -73.33 41.61
CA THR J 120 32.55 -73.17 42.25
C THR J 120 32.30 -74.28 43.26
N THR J 121 32.26 -73.91 44.54
CA THR J 121 32.02 -74.87 45.60
C THR J 121 30.73 -74.53 46.34
N ALA J 122 29.81 -75.49 46.41
CA ALA J 122 28.57 -75.30 47.15
C ALA J 122 28.83 -75.32 48.66
N PRO J 123 28.06 -74.52 49.41
CA PRO J 123 28.23 -74.48 50.87
C PRO J 123 27.63 -75.68 51.59
N SER J 124 28.14 -75.97 52.76
CA SER J 124 27.54 -76.95 53.65
C SER J 124 26.85 -76.19 54.76
N VAL J 125 25.57 -76.43 54.94
CA VAL J 125 24.77 -75.68 55.92
C VAL J 125 24.54 -76.51 57.18
N TYR J 126 25.04 -76.02 58.31
CA TYR J 126 24.99 -76.74 59.57
C TYR J 126 24.18 -76.01 60.63
N PRO J 127 23.26 -76.73 61.28
CA PRO J 127 22.44 -76.12 62.34
C PRO J 127 23.26 -75.95 63.61
N LEU J 128 23.06 -74.83 64.31
CA LEU J 128 23.73 -74.61 65.58
C LEU J 128 22.70 -74.53 66.70
N ALA J 129 22.55 -75.63 67.43
CA ALA J 129 21.62 -75.71 68.53
C ALA J 129 22.40 -75.65 69.84
N PRO J 130 21.74 -75.21 70.93
CA PRO J 130 22.42 -75.03 72.22
C PRO J 130 22.98 -76.33 72.79
N VAL J 131 23.83 -76.19 73.79
CA VAL J 131 24.47 -77.33 74.45
C VAL J 131 23.46 -78.35 74.96
N CYS J 132 23.89 -79.61 74.99
CA CYS J 132 23.02 -80.74 75.29
C CYS J 132 22.27 -80.61 76.62
N GLY J 133 22.81 -79.82 77.54
CA GLY J 133 22.23 -79.72 78.86
C GLY J 133 21.68 -78.36 79.23
N GLY J 134 20.48 -78.37 79.82
CA GLY J 134 19.88 -77.17 80.38
C GLY J 134 19.53 -76.07 79.39
N THR J 135 20.36 -75.03 79.35
CA THR J 135 20.12 -73.82 78.58
C THR J 135 18.80 -73.16 78.97
N THR J 136 18.73 -72.67 80.21
CA THR J 136 17.50 -72.06 80.72
C THR J 136 17.68 -70.58 81.05
N GLY J 137 17.19 -69.73 80.17
CA GLY J 137 17.14 -68.29 80.40
C GLY J 137 15.81 -67.75 79.91
N SER J 138 15.62 -66.44 79.98
CA SER J 138 14.39 -65.83 79.46
C SER J 138 14.34 -65.91 77.94
N SER J 139 15.51 -66.01 77.32
CA SER J 139 15.58 -66.16 75.87
C SER J 139 16.52 -67.31 75.48
N VAL J 140 16.77 -67.45 74.18
CA VAL J 140 17.60 -68.51 73.63
C VAL J 140 18.19 -68.11 72.28
N THR J 141 19.45 -68.46 72.07
CA THR J 141 20.17 -68.12 70.85
C THR J 141 20.46 -69.37 70.03
N LEU J 142 19.94 -69.39 68.81
CA LEU J 142 20.25 -70.45 67.86
C LEU J 142 21.19 -69.88 66.80
N GLY J 143 21.74 -70.76 65.97
CA GLY J 143 22.65 -70.32 64.93
C GLY J 143 22.63 -71.19 63.68
N CYS J 144 23.33 -70.74 62.66
CA CYS J 144 23.41 -71.42 61.38
C CYS J 144 24.77 -71.14 60.78
N LEU J 145 25.52 -72.19 60.50
CA LEU J 145 26.87 -72.08 59.97
C LEU J 145 26.94 -72.50 58.49
N VAL J 146 27.21 -71.53 57.63
CA VAL J 146 27.33 -71.77 56.20
C VAL J 146 28.81 -71.87 55.81
N LYS J 147 29.30 -73.10 55.68
CA LYS J 147 30.74 -73.34 55.60
C LYS J 147 31.23 -73.78 54.21
N GLY J 148 32.37 -73.23 53.79
CA GLY J 148 33.10 -73.69 52.63
C GLY J 148 32.45 -73.52 51.27
N TYR J 149 32.21 -72.28 50.86
CA TYR J 149 31.65 -72.01 49.55
C TYR J 149 32.48 -71.03 48.71
N PHE J 150 32.23 -71.03 47.41
CA PHE J 150 32.93 -70.15 46.48
C PHE J 150 32.20 -70.13 45.14
N PRO J 151 31.98 -68.94 44.58
CA PRO J 151 32.38 -67.66 45.17
C PRO J 151 31.24 -67.02 45.96
N GLU J 152 31.44 -65.75 46.30
CA GLU J 152 30.38 -64.94 46.88
C GLU J 152 29.35 -64.56 45.81
N PRO J 153 28.11 -64.23 46.21
CA PRO J 153 27.60 -64.19 47.60
C PRO J 153 26.71 -65.35 47.97
N VAL J 154 26.41 -65.47 49.27
CA VAL J 154 25.29 -66.28 49.75
C VAL J 154 24.28 -65.37 50.41
N THR J 155 23.01 -65.72 50.33
CA THR J 155 22.00 -65.03 51.10
C THR J 155 21.48 -65.94 52.22
N LEU J 156 21.16 -65.34 53.35
CA LEU J 156 20.65 -66.08 54.50
C LEU J 156 19.47 -65.36 55.15
N THR J 157 18.38 -66.09 55.34
CA THR J 157 17.24 -65.56 56.08
C THR J 157 16.82 -66.54 57.17
N TRP J 158 15.93 -66.08 58.06
CA TRP J 158 15.38 -66.94 59.09
C TRP J 158 13.86 -67.02 58.94
N ASN J 159 13.34 -68.24 58.84
CA ASN J 159 11.93 -68.48 58.60
C ASN J 159 11.40 -67.71 57.38
N SER J 160 12.13 -67.84 56.26
CA SER J 160 11.78 -67.19 55.00
C SER J 160 11.78 -65.66 55.09
N GLY J 161 12.42 -65.13 56.14
CA GLY J 161 12.52 -63.70 56.30
C GLY J 161 11.48 -63.09 57.23
N SER J 162 10.55 -63.91 57.71
CA SER J 162 9.53 -63.42 58.63
C SER J 162 10.09 -63.21 60.03
N LEU J 163 11.24 -63.81 60.29
CA LEU J 163 11.96 -63.62 61.54
C LEU J 163 13.25 -62.84 61.29
N SER J 164 13.18 -61.53 61.45
CA SER J 164 14.33 -60.67 61.17
C SER J 164 14.82 -59.96 62.43
N SER J 165 13.93 -59.74 63.39
CA SER J 165 14.31 -59.10 64.64
C SER J 165 15.13 -60.06 65.51
N GLY J 166 16.24 -59.56 66.04
CA GLY J 166 17.09 -60.37 66.90
C GLY J 166 18.02 -61.29 66.12
N VAL J 167 18.34 -60.88 64.89
CA VAL J 167 19.21 -61.65 64.02
C VAL J 167 20.54 -60.94 63.84
N HIS J 168 21.63 -61.69 63.92
CA HIS J 168 22.94 -61.15 63.59
C HIS J 168 23.57 -62.03 62.51
N THR J 169 23.66 -61.51 61.29
CA THR J 169 24.35 -62.22 60.22
C THR J 169 25.77 -61.71 60.11
N PHE J 170 26.72 -62.63 60.06
CA PHE J 170 28.13 -62.27 60.13
C PHE J 170 28.78 -62.34 58.76
N PRO J 171 29.44 -61.24 58.35
CA PRO J 171 30.06 -61.12 57.03
C PRO J 171 30.92 -62.33 56.68
N ALA J 172 30.84 -62.75 55.42
CA ALA J 172 31.59 -63.90 54.95
C ALA J 172 33.08 -63.63 55.00
N LEU J 173 33.85 -64.65 55.37
CA LEU J 173 35.30 -64.49 55.44
C LEU J 173 36.00 -65.65 54.75
N LEU J 174 37.09 -65.33 54.09
CA LEU J 174 37.84 -66.28 53.29
C LEU J 174 38.81 -67.05 54.18
N GLN J 175 38.74 -68.36 54.12
CA GLN J 175 39.61 -69.22 54.93
C GLN J 175 39.93 -70.47 54.13
N SER J 176 41.21 -70.65 53.83
CA SER J 176 41.69 -71.78 53.03
C SER J 176 41.04 -71.83 51.65
N GLY J 177 40.90 -70.66 51.03
CA GLY J 177 40.39 -70.58 49.67
C GLY J 177 38.88 -70.65 49.55
N LEU J 178 38.18 -70.76 50.68
CA LEU J 178 36.73 -70.83 50.66
C LEU J 178 36.12 -69.83 51.63
N TYR J 179 34.89 -69.40 51.33
CA TYR J 179 34.19 -68.48 52.21
C TYR J 179 33.40 -69.24 53.25
N THR J 180 33.34 -68.66 54.45
CA THR J 180 32.48 -69.18 55.51
C THR J 180 31.72 -68.02 56.12
N LEU J 181 30.43 -68.26 56.39
CA LEU J 181 29.53 -67.28 56.92
C LEU J 181 28.76 -67.93 58.07
N SER J 182 28.17 -67.13 58.94
CA SER J 182 27.34 -67.67 60.01
C SER J 182 26.29 -66.65 60.41
N SER J 183 25.26 -67.11 61.09
CA SER J 183 24.23 -66.21 61.58
C SER J 183 23.68 -66.71 62.91
N SER J 184 23.28 -65.78 63.77
CA SER J 184 22.61 -66.14 65.00
C SER J 184 21.24 -65.50 65.03
N VAL J 185 20.34 -66.09 65.80
CA VAL J 185 19.03 -65.51 66.02
C VAL J 185 18.64 -65.74 67.47
N THR J 186 18.05 -64.74 68.11
CA THR J 186 17.65 -64.87 69.50
C THR J 186 16.15 -64.68 69.66
N VAL J 187 15.49 -65.65 70.28
CA VAL J 187 14.05 -65.58 70.49
C VAL J 187 13.72 -65.91 71.94
N THR J 188 12.50 -65.63 72.38
CA THR J 188 12.08 -65.98 73.74
C THR J 188 12.12 -67.50 73.90
N SER J 189 12.35 -67.96 75.12
CA SER J 189 12.51 -69.39 75.38
C SER J 189 11.23 -70.18 75.14
N ASN J 190 10.11 -69.47 75.01
CA ASN J 190 8.83 -70.11 74.74
C ASN J 190 8.63 -70.41 73.26
N THR J 191 9.27 -69.59 72.42
CA THR J 191 9.17 -69.75 70.97
C THR J 191 9.82 -71.05 70.51
N TRP J 192 11.05 -71.29 70.97
CA TRP J 192 11.81 -72.46 70.55
C TRP J 192 12.05 -73.38 71.75
N PRO J 193 11.96 -74.70 71.54
CA PRO J 193 11.69 -75.38 70.27
C PRO J 193 10.20 -75.63 70.00
N SER J 194 9.32 -74.88 70.67
CA SER J 194 7.89 -75.02 70.46
C SER J 194 7.54 -74.76 69.00
N GLN J 195 7.91 -73.58 68.52
CA GLN J 195 7.69 -73.19 67.13
C GLN J 195 8.94 -73.45 66.32
N THR J 196 8.75 -73.83 65.07
CA THR J 196 9.85 -74.16 64.18
C THR J 196 10.65 -72.92 63.81
N ILE J 197 11.98 -73.05 63.86
CA ILE J 197 12.88 -72.00 63.40
C ILE J 197 13.81 -72.56 62.33
N THR J 198 13.79 -71.96 61.15
CA THR J 198 14.51 -72.52 60.01
C THR J 198 15.47 -71.51 59.37
N CYS J 199 16.69 -71.98 59.11
CA CYS J 199 17.71 -71.21 58.40
C CYS J 199 17.54 -71.44 56.89
N ASN J 200 17.43 -70.35 56.13
CA ASN J 200 17.32 -70.45 54.67
C ASN J 200 18.55 -69.87 53.98
N VAL J 201 19.24 -70.72 53.21
CA VAL J 201 20.50 -70.32 52.59
C VAL J 201 20.48 -70.50 51.07
N ALA J 202 20.88 -69.48 50.33
CA ALA J 202 21.01 -69.63 48.88
C ALA J 202 22.41 -69.26 48.41
N HIS J 203 22.94 -70.08 47.51
CA HIS J 203 24.23 -69.81 46.87
C HIS J 203 24.03 -69.81 45.35
N PRO J 204 23.76 -68.62 44.78
CA PRO J 204 23.38 -68.47 43.37
C PRO J 204 24.38 -69.07 42.40
N ALA J 205 25.66 -68.92 42.67
CA ALA J 205 26.72 -69.41 41.79
C ALA J 205 26.67 -70.92 41.57
N SER J 206 26.14 -71.66 42.54
CA SER J 206 26.05 -73.12 42.42
C SER J 206 24.61 -73.62 42.31
N SER J 207 23.66 -72.70 42.28
CA SER J 207 22.23 -73.03 42.29
C SER J 207 21.86 -73.91 43.48
N THR J 208 22.48 -73.60 44.62
CA THR J 208 22.24 -74.32 45.86
C THR J 208 21.28 -73.56 46.76
N LYS J 209 20.19 -74.23 47.16
CA LYS J 209 19.28 -73.71 48.17
C LYS J 209 19.12 -74.74 49.27
N VAL J 210 19.38 -74.35 50.51
CA VAL J 210 19.25 -75.25 51.66
C VAL J 210 18.36 -74.67 52.75
N ASP J 211 17.35 -75.43 53.15
CA ASP J 211 16.53 -75.08 54.30
C ASP J 211 16.87 -76.02 55.45
N LYS J 212 17.42 -75.48 56.53
CA LYS J 212 17.83 -76.28 57.67
C LYS J 212 17.09 -75.88 58.94
N LYS J 213 16.20 -76.75 59.41
CA LYS J 213 15.48 -76.51 60.65
C LYS J 213 16.38 -76.80 61.84
N ILE J 214 16.41 -75.90 62.81
CA ILE J 214 17.23 -76.08 64.00
C ILE J 214 16.54 -77.04 64.96
N GLU J 215 17.15 -78.21 65.17
CA GLU J 215 16.57 -79.23 66.03
C GLU J 215 17.33 -79.32 67.34
N SER J 216 16.61 -79.69 68.40
CA SER J 216 17.23 -79.86 69.72
C SER J 216 18.18 -81.05 69.68
N ARG J 217 19.26 -80.97 70.45
CA ARG J 217 20.29 -82.01 70.42
C ARG J 217 19.83 -83.35 71.03
N ARG J 218 18.73 -83.30 71.78
CA ARG J 218 18.14 -84.54 72.31
C ARG J 218 16.63 -84.41 72.48
N GLN K 1 -54.37 -39.37 5.04
CA GLN K 1 -53.34 -38.78 5.86
C GLN K 1 -53.05 -39.77 6.93
N ILE K 2 -53.66 -39.73 8.13
CA ILE K 2 -53.26 -40.68 9.18
C ILE K 2 -54.10 -41.91 9.07
N GLN K 3 -53.53 -43.11 8.99
CA GLN K 3 -54.30 -44.34 8.91
C GLN K 3 -53.61 -45.23 9.92
N LEU K 4 -54.34 -45.84 10.84
CA LEU K 4 -53.73 -46.84 11.68
C LEU K 4 -54.54 -48.02 11.21
N VAL K 5 -53.87 -49.02 10.64
CA VAL K 5 -54.58 -50.19 10.11
C VAL K 5 -54.12 -51.33 10.99
N GLN K 6 -55.05 -52.15 11.46
CA GLN K 6 -54.71 -53.15 12.47
C GLN K 6 -54.71 -54.53 11.86
N SER K 7 -54.16 -55.54 12.53
CA SER K 7 -54.28 -56.88 12.02
C SER K 7 -55.74 -57.36 12.06
N GLY K 8 -55.95 -58.47 11.36
CA GLY K 8 -57.27 -59.06 11.29
C GLY K 8 -57.57 -59.81 12.59
N ARG K 9 -58.80 -60.29 12.75
CA ARG K 9 -59.35 -60.75 14.02
C ARG K 9 -58.90 -62.18 14.38
N GLU K 10 -58.39 -62.53 15.57
CA GLU K 10 -58.08 -63.93 15.75
C GLU K 10 -58.93 -64.69 16.70
N VAL K 11 -58.80 -65.99 16.45
CA VAL K 11 -59.38 -67.01 17.30
C VAL K 11 -58.20 -67.66 17.99
N LYS K 12 -58.26 -67.95 19.29
CA LYS K 12 -57.17 -68.60 20.04
C LYS K 12 -57.80 -69.38 21.22
N ASN K 13 -57.38 -70.62 21.53
CA ASN K 13 -57.97 -71.43 22.61
C ASN K 13 -57.32 -70.89 23.89
N PRO K 14 -57.93 -71.01 25.06
CA PRO K 14 -57.37 -70.51 26.30
C PRO K 14 -55.93 -70.99 26.50
N GLY K 15 -55.16 -70.06 27.04
CA GLY K 15 -53.75 -70.34 27.32
C GLY K 15 -52.81 -69.78 26.29
N GLU K 16 -53.23 -69.69 25.01
CA GLU K 16 -52.37 -69.12 23.98
C GLU K 16 -51.92 -67.66 24.10
N THR K 17 -51.12 -67.17 23.15
CA THR K 17 -50.59 -65.80 23.12
C THR K 17 -51.03 -65.17 21.79
N VAL K 18 -51.19 -63.86 21.73
CA VAL K 18 -51.50 -63.21 20.48
C VAL K 18 -50.69 -61.92 20.34
N LYS K 19 -50.27 -61.65 19.10
CA LYS K 19 -49.58 -60.42 18.83
C LYS K 19 -50.45 -59.72 17.77
N ILE K 20 -51.02 -58.57 18.20
CA ILE K 20 -51.88 -57.71 17.39
C ILE K 20 -51.00 -56.54 16.93
N SER K 21 -50.87 -56.32 15.62
CA SER K 21 -50.12 -55.22 15.07
C SER K 21 -51.01 -54.03 14.77
N CYS K 22 -50.38 -52.83 14.81
CA CYS K 22 -50.95 -51.54 14.48
C CYS K 22 -49.92 -50.80 13.62
N LYS K 23 -50.15 -50.67 12.30
CA LYS K 23 -49.22 -50.09 11.34
C LYS K 23 -49.70 -48.67 11.14
N ALA K 24 -48.84 -47.69 11.41
CA ALA K 24 -49.21 -46.29 11.39
C ALA K 24 -48.88 -45.60 10.09
N SER K 25 -49.73 -44.71 9.60
CA SER K 25 -49.43 -44.00 8.39
C SER K 25 -49.80 -42.53 8.55
N GLY K 26 -49.08 -41.65 7.89
CA GLY K 26 -49.42 -40.25 7.87
C GLY K 26 -48.71 -39.40 8.87
N TYR K 27 -48.16 -39.90 9.95
CA TYR K 27 -47.48 -39.01 10.89
C TYR K 27 -46.04 -39.44 11.18
N THR K 28 -45.25 -38.69 11.93
CA THR K 28 -43.93 -39.20 12.25
C THR K 28 -44.06 -39.91 13.58
N PHE K 29 -44.07 -41.24 13.44
CA PHE K 29 -44.26 -42.22 14.51
C PHE K 29 -43.78 -41.84 15.91
N THR K 30 -42.57 -41.32 15.82
CA THR K 30 -41.73 -40.88 16.91
C THR K 30 -42.14 -39.69 17.75
N GLU K 31 -43.00 -38.85 17.22
CA GLU K 31 -43.42 -37.70 18.00
C GLU K 31 -44.79 -37.93 18.61
N TYR K 32 -45.42 -39.10 18.38
CA TYR K 32 -46.75 -39.42 18.88
C TYR K 32 -46.84 -40.88 19.33
N PRO K 33 -47.05 -41.05 20.62
CA PRO K 33 -47.07 -42.38 21.18
C PRO K 33 -48.44 -43.01 20.98
N MET K 34 -48.58 -44.30 21.39
CA MET K 34 -49.77 -45.12 21.17
C MET K 34 -50.51 -45.64 22.37
N LEU K 35 -51.81 -45.40 22.30
CA LEU K 35 -52.78 -45.75 23.30
C LEU K 35 -53.35 -47.07 22.95
N TRP K 36 -53.59 -48.03 23.84
CA TRP K 36 -54.20 -49.28 23.47
C TRP K 36 -55.45 -49.34 24.27
N VAL K 37 -56.61 -49.50 23.66
CA VAL K 37 -57.89 -49.39 24.35
C VAL K 37 -58.61 -50.73 24.15
N LYS K 38 -59.34 -51.20 25.16
CA LYS K 38 -60.08 -52.47 25.06
C LYS K 38 -61.55 -52.11 25.08
N GLN K 39 -62.37 -52.50 24.11
CA GLN K 39 -63.77 -52.23 24.16
C GLN K 39 -64.26 -53.64 24.22
N ALA K 40 -64.73 -53.90 25.40
CA ALA K 40 -65.23 -55.22 25.68
C ALA K 40 -66.66 -55.26 25.26
N PRO K 41 -67.05 -56.31 24.55
CA PRO K 41 -68.43 -56.60 24.12
C PRO K 41 -69.58 -55.86 24.75
N GLY K 42 -69.74 -55.94 26.05
CA GLY K 42 -70.77 -55.17 26.72
C GLY K 42 -70.18 -53.90 27.28
N LYS K 43 -69.31 -54.13 28.26
CA LYS K 43 -68.69 -53.11 29.08
C LYS K 43 -68.29 -51.72 28.59
N GLY K 44 -68.09 -51.37 27.31
CA GLY K 44 -67.64 -50.03 26.93
C GLY K 44 -66.11 -49.86 26.75
N PHE K 45 -65.58 -48.63 26.79
CA PHE K 45 -64.19 -48.40 26.45
C PHE K 45 -63.30 -48.31 27.68
N ARG K 46 -62.09 -48.90 27.62
CA ARG K 46 -61.13 -48.86 28.70
C ARG K 46 -59.67 -48.62 28.27
N TRP K 47 -58.92 -47.69 28.90
CA TRP K 47 -57.53 -47.41 28.53
C TRP K 47 -56.67 -48.58 29.02
N MET K 48 -55.91 -49.23 28.16
CA MET K 48 -55.00 -50.30 28.57
C MET K 48 -53.60 -49.78 28.89
N GLY K 49 -53.22 -48.59 28.43
CA GLY K 49 -51.89 -48.03 28.69
C GLY K 49 -51.45 -47.18 27.50
N LEU K 50 -50.18 -46.81 27.47
CA LEU K 50 -49.62 -45.95 26.46
C LEU K 50 -48.14 -46.32 26.30
N ILE K 51 -47.64 -46.23 25.07
CA ILE K 51 -46.24 -46.53 24.82
C ILE K 51 -45.60 -45.30 24.16
N TYR K 52 -44.47 -44.93 24.79
CA TYR K 52 -43.66 -43.85 24.33
C TYR K 52 -42.92 -44.32 23.07
N THR K 53 -43.43 -44.09 21.89
CA THR K 53 -42.79 -44.53 20.68
C THR K 53 -41.45 -43.88 20.42
N ASN K 54 -40.98 -43.04 21.34
CA ASN K 54 -39.69 -42.42 21.18
C ASN K 54 -38.65 -43.23 21.93
N THR K 55 -38.77 -43.34 23.26
CA THR K 55 -37.88 -44.13 24.13
C THR K 55 -38.12 -45.65 24.03
N GLY K 56 -39.40 -45.95 23.81
CA GLY K 56 -39.94 -47.29 23.91
C GLY K 56 -40.56 -47.57 25.30
N GLU K 57 -40.65 -46.75 26.38
CA GLU K 57 -41.27 -47.19 27.65
C GLU K 57 -42.78 -47.26 27.63
N PRO K 58 -43.36 -48.40 28.00
CA PRO K 58 -44.78 -48.61 28.20
C PRO K 58 -45.33 -48.26 29.57
N THR K 59 -46.57 -47.79 29.60
CA THR K 59 -47.28 -47.59 30.85
C THR K 59 -48.40 -48.63 30.72
N TYR K 60 -48.76 -49.36 31.77
CA TYR K 60 -49.88 -50.27 31.65
C TYR K 60 -50.93 -49.74 32.56
N ALA K 61 -52.19 -49.92 32.22
CA ALA K 61 -53.20 -49.58 33.22
C ALA K 61 -53.05 -50.64 34.31
N GLU K 62 -53.36 -50.46 35.59
CA GLU K 62 -53.16 -51.52 36.58
C GLU K 62 -53.92 -52.78 36.18
N GLU K 63 -55.13 -52.67 35.63
CA GLU K 63 -55.87 -53.82 35.13
C GLU K 63 -55.10 -54.67 34.12
N PHE K 64 -54.04 -54.12 33.50
CA PHE K 64 -53.34 -54.72 32.39
C PHE K 64 -51.86 -55.02 32.60
N LYS K 65 -51.34 -54.65 33.78
CA LYS K 65 -49.94 -54.92 34.11
C LYS K 65 -49.82 -56.45 34.26
N GLY K 66 -49.05 -57.22 33.48
CA GLY K 66 -48.93 -58.65 33.75
C GLY K 66 -48.92 -59.47 32.49
N ARG K 67 -50.11 -59.87 32.01
CA ARG K 67 -50.19 -60.61 30.76
C ARG K 67 -50.02 -59.76 29.53
N PHE K 68 -50.19 -58.45 29.68
CA PHE K 68 -50.06 -57.54 28.57
C PHE K 68 -48.69 -56.90 28.49
N VAL K 69 -48.23 -56.90 27.23
CA VAL K 69 -46.94 -56.39 26.81
C VAL K 69 -46.96 -55.61 25.47
N PHE K 70 -46.72 -54.29 25.51
CA PHE K 70 -46.65 -53.41 24.38
C PHE K 70 -45.25 -53.41 23.81
N SER K 71 -45.04 -53.38 22.51
CA SER K 71 -43.72 -53.30 21.92
C SER K 71 -43.86 -52.62 20.57
N LEU K 72 -42.79 -52.34 19.84
CA LEU K 72 -42.97 -51.67 18.58
C LEU K 72 -41.98 -51.99 17.52
N GLU K 73 -42.35 -52.21 16.27
CA GLU K 73 -41.38 -52.35 15.23
C GLU K 73 -41.27 -50.92 14.74
N ILE K 74 -40.54 -50.14 15.53
CA ILE K 74 -40.23 -48.73 15.33
C ILE K 74 -40.03 -48.35 13.86
N SER K 75 -39.19 -49.24 13.36
CA SER K 75 -38.59 -49.19 12.04
C SER K 75 -39.62 -49.25 10.91
N ALA K 76 -40.77 -49.79 11.24
CA ALA K 76 -41.82 -50.03 10.28
C ALA K 76 -43.06 -49.31 10.75
N SER K 77 -42.93 -48.42 11.76
CA SER K 77 -44.06 -47.70 12.26
C SER K 77 -45.16 -48.65 12.74
N THR K 78 -44.77 -49.71 13.43
CA THR K 78 -45.77 -50.60 13.99
C THR K 78 -45.71 -50.61 15.49
N ALA K 79 -46.84 -50.66 16.18
CA ALA K 79 -46.92 -50.82 17.64
C ALA K 79 -47.61 -52.15 17.75
N TYR K 80 -47.39 -52.92 18.83
CA TYR K 80 -48.02 -54.22 18.91
C TYR K 80 -48.50 -54.51 20.30
N LEU K 81 -49.59 -55.27 20.41
CA LEU K 81 -50.13 -55.64 21.67
C LEU K 81 -49.92 -57.11 21.79
N GLN K 82 -49.38 -57.59 22.90
CA GLN K 82 -49.27 -59.01 23.08
C GLN K 82 -49.88 -59.35 24.41
N ILE K 83 -50.78 -60.32 24.30
CA ILE K 83 -51.56 -60.81 25.42
C ILE K 83 -51.15 -62.26 25.46
N ASN K 84 -50.54 -62.58 26.57
CA ASN K 84 -50.02 -63.91 26.83
C ASN K 84 -50.96 -64.61 27.80
N ASN K 85 -50.96 -65.96 27.73
CA ASN K 85 -51.75 -66.84 28.59
C ASN K 85 -53.17 -66.32 28.62
N LEU K 86 -53.71 -66.41 27.40
CA LEU K 86 -55.01 -65.84 27.10
C LEU K 86 -56.06 -66.42 28.01
N THR K 87 -56.88 -65.54 28.55
CA THR K 87 -57.95 -65.96 29.41
C THR K 87 -59.17 -65.80 28.53
N ASN K 88 -60.13 -66.66 28.82
CA ASN K 88 -61.38 -66.66 28.06
C ASN K 88 -62.09 -65.30 28.09
N GLU K 89 -62.01 -64.54 29.20
CA GLU K 89 -62.69 -63.27 29.28
C GLU K 89 -61.93 -62.10 28.64
N ASP K 90 -60.96 -62.43 27.80
CA ASP K 90 -60.26 -61.40 27.04
C ASP K 90 -60.91 -61.25 25.67
N THR K 91 -62.07 -61.89 25.38
CA THR K 91 -62.66 -61.68 24.05
C THR K 91 -63.25 -60.29 24.09
N ALA K 92 -62.88 -59.57 23.06
CA ALA K 92 -63.16 -58.16 22.96
C ALA K 92 -62.41 -57.69 21.75
N THR K 93 -62.49 -56.38 21.53
CA THR K 93 -61.84 -55.70 20.40
C THR K 93 -60.81 -54.73 20.99
N TYR K 94 -59.65 -54.63 20.37
CA TYR K 94 -58.59 -53.79 20.90
C TYR K 94 -58.32 -52.82 19.79
N PHE K 95 -58.21 -51.56 20.17
CA PHE K 95 -58.01 -50.49 19.21
C PHE K 95 -56.64 -49.91 19.42
N CYS K 96 -55.73 -49.60 18.48
CA CYS K 96 -54.63 -48.64 18.75
C CYS K 96 -55.12 -47.22 18.44
N VAL K 97 -54.47 -46.24 19.03
CA VAL K 97 -54.95 -44.88 19.02
C VAL K 97 -53.74 -43.94 19.14
N ARG K 98 -53.84 -42.75 18.56
CA ARG K 98 -52.72 -41.81 18.61
C ARG K 98 -53.01 -40.78 19.70
N ASP K 99 -52.07 -40.56 20.62
CA ASP K 99 -52.27 -39.56 21.64
C ASP K 99 -51.73 -38.25 21.13
N TYR K 100 -52.60 -37.25 21.01
CA TYR K 100 -52.19 -35.94 20.50
C TYR K 100 -53.29 -34.95 20.78
N PHE K 101 -52.96 -33.67 20.80
CA PHE K 101 -53.98 -32.70 21.15
C PHE K 101 -54.67 -32.93 22.47
N ILE K 102 -53.89 -33.21 23.53
CA ILE K 102 -54.39 -33.29 24.91
C ILE K 102 -55.46 -34.37 25.04
N SER K 103 -55.39 -35.38 24.18
CA SER K 103 -56.37 -36.48 24.19
C SER K 103 -56.00 -37.56 23.17
N LEU K 104 -56.98 -38.07 22.44
CA LEU K 104 -56.68 -39.05 21.42
C LEU K 104 -57.34 -38.47 20.20
N ASP K 105 -56.62 -38.45 19.05
CA ASP K 105 -57.27 -37.87 17.84
C ASP K 105 -57.65 -38.86 16.78
N TYR K 106 -56.90 -39.93 16.63
CA TYR K 106 -57.27 -40.94 15.63
C TYR K 106 -57.33 -42.29 16.33
N TRP K 107 -58.31 -43.09 15.96
CA TRP K 107 -58.46 -44.48 16.41
C TRP K 107 -58.27 -45.42 15.22
N GLY K 108 -57.82 -46.64 15.47
CA GLY K 108 -57.63 -47.66 14.42
C GLY K 108 -58.97 -48.32 14.06
N GLN K 109 -58.90 -49.40 13.16
CA GLN K 109 -60.13 -50.18 12.94
C GLN K 109 -60.52 -51.18 14.03
N GLY K 110 -59.61 -51.72 14.82
CA GLY K 110 -59.95 -52.70 15.84
C GLY K 110 -59.49 -54.07 15.39
N THR K 111 -59.10 -54.92 16.32
CA THR K 111 -58.73 -56.30 16.05
C THR K 111 -59.51 -56.98 17.18
N THR K 112 -60.38 -57.87 16.78
CA THR K 112 -61.28 -58.58 17.69
C THR K 112 -60.75 -59.96 18.01
N LEU K 113 -60.67 -60.38 19.28
CA LEU K 113 -60.13 -61.67 19.60
C LEU K 113 -61.28 -62.43 20.16
N THR K 114 -61.34 -63.69 19.72
CA THR K 114 -62.31 -64.60 20.28
C THR K 114 -61.51 -65.78 20.81
N VAL K 115 -61.36 -65.78 22.13
CA VAL K 115 -60.71 -66.83 22.89
C VAL K 115 -61.68 -67.99 22.98
N SER K 116 -61.41 -69.12 22.36
CA SER K 116 -62.39 -70.18 22.38
C SER K 116 -61.80 -71.50 21.92
N SER K 117 -62.08 -72.53 22.71
CA SER K 117 -61.60 -73.87 22.43
C SER K 117 -62.34 -74.49 21.24
N ALA K 118 -61.58 -75.08 20.33
CA ALA K 118 -62.17 -75.71 19.15
C ALA K 118 -61.09 -76.08 18.13
N LYS K 119 -61.34 -77.13 17.37
CA LYS K 119 -60.39 -77.60 16.35
C LYS K 119 -60.37 -76.66 15.16
N THR K 120 -59.96 -77.18 14.01
CA THR K 120 -59.89 -76.39 12.78
C THR K 120 -60.70 -77.03 11.67
N THR K 121 -61.78 -76.35 11.26
CA THR K 121 -62.65 -76.86 10.21
C THR K 121 -62.66 -75.87 9.03
N ALA K 122 -62.33 -76.37 7.85
CA ALA K 122 -62.36 -75.55 6.64
C ALA K 122 -63.81 -75.28 6.23
N PRO K 123 -64.06 -74.09 5.65
CA PRO K 123 -65.41 -73.74 5.22
C PRO K 123 -65.81 -74.41 3.90
N SER K 124 -67.11 -74.55 3.70
CA SER K 124 -67.65 -74.98 2.42
C SER K 124 -68.25 -73.74 1.76
N VAL K 125 -67.80 -73.44 0.55
CA VAL K 125 -68.23 -72.23 -0.14
C VAL K 125 -69.27 -72.56 -1.22
N TYR K 126 -70.46 -72.01 -1.06
CA TYR K 126 -71.58 -72.33 -1.94
C TYR K 126 -72.07 -71.09 -2.69
N PRO K 127 -72.25 -71.22 -4.02
CA PRO K 127 -72.75 -70.10 -4.82
C PRO K 127 -74.25 -69.93 -4.62
N LEU K 128 -74.72 -68.69 -4.56
CA LEU K 128 -76.14 -68.41 -4.45
C LEU K 128 -76.62 -67.66 -5.69
N ALA K 129 -77.23 -68.41 -6.60
CA ALA K 129 -77.75 -67.85 -7.84
C ALA K 129 -79.27 -67.75 -7.72
N PRO K 130 -79.88 -66.84 -8.49
CA PRO K 130 -81.33 -66.61 -8.41
C PRO K 130 -82.16 -67.81 -8.78
N VAL K 131 -83.45 -67.75 -8.46
CA VAL K 131 -84.39 -68.84 -8.72
C VAL K 131 -84.39 -69.24 -10.19
N CYS K 132 -84.70 -70.52 -10.43
CA CYS K 132 -84.60 -71.12 -11.75
C CYS K 132 -85.38 -70.40 -12.83
N GLY K 133 -86.41 -69.66 -12.43
CA GLY K 133 -87.29 -69.01 -13.39
C GLY K 133 -87.27 -67.49 -13.37
N GLY K 134 -87.21 -66.90 -14.56
CA GLY K 134 -87.36 -65.46 -14.73
C GLY K 134 -86.27 -64.60 -14.11
N THR K 135 -86.58 -64.00 -12.97
CA THR K 135 -85.72 -63.03 -12.30
C THR K 135 -85.40 -61.85 -13.21
N THR K 136 -86.42 -61.07 -13.55
CA THR K 136 -86.25 -59.94 -14.46
C THR K 136 -86.56 -58.59 -13.79
N GLY K 137 -85.50 -57.88 -13.43
CA GLY K 137 -85.61 -56.52 -12.93
C GLY K 137 -84.51 -55.67 -13.54
N SER K 138 -84.42 -54.41 -13.13
CA SER K 138 -83.34 -53.54 -13.62
C SER K 138 -81.98 -53.99 -13.07
N SER K 139 -82.01 -54.68 -11.93
CA SER K 139 -80.78 -55.21 -11.35
C SER K 139 -80.96 -56.68 -10.95
N VAL K 140 -79.93 -57.22 -10.29
CA VAL K 140 -79.92 -58.63 -9.89
C VAL K 140 -78.99 -58.83 -8.68
N THR K 141 -79.44 -59.67 -7.75
CA THR K 141 -78.69 -59.94 -6.54
C THR K 141 -78.18 -61.38 -6.52
N LEU K 142 -76.86 -61.52 -6.44
CA LEU K 142 -76.24 -62.82 -6.27
C LEU K 142 -75.74 -62.93 -4.84
N GLY K 143 -75.32 -64.14 -4.46
CA GLY K 143 -74.83 -64.36 -3.12
C GLY K 143 -73.77 -65.43 -3.02
N CYS K 144 -73.19 -65.55 -1.83
CA CYS K 144 -72.14 -66.52 -1.56
C CYS K 144 -72.25 -66.93 -0.09
N LEU K 145 -72.42 -68.23 0.14
CA LEU K 145 -72.61 -68.76 1.49
C LEU K 145 -71.38 -69.54 1.95
N VAL K 146 -70.69 -68.99 2.96
CA VAL K 146 -69.51 -69.62 3.54
C VAL K 146 -69.89 -70.37 4.82
N LYS K 147 -70.07 -71.68 4.72
CA LYS K 147 -70.71 -72.45 5.79
C LYS K 147 -69.76 -73.38 6.54
N GLY K 148 -69.91 -73.41 7.86
CA GLY K 148 -69.26 -74.41 8.71
C GLY K 148 -67.74 -74.35 8.83
N TYR K 149 -67.22 -73.26 9.37
CA TYR K 149 -65.78 -73.15 9.58
C TYR K 149 -65.40 -72.79 11.03
N PHE K 150 -64.14 -73.04 11.37
CA PHE K 150 -63.62 -72.75 12.69
C PHE K 150 -62.10 -72.81 12.67
N PRO K 151 -61.43 -71.81 13.28
CA PRO K 151 -62.08 -70.66 13.92
C PRO K 151 -62.20 -69.46 12.98
N GLU K 152 -62.52 -68.32 13.56
CA GLU K 152 -62.49 -67.06 12.84
C GLU K 152 -61.03 -66.60 12.65
N PRO K 153 -60.77 -65.75 11.64
CA PRO K 153 -61.73 -65.17 10.69
C PRO K 153 -61.68 -65.78 9.30
N VAL K 154 -62.69 -65.44 8.48
CA VAL K 154 -62.60 -65.63 7.04
C VAL K 154 -62.66 -64.26 6.37
N THR K 155 -61.98 -64.13 5.24
CA THR K 155 -62.14 -62.93 4.42
C THR K 155 -62.91 -63.26 3.14
N LEU K 156 -63.72 -62.31 2.69
CA LEU K 156 -64.52 -62.49 1.48
C LEU K 156 -64.48 -61.26 0.60
N THR K 157 -64.17 -61.45 -0.67
CA THR K 157 -64.23 -60.36 -1.64
C THR K 157 -65.04 -60.79 -2.86
N TRP K 158 -65.36 -59.83 -3.72
CA TRP K 158 -66.05 -60.12 -4.97
C TRP K 158 -65.19 -59.67 -6.15
N ASN K 159 -64.91 -60.59 -7.06
CA ASN K 159 -64.02 -60.33 -8.19
C ASN K 159 -62.67 -59.76 -7.77
N SER K 160 -62.05 -60.44 -6.79
CA SER K 160 -60.75 -60.05 -6.26
C SER K 160 -60.75 -58.67 -5.61
N GLY K 161 -61.94 -58.16 -5.30
CA GLY K 161 -62.07 -56.88 -4.63
C GLY K 161 -62.35 -55.72 -5.57
N SER K 162 -62.35 -55.97 -6.87
CA SER K 162 -62.64 -54.92 -7.84
C SER K 162 -64.13 -54.58 -7.87
N LEU K 163 -64.93 -55.49 -7.34
CA LEU K 163 -66.38 -55.26 -7.19
C LEU K 163 -66.73 -55.12 -5.72
N SER K 164 -66.78 -53.87 -5.24
CA SER K 164 -67.05 -53.61 -3.84
C SER K 164 -68.35 -52.84 -3.64
N SER K 165 -68.74 -52.06 -4.64
CA SER K 165 -69.99 -51.31 -4.57
C SER K 165 -71.19 -52.24 -4.71
N GLY K 166 -72.17 -52.09 -3.82
CA GLY K 166 -73.36 -52.90 -3.86
C GLY K 166 -73.18 -54.25 -3.22
N VAL K 167 -72.24 -54.33 -2.28
CA VAL K 167 -71.94 -55.57 -1.58
C VAL K 167 -72.38 -55.48 -0.13
N HIS K 168 -73.02 -56.53 0.37
CA HIS K 168 -73.32 -56.63 1.79
C HIS K 168 -72.73 -57.91 2.33
N THR K 169 -71.68 -57.80 3.14
CA THR K 169 -71.11 -58.97 3.80
C THR K 169 -71.68 -59.06 5.22
N PHE K 170 -72.14 -60.25 5.57
CA PHE K 170 -72.86 -60.44 6.82
C PHE K 170 -71.97 -61.10 7.87
N PRO K 171 -71.88 -60.47 9.06
CA PRO K 171 -71.01 -60.92 10.14
C PRO K 171 -71.18 -62.41 10.43
N ALA K 172 -70.06 -63.09 10.69
CA ALA K 172 -70.07 -64.51 10.96
C ALA K 172 -70.82 -64.81 12.24
N LEU K 173 -71.56 -65.91 12.24
CA LEU K 173 -72.31 -66.30 13.43
C LEU K 173 -72.11 -67.76 13.75
N LEU K 174 -72.04 -68.06 15.04
CA LEU K 174 -71.75 -69.39 15.52
C LEU K 174 -73.03 -70.20 15.59
N GLN K 175 -73.02 -71.37 14.96
CA GLN K 175 -74.17 -72.24 14.94
C GLN K 175 -73.70 -73.68 14.97
N SER K 176 -74.06 -74.40 16.02
CA SER K 176 -73.65 -75.79 16.21
C SER K 176 -72.13 -75.95 16.24
N GLY K 177 -71.46 -75.01 16.92
CA GLY K 177 -70.03 -75.10 17.10
C GLY K 177 -69.20 -74.64 15.93
N LEU K 178 -69.86 -74.17 14.87
CA LEU K 178 -69.14 -73.70 13.68
C LEU K 178 -69.64 -72.33 13.25
N TYR K 179 -68.77 -71.58 12.60
CA TYR K 179 -69.15 -70.27 12.08
C TYR K 179 -69.73 -70.38 10.69
N THR K 180 -70.72 -69.54 10.41
CA THR K 180 -71.26 -69.40 9.06
C THR K 180 -71.36 -67.93 8.73
N LEU K 181 -70.99 -67.61 7.49
CA LEU K 181 -70.97 -66.25 6.99
C LEU K 181 -71.64 -66.25 5.62
N SER K 182 -72.07 -65.10 5.16
CA SER K 182 -72.65 -64.99 3.81
C SER K 182 -72.43 -63.59 3.28
N SER K 183 -72.56 -63.44 1.97
CA SER K 183 -72.45 -62.12 1.36
C SER K 183 -73.37 -62.02 0.15
N SER K 184 -73.88 -60.83 -0.10
CA SER K 184 -74.66 -60.59 -1.30
C SER K 184 -73.99 -59.50 -2.11
N VAL K 185 -74.26 -59.49 -3.41
CA VAL K 185 -73.80 -58.42 -4.27
C VAL K 185 -74.89 -58.12 -5.28
N THR K 186 -75.10 -56.85 -5.57
CA THR K 186 -76.15 -56.46 -6.51
C THR K 186 -75.55 -55.68 -7.68
N VAL K 187 -75.82 -56.15 -8.89
CA VAL K 187 -75.31 -55.49 -10.10
C VAL K 187 -76.44 -55.29 -11.10
N THR K 188 -76.21 -54.47 -12.12
CA THR K 188 -77.23 -54.28 -13.16
C THR K 188 -77.46 -55.61 -13.89
N SER K 189 -78.67 -55.79 -14.41
CA SER K 189 -79.04 -57.07 -15.04
C SER K 189 -78.25 -57.35 -16.31
N ASN K 190 -77.57 -56.34 -16.82
CA ASN K 190 -76.75 -56.50 -18.02
C ASN K 190 -75.37 -57.07 -17.70
N THR K 191 -74.90 -56.80 -16.49
CA THR K 191 -73.60 -57.27 -16.03
C THR K 191 -73.57 -58.79 -15.92
N TRP K 192 -74.56 -59.35 -15.24
CA TRP K 192 -74.63 -60.78 -14.99
C TRP K 192 -75.85 -61.38 -15.70
N PRO K 193 -75.68 -62.58 -16.29
CA PRO K 193 -74.47 -63.41 -16.28
C PRO K 193 -73.54 -63.15 -17.46
N SER K 194 -73.66 -61.99 -18.09
CA SER K 194 -72.79 -61.63 -19.21
C SER K 194 -71.34 -61.63 -18.77
N GLN K 195 -71.04 -60.84 -17.74
CA GLN K 195 -69.70 -60.76 -17.18
C GLN K 195 -69.60 -61.68 -15.97
N THR K 196 -68.43 -62.27 -15.79
CA THR K 196 -68.20 -63.19 -14.69
C THR K 196 -68.20 -62.48 -13.33
N ILE K 197 -68.89 -63.08 -12.37
CA ILE K 197 -68.86 -62.60 -10.99
C ILE K 197 -68.42 -63.73 -10.08
N THR K 198 -67.33 -63.49 -9.33
CA THR K 198 -66.72 -64.54 -8.54
C THR K 198 -66.55 -64.17 -7.06
N CYS K 199 -66.95 -65.09 -6.21
CA CYS K 199 -66.78 -64.97 -4.77
C CYS K 199 -65.39 -65.50 -4.37
N ASN K 200 -64.61 -64.69 -3.66
CA ASN K 200 -63.28 -65.11 -3.19
C ASN K 200 -63.24 -65.24 -1.67
N VAL K 201 -62.95 -66.44 -1.19
CA VAL K 201 -62.98 -66.71 0.25
C VAL K 201 -61.66 -67.26 0.77
N ALA K 202 -61.15 -66.68 1.86
CA ALA K 202 -59.95 -67.23 2.49
C ALA K 202 -60.20 -67.55 3.96
N HIS K 203 -59.72 -68.70 4.38
CA HIS K 203 -59.76 -69.11 5.79
C HIS K 203 -58.34 -69.43 6.25
N PRO K 204 -57.63 -68.42 6.80
CA PRO K 204 -56.21 -68.49 7.15
C PRO K 204 -55.87 -69.66 8.07
N ALA K 205 -56.73 -69.92 9.04
CA ALA K 205 -56.49 -70.99 10.02
C ALA K 205 -56.35 -72.37 9.40
N SER K 206 -56.98 -72.59 8.25
CA SER K 206 -56.91 -73.88 7.57
C SER K 206 -56.15 -73.82 6.24
N SER K 207 -55.61 -72.65 5.91
CA SER K 207 -54.94 -72.41 4.63
C SER K 207 -55.85 -72.75 3.45
N THR K 208 -57.13 -72.41 3.61
CA THR K 208 -58.14 -72.65 2.59
C THR K 208 -58.42 -71.38 1.80
N LYS K 209 -58.27 -71.47 0.48
CA LYS K 209 -58.71 -70.42 -0.42
C LYS K 209 -59.65 -70.99 -1.48
N VAL K 210 -60.83 -70.42 -1.60
CA VAL K 210 -61.82 -70.88 -2.57
C VAL K 210 -62.32 -69.75 -3.46
N ASP K 211 -62.23 -69.96 -4.77
CA ASP K 211 -62.82 -69.04 -5.74
C ASP K 211 -64.04 -69.72 -6.36
N LYS K 212 -65.22 -69.14 -6.13
CA LYS K 212 -66.46 -69.73 -6.64
C LYS K 212 -67.18 -68.76 -7.57
N LYS K 213 -67.22 -69.10 -8.85
CA LYS K 213 -67.95 -68.29 -9.83
C LYS K 213 -69.44 -68.59 -9.74
N ILE K 214 -70.25 -67.54 -9.70
CA ILE K 214 -71.70 -67.71 -9.62
C ILE K 214 -72.25 -68.05 -11.00
N GLU K 215 -72.78 -69.27 -11.12
CA GLU K 215 -73.31 -69.74 -12.39
C GLU K 215 -74.83 -69.77 -12.37
N SER K 216 -75.44 -69.56 -13.54
CA SER K 216 -76.88 -69.62 -13.67
C SER K 216 -77.38 -71.04 -13.43
N ARG K 217 -78.56 -71.17 -12.85
CA ARG K 217 -79.08 -72.49 -12.50
C ARG K 217 -79.45 -73.35 -13.71
N ARG K 218 -79.59 -72.72 -14.87
CA ARG K 218 -79.83 -73.46 -16.10
C ARG K 218 -79.25 -72.73 -17.31
N GLN L 1 16.23 -23.40 -25.73
CA GLN L 1 15.04 -23.05 -24.98
C GLN L 1 13.91 -23.77 -25.64
N ILE L 2 13.15 -23.20 -26.60
CA ILE L 2 11.99 -23.92 -27.14
C ILE L 2 12.44 -24.74 -28.32
N GLN L 3 12.18 -26.04 -28.37
CA GLN L 3 12.55 -26.88 -29.49
C GLN L 3 11.28 -27.66 -29.77
N LEU L 4 10.81 -27.70 -30.99
CA LEU L 4 9.73 -28.61 -31.31
C LEU L 4 10.47 -29.48 -32.29
N VAL L 5 10.60 -30.76 -31.97
CA VAL L 5 11.34 -31.67 -32.83
C VAL L 5 10.29 -32.64 -33.34
N GLN L 6 10.28 -32.91 -34.65
CA GLN L 6 9.18 -33.66 -35.23
C GLN L 6 9.66 -35.05 -35.61
N SER L 7 8.74 -35.99 -35.90
CA SER L 7 9.18 -37.28 -36.39
C SER L 7 9.83 -37.15 -37.77
N GLY L 8 10.49 -38.22 -38.16
CA GLY L 8 11.14 -38.29 -39.44
C GLY L 8 10.13 -38.52 -40.55
N ARG L 9 10.55 -38.44 -41.81
CA ARG L 9 9.69 -38.33 -42.98
C ARG L 9 9.08 -39.67 -43.41
N GLU L 10 7.78 -39.86 -43.65
CA GLU L 10 7.39 -41.18 -44.11
C GLU L 10 6.93 -41.31 -45.51
N VAL L 11 7.03 -42.57 -45.90
CA VAL L 11 6.52 -43.05 -47.16
C VAL L 11 5.31 -43.89 -46.80
N LYS L 12 4.18 -43.80 -47.51
CA LYS L 12 2.97 -44.59 -47.24
C LYS L 12 2.21 -44.75 -48.57
N ASN L 13 1.66 -45.93 -48.93
CA ASN L 13 0.96 -46.16 -50.20
C ASN L 13 -0.45 -45.60 -49.97
N PRO L 14 -1.18 -45.17 -51.00
CA PRO L 14 -2.52 -44.62 -50.83
C PRO L 14 -3.40 -45.53 -49.99
N GLY L 15 -4.20 -44.85 -49.18
CA GLY L 15 -5.13 -45.55 -48.30
C GLY L 15 -4.66 -45.66 -46.88
N GLU L 16 -3.34 -45.75 -46.65
CA GLU L 16 -2.81 -45.83 -45.29
C GLU L 16 -3.07 -44.67 -44.32
N THR L 17 -2.60 -44.77 -43.07
CA THR L 17 -2.75 -43.76 -42.02
C THR L 17 -1.35 -43.37 -41.55
N VAL L 18 -1.16 -42.16 -41.07
CA VAL L 18 0.13 -41.79 -40.50
C VAL L 18 -0.07 -40.97 -39.23
N LYS L 19 0.82 -41.20 -38.26
CA LYS L 19 0.79 -40.42 -37.05
C LYS L 19 2.16 -39.75 -36.98
N ILE L 20 2.13 -38.42 -37.10
CA ILE L 20 3.29 -37.53 -37.06
C ILE L 20 3.33 -36.93 -35.64
N SER L 21 4.42 -37.12 -34.92
CA SER L 21 4.60 -36.56 -33.60
C SER L 21 5.34 -35.24 -33.65
N CYS L 22 5.07 -34.39 -32.62
CA CYS L 22 5.69 -33.11 -32.36
C CYS L 22 5.98 -33.07 -30.86
N LYS L 23 7.26 -33.19 -30.44
CA LYS L 23 7.69 -33.26 -29.04
C LYS L 23 8.17 -31.87 -28.70
N ALA L 24 7.57 -31.26 -27.69
CA ALA L 24 7.83 -29.87 -27.35
C ALA L 24 8.84 -29.72 -26.25
N SER L 25 9.73 -28.72 -26.32
CA SER L 25 10.68 -28.52 -25.26
C SER L 25 10.79 -27.03 -24.97
N GLY L 26 11.06 -26.68 -23.73
CA GLY L 26 11.32 -25.32 -23.37
C GLY L 26 10.14 -24.55 -22.82
N TYR L 27 8.90 -24.93 -23.06
CA TYR L 27 7.80 -24.16 -22.51
C TYR L 27 6.83 -25.00 -21.67
N THR L 28 5.83 -24.42 -21.01
CA THR L 28 4.89 -25.29 -20.33
C THR L 28 3.75 -25.54 -21.30
N PHE L 29 3.82 -26.75 -21.86
CA PHE L 29 2.93 -27.29 -22.88
C PHE L 29 1.49 -26.76 -22.90
N THR L 30 1.01 -26.78 -21.67
CA THR L 30 -0.32 -26.41 -21.24
C THR L 30 -0.81 -24.99 -21.38
N GLU L 31 0.12 -24.05 -21.47
CA GLU L 31 -0.31 -22.67 -21.61
C GLU L 31 -0.19 -22.22 -23.05
N TYR L 32 0.25 -23.08 -23.98
CA TYR L 32 0.44 -22.75 -25.40
C TYR L 32 0.01 -23.90 -26.31
N PRO L 33 -1.02 -23.64 -27.07
CA PRO L 33 -1.57 -24.67 -27.92
C PRO L 33 -0.77 -24.79 -29.20
N MET L 34 -1.12 -25.78 -30.05
CA MET L 34 -0.40 -26.12 -31.29
C MET L 34 -1.12 -25.99 -32.60
N LEU L 35 -0.42 -25.31 -33.49
CA LEU L 35 -0.85 -25.01 -34.84
C LEU L 35 -0.33 -26.07 -35.73
N TRP L 36 -1.05 -26.60 -36.72
CA TRP L 36 -0.49 -27.58 -37.61
C TRP L 36 -0.59 -26.96 -38.96
N VAL L 37 0.49 -26.84 -39.71
CA VAL L 37 0.51 -26.08 -40.96
C VAL L 37 0.96 -27.07 -42.04
N LYS L 38 0.41 -26.95 -43.26
CA LYS L 38 0.79 -27.83 -44.36
C LYS L 38 1.50 -26.96 -45.38
N GLN L 39 2.72 -27.25 -45.80
CA GLN L 39 3.36 -26.47 -46.82
C GLN L 39 3.48 -27.53 -47.87
N ALA L 40 2.66 -27.30 -48.84
CA ALA L 40 2.58 -28.21 -49.93
C ALA L 40 3.65 -27.82 -50.92
N PRO L 41 4.40 -28.80 -51.42
CA PRO L 41 5.43 -28.66 -52.46
C PRO L 41 5.47 -27.39 -53.30
N GLY L 42 4.39 -27.08 -54.00
CA GLY L 42 4.36 -25.84 -54.75
C GLY L 42 3.64 -24.77 -53.93
N LYS L 43 2.36 -25.05 -53.75
CA LYS L 43 1.39 -24.16 -53.14
C LYS L 43 1.68 -23.20 -51.99
N GLY L 44 2.73 -23.29 -51.16
CA GLY L 44 2.90 -22.36 -50.04
C GLY L 44 2.34 -22.83 -48.68
N PHE L 45 2.12 -21.91 -47.72
CA PHE L 45 1.75 -22.31 -46.37
C PHE L 45 0.26 -22.25 -46.12
N ARG L 46 -0.31 -23.24 -45.40
CA ARG L 46 -1.72 -23.28 -45.07
C ARG L 46 -2.03 -23.73 -43.62
N TRP L 47 -2.89 -23.01 -42.87
CA TRP L 47 -3.21 -23.39 -41.50
C TRP L 47 -4.12 -24.61 -41.54
N MET L 48 -3.77 -25.71 -40.88
CA MET L 48 -4.62 -26.89 -40.81
C MET L 48 -5.55 -26.87 -39.59
N GLY L 49 -5.27 -26.05 -38.56
CA GLY L 49 -6.10 -25.99 -37.36
C GLY L 49 -5.23 -25.70 -36.14
N LEU L 50 -5.79 -25.86 -34.96
CA LEU L 50 -5.14 -25.55 -33.71
C LEU L 50 -5.73 -26.47 -32.64
N ILE L 51 -4.89 -26.90 -31.69
CA ILE L 51 -5.38 -27.75 -30.62
C ILE L 51 -5.04 -27.06 -29.29
N TYR L 52 -6.10 -26.99 -28.49
CA TYR L 52 -6.04 -26.45 -27.16
C TYR L 52 -5.32 -27.46 -26.28
N THR L 53 -4.03 -27.37 -26.09
CA THR L 53 -3.30 -28.30 -25.28
C THR L 53 -3.69 -28.29 -23.81
N ASN L 54 -4.68 -27.50 -23.44
CA ASN L 54 -5.12 -27.45 -22.07
C ASN L 54 -6.33 -28.37 -21.92
N THR L 55 -7.43 -28.08 -22.62
CA THR L 55 -8.66 -28.90 -22.62
C THR L 55 -8.53 -30.20 -23.45
N GLY L 56 -7.74 -30.05 -24.52
CA GLY L 56 -7.64 -31.01 -25.59
C GLY L 56 -8.58 -30.67 -26.77
N GLU L 57 -9.43 -29.62 -26.92
CA GLU L 57 -10.27 -29.46 -28.13
C GLU L 57 -9.52 -28.97 -29.35
N PRO L 58 -9.63 -29.68 -30.48
CA PRO L 58 -9.13 -29.27 -31.78
C PRO L 58 -10.04 -28.41 -32.63
N THR L 59 -9.45 -27.52 -33.41
CA THR L 59 -10.19 -26.78 -34.39
C THR L 59 -9.59 -27.31 -35.69
N TYR L 60 -10.37 -27.55 -36.74
CA TYR L 60 -9.78 -27.98 -37.99
C TYR L 60 -10.04 -26.87 -38.96
N ALA L 61 -9.15 -26.66 -39.90
CA ALA L 61 -9.51 -25.73 -40.96
C ALA L 61 -10.60 -26.45 -41.77
N GLU L 62 -11.56 -25.84 -42.46
CA GLU L 62 -12.57 -26.61 -43.19
C GLU L 62 -11.92 -27.54 -44.18
N GLU L 63 -10.84 -27.14 -44.86
CA GLU L 63 -10.12 -28.02 -45.77
C GLU L 63 -9.65 -29.33 -45.12
N PHE L 64 -9.60 -29.38 -43.77
CA PHE L 64 -8.99 -30.47 -43.03
C PHE L 64 -9.90 -31.23 -42.09
N LYS L 65 -11.16 -30.80 -42.00
CA LYS L 65 -12.14 -31.47 -41.14
C LYS L 65 -12.40 -32.85 -41.80
N GLY L 66 -12.13 -34.02 -41.20
CA GLY L 66 -12.50 -35.27 -41.86
C GLY L 66 -11.43 -36.33 -41.72
N ARG L 67 -10.47 -36.36 -42.63
CA ARG L 67 -9.37 -37.32 -42.52
C ARG L 67 -8.33 -36.94 -41.50
N PHE L 68 -8.32 -35.67 -41.10
CA PHE L 68 -7.36 -35.19 -40.14
C PHE L 68 -7.92 -35.15 -38.72
N VAL L 69 -7.04 -35.64 -37.85
CA VAL L 69 -7.26 -35.77 -36.42
C VAL L 69 -6.05 -35.41 -35.54
N PHE L 70 -6.13 -34.32 -34.78
CA PHE L 70 -5.12 -33.84 -33.85
C PHE L 70 -5.30 -34.52 -32.50
N SER L 71 -4.27 -34.89 -31.80
CA SER L 71 -4.39 -35.48 -30.46
C SER L 71 -3.10 -35.16 -29.71
N LEU L 72 -2.96 -35.49 -28.45
CA LEU L 72 -1.74 -35.15 -27.77
C LEU L 72 -1.30 -36.08 -26.69
N GLU L 73 -0.04 -36.45 -26.58
CA GLU L 73 0.40 -37.20 -25.44
C GLU L 73 0.85 -36.09 -24.51
N ILE L 74 -0.17 -35.47 -23.91
CA ILE L 74 -0.06 -34.38 -22.93
C ILE L 74 1.14 -34.49 -22.00
N SER L 75 1.13 -35.72 -21.54
CA SER L 75 2.00 -36.25 -20.50
C SER L 75 3.48 -36.21 -20.87
N ALA L 76 3.72 -36.19 -22.17
CA ALA L 76 5.05 -36.26 -22.72
C ALA L 76 5.27 -35.02 -23.56
N SER L 77 4.39 -34.02 -23.48
CA SER L 77 4.52 -32.82 -24.27
C SER L 77 4.58 -33.13 -25.76
N THR L 78 3.73 -34.05 -26.21
CA THR L 78 3.68 -34.34 -27.62
C THR L 78 2.34 -33.98 -28.20
N ALA L 79 2.28 -33.42 -29.40
CA ALA L 79 1.04 -33.16 -30.14
C ALA L 79 1.20 -34.07 -31.33
N TYR L 80 0.11 -34.55 -31.94
CA TYR L 80 0.28 -35.46 -33.07
C TYR L 80 -0.71 -35.18 -34.14
N LEU L 81 -0.33 -35.43 -35.39
CA LEU L 81 -1.20 -35.22 -36.51
C LEU L 81 -1.47 -36.60 -37.04
N GLN L 82 -2.73 -36.94 -37.30
CA GLN L 82 -3.01 -38.20 -37.92
C GLN L 82 -3.90 -37.94 -39.10
N ILE L 83 -3.42 -38.48 -40.21
CA ILE L 83 -4.04 -38.36 -41.50
C ILE L 83 -4.34 -39.80 -41.85
N ASN L 84 -5.64 -40.02 -41.96
CA ASN L 84 -6.18 -41.32 -42.25
C ASN L 84 -6.62 -41.36 -43.71
N ASN L 85 -6.63 -42.58 -44.28
CA ASN L 85 -7.03 -42.84 -45.66
C ASN L 85 -6.35 -41.85 -46.58
N LEU L 86 -5.03 -42.04 -46.54
CA LEU L 86 -4.10 -41.12 -47.19
C LEU L 86 -4.43 -41.02 -48.66
N THR L 87 -4.46 -39.78 -49.13
CA THR L 87 -4.72 -39.54 -50.53
C THR L 87 -3.37 -39.18 -51.07
N ASN L 88 -3.20 -39.50 -52.32
CA ASN L 88 -1.93 -39.24 -52.99
C ASN L 88 -1.54 -37.75 -52.98
N GLU L 89 -2.52 -36.83 -53.02
CA GLU L 89 -2.19 -35.41 -53.02
C GLU L 89 -1.94 -34.82 -51.63
N ASP L 90 -1.68 -35.69 -50.66
CA ASP L 90 -1.30 -35.24 -49.33
C ASP L 90 0.20 -35.21 -49.22
N THR L 91 0.99 -35.42 -50.32
CA THR L 91 2.44 -35.34 -50.14
C THR L 91 2.77 -33.87 -50.00
N ALA L 92 3.53 -33.63 -48.94
CA ALA L 92 3.82 -32.29 -48.50
C ALA L 92 4.55 -32.47 -47.20
N THR L 93 4.83 -31.32 -46.58
CA THR L 93 5.55 -31.25 -45.30
C THR L 93 4.59 -30.63 -44.30
N TYR L 94 4.57 -31.11 -43.07
CA TYR L 94 3.65 -30.64 -42.08
C TYR L 94 4.53 -30.14 -40.97
N PHE L 95 4.21 -28.97 -40.47
CA PHE L 95 5.02 -28.34 -39.43
C PHE L 95 4.19 -28.27 -38.17
N CYS L 96 4.60 -28.57 -36.92
CA CYS L 96 3.88 -28.08 -35.74
C CYS L 96 4.46 -26.69 -35.35
N VAL L 97 3.68 -25.91 -34.64
CA VAL L 97 3.98 -24.51 -34.40
C VAL L 97 3.34 -24.09 -33.07
N ARG L 98 3.96 -23.15 -32.38
CA ARG L 98 3.42 -22.72 -31.08
C ARG L 98 2.66 -21.41 -31.30
N ASP L 99 1.41 -21.33 -30.84
CA ASP L 99 0.67 -20.10 -30.97
C ASP L 99 0.93 -19.26 -29.74
N TYR L 100 1.49 -18.08 -29.93
CA TYR L 100 1.81 -17.20 -28.81
C TYR L 100 2.15 -15.83 -29.36
N PHE L 101 2.03 -14.81 -28.53
CA PHE L 101 2.27 -13.47 -29.04
C PHE L 101 1.44 -13.09 -30.23
N ILE L 102 0.12 -13.35 -30.17
CA ILE L 102 -0.85 -12.89 -31.17
C ILE L 102 -0.51 -13.41 -32.56
N SER L 103 0.16 -14.56 -32.60
CA SER L 103 0.57 -15.18 -33.88
C SER L 103 1.23 -16.54 -33.66
N LEU L 104 2.31 -16.80 -34.36
CA LEU L 104 3.01 -18.07 -34.15
C LEU L 104 4.43 -17.62 -33.90
N ASP L 105 5.09 -18.14 -32.86
CA ASP L 105 6.49 -17.70 -32.60
C ASP L 105 7.56 -18.72 -32.93
N TYR L 106 7.28 -19.99 -32.75
CA TYR L 106 8.27 -21.01 -33.08
C TYR L 106 7.62 -22.02 -34.03
N TRP L 107 8.38 -22.45 -35.01
CA TRP L 107 7.98 -23.53 -35.94
C TRP L 107 8.89 -24.74 -35.72
N GLY L 108 8.39 -25.94 -36.02
CA GLY L 108 9.16 -27.18 -35.88
C GLY L 108 10.08 -27.36 -37.10
N GLN L 109 10.79 -28.58 -37.17
CA GLN L 109 11.54 -28.88 -38.39
C GLN L 109 10.72 -29.34 -39.60
N GLY L 110 9.56 -29.96 -39.45
CA GLY L 110 8.78 -30.44 -40.58
C GLY L 110 8.88 -31.95 -40.64
N THR L 111 7.83 -32.63 -41.10
CA THR L 111 7.83 -34.06 -41.33
C THR L 111 7.18 -34.09 -42.70
N THR L 112 7.90 -34.67 -43.64
CA THR L 112 7.51 -34.73 -45.04
C THR L 112 6.90 -36.07 -45.37
N LEU L 113 5.73 -36.16 -46.01
CA LEU L 113 5.12 -37.42 -46.29
C LEU L 113 5.15 -37.52 -47.79
N THR L 114 5.50 -38.74 -48.21
CA THR L 114 5.43 -39.04 -49.62
C THR L 114 4.52 -40.26 -49.74
N VAL L 115 3.29 -39.97 -50.15
CA VAL L 115 2.27 -40.96 -50.43
C VAL L 115 2.60 -41.61 -51.76
N SER L 116 2.95 -42.88 -51.79
CA SER L 116 3.36 -43.46 -53.05
C SER L 116 3.40 -44.97 -52.99
N SER L 117 2.80 -45.58 -54.01
CA SER L 117 2.74 -47.03 -54.11
C SER L 117 4.10 -47.61 -54.48
N ALA L 118 4.51 -48.66 -53.78
CA ALA L 118 5.79 -49.31 -54.04
C ALA L 118 6.14 -50.30 -52.92
N LYS L 119 6.89 -51.34 -53.29
CA LYS L 119 7.29 -52.36 -52.33
C LYS L 119 8.38 -51.84 -51.39
N THR L 120 9.16 -52.76 -50.84
CA THR L 120 10.24 -52.39 -49.93
C THR L 120 11.58 -52.94 -50.40
N THR L 121 12.47 -52.04 -50.78
CA THR L 121 13.80 -52.44 -51.26
C THR L 121 14.87 -51.85 -50.36
N ALA L 122 15.73 -52.72 -49.83
CA ALA L 122 16.84 -52.29 -48.99
C ALA L 122 17.92 -51.61 -49.84
N PRO L 123 18.60 -50.60 -49.28
CA PRO L 123 19.65 -49.89 -50.00
C PRO L 123 20.95 -50.69 -50.08
N SER L 124 21.75 -50.39 -51.10
CA SER L 124 23.11 -50.89 -51.18
C SER L 124 24.04 -49.74 -50.84
N VAL L 125 24.90 -49.95 -49.85
CA VAL L 125 25.77 -48.89 -49.37
C VAL L 125 27.19 -49.07 -49.89
N TYR L 126 27.66 -48.09 -50.66
CA TYR L 126 28.95 -48.18 -51.33
C TYR L 126 29.91 -47.09 -50.86
N PRO L 127 31.14 -47.48 -50.51
CA PRO L 127 32.15 -46.49 -50.07
C PRO L 127 32.70 -45.73 -51.27
N LEU L 128 32.94 -44.43 -51.10
CA LEU L 128 33.54 -43.64 -52.16
C LEU L 128 34.89 -43.11 -51.68
N ALA L 129 35.95 -43.78 -52.13
CA ALA L 129 37.30 -43.40 -51.79
C ALA L 129 37.94 -42.71 -52.99
N PRO L 130 38.96 -41.88 -52.76
CA PRO L 130 39.59 -41.10 -53.83
C PRO L 130 40.26 -41.96 -54.88
N VAL L 131 40.60 -41.35 -56.02
CA VAL L 131 41.22 -42.04 -57.13
C VAL L 131 42.50 -42.78 -56.72
N CYS L 132 42.79 -43.86 -57.44
CA CYS L 132 43.86 -44.78 -57.09
C CYS L 132 45.23 -44.11 -56.94
N GLY L 133 45.41 -42.96 -57.59
CA GLY L 133 46.70 -42.30 -57.60
C GLY L 133 46.75 -40.95 -56.91
N GLY L 134 47.79 -40.75 -56.11
CA GLY L 134 48.08 -39.46 -55.51
C GLY L 134 47.06 -38.94 -54.52
N THR L 135 46.24 -37.99 -54.97
CA THR L 135 45.29 -37.28 -54.12
C THR L 135 45.99 -36.58 -52.96
N THR L 136 46.83 -35.58 -53.28
CA THR L 136 47.60 -34.87 -52.26
C THR L 136 47.23 -33.40 -52.17
N GLY L 137 46.44 -33.06 -51.16
CA GLY L 137 46.12 -31.68 -50.85
C GLY L 137 46.16 -31.49 -49.34
N SER L 138 45.82 -30.29 -48.87
CA SER L 138 45.77 -30.04 -47.42
C SER L 138 44.62 -30.80 -46.78
N SER L 139 43.60 -31.11 -47.57
CA SER L 139 42.47 -31.89 -47.07
C SER L 139 42.14 -33.04 -48.03
N VAL L 140 41.04 -33.73 -47.74
CA VAL L 140 40.61 -34.88 -48.52
C VAL L 140 39.09 -35.11 -48.38
N THR L 141 38.46 -35.46 -49.49
CA THR L 141 37.01 -35.66 -49.53
C THR L 141 36.68 -37.13 -49.77
N LEU L 142 35.97 -37.73 -48.81
CA LEU L 142 35.46 -39.07 -48.97
C LEU L 142 33.97 -39.00 -49.21
N GLY L 143 33.37 -40.13 -49.57
CA GLY L 143 31.94 -40.16 -49.83
C GLY L 143 31.29 -41.48 -49.53
N CYS L 144 29.97 -41.51 -49.60
CA CYS L 144 29.17 -42.70 -49.32
C CYS L 144 27.93 -42.64 -50.19
N LEU L 145 27.74 -43.68 -51.00
CA LEU L 145 26.62 -43.74 -51.95
C LEU L 145 25.58 -44.77 -51.51
N VAL L 146 24.41 -44.29 -51.14
CA VAL L 146 23.29 -45.13 -50.72
C VAL L 146 22.32 -45.33 -51.88
N LYS L 147 22.44 -46.46 -52.57
CA LYS L 147 21.76 -46.63 -53.86
C LYS L 147 20.60 -47.62 -53.83
N GLY L 148 19.52 -47.26 -54.51
CA GLY L 148 18.41 -48.17 -54.79
C GLY L 148 17.57 -48.65 -53.62
N TYR L 149 16.90 -47.74 -52.93
CA TYR L 149 16.03 -48.12 -51.83
C TYR L 149 14.60 -47.57 -51.96
N PHE L 150 13.69 -48.17 -51.20
CA PHE L 150 12.29 -47.78 -51.21
C PHE L 150 11.57 -48.40 -50.02
N PRO L 151 10.78 -47.60 -49.29
CA PRO L 151 10.59 -46.17 -49.55
C PRO L 151 11.53 -45.30 -48.73
N GLU L 152 11.23 -44.01 -48.70
CA GLU L 152 11.90 -43.08 -47.81
C GLU L 152 11.39 -43.27 -46.38
N PRO L 153 12.19 -42.86 -45.37
CA PRO L 153 13.51 -42.22 -45.48
C PRO L 153 14.68 -43.14 -45.15
N VAL L 154 15.90 -42.68 -45.46
CA VAL L 154 17.11 -43.25 -44.88
C VAL L 154 17.79 -42.18 -44.03
N THR L 155 18.47 -42.60 -42.97
CA THR L 155 19.31 -41.68 -42.22
C THR L 155 20.78 -42.02 -42.46
N LEU L 156 21.62 -40.99 -42.50
CA LEU L 156 23.05 -41.16 -42.71
C LEU L 156 23.86 -40.29 -41.77
N THR L 157 24.82 -40.91 -41.07
CA THR L 157 25.75 -40.17 -40.25
C THR L 157 27.19 -40.56 -40.57
N TRP L 158 28.14 -39.81 -40.04
CA TRP L 158 29.56 -40.13 -40.20
C TRP L 158 30.19 -40.34 -38.83
N ASN L 159 30.81 -41.51 -38.66
CA ASN L 159 31.40 -41.90 -37.37
C ASN L 159 30.39 -41.79 -36.22
N SER L 160 29.21 -42.36 -36.43
CA SER L 160 28.13 -42.37 -35.45
C SER L 160 27.64 -40.97 -35.09
N GLY L 161 27.96 -40.00 -35.94
CA GLY L 161 27.50 -38.64 -35.73
C GLY L 161 28.51 -37.73 -35.05
N SER L 162 29.65 -38.29 -34.63
CA SER L 162 30.69 -37.50 -33.99
C SER L 162 31.45 -36.65 -35.00
N LEU L 163 31.33 -37.01 -36.28
CA LEU L 163 31.90 -36.24 -37.37
C LEU L 163 30.80 -35.60 -38.20
N SER L 164 30.46 -34.36 -37.87
CA SER L 164 29.38 -33.65 -38.54
C SER L 164 29.86 -32.43 -39.31
N SER L 165 30.97 -31.86 -38.87
CA SER L 165 31.54 -30.70 -39.54
C SER L 165 32.20 -31.12 -40.85
N GLY L 166 31.90 -30.39 -41.92
CA GLY L 166 32.48 -30.68 -43.22
C GLY L 166 31.75 -31.80 -43.96
N VAL L 167 30.48 -31.97 -43.62
CA VAL L 167 29.65 -33.01 -44.23
C VAL L 167 28.60 -32.39 -45.13
N HIS L 168 28.42 -32.97 -46.31
CA HIS L 168 27.31 -32.57 -47.19
C HIS L 168 26.49 -33.80 -47.52
N THR L 169 25.29 -33.89 -46.97
CA THR L 169 24.38 -34.97 -47.31
C THR L 169 23.41 -34.48 -48.38
N PHE L 170 23.25 -35.27 -49.43
CA PHE L 170 22.50 -34.86 -50.60
C PHE L 170 21.12 -35.51 -50.62
N PRO L 171 20.07 -34.67 -50.75
CA PRO L 171 18.68 -35.13 -50.71
C PRO L 171 18.43 -36.31 -51.64
N ALA L 172 17.64 -37.27 -51.16
CA ALA L 172 17.33 -38.47 -51.92
C ALA L 172 16.56 -38.12 -53.17
N LEU L 173 16.85 -38.82 -54.26
CA LEU L 173 16.16 -38.59 -55.50
C LEU L 173 15.71 -39.90 -56.14
N LEU L 174 14.53 -39.85 -56.75
CA LEU L 174 13.89 -41.03 -57.31
C LEU L 174 14.42 -41.25 -58.71
N GLN L 175 14.90 -42.46 -58.97
CA GLN L 175 15.43 -42.81 -60.28
C GLN L 175 15.11 -44.27 -60.56
N SER L 176 14.31 -44.51 -61.60
CA SER L 176 13.88 -45.85 -61.98
C SER L 176 13.12 -46.54 -60.86
N GLY L 177 12.25 -45.79 -60.18
CA GLY L 177 11.40 -46.36 -59.16
C GLY L 177 12.05 -46.55 -57.81
N LEU L 178 13.32 -46.17 -57.69
CA LEU L 178 14.04 -46.31 -56.43
C LEU L 178 14.72 -45.02 -56.03
N TYR L 179 14.91 -44.83 -54.73
CA TYR L 179 15.61 -43.65 -54.23
C TYR L 179 17.11 -43.89 -54.16
N THR L 180 17.86 -42.85 -54.45
CA THR L 180 19.31 -42.87 -54.28
C THR L 180 19.73 -41.60 -53.55
N LEU L 181 20.65 -41.78 -52.61
CA LEU L 181 21.15 -40.70 -51.78
C LEU L 181 22.67 -40.81 -51.76
N SER L 182 23.35 -39.73 -51.38
CA SER L 182 24.79 -39.76 -51.23
C SER L 182 25.24 -38.74 -50.23
N SER L 183 26.45 -38.89 -49.72
CA SER L 183 27.00 -37.91 -48.79
C SER L 183 28.51 -37.79 -48.97
N SER L 184 29.03 -36.59 -48.74
CA SER L 184 30.47 -36.40 -48.76
C SER L 184 30.90 -35.89 -47.40
N VAL L 185 32.17 -36.11 -47.09
CA VAL L 185 32.75 -35.56 -45.88
C VAL L 185 34.18 -35.14 -46.20
N THR L 186 34.60 -33.98 -45.68
CA THR L 186 35.94 -33.50 -45.94
C THR L 186 36.73 -33.32 -44.64
N VAL L 187 37.89 -33.95 -44.57
CA VAL L 187 38.73 -33.86 -43.38
C VAL L 187 40.16 -33.52 -43.76
N THR L 188 40.99 -33.13 -42.81
CA THR L 188 42.39 -32.86 -43.10
C THR L 188 43.08 -34.14 -43.58
N SER L 189 44.11 -33.99 -44.40
CA SER L 189 44.77 -35.14 -45.01
C SER L 189 45.49 -36.02 -44.00
N ASN L 190 45.66 -35.50 -42.78
CA ASN L 190 46.31 -36.26 -41.71
C ASN L 190 45.33 -37.20 -41.01
N THR L 191 44.06 -36.82 -41.01
CA THR L 191 43.01 -37.61 -40.37
C THR L 191 42.82 -38.95 -41.08
N TRP L 192 42.67 -38.89 -42.40
CA TRP L 192 42.41 -40.08 -43.21
C TRP L 192 43.60 -40.36 -44.15
N PRO L 193 43.97 -41.64 -44.31
CA PRO L 193 43.33 -42.83 -43.74
C PRO L 193 43.93 -43.24 -42.39
N SER L 194 44.61 -42.32 -41.70
CA SER L 194 45.19 -42.61 -40.39
C SER L 194 44.10 -43.05 -39.41
N GLN L 195 43.09 -42.19 -39.25
CA GLN L 195 41.97 -42.47 -38.38
C GLN L 195 40.81 -43.02 -39.22
N THR L 196 40.06 -43.93 -38.63
CA THR L 196 38.94 -44.57 -39.31
C THR L 196 37.79 -43.58 -39.55
N ILE L 197 37.24 -43.61 -40.76
CA ILE L 197 36.06 -42.83 -41.09
C ILE L 197 34.98 -43.77 -41.61
N THR L 198 33.82 -43.77 -40.95
CA THR L 198 32.78 -44.73 -41.26
C THR L 198 31.43 -44.09 -41.58
N CYS L 199 30.82 -44.54 -42.65
CA CYS L 199 29.48 -44.14 -43.05
C CYS L 199 28.44 -45.02 -42.35
N ASN L 200 27.48 -44.41 -41.66
CA ASN L 200 26.41 -45.15 -40.99
C ASN L 200 25.06 -44.89 -41.63
N VAL L 201 24.43 -45.95 -42.14
CA VAL L 201 23.19 -45.81 -42.88
C VAL L 201 22.06 -46.66 -42.29
N ALA L 202 20.89 -46.06 -42.07
CA ALA L 202 19.74 -46.83 -41.63
C ALA L 202 18.55 -46.65 -42.57
N HIS L 203 17.88 -47.75 -42.88
CA HIS L 203 16.67 -47.74 -43.68
C HIS L 203 15.54 -48.43 -42.87
N PRO L 204 14.79 -47.64 -42.09
CA PRO L 204 13.79 -48.15 -41.14
C PRO L 204 12.77 -49.08 -41.78
N ALA L 205 12.31 -48.76 -42.98
CA ALA L 205 11.29 -49.54 -43.66
C ALA L 205 11.70 -50.98 -43.91
N SER L 206 13.00 -51.24 -44.04
CA SER L 206 13.50 -52.60 -44.29
C SER L 206 14.28 -53.16 -43.11
N SER L 207 14.37 -52.40 -42.02
CA SER L 207 15.19 -52.77 -40.87
C SER L 207 16.64 -53.03 -41.26
N THR L 208 17.13 -52.22 -42.18
CA THR L 208 18.50 -52.31 -42.67
C THR L 208 19.40 -51.28 -42.00
N LYS L 209 20.47 -51.75 -41.38
CA LYS L 209 21.52 -50.89 -40.87
C LYS L 209 22.87 -51.32 -41.45
N VAL L 210 23.57 -50.40 -42.08
CA VAL L 210 24.88 -50.69 -42.67
C VAL L 210 25.96 -49.71 -42.20
N ASP L 211 27.05 -50.28 -41.67
CA ASP L 211 28.23 -49.50 -41.34
C ASP L 211 29.32 -49.79 -42.35
N LYS L 212 29.72 -48.79 -43.13
CA LYS L 212 30.73 -48.98 -44.16
C LYS L 212 31.94 -48.08 -43.93
N LYS L 213 33.06 -48.69 -43.57
CA LYS L 213 34.31 -47.96 -43.39
C LYS L 213 34.93 -47.64 -44.75
N ILE L 214 35.34 -46.40 -44.94
CA ILE L 214 35.96 -45.98 -46.18
C ILE L 214 37.41 -46.44 -46.22
N GLU L 215 37.72 -47.36 -47.13
CA GLU L 215 39.06 -47.92 -47.25
C GLU L 215 39.77 -47.37 -48.48
N SER L 216 41.09 -47.25 -48.39
CA SER L 216 41.90 -46.79 -49.50
C SER L 216 41.86 -47.82 -50.62
N ARG L 217 41.92 -47.34 -51.87
CA ARG L 217 41.79 -48.24 -53.02
C ARG L 217 42.99 -49.18 -53.21
N ARG L 218 44.10 -48.86 -52.55
CA ARG L 218 45.27 -49.74 -52.57
C ARG L 218 46.07 -49.63 -51.28
N GLN M 1 21.56 7.17 -83.42
CA GLN M 1 20.13 7.25 -83.02
C GLN M 1 19.66 8.70 -83.08
N ALA M 2 20.21 9.45 -83.99
CA ALA M 2 19.90 10.84 -84.32
C ALA M 2 20.20 11.00 -85.83
N VAL M 3 19.43 11.82 -86.49
CA VAL M 3 19.62 11.99 -87.94
C VAL M 3 19.85 13.43 -88.31
N VAL M 4 21.06 13.73 -88.79
CA VAL M 4 21.40 15.10 -89.22
C VAL M 4 20.93 15.23 -90.66
N THR M 5 20.25 16.28 -90.98
CA THR M 5 19.73 16.56 -92.34
C THR M 5 20.28 17.85 -92.94
N GLN M 6 20.68 17.80 -94.22
CA GLN M 6 21.21 18.98 -94.89
C GLN M 6 20.59 19.15 -96.28
N GLU M 7 20.64 20.37 -96.77
CA GLU M 7 20.07 20.60 -98.13
C GLU M 7 20.87 19.69 -99.04
N SER M 8 20.28 19.22 -100.05
CA SER M 8 20.79 18.30 -101.03
C SER M 8 21.73 18.92 -102.01
N ALA M 9 21.32 20.03 -102.54
CA ALA M 9 22.18 20.75 -103.51
C ALA M 9 21.73 22.20 -103.44
N LEU M 10 22.64 23.12 -103.65
CA LEU M 10 22.43 24.56 -103.68
C LEU M 10 23.36 25.08 -104.81
N THR M 11 22.80 25.99 -105.57
CA THR M 11 23.47 26.62 -106.69
C THR M 11 23.55 28.13 -106.41
N THR M 12 24.65 28.78 -106.56
CA THR M 12 24.83 30.21 -106.36
C THR M 12 25.76 30.71 -107.45
N SER M 13 26.03 31.97 -107.45
CA SER M 13 26.88 32.65 -108.45
C SER M 13 28.02 33.28 -107.67
N PRO M 14 29.15 33.45 -108.32
CA PRO M 14 30.30 34.09 -107.66
C PRO M 14 29.82 35.40 -107.08
N GLY M 15 30.26 35.82 -105.93
CA GLY M 15 29.87 37.08 -105.31
C GLY M 15 28.66 37.03 -104.45
N GLU M 16 27.85 35.96 -104.50
CA GLU M 16 26.66 35.92 -103.64
C GLU M 16 26.95 35.39 -102.25
N THR M 17 25.95 35.57 -101.38
CA THR M 17 25.95 35.06 -100.01
C THR M 17 25.00 33.86 -99.98
N VAL M 18 25.48 32.73 -99.55
CA VAL M 18 24.65 31.52 -99.50
C VAL M 18 24.72 30.87 -98.13
N THR M 19 23.63 30.31 -97.61
CA THR M 19 23.59 29.68 -96.32
C THR M 19 23.26 28.22 -96.39
N LEU M 20 24.05 27.38 -95.76
CA LEU M 20 23.73 25.96 -95.74
C LEU M 20 23.30 25.70 -94.29
N THR M 21 22.39 24.78 -94.17
CA THR M 21 21.92 24.46 -92.80
C THR M 21 22.09 22.98 -92.54
N CYS M 22 22.05 22.71 -91.26
CA CYS M 22 22.22 21.41 -90.62
C CYS M 22 21.17 21.20 -89.52
N ARG M 23 20.20 20.34 -89.77
CA ARG M 23 19.11 20.05 -88.84
C ARG M 23 19.24 18.72 -88.13
N SER M 24 18.92 18.74 -86.86
CA SER M 24 18.97 17.50 -86.05
C SER M 24 17.56 16.96 -85.88
N ASN M 25 17.34 15.68 -86.03
CA ASN M 25 16.05 15.05 -85.89
C ASN M 25 15.57 15.02 -84.44
N ILE M 26 16.43 15.13 -83.46
CA ILE M 26 16.03 15.06 -82.06
C ILE M 26 15.58 16.37 -81.48
N GLY M 27 16.04 17.48 -81.97
CA GLY M 27 15.62 18.78 -81.40
C GLY M 27 16.44 19.91 -81.99
N ALA M 28 16.36 21.08 -81.41
CA ALA M 28 17.13 22.22 -81.92
C ALA M 28 18.61 21.83 -81.77
N VAL M 29 19.40 22.44 -82.64
CA VAL M 29 20.85 22.19 -82.52
C VAL M 29 21.30 23.19 -81.48
N THR M 30 22.19 22.86 -80.57
CA THR M 30 22.67 23.87 -79.58
C THR M 30 24.19 23.85 -79.53
N SER M 31 24.77 24.74 -78.76
CA SER M 31 26.24 24.82 -78.72
C SER M 31 26.87 23.58 -78.16
N SER M 32 26.11 22.69 -77.60
CA SER M 32 26.67 21.48 -76.99
C SER M 32 26.72 20.33 -77.98
N ASN M 33 26.36 20.65 -79.21
CA ASN M 33 26.37 19.75 -80.36
C ASN M 33 27.65 20.01 -81.18
N CYS M 34 28.31 21.09 -80.83
CA CYS M 34 29.59 21.50 -81.42
C CYS M 34 29.61 21.32 -82.91
N ALA M 35 28.67 21.88 -83.60
CA ALA M 35 28.54 21.75 -85.05
C ALA M 35 29.91 21.97 -85.71
N ASN M 36 30.25 21.08 -86.61
CA ASN M 36 31.48 21.06 -87.40
C ASN M 36 30.99 21.12 -88.86
N TRP M 37 31.74 21.70 -89.72
CA TRP M 37 31.45 21.80 -91.17
C TRP M 37 32.72 21.30 -91.86
N VAL M 38 32.59 20.42 -92.78
CA VAL M 38 33.75 19.83 -93.48
C VAL M 38 33.51 19.97 -94.95
N GLN M 39 34.54 20.16 -95.74
CA GLN M 39 34.34 20.35 -97.18
C GLN M 39 35.01 19.23 -97.93
N GLU M 40 34.42 18.68 -98.93
CA GLU M 40 35.01 17.64 -99.72
C GLU M 40 35.17 18.15 -101.14
N LYS M 41 36.38 18.31 -101.62
CA LYS M 41 36.67 18.78 -103.00
C LYS M 41 36.93 17.47 -103.74
N PRO M 42 36.93 17.45 -105.03
CA PRO M 42 37.17 16.19 -105.80
C PRO M 42 38.60 15.73 -105.55
N ASP M 43 38.60 14.41 -105.46
CA ASP M 43 39.73 13.55 -105.21
C ASP M 43 39.71 13.09 -103.74
N HIS M 44 38.55 12.95 -103.16
CA HIS M 44 38.56 12.52 -101.72
C HIS M 44 39.44 13.43 -100.89
N PHE M 45 39.33 14.73 -101.10
CA PHE M 45 40.06 15.81 -100.45
C PHE M 45 39.26 16.47 -99.33
N PHE M 46 39.55 16.17 -98.07
CA PHE M 46 38.80 16.75 -96.96
C PHE M 46 39.64 17.75 -96.20
N THR M 47 39.00 18.82 -95.77
CA THR M 47 39.47 19.89 -94.98
C THR M 47 38.38 20.30 -93.96
N GLY M 48 38.74 20.73 -92.80
CA GLY M 48 37.73 21.20 -91.81
C GLY M 48 37.72 22.73 -91.93
N LEU M 49 36.55 23.28 -91.91
CA LEU M 49 36.18 24.67 -92.03
C LEU M 49 35.91 25.32 -90.69
N ILE M 50 34.88 24.92 -89.99
CA ILE M 50 34.38 25.37 -88.70
C ILE M 50 34.21 24.24 -87.70
N GLY M 51 34.40 24.52 -86.44
CA GLY M 51 34.26 23.53 -85.36
C GLY M 51 33.69 24.22 -84.15
N ASP M 52 33.00 23.45 -83.34
CA ASP M 52 32.43 24.06 -82.11
C ASP M 52 31.56 25.25 -82.50
N THR M 53 30.74 25.03 -83.50
CA THR M 53 29.76 25.92 -84.06
C THR M 53 30.26 27.09 -84.90
N ASN M 54 31.21 27.82 -84.32
CA ASN M 54 31.73 28.98 -84.97
C ASN M 54 33.24 29.19 -84.92
N ASN M 55 34.04 28.20 -84.76
CA ASN M 55 35.49 28.38 -84.73
C ASN M 55 35.98 28.02 -86.12
N ARG M 56 36.56 28.94 -86.84
CA ARG M 56 37.06 28.68 -88.19
C ARG M 56 38.44 28.03 -88.13
N ARG M 57 38.63 26.90 -88.77
CA ARG M 57 39.93 26.17 -88.77
C ARG M 57 40.92 27.19 -89.25
N SER M 58 42.17 27.01 -89.03
CA SER M 58 43.18 28.03 -89.44
C SER M 58 43.49 27.79 -90.90
N GLY M 59 43.53 28.87 -91.63
CA GLY M 59 43.80 28.92 -93.07
C GLY M 59 42.59 28.70 -93.96
N VAL M 60 41.39 28.89 -93.45
CA VAL M 60 40.10 28.78 -94.11
C VAL M 60 39.73 30.26 -94.27
N PRO M 61 39.41 30.63 -95.49
CA PRO M 61 39.08 32.04 -95.79
C PRO M 61 37.99 32.52 -94.87
N ALA M 62 37.94 33.80 -94.57
CA ALA M 62 36.95 34.46 -93.74
C ALA M 62 35.57 34.55 -94.33
N ARG M 63 35.40 34.27 -95.59
CA ARG M 63 34.10 34.31 -96.26
C ARG M 63 33.25 33.24 -95.63
N PHE M 64 33.87 32.33 -94.88
CA PHE M 64 33.19 31.24 -94.19
C PHE M 64 33.01 31.52 -92.70
N SER M 65 31.76 31.40 -92.29
CA SER M 65 31.44 31.62 -90.86
C SER M 65 30.32 30.65 -90.49
N GLY M 66 30.26 30.22 -89.25
CA GLY M 66 29.24 29.27 -88.81
C GLY M 66 28.44 29.97 -87.73
N SER M 67 27.26 29.42 -87.46
CA SER M 67 26.40 30.02 -86.41
C SER M 67 25.20 29.11 -86.22
N LEU M 68 24.35 29.53 -85.32
CA LEU M 68 23.13 28.74 -85.07
C LEU M 68 22.06 29.74 -85.52
N ILE M 69 21.19 29.31 -86.37
CA ILE M 69 20.11 30.17 -86.86
C ILE M 69 18.81 29.41 -86.55
N GLY M 70 18.02 29.94 -85.66
CA GLY M 70 16.78 29.19 -85.32
C GLY M 70 17.27 27.98 -84.51
N ASP M 71 16.79 26.82 -84.90
CA ASP M 71 17.16 25.60 -84.19
C ASP M 71 18.14 24.77 -85.01
N LYS M 72 18.90 25.45 -85.86
CA LYS M 72 19.86 24.60 -86.64
C LYS M 72 21.21 25.23 -86.76
N ALA M 73 22.22 24.46 -87.13
CA ALA M 73 23.59 25.04 -87.29
C ALA M 73 23.64 25.57 -88.71
N ALA M 74 24.28 26.67 -89.00
CA ALA M 74 24.34 27.19 -90.39
C ALA M 74 25.76 27.55 -90.76
N LEU M 75 26.08 27.48 -92.04
CA LEU M 75 27.43 27.83 -92.57
C LEU M 75 27.16 28.97 -93.55
N THR M 76 27.72 30.14 -93.45
CA THR M 76 27.41 31.16 -94.47
C THR M 76 28.70 31.41 -95.25
N ILE M 77 28.60 31.46 -96.56
CA ILE M 77 29.70 31.77 -97.43
C ILE M 77 29.39 33.20 -97.89
N THR M 78 30.13 34.16 -97.44
CA THR M 78 29.89 35.54 -97.82
C THR M 78 30.81 36.01 -98.94
N GLY M 79 30.31 35.93 -100.14
CA GLY M 79 31.07 36.33 -101.34
C GLY M 79 31.47 34.96 -101.91
N ALA M 80 30.50 34.09 -102.12
CA ALA M 80 30.93 32.75 -102.59
C ALA M 80 31.83 32.92 -103.78
N GLN M 81 32.77 32.05 -103.95
CA GLN M 81 33.74 31.97 -105.03
C GLN M 81 33.60 30.63 -105.77
N THR M 82 34.10 30.63 -106.96
CA THR M 82 34.09 29.50 -107.90
C THR M 82 34.76 28.32 -107.27
N GLU M 83 35.72 28.61 -106.44
CA GLU M 83 36.56 27.63 -105.73
C GLU M 83 35.76 26.95 -104.66
N ASP M 84 34.67 27.51 -104.21
CA ASP M 84 33.85 26.96 -103.15
C ASP M 84 32.92 25.87 -103.68
N GLU M 85 33.00 25.51 -104.92
CA GLU M 85 32.05 24.51 -105.46
C GLU M 85 32.52 23.17 -104.93
N ALA M 86 31.77 22.55 -104.05
CA ALA M 86 32.15 21.29 -103.46
C ALA M 86 31.01 20.72 -102.63
N ILE M 87 31.31 19.66 -101.89
CA ILE M 87 30.30 19.05 -101.01
C ILE M 87 30.63 19.45 -99.58
N TYR M 88 29.70 20.01 -98.85
CA TYR M 88 29.86 20.47 -97.47
C TYR M 88 29.07 19.53 -96.57
N PHE M 89 29.69 18.98 -95.58
CA PHE M 89 29.06 18.04 -94.65
C PHE M 89 29.01 18.67 -93.26
N CYS M 90 27.93 18.48 -92.53
CA CYS M 90 27.94 19.02 -91.15
C CYS M 90 28.00 17.75 -90.26
N ALA M 91 28.51 17.99 -89.09
CA ALA M 91 28.62 16.92 -88.09
C ALA M 91 28.13 17.55 -86.78
N LEU M 92 27.43 16.78 -86.02
CA LEU M 92 26.86 17.16 -84.74
C LEU M 92 27.27 16.15 -83.67
N TRP M 93 27.60 16.65 -82.49
CA TRP M 93 27.98 15.76 -81.38
C TRP M 93 26.78 15.44 -80.52
N TYR M 94 26.67 14.20 -80.10
CA TYR M 94 25.56 13.77 -79.26
C TYR M 94 25.97 13.03 -78.00
N ASN M 95 26.65 13.72 -77.14
CA ASN M 95 27.12 13.20 -75.85
C ASN M 95 28.11 12.07 -75.87
N ASN M 96 28.12 11.23 -76.90
CA ASN M 96 29.06 10.08 -76.96
C ASN M 96 29.55 9.72 -78.36
N LEU M 97 28.89 10.21 -79.41
CA LEU M 97 29.29 9.90 -80.78
C LEU M 97 28.95 11.06 -81.71
N TRP M 98 29.47 10.99 -82.93
CA TRP M 98 29.27 11.97 -83.97
C TRP M 98 28.32 11.42 -85.04
N VAL M 99 27.50 12.29 -85.55
CA VAL M 99 26.57 11.95 -86.63
C VAL M 99 26.85 13.00 -87.70
N PHE M 100 27.06 12.54 -88.88
CA PHE M 100 27.38 13.35 -90.05
C PHE M 100 26.10 13.55 -90.83
N GLY M 101 25.95 14.63 -91.49
CA GLY M 101 24.79 14.94 -92.36
C GLY M 101 25.08 14.32 -93.72
N GLY M 102 24.13 14.36 -94.61
CA GLY M 102 24.25 13.73 -95.93
C GLY M 102 25.13 14.51 -96.90
N GLY M 103 25.41 15.75 -96.56
CA GLY M 103 26.21 16.69 -97.30
C GLY M 103 25.37 17.48 -98.28
N THR M 104 25.75 18.69 -98.57
CA THR M 104 25.09 19.59 -99.53
C THR M 104 26.00 19.82 -100.74
N LYS M 105 25.61 19.48 -101.94
CA LYS M 105 26.47 19.75 -103.11
C LYS M 105 26.28 21.22 -103.45
N LEU M 106 27.24 22.07 -103.36
CA LEU M 106 27.16 23.46 -103.71
C LEU M 106 27.85 23.72 -105.05
N THR M 107 27.13 24.42 -105.92
CA THR M 107 27.62 24.80 -107.24
C THR M 107 27.79 26.31 -107.31
N VAL M 108 28.96 26.84 -107.68
CA VAL M 108 29.16 28.27 -107.76
C VAL M 108 29.55 28.70 -109.16
N LEU M 109 28.84 29.69 -109.70
CA LEU M 109 29.10 30.20 -111.03
C LEU M 109 30.55 30.62 -111.19
N GLY M 110 31.16 30.26 -112.31
CA GLY M 110 32.55 30.61 -112.57
C GLY M 110 33.21 29.64 -113.54
N GLN M 111 34.54 29.63 -113.55
CA GLN M 111 35.31 28.77 -114.42
C GLN M 111 34.74 28.78 -115.84
N PRO M 112 35.22 29.78 -116.67
CA PRO M 112 34.65 29.75 -118.03
C PRO M 112 34.81 28.39 -118.69
N LYS M 113 33.82 28.00 -119.49
CA LYS M 113 33.86 26.71 -120.19
C LYS M 113 35.22 26.46 -120.80
N SER M 114 35.55 25.18 -121.01
CA SER M 114 36.85 24.79 -121.61
C SER M 114 36.63 23.58 -122.47
N SER M 115 37.08 23.53 -123.69
CA SER M 115 36.86 22.43 -124.61
C SER M 115 37.79 21.30 -124.22
N PRO M 116 37.41 20.09 -124.58
CA PRO M 116 38.26 18.95 -124.30
C PRO M 116 39.47 18.93 -125.23
N SER M 117 40.48 18.28 -124.71
CA SER M 117 41.73 17.97 -125.38
C SER M 117 41.66 16.43 -125.52
N VAL M 118 41.44 16.05 -126.74
CA VAL M 118 41.31 14.68 -127.24
C VAL M 118 42.55 14.23 -128.01
N THR M 119 42.95 13.00 -127.74
CA THR M 119 44.03 12.26 -128.32
C THR M 119 43.63 10.79 -128.46
N LEU M 120 43.89 10.28 -129.65
CA LEU M 120 43.59 8.86 -129.94
C LEU M 120 44.95 8.19 -130.23
N PHE M 121 45.21 7.10 -129.58
CA PHE M 121 46.46 6.38 -129.78
C PHE M 121 46.10 5.03 -130.45
N PRO M 122 47.01 4.55 -131.24
CA PRO M 122 46.89 3.27 -131.96
C PRO M 122 47.35 2.19 -130.98
N PRO M 123 46.97 0.95 -131.30
CA PRO M 123 47.39 -0.18 -130.47
C PRO M 123 48.91 -0.17 -130.59
N SER M 124 49.59 -0.35 -129.48
CA SER M 124 51.08 -0.38 -129.65
C SER M 124 51.39 -1.73 -130.30
N SER M 125 52.63 -1.88 -130.76
CA SER M 125 53.02 -3.11 -131.47
C SER M 125 53.32 -4.26 -130.54
N GLU M 126 53.78 -4.03 -129.34
CA GLU M 126 54.07 -5.08 -128.36
C GLU M 126 52.77 -5.78 -127.97
N GLU M 127 51.69 -5.04 -128.09
CA GLU M 127 50.32 -5.44 -127.81
C GLU M 127 49.74 -6.14 -129.04
N LEU M 128 50.25 -5.83 -130.23
CA LEU M 128 49.75 -6.51 -131.44
C LEU M 128 50.40 -7.89 -131.57
N GLU M 129 51.34 -8.06 -130.66
CA GLU M 129 52.15 -9.27 -130.51
C GLU M 129 51.46 -10.22 -129.53
N THR M 130 50.35 -9.77 -129.02
CA THR M 130 49.51 -10.52 -128.06
C THR M 130 48.23 -10.98 -128.77
N ASN M 131 48.11 -10.51 -130.01
CA ASN M 131 46.92 -10.86 -130.83
C ASN M 131 45.75 -9.99 -130.35
N LYS M 132 46.12 -8.81 -129.83
CA LYS M 132 45.19 -7.80 -129.33
C LYS M 132 45.59 -6.39 -129.77
N ALA M 133 44.59 -5.55 -129.87
CA ALA M 133 44.68 -4.14 -130.26
C ALA M 133 43.63 -3.31 -129.50
N THR M 134 44.13 -2.29 -128.82
CA THR M 134 43.27 -1.37 -128.04
C THR M 134 43.61 0.05 -128.40
N LEU M 135 42.62 0.74 -128.93
CA LEU M 135 42.68 2.14 -129.31
C LEU M 135 42.25 2.91 -128.02
N VAL M 136 43.09 3.79 -127.55
CA VAL M 136 42.79 4.59 -126.34
C VAL M 136 42.46 6.01 -126.77
N CYS M 137 41.32 6.48 -126.33
CA CYS M 137 40.94 7.88 -126.62
C CYS M 137 40.93 8.60 -125.26
N THR M 138 41.83 9.56 -125.12
CA THR M 138 41.93 10.32 -123.86
C THR M 138 41.31 11.69 -124.09
N ILE M 139 40.54 12.16 -123.13
CA ILE M 139 39.87 13.45 -123.18
C ILE M 139 40.10 14.15 -121.84
N THR M 140 40.78 15.26 -121.86
CA THR M 140 41.12 15.98 -120.63
C THR M 140 40.78 17.44 -120.71
N ASP M 141 40.82 18.13 -119.59
CA ASP M 141 40.55 19.54 -119.42
C ASP M 141 39.24 20.03 -119.97
N PHE M 142 38.17 19.29 -119.81
CA PHE M 142 36.89 19.81 -120.33
C PHE M 142 36.03 20.24 -119.17
N TYR M 143 35.21 21.23 -119.39
CA TYR M 143 34.28 21.79 -118.44
C TYR M 143 33.20 22.50 -119.28
N PRO M 144 31.95 22.31 -119.01
CA PRO M 144 31.32 21.50 -118.00
C PRO M 144 31.80 20.07 -118.08
N GLY M 145 31.70 19.34 -116.99
CA GLY M 145 32.16 17.95 -117.03
C GLY M 145 31.23 16.93 -117.57
N VAL M 146 30.74 17.05 -118.78
CA VAL M 146 29.83 16.07 -119.39
C VAL M 146 30.22 15.92 -120.86
N VAL M 147 30.45 14.74 -121.36
CA VAL M 147 30.78 14.48 -122.74
C VAL M 147 30.08 13.16 -123.23
N THR M 148 30.12 13.13 -124.54
CA THR M 148 29.61 12.01 -125.33
C THR M 148 30.76 11.56 -126.21
N VAL M 149 31.10 10.28 -126.08
CA VAL M 149 32.19 9.73 -126.88
C VAL M 149 31.62 8.66 -127.81
N ASP M 150 31.87 8.81 -129.09
CA ASP M 150 31.38 7.86 -130.09
C ASP M 150 32.55 7.49 -131.01
N TRP M 151 32.66 6.21 -131.15
CA TRP M 151 33.67 5.54 -131.96
C TRP M 151 33.11 5.16 -133.32
N LYS M 152 33.94 5.24 -134.33
CA LYS M 152 33.57 4.88 -135.70
C LYS M 152 34.70 4.24 -136.50
N VAL M 153 34.53 2.91 -136.58
CA VAL M 153 35.43 2.04 -137.31
C VAL M 153 34.90 2.07 -138.76
N ASP M 154 35.83 2.37 -139.61
CA ASP M 154 35.66 2.42 -141.06
C ASP M 154 34.42 3.16 -141.53
N GLY M 155 33.97 4.14 -140.80
CA GLY M 155 32.78 4.92 -141.24
C GLY M 155 31.53 4.47 -140.46
N THR M 156 31.66 3.31 -139.86
CA THR M 156 30.59 2.70 -139.09
C THR M 156 30.76 2.72 -137.57
N PRO M 157 29.74 3.36 -137.01
CA PRO M 157 29.61 3.51 -135.57
C PRO M 157 29.82 2.15 -134.91
N VAL M 158 30.91 2.11 -134.16
CA VAL M 158 31.15 0.81 -133.44
C VAL M 158 30.07 0.92 -132.36
N THR M 159 29.70 -0.18 -131.76
CA THR M 159 28.61 -0.10 -130.73
C THR M 159 28.83 -1.11 -129.63
N GLN M 160 29.79 -1.97 -129.90
CA GLN M 160 30.24 -3.04 -128.97
C GLN M 160 31.77 -3.00 -129.02
N GLY M 161 32.41 -3.15 -127.87
CA GLY M 161 33.89 -3.13 -127.80
C GLY M 161 34.43 -1.95 -127.02
N MET M 162 33.66 -0.88 -126.97
CA MET M 162 34.00 0.35 -126.28
C MET M 162 33.53 0.35 -124.84
N GLU M 163 34.29 1.09 -124.05
CA GLU M 163 34.12 1.38 -122.66
C GLU M 163 34.65 2.81 -122.40
N THR M 164 33.80 3.60 -121.79
CA THR M 164 34.13 4.99 -121.49
C THR M 164 34.02 5.22 -119.99
N THR M 165 35.07 5.70 -119.35
CA THR M 165 35.05 5.94 -117.91
C THR M 165 34.09 7.09 -117.66
N GLN M 166 33.90 7.33 -116.39
CA GLN M 166 33.03 8.45 -115.95
C GLN M 166 33.95 9.66 -115.76
N PRO M 167 33.44 10.81 -116.11
CA PRO M 167 34.24 12.04 -115.95
C PRO M 167 34.74 12.06 -114.50
N SER M 168 36.02 12.30 -114.33
CA SER M 168 36.72 12.41 -113.03
C SER M 168 37.21 13.86 -112.96
N LYS M 169 37.12 14.50 -111.83
CA LYS M 169 37.55 15.86 -111.61
C LYS M 169 39.06 16.01 -111.48
N GLN M 170 39.64 16.85 -112.31
CA GLN M 170 41.09 17.07 -112.14
C GLN M 170 41.22 18.16 -111.06
N SER M 171 42.46 18.44 -110.74
CA SER M 171 42.87 19.42 -109.71
C SER M 171 42.40 20.83 -110.04
N ASN M 172 42.60 21.24 -111.29
CA ASN M 172 42.17 22.58 -111.72
C ASN M 172 40.66 22.67 -111.70
N ASN M 173 39.95 21.60 -111.46
CA ASN M 173 38.48 21.59 -111.40
C ASN M 173 37.74 21.43 -112.72
N LYS M 174 38.44 20.97 -113.70
CA LYS M 174 38.03 20.63 -115.06
C LYS M 174 37.84 19.12 -115.04
N TYR M 175 37.48 18.42 -116.07
CA TYR M 175 37.34 16.95 -115.90
C TYR M 175 38.16 16.26 -116.99
N MET M 176 38.20 14.96 -116.85
CA MET M 176 38.88 14.05 -117.74
C MET M 176 38.10 12.73 -117.82
N ALA M 177 38.44 11.98 -118.87
CA ALA M 177 37.79 10.68 -119.11
C ALA M 177 38.55 10.09 -120.30
N SER M 178 38.52 8.82 -120.40
CA SER M 178 39.16 8.08 -121.51
C SER M 178 38.13 6.98 -121.90
N SER M 179 38.20 6.59 -123.12
CA SER M 179 37.37 5.57 -123.76
C SER M 179 38.34 4.60 -124.45
N TYR M 180 37.99 3.34 -124.35
CA TYR M 180 38.76 2.23 -124.91
C TYR M 180 37.89 1.48 -125.91
N LEU M 181 38.47 1.09 -127.03
CA LEU M 181 37.87 0.30 -128.09
C LEU M 181 38.89 -0.86 -128.26
N THR M 182 38.53 -2.03 -127.82
CA THR M 182 39.33 -3.21 -127.92
C THR M 182 38.84 -4.10 -129.10
N LEU M 183 39.77 -4.35 -129.96
CA LEU M 183 39.62 -5.18 -131.14
C LEU M 183 40.58 -6.37 -130.85
N THR M 184 40.73 -7.16 -131.88
CA THR M 184 41.62 -8.34 -131.82
C THR M 184 42.78 -7.95 -132.75
N ALA M 185 43.88 -8.65 -132.56
CA ALA M 185 45.04 -8.32 -133.42
C ALA M 185 44.44 -8.15 -134.82
N ARG M 186 43.60 -9.14 -135.14
CA ARG M 186 42.91 -9.35 -136.39
C ARG M 186 41.82 -8.38 -136.79
N ALA M 187 40.94 -8.08 -135.85
CA ALA M 187 39.88 -7.08 -136.19
C ALA M 187 40.67 -5.84 -136.62
N TRP M 188 41.77 -5.62 -135.90
CA TRP M 188 42.65 -4.47 -136.11
C TRP M 188 43.07 -4.32 -137.57
N GLU M 189 43.74 -5.36 -138.03
CA GLU M 189 44.29 -5.45 -139.38
C GLU M 189 43.26 -5.43 -140.48
N ARG M 190 42.03 -5.73 -140.12
CA ARG M 190 40.92 -5.78 -141.08
C ARG M 190 40.50 -4.38 -141.49
N HIS M 191 39.74 -3.74 -140.62
CA HIS M 191 39.22 -2.39 -140.87
C HIS M 191 40.41 -1.45 -141.05
N SER M 192 40.16 -0.27 -141.57
CA SER M 192 41.21 0.72 -141.85
C SER M 192 41.10 2.10 -141.27
N SER M 193 39.95 2.62 -140.91
CA SER M 193 39.82 3.97 -140.35
C SER M 193 39.13 3.95 -138.99
N TYR M 194 39.87 4.42 -138.01
CA TYR M 194 39.31 4.48 -136.63
C TYR M 194 39.13 5.93 -136.27
N SER M 195 38.12 6.20 -135.48
CA SER M 195 37.89 7.63 -135.13
C SER M 195 37.17 7.72 -133.82
N CYS M 196 37.63 8.61 -132.96
CA CYS M 196 37.02 8.83 -131.63
C CYS M 196 36.40 10.22 -131.66
N GLN M 197 35.09 10.27 -131.54
CA GLN M 197 34.36 11.54 -131.65
C GLN M 197 33.87 11.90 -130.26
N VAL M 198 34.22 13.11 -129.87
CA VAL M 198 33.85 13.63 -128.57
C VAL M 198 32.98 14.87 -128.72
N THR M 199 31.82 14.80 -128.13
CA THR M 199 30.87 15.92 -128.19
C THR M 199 30.87 16.68 -126.88
N HIS M 200 31.20 17.97 -126.90
CA HIS M 200 31.20 18.71 -125.62
C HIS M 200 30.60 20.07 -125.84
N GLU M 201 29.81 20.54 -124.90
CA GLU M 201 29.07 21.79 -124.95
C GLU M 201 28.98 22.29 -126.39
N GLY M 202 28.24 21.48 -127.14
CA GLY M 202 27.83 21.54 -128.49
C GLY M 202 28.77 21.37 -129.65
N HIS M 203 30.05 21.54 -129.41
CA HIS M 203 31.04 21.38 -130.51
C HIS M 203 31.46 19.93 -130.50
N THR M 204 31.91 19.48 -131.64
CA THR M 204 32.37 18.11 -131.77
C THR M 204 33.85 18.17 -132.19
N VAL M 205 34.54 17.16 -131.70
CA VAL M 205 35.97 16.94 -131.93
C VAL M 205 36.11 15.45 -132.26
N GLU M 206 36.65 15.25 -133.43
CA GLU M 206 36.89 13.94 -134.03
C GLU M 206 38.40 13.81 -134.22
N LYS M 207 38.93 12.75 -133.69
CA LYS M 207 40.36 12.42 -133.78
C LYS M 207 40.42 11.03 -134.42
N SER M 208 40.96 11.02 -135.64
CA SER M 208 41.10 9.80 -136.42
C SER M 208 42.54 9.42 -136.71
N LEU M 209 42.64 8.11 -136.71
CA LEU M 209 43.93 7.43 -136.95
C LEU M 209 43.75 6.72 -138.29
N SER M 210 44.88 6.42 -138.88
CA SER M 210 44.92 5.72 -140.17
C SER M 210 46.12 4.76 -140.16
N ARG M 211 45.67 3.53 -140.13
CA ARG M 211 46.46 2.30 -140.11
C ARG M 211 47.16 2.11 -141.45
N GLN N 1 42.06 -33.82 38.89
CA GLN N 1 43.23 -32.90 38.87
C GLN N 1 43.04 -31.79 39.89
N ALA N 2 42.37 -32.11 40.97
CA ALA N 2 42.10 -31.28 42.15
C ALA N 2 42.01 -32.23 43.35
N VAL N 3 42.45 -31.80 44.50
CA VAL N 3 42.45 -32.68 45.68
C VAL N 3 41.67 -32.06 46.82
N VAL N 4 40.56 -32.69 47.18
CA VAL N 4 39.73 -32.22 48.29
C VAL N 4 40.32 -32.83 49.55
N THR N 5 40.54 -32.05 50.58
CA THR N 5 41.09 -32.50 51.88
C THR N 5 40.15 -32.27 53.05
N GLN N 6 40.03 -33.27 53.93
CA GLN N 6 39.15 -33.17 55.10
C GLN N 6 39.86 -33.65 56.35
N GLU N 7 39.37 -33.18 57.49
CA GLU N 7 39.99 -33.64 58.76
C GLU N 7 39.83 -35.14 58.75
N SER N 8 40.74 -35.83 59.34
CA SER N 8 40.83 -37.26 59.42
C SER N 8 39.88 -37.87 60.40
N ALA N 9 39.85 -37.32 61.58
CA ALA N 9 38.94 -37.82 62.61
C ALA N 9 38.70 -36.64 63.54
N LEU N 10 37.54 -36.55 64.13
CA LEU N 10 37.10 -35.56 65.09
C LEU N 10 36.24 -36.32 66.12
N THR N 11 36.46 -35.97 67.36
CA THR N 11 35.79 -36.54 68.50
C THR N 11 35.02 -35.43 69.21
N THR N 12 33.79 -35.58 69.55
CA THR N 12 32.98 -34.59 70.27
C THR N 12 32.11 -35.36 71.26
N SER N 13 31.33 -34.65 72.02
CA SER N 13 30.45 -35.19 73.05
C SER N 13 29.03 -34.79 72.67
N PRO N 14 28.06 -35.57 73.09
CA PRO N 14 26.67 -35.25 72.80
C PRO N 14 26.43 -33.83 73.24
N GLY N 15 25.66 -33.01 72.56
CA GLY N 15 25.36 -31.65 72.94
C GLY N 15 26.32 -30.62 72.44
N GLU N 16 27.51 -31.01 71.95
CA GLU N 16 28.43 -29.97 71.47
C GLU N 16 28.19 -29.57 70.02
N THR N 17 28.86 -28.49 69.64
CA THR N 17 28.85 -27.96 68.28
C THR N 17 30.20 -28.30 67.65
N VAL N 18 30.20 -28.98 66.54
CA VAL N 18 31.44 -29.37 65.88
C VAL N 18 31.44 -28.97 64.42
N THR N 19 32.57 -28.55 63.85
CA THR N 19 32.66 -28.11 62.49
C THR N 19 33.59 -28.98 61.67
N LEU N 20 33.16 -29.47 60.54
CA LEU N 20 34.05 -30.24 59.70
C LEU N 20 34.29 -29.32 58.49
N THR N 21 35.49 -29.45 57.97
CA THR N 21 35.82 -28.59 56.81
C THR N 21 36.27 -29.47 55.65
N CYS N 22 36.21 -28.83 54.51
CA CYS N 22 36.51 -29.34 53.18
C CYS N 22 37.35 -28.35 52.39
N ARG N 23 38.62 -28.63 52.20
CA ARG N 23 39.55 -27.78 51.49
C ARG N 23 39.92 -28.25 50.10
N SER N 24 39.98 -27.31 49.19
CA SER N 24 40.34 -27.63 47.79
C SER N 24 41.79 -27.27 47.55
N ASN N 25 42.56 -28.10 46.90
CA ASN N 25 43.96 -27.86 46.61
C ASN N 25 44.16 -26.78 45.57
N ILE N 26 43.19 -26.45 44.74
CA ILE N 26 43.35 -25.45 43.70
C ILE N 26 43.08 -24.04 44.14
N GLY N 27 42.27 -23.83 45.14
CA GLY N 27 41.99 -22.45 45.59
C GLY N 27 40.88 -22.44 46.61
N ALA N 28 40.35 -21.27 46.91
CA ALA N 28 39.25 -21.18 47.88
C ALA N 28 38.08 -21.97 47.28
N VAL N 29 37.26 -22.47 48.20
CA VAL N 29 36.07 -23.19 47.72
C VAL N 29 35.06 -22.07 47.48
N THR N 30 34.27 -22.10 46.43
CA THR N 30 33.25 -21.03 46.22
C THR N 30 31.90 -21.66 45.93
N SER N 31 30.87 -20.88 45.80
CA SER N 31 29.53 -21.43 45.58
C SER N 31 29.41 -22.15 44.26
N SER N 32 30.39 -22.04 43.41
CA SER N 32 30.31 -22.71 42.09
C SER N 32 30.91 -24.09 42.13
N ASN N 33 31.31 -24.49 43.32
CA ASN N 33 31.87 -25.80 43.64
C ASN N 33 30.75 -26.70 44.22
N CYS N 34 29.64 -26.07 44.51
CA CYS N 34 28.43 -26.72 45.02
C CYS N 34 28.73 -27.78 46.04
N ALA N 35 29.45 -27.43 47.07
CA ALA N 35 29.85 -28.37 48.12
C ALA N 35 28.65 -29.22 48.52
N ASN N 36 28.87 -30.51 48.60
CA ASN N 36 27.93 -31.56 48.99
C ASN N 36 28.57 -32.21 50.22
N TRP N 37 27.79 -32.71 51.12
CA TRP N 37 28.24 -33.41 52.34
C TRP N 37 27.44 -34.72 52.34
N VAL N 38 28.10 -35.81 52.51
CA VAL N 38 27.44 -37.14 52.49
C VAL N 38 27.83 -37.87 53.74
N GLN N 39 26.96 -38.67 54.30
CA GLN N 39 27.29 -39.37 55.55
C GLN N 39 27.30 -40.85 55.31
N GLU N 40 28.23 -41.58 55.82
CA GLU N 40 28.28 -43.01 55.68
C GLU N 40 28.15 -43.64 57.06
N LYS N 41 27.09 -44.35 57.32
CA LYS N 41 26.85 -45.03 58.62
C LYS N 41 27.31 -46.45 58.32
N PRO N 42 27.53 -47.28 59.30
CA PRO N 42 27.98 -48.68 59.06
C PRO N 42 26.87 -49.45 58.35
N ASP N 43 27.42 -50.25 57.45
CA ASP N 43 26.75 -51.13 56.54
C ASP N 43 26.74 -50.51 55.14
N HIS N 44 27.73 -49.73 54.79
CA HIS N 44 27.67 -49.12 53.43
C HIS N 44 26.36 -48.38 53.21
N PHE N 45 25.94 -47.62 54.21
CA PHE N 45 24.70 -46.84 54.26
C PHE N 45 24.94 -45.36 53.95
N PHE N 46 24.61 -44.89 52.76
CA PHE N 46 24.85 -43.50 52.39
C PHE N 46 23.55 -42.73 52.29
N THR N 47 23.59 -41.50 52.74
CA THR N 47 22.58 -40.50 52.74
C THR N 47 23.20 -39.13 52.39
N GLY N 48 22.51 -38.28 51.71
CA GLY N 48 23.04 -36.92 51.43
C GLY N 48 22.40 -36.00 52.48
N LEU N 49 23.20 -35.12 53.00
CA LEU N 49 22.94 -34.14 54.03
C LEU N 49 22.69 -32.75 53.44
N ILE N 50 23.66 -32.13 52.83
CA ILE N 50 23.71 -30.83 52.20
C ILE N 50 24.18 -30.85 50.77
N GLY N 51 23.68 -29.96 49.95
CA GLY N 51 24.06 -29.88 48.53
C GLY N 51 24.08 -28.42 48.14
N ASP N 52 24.87 -28.12 47.15
CA ASP N 52 24.92 -26.71 46.68
C ASP N 52 25.24 -25.81 47.86
N THR N 53 26.23 -26.21 48.62
CA THR N 53 26.80 -25.57 49.76
C THR N 53 25.99 -25.54 51.05
N ASN N 54 24.75 -25.12 50.91
CA ASN N 54 23.88 -25.00 52.06
C ASN N 54 22.46 -25.48 51.90
N ASN N 55 22.14 -26.37 51.02
CA ASN N 55 20.77 -26.85 50.87
C ASN N 55 20.71 -28.17 51.63
N ARG N 56 19.93 -28.28 52.67
CA ARG N 56 19.81 -29.52 53.44
C ARG N 56 18.86 -30.48 52.77
N ARG N 57 19.28 -31.70 52.52
CA ARG N 57 18.45 -32.74 51.85
C ARG N 57 17.21 -32.80 52.70
N SER N 58 16.14 -33.32 52.21
CA SER N 58 14.87 -33.35 53.00
C SER N 58 14.94 -34.55 53.91
N GLY N 59 14.55 -34.32 55.14
CA GLY N 59 14.53 -35.31 56.21
C GLY N 59 15.84 -35.48 56.96
N VAL N 60 16.74 -34.52 56.89
CA VAL N 60 18.05 -34.45 57.53
C VAL N 60 17.76 -33.43 58.65
N PRO N 61 18.07 -33.82 59.86
CA PRO N 61 17.81 -32.94 61.01
C PRO N 61 18.42 -31.58 60.80
N ALA N 62 17.87 -30.55 61.38
CA ALA N 62 18.32 -29.17 61.32
C ALA N 62 19.61 -28.88 62.05
N ARG N 63 20.08 -29.78 62.85
CA ARG N 63 21.32 -29.61 63.62
C ARG N 63 22.45 -29.55 62.60
N PHE N 64 22.16 -29.93 61.37
CA PHE N 64 23.11 -29.92 60.26
C PHE N 64 22.91 -28.73 59.32
N SER N 65 24.02 -28.01 59.15
CA SER N 65 23.98 -26.83 58.24
C SER N 65 25.33 -26.74 57.54
N GLY N 66 25.36 -26.23 56.34
CA GLY N 66 26.60 -26.14 55.57
C GLY N 66 26.83 -24.66 55.31
N SER N 67 28.07 -24.34 54.96
CA SER N 67 28.40 -22.93 54.67
C SER N 67 29.83 -22.88 54.15
N LEU N 68 30.24 -21.67 53.87
CA LEU N 68 31.65 -21.51 53.39
C LEU N 68 32.23 -20.67 54.53
N ILE N 69 33.33 -21.11 55.05
CA ILE N 69 34.00 -20.39 56.14
C ILE N 69 35.41 -20.14 55.63
N GLY N 70 35.75 -18.88 55.42
CA GLY N 70 37.11 -18.63 54.90
C GLY N 70 37.07 -19.12 53.45
N ASP N 71 38.05 -19.90 53.09
CA ASP N 71 38.14 -20.42 51.72
C ASP N 71 37.77 -21.90 51.66
N LYS N 72 36.93 -22.31 52.62
CA LYS N 72 36.57 -23.76 52.53
C LYS N 72 35.13 -24.02 52.79
N ALA N 73 34.62 -25.18 52.43
CA ALA N 73 33.19 -25.49 52.69
C ALA N 73 33.14 -26.06 54.09
N ALA N 74 32.15 -25.81 54.90
CA ALA N 74 32.11 -26.37 56.27
C ALA N 74 30.74 -26.98 56.56
N LEU N 75 30.70 -27.96 57.43
CA LEU N 75 29.43 -28.63 57.83
C LEU N 75 29.35 -28.39 59.35
N THR N 76 28.33 -27.81 59.90
CA THR N 76 28.34 -27.66 61.38
C THR N 76 27.21 -28.53 61.92
N ILE N 77 27.50 -29.27 62.95
CA ILE N 77 26.52 -30.09 63.64
C ILE N 77 26.25 -29.31 64.94
N THR N 78 25.10 -28.73 65.07
CA THR N 78 24.79 -27.97 66.26
C THR N 78 23.95 -28.76 67.25
N GLY N 79 24.62 -29.35 68.21
CA GLY N 79 23.97 -30.17 69.24
C GLY N 79 24.31 -31.58 68.76
N ALA N 80 25.58 -31.87 68.53
CA ALA N 80 25.85 -33.21 67.98
C ALA N 80 25.16 -34.24 68.86
N GLN N 81 24.73 -35.32 68.29
CA GLN N 81 24.09 -36.47 68.90
C GLN N 81 24.92 -37.74 68.65
N THR N 82 24.67 -38.69 69.47
CA THR N 82 25.32 -40.01 69.49
C THR N 82 25.14 -40.68 68.16
N GLU N 83 24.02 -40.38 67.55
CA GLU N 83 23.58 -40.94 66.26
C GLU N 83 24.41 -40.36 65.14
N ASP N 84 25.06 -39.25 65.34
CA ASP N 84 25.85 -38.59 64.31
C ASP N 84 27.23 -39.22 64.19
N GLU N 85 27.52 -40.27 64.90
CA GLU N 85 28.88 -40.85 64.84
C GLU N 85 28.96 -41.59 63.53
N ALA N 86 29.75 -41.12 62.59
CA ALA N 86 29.85 -41.74 61.28
C ALA N 86 30.97 -41.10 60.48
N ILE N 87 31.05 -41.47 59.20
CA ILE N 87 32.07 -40.86 58.32
C ILE N 87 31.37 -39.85 57.42
N TYR N 88 31.82 -38.63 57.37
CA TYR N 88 31.26 -37.54 56.58
C TYR N 88 32.22 -37.24 55.44
N PHE N 89 31.74 -37.25 54.22
CA PHE N 89 32.56 -37.00 53.04
C PHE N 89 32.10 -35.70 52.38
N CYS N 90 33.02 -34.91 51.86
CA CYS N 90 32.56 -33.70 51.17
C CYS N 90 32.91 -33.99 49.67
N ALA N 91 32.16 -33.32 48.85
CA ALA N 91 32.36 -33.45 47.40
C ALA N 91 32.30 -32.00 46.88
N LEU N 92 33.14 -31.73 45.92
CA LEU N 92 33.27 -30.44 45.28
C LEU N 92 33.16 -30.60 43.77
N TRP N 93 32.47 -29.68 43.13
CA TRP N 93 32.32 -29.73 41.66
C TRP N 93 33.39 -28.88 41.00
N TYR N 94 33.95 -29.39 39.92
CA TYR N 94 35.00 -28.64 39.19
C TYR N 94 34.74 -28.53 37.70
N ASN N 95 33.69 -27.83 37.37
CA ASN N 95 33.30 -27.56 35.98
C ASN N 95 32.90 -28.74 35.13
N ASN N 96 33.43 -29.93 35.38
CA ASN N 96 33.09 -31.12 34.56
C ASN N 96 33.05 -32.45 35.32
N LEU N 97 33.60 -32.49 36.53
CA LEU N 97 33.60 -33.73 37.33
C LEU N 97 33.55 -33.41 38.81
N TRP N 98 33.33 -34.44 39.62
CA TRP N 98 33.25 -34.36 41.06
C TRP N 98 34.51 -34.99 41.68
N VAL N 99 34.93 -34.37 42.75
CA VAL N 99 36.07 -34.88 43.51
C VAL N 99 35.56 -34.99 44.95
N PHE N 100 35.76 -36.12 45.52
CA PHE N 100 35.32 -36.46 46.87
C PHE N 100 36.50 -36.27 47.80
N GLY N 101 36.27 -35.90 49.01
CA GLY N 101 37.31 -35.75 50.04
C GLY N 101 37.54 -37.12 50.65
N GLY N 102 38.51 -37.25 51.50
CA GLY N 102 38.89 -38.53 52.10
C GLY N 102 37.95 -39.01 53.19
N GLY N 103 37.10 -38.12 53.66
CA GLY N 103 36.10 -38.31 54.68
C GLY N 103 36.67 -38.05 56.06
N THR N 104 35.86 -37.60 56.97
CA THR N 104 36.21 -37.34 58.37
C THR N 104 35.50 -38.35 59.29
N LYS N 105 36.19 -39.15 60.06
CA LYS N 105 35.50 -40.07 60.97
C LYS N 105 35.09 -39.25 62.20
N LEU N 106 33.86 -39.05 62.49
CA LEU N 106 33.39 -38.32 63.65
C LEU N 106 32.88 -39.30 64.72
N THR N 107 33.35 -39.08 65.93
CA THR N 107 32.97 -39.87 67.10
C THR N 107 32.18 -39.01 68.07
N VAL N 108 30.99 -39.40 68.49
CA VAL N 108 30.20 -38.60 69.42
C VAL N 108 29.90 -39.36 70.70
N LEU N 109 30.20 -38.75 71.84
CA LEU N 109 29.96 -39.37 73.13
C LEU N 109 28.51 -39.81 73.28
N GLY N 110 28.30 -41.02 73.80
CA GLY N 110 26.97 -41.55 73.99
C GLY N 110 26.96 -43.06 74.02
N GLN N 111 25.78 -43.65 73.80
CA GLN N 111 25.63 -45.10 73.81
C GLN N 111 26.35 -45.73 74.99
N PRO N 112 25.63 -45.80 76.17
CA PRO N 112 26.37 -46.43 77.29
C PRO N 112 26.93 -47.80 76.92
N LYS N 113 28.10 -48.13 77.44
CA LYS N 113 28.74 -49.41 77.16
C LYS N 113 27.73 -50.55 77.24
N SER N 114 28.03 -51.65 76.55
CA SER N 114 27.14 -52.83 76.55
C SER N 114 28.00 -54.07 76.49
N SER N 115 27.82 -55.05 77.31
CA SER N 115 28.65 -56.26 77.36
C SER N 115 28.24 -57.15 76.21
N PRO N 116 29.16 -58.00 75.80
CA PRO N 116 28.85 -58.92 74.72
C PRO N 116 27.94 -60.05 75.21
N SER N 117 27.25 -60.58 74.25
CA SER N 117 26.37 -61.73 74.36
C SER N 117 27.13 -62.80 73.53
N VAL N 118 27.68 -63.72 74.25
CA VAL N 118 28.47 -64.86 73.79
C VAL N 118 27.70 -66.17 73.90
N THR N 119 27.82 -66.97 72.86
CA THR N 119 27.27 -68.28 72.67
C THR N 119 28.30 -69.16 71.92
N LEU N 120 28.47 -70.35 72.46
CA LEU N 120 29.40 -71.33 71.84
C LEU N 120 28.53 -72.52 71.42
N PHE N 121 28.66 -72.93 70.21
CA PHE N 121 27.91 -74.07 69.70
C PHE N 121 28.91 -75.21 69.44
N PRO N 122 28.44 -76.41 69.58
CA PRO N 122 29.21 -77.63 69.34
C PRO N 122 29.11 -77.94 67.85
N PRO N 123 30.04 -78.77 67.39
CA PRO N 123 30.02 -79.17 65.97
C PRO N 123 28.68 -79.89 65.83
N SER N 124 27.97 -79.61 64.76
CA SER N 124 26.70 -80.37 64.62
C SER N 124 27.12 -81.80 64.22
N SER N 125 26.15 -82.71 64.28
CA SER N 125 26.43 -84.12 63.98
C SER N 125 26.53 -84.43 62.51
N GLU N 126 25.83 -83.72 61.66
CA GLU N 126 25.86 -83.91 60.20
C GLU N 126 27.26 -83.56 59.68
N GLU N 127 27.91 -82.68 60.41
CA GLU N 127 29.24 -82.18 60.18
C GLU N 127 30.26 -83.17 60.77
N LEU N 128 29.87 -83.92 61.78
CA LEU N 128 30.81 -84.90 62.37
C LEU N 128 30.85 -86.16 61.50
N GLU N 129 29.94 -86.11 60.54
CA GLU N 129 29.72 -87.15 59.54
C GLU N 129 30.58 -86.87 58.32
N THR N 130 31.29 -85.77 58.39
CA THR N 130 32.21 -85.29 57.33
C THR N 130 33.65 -85.48 57.78
N ASN N 131 33.76 -85.91 59.04
CA ASN N 131 35.10 -86.13 59.64
C ASN N 131 35.68 -84.76 60.02
N LYS N 132 34.76 -83.83 60.30
CA LYS N 132 35.07 -82.47 60.70
C LYS N 132 34.18 -81.99 61.85
N ALA N 133 34.73 -81.07 62.61
CA ALA N 133 34.09 -80.44 63.78
C ALA N 133 34.53 -78.98 63.90
N THR N 134 33.54 -78.10 63.93
CA THR N 134 33.79 -76.64 64.05
C THR N 134 32.92 -76.08 65.15
N LEU N 135 33.60 -75.55 66.16
CA LEU N 135 32.99 -74.90 67.32
C LEU N 135 32.84 -73.41 66.88
N VAL N 136 31.65 -72.90 66.92
CA VAL N 136 31.36 -71.50 66.57
C VAL N 136 31.11 -70.70 67.83
N CYS N 137 31.85 -69.63 67.97
CA CYS N 137 31.62 -68.73 69.13
C CYS N 137 31.10 -67.41 68.54
N THR N 138 29.87 -67.09 68.89
CA THR N 138 29.25 -65.85 68.38
C THR N 138 29.25 -64.83 69.52
N ILE N 139 29.57 -63.59 69.21
CA ILE N 139 29.61 -62.49 70.16
C ILE N 139 28.89 -61.31 69.53
N THR N 140 27.81 -60.90 70.13
CA THR N 140 27.00 -59.78 69.59
C THR N 140 26.68 -58.75 70.62
N ASP N 141 26.17 -57.61 70.19
CA ASP N 141 25.76 -56.49 70.99
C ASP N 141 26.81 -55.94 71.94
N PHE N 142 28.05 -55.86 71.52
CA PHE N 142 29.04 -55.30 72.46
C PHE N 142 29.44 -53.92 71.98
N TYR N 143 29.78 -53.06 72.89
CA TYR N 143 30.20 -51.70 72.68
C TYR N 143 30.99 -51.30 73.94
N PRO N 144 32.14 -50.71 73.83
CA PRO N 144 32.87 -50.34 72.64
C PRO N 144 33.09 -51.52 71.74
N GLY N 145 33.30 -51.27 70.47
CA GLY N 145 33.50 -52.40 69.54
C GLY N 145 34.86 -53.00 69.47
N VAL N 146 35.44 -53.47 70.56
CA VAL N 146 36.77 -54.09 70.55
C VAL N 146 36.73 -55.28 71.51
N VAL N 147 37.11 -56.47 71.12
CA VAL N 147 37.17 -57.64 71.97
C VAL N 147 38.43 -58.49 71.62
N THR N 148 38.62 -59.35 72.61
CA THR N 148 39.70 -60.34 72.58
C THR N 148 39.01 -61.69 72.78
N VAL N 149 39.24 -62.59 71.83
CA VAL N 149 38.63 -63.92 71.92
C VAL N 149 39.76 -64.95 72.05
N ASP N 150 39.68 -65.75 73.07
CA ASP N 150 40.68 -66.79 73.33
C ASP N 150 39.96 -68.11 73.60
N TRP N 151 40.44 -69.08 72.90
CA TRP N 151 39.96 -70.46 72.93
C TRP N 151 40.84 -71.32 73.83
N LYS N 152 40.24 -72.25 74.51
CA LYS N 152 40.95 -73.18 75.39
C LYS N 152 40.36 -74.58 75.41
N VAL N 153 41.10 -75.43 74.68
CA VAL N 153 40.79 -76.84 74.54
C VAL N 153 41.48 -77.50 75.75
N ASP N 154 40.67 -78.24 76.43
CA ASP N 154 41.03 -79.02 77.60
C ASP N 154 41.88 -78.32 78.63
N GLY N 155 41.74 -77.02 78.76
CA GLY N 155 42.54 -76.28 79.76
C GLY N 155 43.70 -75.54 79.10
N THR N 156 44.01 -75.99 77.89
CA THR N 156 45.08 -75.43 77.10
C THR N 156 44.69 -74.54 75.93
N PRO N 157 45.21 -73.33 76.06
CA PRO N 157 45.03 -72.27 75.08
C PRO N 157 45.33 -72.84 73.69
N VAL N 158 44.25 -72.88 72.91
CA VAL N 158 44.48 -73.36 71.52
C VAL N 158 45.22 -72.15 70.94
N THR N 159 45.92 -72.34 69.84
CA THR N 159 46.69 -71.18 69.30
C THR N 159 46.75 -71.23 67.78
N GLN N 160 46.31 -72.38 67.29
CA GLN N 160 46.22 -72.69 65.85
C GLN N 160 44.85 -73.36 65.66
N GLY N 161 44.16 -73.01 64.58
CA GLY N 161 42.84 -73.58 64.30
C GLY N 161 41.71 -72.57 64.37
N MET N 162 41.93 -71.51 65.11
CA MET N 162 40.99 -70.43 65.30
C MET N 162 41.16 -69.31 64.28
N GLU N 163 40.04 -68.68 64.02
CA GLU N 163 39.83 -67.53 63.15
C GLU N 163 38.72 -66.67 63.77
N THR N 164 39.02 -65.43 63.95
CA THR N 164 38.08 -64.46 64.52
C THR N 164 37.84 -63.33 63.54
N THR N 165 36.59 -63.07 63.18
CA THR N 165 36.27 -62.00 62.24
C THR N 165 36.59 -60.68 62.92
N GLN N 166 36.44 -59.66 62.13
CA GLN N 166 36.65 -58.28 62.64
C GLN N 166 35.29 -57.76 63.10
N PRO N 167 35.29 -57.01 64.17
CA PRO N 167 34.04 -56.46 64.68
C PRO N 167 33.34 -55.76 63.52
N SER N 168 32.07 -56.04 63.33
CA SER N 168 31.20 -55.46 62.28
C SER N 168 30.12 -54.70 63.06
N LYS N 169 29.75 -53.53 62.61
CA LYS N 169 28.75 -52.69 63.23
C LYS N 169 27.32 -53.17 62.97
N GLN N 170 26.57 -53.39 64.03
CA GLN N 170 25.16 -53.77 63.81
C GLN N 170 24.40 -52.43 63.64
N SER N 171 23.13 -52.58 63.37
CA SER N 171 22.16 -51.48 63.14
C SER N 171 22.04 -50.58 64.34
N ASN N 172 21.89 -51.18 65.52
CA ASN N 172 21.76 -50.38 66.75
C ASN N 172 23.06 -49.67 67.05
N ASN N 173 24.11 -49.90 66.29
CA ASN N 173 25.40 -49.24 66.49
C ASN N 173 26.36 -49.85 67.52
N LYS N 174 26.09 -51.06 67.87
CA LYS N 174 26.83 -51.96 68.76
C LYS N 174 27.63 -52.85 67.83
N TYR N 175 28.43 -53.79 68.23
CA TYR N 175 29.16 -54.58 67.22
C TYR N 175 28.91 -56.06 67.47
N MET N 176 29.40 -56.83 66.55
CA MET N 176 29.35 -58.28 66.55
C MET N 176 30.62 -58.85 65.92
N ALA N 177 30.81 -60.14 66.19
CA ALA N 177 31.99 -60.86 65.67
C ALA N 177 31.76 -62.31 66.08
N SER N 178 32.36 -63.19 65.37
CA SER N 178 32.29 -64.63 65.64
C SER N 178 33.74 -65.16 65.42
N SER N 179 34.05 -66.21 66.11
CA SER N 179 35.32 -66.91 66.08
C SER N 179 35.00 -68.38 65.85
N TYR N 180 35.84 -68.99 65.04
CA TYR N 180 35.72 -70.39 64.65
C TYR N 180 36.98 -71.14 65.08
N LEU N 181 36.82 -72.33 65.60
CA LEU N 181 37.86 -73.26 66.01
C LEU N 181 37.49 -74.56 65.25
N THR N 182 38.24 -74.88 64.24
CA THR N 182 38.06 -76.06 63.45
C THR N 182 39.07 -77.17 63.87
N LEU N 183 38.48 -78.26 64.22
CA LEU N 183 39.17 -79.49 64.62
C LEU N 183 38.80 -80.49 63.51
N THR N 184 39.18 -81.71 63.78
CA THR N 184 38.88 -82.83 62.85
C THR N 184 37.83 -83.66 63.61
N ALA N 185 37.12 -84.46 62.85
CA ALA N 185 36.10 -85.29 63.51
C ALA N 185 36.79 -85.79 64.79
N ARG N 186 38.00 -86.28 64.56
CA ARG N 186 38.92 -86.90 65.49
C ARG N 186 39.52 -86.04 66.58
N ALA N 187 40.03 -84.88 66.20
CA ALA N 187 40.59 -84.00 67.24
C ALA N 187 39.43 -83.79 68.23
N TRP N 188 38.24 -83.66 67.64
CA TRP N 188 37.00 -83.44 68.36
C TRP N 188 36.80 -84.44 69.51
N GLU N 189 36.73 -85.68 69.10
CA GLU N 189 36.49 -86.82 69.99
C GLU N 189 37.58 -87.06 71.01
N ARG N 190 38.74 -86.50 70.75
CA ARG N 190 39.91 -86.65 71.63
C ARG N 190 39.75 -85.81 72.89
N HIS N 191 40.00 -84.52 72.74
CA HIS N 191 39.92 -83.58 73.87
C HIS N 191 38.49 -83.59 74.39
N SER N 192 38.28 -83.05 75.58
CA SER N 192 36.97 -83.04 76.22
C SER N 192 36.38 -81.73 76.67
N SER N 193 37.12 -80.66 76.90
CA SER N 193 36.56 -79.38 77.34
C SER N 193 36.96 -78.25 76.41
N TYR N 194 35.94 -77.64 75.83
CA TYR N 194 36.19 -76.51 74.91
C TYR N 194 35.66 -75.26 75.58
N SER N 195 36.31 -74.15 75.30
CA SER N 195 35.83 -72.91 75.97
C SER N 195 36.23 -71.71 75.14
N CYS N 196 35.29 -70.80 74.97
CA CYS N 196 35.51 -69.56 74.18
C CYS N 196 35.47 -68.41 75.18
N GLN N 197 36.59 -67.73 75.33
CA GLN N 197 36.71 -66.66 76.33
C GLN N 197 36.77 -65.34 75.58
N VAL N 198 35.87 -64.47 75.98
CA VAL N 198 35.76 -63.15 75.37
C VAL N 198 36.02 -62.07 76.40
N THR N 199 36.98 -61.24 76.09
CA THR N 199 37.36 -60.14 77.00
C THR N 199 36.81 -58.83 76.48
N HIS N 200 35.96 -58.15 77.24
CA HIS N 200 35.43 -56.86 76.74
C HIS N 200 35.41 -55.86 77.86
N GLU N 201 35.76 -54.62 77.55
CA GLU N 201 35.88 -53.53 78.50
C GLU N 201 35.99 -54.06 79.92
N GLY N 202 37.11 -54.74 80.10
CA GLY N 202 37.67 -55.36 81.25
C GLY N 202 37.10 -56.61 81.87
N HIS N 203 35.85 -56.90 81.58
CA HIS N 203 35.22 -58.11 82.16
C HIS N 203 35.47 -59.23 81.18
N THR N 204 35.46 -60.43 81.70
CA THR N 204 35.66 -61.61 80.86
C THR N 204 34.39 -62.47 80.98
N VAL N 205 34.13 -63.12 79.86
CA VAL N 205 33.00 -64.02 79.66
C VAL N 205 33.57 -65.26 78.96
N GLU N 206 33.38 -66.35 79.64
CA GLU N 206 33.82 -67.69 79.24
C GLU N 206 32.57 -68.53 79.06
N LYS N 207 32.46 -69.12 77.89
CA LYS N 207 31.36 -70.01 77.53
C LYS N 207 32.00 -71.34 77.14
N SER N 208 31.72 -72.34 77.97
CA SER N 208 32.26 -73.69 77.79
C SER N 208 31.20 -74.73 77.54
N LEU N 209 31.67 -75.63 76.69
CA LEU N 209 30.87 -76.78 76.24
C LEU N 209 31.55 -78.00 76.86
N SER N 210 30.78 -79.05 76.93
CA SER N 210 31.24 -80.33 77.46
C SER N 210 30.59 -81.47 76.67
N ARG N 211 31.52 -82.04 75.94
CA ARG N 211 31.35 -83.18 75.04
C ARG N 211 31.02 -84.44 75.83
N GLN O 1 -59.55 -45.70 39.38
CA GLN O 1 -60.04 -45.32 40.72
C GLN O 1 -60.79 -43.99 40.66
N ALA O 2 -61.43 -43.76 39.53
CA ALA O 2 -62.28 -42.61 39.21
C ALA O 2 -63.34 -43.12 38.22
N VAL O 3 -64.53 -42.60 38.29
CA VAL O 3 -65.61 -43.08 37.42
C VAL O 3 -66.20 -41.95 36.60
N VAL O 4 -66.01 -42.01 35.29
CA VAL O 4 -66.57 -40.98 34.39
C VAL O 4 -67.99 -41.44 34.06
N THR O 5 -68.94 -40.56 34.16
CA THR O 5 -70.37 -40.83 33.87
C THR O 5 -70.94 -39.97 32.74
N GLN O 6 -71.69 -40.60 31.84
CA GLN O 6 -72.29 -39.87 30.71
C GLN O 6 -73.76 -40.25 30.54
N GLU O 7 -74.49 -39.36 29.90
CA GLU O 7 -75.92 -39.67 29.66
C GLU O 7 -75.91 -40.95 28.86
N SER O 8 -76.90 -41.76 29.03
CA SER O 8 -77.08 -43.05 28.43
C SER O 8 -77.51 -42.99 27.00
N ALA O 9 -78.50 -42.18 26.74
CA ALA O 9 -79.00 -42.02 25.36
C ALA O 9 -79.64 -40.65 25.33
N LEU O 10 -79.58 -39.99 24.19
CA LEU O 10 -80.17 -38.69 23.91
C LEU O 10 -80.69 -38.77 22.45
N THR O 11 -81.87 -38.22 22.28
CA THR O 11 -82.56 -38.19 21.02
C THR O 11 -82.77 -36.74 20.61
N THR O 12 -82.48 -36.32 19.42
CA THR O 12 -82.67 -34.96 18.94
C THR O 12 -83.15 -35.06 17.50
N SER O 13 -83.41 -33.94 16.90
CA SER O 13 -83.92 -33.84 15.52
C SER O 13 -82.87 -33.05 14.73
N PRO O 14 -82.81 -33.28 13.45
CA PRO O 14 -81.88 -32.54 12.60
C PRO O 14 -82.09 -31.07 12.87
N GLY O 15 -81.07 -30.25 12.90
CA GLY O 15 -81.19 -28.81 13.12
C GLY O 15 -81.16 -28.38 14.55
N GLU O 16 -81.33 -29.29 15.52
CA GLU O 16 -81.29 -28.84 16.92
C GLU O 16 -79.89 -28.76 17.50
N THR O 17 -79.82 -28.14 18.67
CA THR O 17 -78.61 -28.01 19.47
C THR O 17 -78.72 -28.98 20.64
N VAL O 18 -77.78 -29.88 20.78
CA VAL O 18 -77.83 -30.86 21.87
C VAL O 18 -76.53 -30.87 22.65
N THR O 19 -76.54 -31.05 23.97
CA THR O 19 -75.37 -31.06 24.79
C THR O 19 -75.16 -32.38 25.48
N LEU O 20 -73.98 -32.95 25.38
CA LEU O 20 -73.71 -34.19 26.09
C LEU O 20 -72.73 -33.76 27.19
N THR O 21 -72.85 -34.46 28.30
CA THR O 21 -71.95 -34.12 29.42
C THR O 21 -71.20 -35.36 29.86
N CYS O 22 -70.15 -35.06 30.56
CA CYS O 22 -69.15 -35.98 31.12
C CYS O 22 -68.81 -35.60 32.56
N ARG O 23 -69.26 -36.38 33.52
CA ARG O 23 -69.05 -36.15 34.93
C ARG O 23 -68.03 -37.05 35.58
N SER O 24 -67.22 -36.47 36.43
CA SER O 24 -66.18 -37.26 37.14
C SER O 24 -66.65 -37.53 38.56
N ASN O 25 -66.50 -38.72 39.06
CA ASN O 25 -66.90 -39.11 40.39
C ASN O 25 -66.04 -38.49 41.47
N ILE O 26 -64.84 -38.05 41.18
CA ILE O 26 -63.95 -37.48 42.19
C ILE O 26 -64.13 -36.01 42.43
N GLY O 27 -64.60 -35.25 41.47
CA GLY O 27 -64.80 -33.81 41.69
C GLY O 27 -65.15 -33.13 40.39
N ALA O 28 -65.09 -31.82 40.36
CA ALA O 28 -65.41 -31.08 39.13
C ALA O 28 -64.36 -31.50 38.10
N VAL O 29 -64.81 -31.40 36.85
CA VAL O 29 -63.85 -31.71 35.78
C VAL O 29 -63.10 -30.41 35.57
N THR O 30 -61.80 -30.40 35.37
CA THR O 30 -61.07 -29.13 35.12
C THR O 30 -60.20 -29.27 33.89
N SER O 31 -59.54 -28.21 33.48
CA SER O 31 -58.73 -28.26 32.26
C SER O 31 -57.57 -29.20 32.37
N SER O 32 -57.28 -29.69 33.55
CA SER O 32 -56.13 -30.58 33.73
C SER O 32 -56.51 -32.03 33.59
N ASN O 33 -57.77 -32.23 33.22
CA ASN O 33 -58.39 -33.54 32.94
C ASN O 33 -58.41 -33.77 31.41
N CYS O 34 -58.09 -32.71 30.70
CA CYS O 34 -57.98 -32.72 29.23
C CYS O 34 -59.08 -33.51 28.58
N ALA O 35 -60.31 -33.20 28.88
CA ALA O 35 -61.46 -33.92 28.34
C ALA O 35 -61.28 -34.13 26.84
N ASN O 36 -61.53 -35.35 26.41
CA ASN O 36 -61.47 -35.83 25.03
C ASN O 36 -62.89 -36.33 24.74
N TRP O 37 -63.32 -36.25 23.53
CA TRP O 37 -64.63 -36.74 23.08
C TRP O 37 -64.32 -37.60 21.85
N VAL O 38 -64.84 -38.78 21.80
CA VAL O 38 -64.56 -39.72 20.70
C VAL O 38 -65.90 -40.21 20.18
N GLN O 39 -66.00 -40.45 18.89
CA GLN O 39 -67.29 -40.88 18.32
C GLN O 39 -67.16 -42.26 17.77
N GLU O 40 -68.09 -43.13 17.97
CA GLU O 40 -68.07 -44.46 17.42
C GLU O 40 -69.25 -44.62 16.47
N LYS O 41 -68.99 -44.79 15.20
CA LYS O 41 -70.05 -44.98 14.17
C LYS O 41 -70.08 -46.49 14.02
N PRO O 42 -71.09 -47.06 13.42
CA PRO O 42 -71.16 -48.54 13.26
C PRO O 42 -70.05 -48.99 12.32
N ASP O 43 -69.57 -50.13 12.76
CA ASP O 43 -68.48 -50.92 12.20
C ASP O 43 -67.23 -50.71 13.05
N HIS O 44 -67.36 -50.47 14.33
CA HIS O 44 -66.11 -50.26 15.12
C HIS O 44 -65.26 -49.17 14.50
N PHE O 45 -65.88 -48.07 14.09
CA PHE O 45 -65.29 -46.90 13.45
C PHE O 45 -65.07 -45.76 14.43
N PHE O 46 -63.84 -45.51 14.86
CA PHE O 46 -63.56 -44.46 15.82
C PHE O 46 -62.81 -43.31 15.19
N THR O 47 -63.16 -42.11 15.58
CA THR O 47 -62.62 -40.85 15.23
C THR O 47 -62.54 -39.95 16.48
N GLY O 48 -61.58 -39.11 16.59
CA GLY O 48 -61.52 -38.16 17.75
C GLY O 48 -62.07 -36.84 17.22
N LEU O 49 -62.87 -36.21 18.04
CA LEU O 49 -63.59 -34.98 17.86
C LEU O 49 -62.89 -33.81 18.51
N ILE O 50 -62.80 -33.77 19.81
CA ILE O 50 -62.20 -32.78 20.69
C ILE O 50 -61.17 -33.34 21.65
N GLY O 51 -60.17 -32.58 21.98
CA GLY O 51 -59.11 -33.00 22.90
C GLY O 51 -58.70 -31.81 23.74
N ASP O 52 -58.20 -32.09 24.91
CA ASP O 52 -57.74 -30.97 25.77
C ASP O 52 -58.89 -29.99 25.95
N THR O 53 -60.05 -30.53 26.23
CA THR O 53 -61.30 -29.87 26.51
C THR O 53 -62.03 -29.22 25.36
N ASN O 54 -61.29 -28.40 24.62
CA ASN O 54 -61.86 -27.68 23.52
C ASN O 54 -61.07 -27.62 22.23
N ASN O 55 -60.20 -28.52 21.94
CA ASN O 55 -59.42 -28.48 20.69
C ASN O 55 -60.13 -29.44 19.74
N ARG O 56 -60.65 -28.98 18.66
CA ARG O 56 -61.35 -29.83 17.68
C ARG O 56 -60.35 -30.52 16.77
N ARG O 57 -60.39 -31.83 16.66
CA ARG O 57 -59.46 -32.61 15.81
C ARG O 57 -59.61 -32.00 14.45
N SER O 58 -58.70 -32.18 13.56
CA SER O 58 -58.78 -31.53 12.22
C SER O 58 -59.66 -32.40 11.36
N GLY O 59 -60.54 -31.73 10.65
CA GLY O 59 -61.53 -32.33 9.75
C GLY O 59 -62.82 -32.78 10.41
N VAL O 60 -63.14 -32.28 11.58
CA VAL O 60 -64.33 -32.53 12.38
C VAL O 60 -65.11 -31.23 12.17
N PRO O 61 -66.34 -31.38 11.75
CA PRO O 61 -67.19 -30.21 11.44
C PRO O 61 -67.22 -29.29 12.63
N ALA O 62 -67.41 -28.01 12.42
CA ALA O 62 -67.50 -26.96 13.42
C ALA O 62 -68.75 -27.00 14.27
N ARG O 63 -69.73 -27.77 13.91
CA ARG O 63 -70.98 -27.88 14.66
C ARG O 63 -70.63 -28.50 16.00
N PHE O 64 -69.43 -29.06 16.11
CA PHE O 64 -68.93 -29.69 17.32
C PHE O 64 -67.94 -28.78 18.09
N SER O 65 -68.29 -28.61 19.35
CA SER O 65 -67.41 -27.77 20.22
C SER O 65 -67.44 -28.38 21.62
N GLY O 66 -66.38 -28.24 22.36
CA GLY O 66 -66.30 -28.81 23.71
C GLY O 66 -66.12 -27.65 24.66
N SER O 67 -66.38 -27.91 25.94
CA SER O 67 -66.23 -26.84 26.96
C SER O 67 -66.46 -27.46 28.32
N LEU O 68 -66.34 -26.62 29.31
CA LEU O 68 -66.59 -27.12 30.69
C LEU O 68 -67.83 -26.30 31.07
N ILE O 69 -68.83 -26.97 31.52
CA ILE O 69 -70.08 -26.29 31.93
C ILE O 69 -70.30 -26.72 33.38
N GLY O 70 -70.21 -25.79 34.29
CA GLY O 70 -70.40 -26.21 35.70
C GLY O 70 -69.13 -26.99 36.04
N ASP O 71 -69.34 -28.16 36.63
CA ASP O 71 -68.21 -29.00 37.03
C ASP O 71 -68.06 -30.19 36.08
N LYS O 72 -68.50 -29.99 34.85
CA LYS O 72 -68.33 -31.19 33.94
C LYS O 72 -67.88 -30.81 32.57
N ALA O 73 -67.38 -31.75 31.80
CA ALA O 73 -66.92 -31.42 30.41
C ALA O 73 -68.16 -31.56 29.55
N ALA O 74 -68.37 -30.75 28.54
CA ALA O 74 -69.58 -30.88 27.68
C ALA O 74 -69.21 -30.85 26.22
N LEU O 75 -69.99 -31.49 25.39
CA LEU O 75 -69.77 -31.51 23.91
C LEU O 75 -71.04 -30.88 23.33
N THR O 76 -71.02 -29.84 22.56
CA THR O 76 -72.30 -29.32 22.02
C THR O 76 -72.27 -29.55 20.52
N ILE O 77 -73.36 -30.05 19.99
CA ILE O 77 -73.53 -30.25 18.55
C ILE O 77 -74.49 -29.12 18.16
N THR O 78 -74.04 -28.14 17.45
CA THR O 78 -74.88 -27.02 17.06
C THR O 78 -75.38 -27.17 15.63
N GLY O 79 -76.58 -27.70 15.52
CA GLY O 79 -77.20 -27.92 14.20
C GLY O 79 -77.02 -29.44 14.02
N ALA O 80 -77.44 -30.22 15.00
CA ALA O 80 -77.16 -31.66 14.84
C ALA O 80 -77.65 -32.10 13.48
N GLN O 81 -77.01 -33.05 12.88
CA GLN O 81 -77.28 -33.67 11.61
C GLN O 81 -77.53 -35.18 11.80
N THR O 82 -78.18 -35.72 10.83
CA THR O 82 -78.56 -37.14 10.76
C THR O 82 -77.35 -38.00 10.85
N GLU O 83 -76.26 -37.49 10.35
CA GLU O 83 -74.96 -38.15 10.28
C GLU O 83 -74.35 -38.22 11.65
N ASP O 84 -74.78 -37.42 12.59
CA ASP O 84 -74.23 -37.40 13.94
C ASP O 84 -74.81 -38.51 14.79
N GLU O 85 -75.62 -39.37 14.26
CA GLU O 85 -76.26 -40.41 15.11
C GLU O 85 -75.18 -41.44 15.38
N ALA O 86 -74.71 -41.55 16.60
CA ALA O 86 -73.66 -42.47 16.94
C ALA O 86 -73.46 -42.53 18.45
N ILE O 87 -72.40 -43.21 18.87
CA ILE O 87 -72.08 -43.27 20.31
C ILE O 87 -70.91 -42.34 20.57
N TYR O 88 -71.02 -41.44 21.51
CA TYR O 88 -70.01 -40.45 21.88
C TYR O 88 -69.45 -40.84 23.24
N PHE O 89 -68.17 -40.98 23.35
CA PHE O 89 -67.51 -41.37 24.61
C PHE O 89 -66.65 -40.21 25.09
N CYS O 90 -66.60 -39.97 26.38
CA CYS O 90 -65.70 -38.90 26.86
C CYS O 90 -64.58 -39.67 27.61
N ALA O 91 -63.47 -39.01 27.65
CA ALA O 91 -62.30 -39.57 28.35
C ALA O 91 -61.74 -38.40 29.17
N LEU O 92 -61.30 -38.70 30.35
CA LEU O 92 -60.73 -37.77 31.30
C LEU O 92 -59.36 -38.26 31.76
N TRP O 93 -58.42 -37.35 31.89
CA TRP O 93 -57.07 -37.71 32.35
C TRP O 93 -56.96 -37.51 33.85
N TYR O 94 -56.32 -38.45 34.51
CA TYR O 94 -56.14 -38.37 35.98
C TYR O 94 -54.72 -38.55 36.43
N ASN O 95 -53.88 -37.63 36.05
CA ASN O 95 -52.47 -37.60 36.43
C ASN O 95 -51.58 -38.72 35.94
N ASN O 96 -52.12 -39.91 35.71
CA ASN O 96 -51.30 -41.06 35.25
C ASN O 96 -52.01 -42.03 34.31
N LEU O 97 -53.34 -41.96 34.23
CA LEU O 97 -54.10 -42.87 33.35
C LEU O 97 -55.36 -42.17 32.85
N TRP O 98 -56.01 -42.80 31.86
CA TRP O 98 -57.22 -42.35 31.25
C TRP O 98 -58.40 -43.21 31.71
N VAL O 99 -59.52 -42.54 31.89
CA VAL O 99 -60.76 -43.22 32.25
C VAL O 99 -61.77 -42.76 31.21
N PHE O 100 -62.43 -43.70 30.62
CA PHE O 100 -63.41 -43.49 29.57
C PHE O 100 -64.77 -43.53 30.20
N GLY O 101 -65.71 -42.81 29.70
CA GLY O 101 -67.11 -42.79 30.16
C GLY O 101 -67.82 -43.94 29.48
N GLY O 102 -69.04 -44.20 29.84
CA GLY O 102 -69.82 -45.33 29.33
C GLY O 102 -70.33 -45.13 27.91
N GLY O 103 -70.29 -43.89 27.44
CA GLY O 103 -70.72 -43.44 26.15
C GLY O 103 -72.18 -43.06 26.15
N THR O 104 -72.57 -42.12 25.33
CA THR O 104 -73.95 -41.66 25.15
C THR O 104 -74.46 -42.06 23.76
N LYS O 105 -75.50 -42.83 23.63
CA LYS O 105 -76.03 -43.17 22.29
C LYS O 105 -76.85 -41.97 21.84
N LEU O 106 -76.51 -41.25 20.82
CA LEU O 106 -77.26 -40.14 20.31
C LEU O 106 -78.00 -40.54 19.03
N THR O 107 -79.28 -40.21 19.01
CA THR O 107 -80.17 -40.48 17.87
C THR O 107 -80.58 -39.16 17.24
N VAL O 108 -80.39 -38.96 15.93
CA VAL O 108 -80.78 -37.71 15.28
C VAL O 108 -81.80 -37.97 14.18
N LEU O 109 -82.90 -37.23 14.22
CA LEU O 109 -83.96 -37.36 13.22
C LEU O 109 -83.41 -37.18 11.81
N GLY O 110 -83.83 -38.05 10.89
CA GLY O 110 -83.39 -37.98 9.52
C GLY O 110 -83.48 -39.31 8.81
N GLN O 111 -82.75 -39.45 7.71
CA GLN O 111 -82.76 -40.68 6.93
C GLN O 111 -84.17 -41.21 6.74
N PRO O 112 -84.86 -40.72 5.64
CA PRO O 112 -86.22 -41.25 5.50
C PRO O 112 -86.23 -42.78 5.48
N LYS O 113 -87.28 -43.38 6.05
CA LYS O 113 -87.39 -44.84 6.09
C LYS O 113 -87.05 -45.45 4.74
N SER O 114 -86.64 -46.72 4.77
CA SER O 114 -86.27 -47.44 3.53
C SER O 114 -86.69 -48.89 3.68
N SER O 115 -87.38 -49.48 2.76
CA SER O 115 -87.87 -50.85 2.85
C SER O 115 -86.72 -51.80 2.61
N PRO O 116 -86.84 -52.99 3.12
CA PRO O 116 -85.80 -53.97 2.91
C PRO O 116 -85.85 -54.51 1.47
N SER O 117 -84.70 -54.99 1.08
CA SER O 117 -84.44 -55.66 -0.18
C SER O 117 -84.13 -57.10 0.28
N VAL O 118 -85.07 -57.94 0.02
CA VAL O 118 -85.10 -59.37 0.32
C VAL O 118 -84.89 -60.23 -0.93
N THR O 119 -84.09 -61.26 -0.76
CA THR O 119 -83.72 -62.27 -1.70
C THR O 119 -83.59 -63.61 -0.98
N LEU O 120 -84.22 -64.61 -1.59
CA LEU O 120 -84.17 -65.98 -1.05
C LEU O 120 -83.45 -66.83 -2.10
N PHE O 121 -82.47 -67.57 -1.69
CA PHE O 121 -81.72 -68.42 -2.58
C PHE O 121 -82.03 -69.88 -2.19
N PRO O 122 -81.99 -70.74 -3.17
CA PRO O 122 -82.22 -72.19 -3.00
C PRO O 122 -80.87 -72.80 -2.60
N PRO O 123 -80.96 -74.01 -2.06
CA PRO O 123 -79.72 -74.72 -1.67
C PRO O 123 -78.99 -74.90 -3.00
N SER O 124 -77.70 -74.66 -2.99
CA SER O 124 -77.01 -74.90 -4.29
C SER O 124 -76.93 -76.43 -4.44
N SER O 125 -76.57 -76.87 -5.63
CA SER O 125 -76.52 -78.31 -5.92
C SER O 125 -75.28 -79.00 -5.38
N GLU O 126 -74.17 -78.31 -5.27
CA GLU O 126 -72.92 -78.87 -4.73
C GLU O 126 -73.12 -79.21 -3.26
N GLU O 127 -74.03 -78.50 -2.64
CA GLU O 127 -74.44 -78.60 -1.26
C GLU O 127 -75.50 -79.71 -1.14
N LEU O 128 -76.24 -79.97 -2.20
CA LEU O 128 -77.25 -81.06 -2.13
C LEU O 128 -76.56 -82.40 -2.32
N GLU O 129 -75.29 -82.28 -2.63
CA GLU O 129 -74.36 -83.37 -2.86
C GLU O 129 -73.69 -83.75 -1.54
N THR O 130 -74.04 -83.02 -0.51
CA THR O 130 -73.53 -83.22 0.87
C THR O 130 -74.63 -83.80 1.73
N ASN O 131 -75.81 -83.90 1.12
CA ASN O 131 -76.99 -84.44 1.82
C ASN O 131 -77.54 -83.34 2.76
N LYS O 132 -77.28 -82.10 2.33
CA LYS O 132 -77.71 -80.89 3.02
C LYS O 132 -78.27 -79.84 2.05
N ALA O 133 -79.15 -79.02 2.59
CA ALA O 133 -79.83 -77.94 1.89
C ALA O 133 -80.08 -76.76 2.85
N THR O 134 -79.59 -75.60 2.45
CA THR O 134 -79.74 -74.37 3.25
C THR O 134 -80.26 -73.26 2.36
N LEU O 135 -81.42 -72.77 2.73
CA LEU O 135 -82.13 -71.67 2.06
C LEU O 135 -81.59 -70.40 2.78
N VAL O 136 -81.03 -69.49 2.04
CA VAL O 136 -80.50 -68.23 2.60
C VAL O 136 -81.45 -67.09 2.24
N CYS O 137 -81.88 -66.37 3.24
CA CYS O 137 -82.74 -65.20 3.00
C CYS O 137 -81.90 -63.98 3.42
N THR O 138 -81.59 -63.14 2.44
CA THR O 138 -80.80 -61.93 2.72
C THR O 138 -81.73 -60.73 2.70
N ILE O 139 -81.56 -59.83 3.64
CA ILE O 139 -82.36 -58.62 3.77
C ILE O 139 -81.41 -57.45 4.00
N THR O 140 -81.39 -56.53 3.08
CA THR O 140 -80.47 -55.38 3.15
C THR O 140 -81.16 -54.07 2.94
N ASP O 141 -80.48 -52.98 3.22
CA ASP O 141 -80.94 -51.62 3.08
C ASP O 141 -82.23 -51.27 3.77
N PHE O 142 -82.47 -51.78 4.96
CA PHE O 142 -83.74 -51.40 5.62
C PHE O 142 -83.43 -50.44 6.74
N TYR O 143 -84.35 -49.57 7.03
CA TYR O 143 -84.30 -48.56 8.06
C TYR O 143 -85.77 -48.18 8.34
N PRO O 144 -86.18 -48.11 9.57
CA PRO O 144 -85.48 -48.35 10.81
C PRO O 144 -84.86 -49.72 10.82
N GLY O 145 -83.84 -49.91 11.63
CA GLY O 145 -83.18 -51.22 11.65
C GLY O 145 -83.81 -52.28 12.49
N VAL O 146 -85.05 -52.63 12.30
CA VAL O 146 -85.71 -53.69 13.08
C VAL O 146 -86.61 -54.49 12.12
N VAL O 147 -86.50 -55.79 12.05
CA VAL O 147 -87.33 -56.63 11.21
C VAL O 147 -87.68 -57.96 11.97
N THR O 148 -88.67 -58.55 11.33
CA THR O 148 -89.22 -59.83 11.74
C THR O 148 -89.13 -60.73 10.52
N VAL O 149 -88.46 -61.87 10.69
CA VAL O 149 -88.32 -62.80 9.56
C VAL O 149 -89.02 -64.10 9.96
N ASP O 150 -89.92 -64.53 9.11
CA ASP O 150 -90.68 -65.76 9.33
C ASP O 150 -90.64 -66.60 8.04
N TRP O 151 -90.30 -67.83 8.29
CA TRP O 151 -90.16 -68.87 7.28
C TRP O 151 -91.41 -69.73 7.22
N LYS O 152 -91.78 -70.16 6.04
CA LYS O 152 -92.93 -71.03 5.83
C LYS O 152 -92.74 -72.06 4.71
N VAL O 153 -92.49 -73.27 5.23
CA VAL O 153 -92.29 -74.45 4.40
C VAL O 153 -93.72 -74.99 4.16
N ASP O 154 -93.97 -75.18 2.90
CA ASP O 154 -95.20 -75.71 2.36
C ASP O 154 -96.47 -75.13 2.92
N GLY O 155 -96.45 -73.90 3.35
CA GLY O 155 -97.68 -73.27 3.90
C GLY O 155 -97.62 -73.22 5.43
N THR O 156 -96.73 -74.04 5.97
CA THR O 156 -96.53 -74.14 7.39
C THR O 156 -95.27 -73.50 7.95
N PRO O 157 -95.57 -72.59 8.86
CA PRO O 157 -94.57 -71.83 9.60
C PRO O 157 -93.53 -72.80 10.15
N VAL O 158 -92.34 -72.63 9.59
CA VAL O 158 -91.25 -73.51 10.14
C VAL O 158 -91.04 -72.85 11.50
N THR O 159 -90.42 -73.55 12.42
CA THR O 159 -90.25 -72.95 13.78
C THR O 159 -88.96 -73.41 14.43
N GLN O 160 -88.39 -74.39 13.76
CA GLN O 160 -87.09 -75.00 14.15
C GLN O 160 -86.30 -75.14 12.84
N GLY O 161 -85.01 -74.85 12.89
CA GLY O 161 -84.16 -74.94 11.69
C GLY O 161 -83.62 -73.60 11.24
N MET O 162 -84.33 -72.55 11.58
CA MET O 162 -83.98 -71.18 11.24
C MET O 162 -83.12 -70.51 12.30
N GLU O 163 -82.31 -69.59 11.79
CA GLU O 163 -81.40 -68.71 12.50
C GLU O 163 -81.36 -67.38 11.75
N THR O 164 -81.60 -66.34 12.48
CA THR O 164 -81.60 -64.98 11.93
C THR O 164 -80.57 -64.13 12.65
N THR O 165 -79.65 -63.52 11.92
CA THR O 165 -78.60 -62.70 12.54
C THR O 165 -79.29 -61.46 13.09
N GLN O 166 -78.48 -60.69 13.76
CA GLN O 166 -78.95 -59.42 14.35
C GLN O 166 -78.67 -58.33 13.30
N PRO O 167 -79.58 -57.38 13.21
CA PRO O 167 -79.39 -56.30 12.25
C PRO O 167 -78.00 -55.70 12.49
N SER O 168 -77.23 -55.54 11.44
CA SER O 168 -75.88 -54.96 11.43
C SER O 168 -76.00 -53.67 10.61
N LYS O 169 -75.37 -52.62 11.01
CA LYS O 169 -75.38 -51.33 10.34
C LYS O 169 -74.49 -51.28 9.11
N GLN O 170 -75.08 -50.94 7.97
CA GLN O 170 -74.22 -50.81 6.78
C GLN O 170 -73.64 -49.38 6.84
N SER O 171 -72.80 -49.11 5.87
CA SER O 171 -72.07 -47.82 5.71
C SER O 171 -73.02 -46.66 5.51
N ASN O 172 -74.01 -46.84 4.64
CA ASN O 172 -74.99 -45.77 4.39
C ASN O 172 -75.84 -45.54 5.62
N ASN O 173 -75.69 -46.33 6.65
CA ASN O 173 -76.45 -46.17 7.90
C ASN O 173 -77.84 -46.81 7.96
N LYS O 174 -78.08 -47.70 7.06
CA LYS O 174 -79.26 -48.54 6.87
C LYS O 174 -78.89 -49.88 7.50
N TYR O 175 -79.66 -50.91 7.55
CA TYR O 175 -79.16 -52.14 8.18
C TYR O 175 -79.34 -53.31 7.22
N MET O 176 -78.81 -54.42 7.63
CA MET O 176 -78.86 -55.69 6.94
C MET O 176 -78.94 -56.84 7.96
N ALA O 177 -79.34 -57.98 7.42
CA ALA O 177 -79.49 -59.20 8.24
C ALA O 177 -79.81 -60.30 7.24
N SER O 178 -79.53 -61.50 7.62
CA SER O 178 -79.80 -62.68 6.80
C SER O 178 -80.33 -63.75 7.80
N SER O 179 -81.13 -64.62 7.29
CA SER O 179 -81.76 -65.73 7.99
C SER O 179 -81.48 -67.00 7.19
N TYR O 180 -81.21 -68.05 7.90
CA TYR O 180 -80.88 -69.36 7.33
C TYR O 180 -81.90 -70.38 7.81
N LEU O 181 -82.33 -71.25 6.95
CA LEU O 181 -83.24 -72.36 7.20
C LEU O 181 -82.47 -73.58 6.62
N THR O 182 -81.95 -74.40 7.49
CA THR O 182 -81.24 -75.58 7.14
C THR O 182 -82.15 -76.83 7.27
N LEU O 183 -82.23 -77.51 6.17
CA LEU O 183 -82.97 -78.76 6.00
C LEU O 183 -81.87 -79.80 5.71
N THR O 184 -82.35 -80.96 5.35
CA THR O 184 -81.45 -82.08 4.99
C THR O 184 -81.65 -82.24 3.48
N ALA O 185 -80.68 -82.89 2.87
CA ALA O 185 -80.81 -83.08 1.40
C ALA O 185 -82.29 -83.46 1.21
N ARG O 186 -82.69 -84.40 2.05
CA ARG O 186 -83.99 -85.05 2.12
C ARG O 186 -85.18 -84.23 2.53
N ALA O 187 -85.03 -83.48 3.61
CA ALA O 187 -86.18 -82.63 4.03
C ALA O 187 -86.46 -81.77 2.79
N TRP O 188 -85.37 -81.37 2.14
CA TRP O 188 -85.40 -80.51 0.97
C TRP O 188 -86.34 -81.04 -0.11
N GLU O 189 -86.02 -82.23 -0.56
CA GLU O 189 -86.74 -82.92 -1.62
C GLU O 189 -88.18 -83.28 -1.28
N ARG O 190 -88.48 -83.28 0.00
CA ARG O 190 -89.82 -83.63 0.50
C ARG O 190 -90.80 -82.49 0.22
N HIS O 191 -90.74 -81.48 1.07
CA HIS O 191 -91.64 -80.32 0.97
C HIS O 191 -91.40 -79.66 -0.40
N SER O 192 -92.31 -78.79 -0.80
CA SER O 192 -92.24 -78.13 -2.11
C SER O 192 -92.28 -76.62 -2.17
N SER O 193 -92.79 -75.89 -1.20
CA SER O 193 -92.84 -74.43 -1.25
C SER O 193 -92.16 -73.81 -0.04
N TYR O 194 -91.13 -73.03 -0.33
CA TYR O 194 -90.38 -72.35 0.74
C TYR O 194 -90.66 -70.86 0.62
N SER O 195 -90.67 -70.19 1.75
CA SER O 195 -90.96 -68.74 1.65
C SER O 195 -90.37 -68.02 2.85
N CYS O 196 -89.72 -66.91 2.58
CA CYS O 196 -89.08 -66.09 3.63
C CYS O 196 -89.88 -64.79 3.71
N GLN O 197 -90.51 -64.56 4.85
CA GLN O 197 -91.39 -63.39 5.00
C GLN O 197 -90.69 -62.44 5.95
N VAL O 198 -90.56 -61.22 5.47
CA VAL O 198 -89.91 -60.16 6.23
C VAL O 198 -90.89 -59.03 6.49
N THR O 199 -91.03 -58.72 7.75
CA THR O 199 -91.96 -57.65 8.17
C THR O 199 -91.17 -56.41 8.54
N HIS O 200 -91.40 -55.30 7.86
CA HIS O 200 -90.63 -54.08 8.23
C HIS O 200 -91.56 -52.89 8.20
N GLU O 201 -91.38 -51.99 9.16
CA GLU O 201 -92.21 -50.82 9.36
C GLU O 201 -93.54 -50.98 8.62
N GLY O 202 -94.28 -51.95 9.13
CA GLY O 202 -95.57 -52.43 8.82
C GLY O 202 -95.91 -53.16 7.56
N HIS O 203 -95.07 -53.03 6.56
CA HIS O 203 -95.34 -53.73 5.28
C HIS O 203 -94.66 -55.06 5.37
N THR O 204 -95.17 -56.01 4.62
CA THR O 204 -94.58 -57.35 4.58
C THR O 204 -94.12 -57.61 3.14
N VAL O 205 -93.06 -58.37 3.10
CA VAL O 205 -92.38 -58.81 1.88
C VAL O 205 -92.10 -60.30 2.07
N GLU O 206 -92.66 -61.04 1.14
CA GLU O 206 -92.59 -62.48 1.06
C GLU O 206 -91.86 -62.82 -0.25
N LYS O 207 -90.83 -63.61 -0.11
CA LYS O 207 -90.02 -64.09 -1.24
C LYS O 207 -90.06 -65.61 -1.16
N SER O 208 -90.71 -66.19 -2.17
CA SER O 208 -90.87 -67.63 -2.28
C SER O 208 -90.19 -68.24 -3.49
N LEU O 209 -89.73 -69.43 -3.18
CA LEU O 209 -89.00 -70.28 -4.14
C LEU O 209 -89.93 -71.45 -4.39
N SER O 210 -89.67 -72.09 -5.52
CA SER O 210 -90.43 -73.26 -5.95
C SER O 210 -89.48 -74.24 -6.64
N ARG O 211 -89.32 -75.29 -5.87
CA ARG O 211 -88.51 -76.46 -6.14
C ARG O 211 -89.11 -77.27 -7.28
N GLN P 1 -11.66 -18.32 -46.78
CA GLN P 1 -12.58 -17.45 -47.56
C GLN P 1 -12.09 -16.00 -47.52
N ALA P 2 -10.79 -15.85 -47.46
CA ALA P 2 -10.04 -14.58 -47.49
C ALA P 2 -8.69 -14.90 -48.16
N VAL P 3 -8.16 -13.98 -48.90
CA VAL P 3 -6.89 -14.23 -49.60
C VAL P 3 -5.84 -13.21 -49.24
N VAL P 4 -4.78 -13.66 -48.57
CA VAL P 4 -3.68 -12.78 -48.19
C VAL P 4 -2.73 -12.74 -49.38
N THR P 5 -2.30 -11.58 -49.79
CA THR P 5 -1.38 -11.36 -50.92
C THR P 5 -0.08 -10.68 -50.52
N GLN P 6 1.05 -11.18 -51.02
CA GLN P 6 2.35 -10.60 -50.71
C GLN P 6 3.19 -10.43 -51.97
N GLU P 7 4.15 -9.53 -51.89
CA GLU P 7 5.04 -9.34 -53.07
C GLU P 7 5.67 -10.69 -53.31
N SER P 8 5.96 -10.99 -54.52
CA SER P 8 6.50 -12.23 -55.01
C SER P 8 7.97 -12.38 -54.73
N ALA P 9 8.71 -11.36 -55.05
CA ALA P 9 10.15 -11.39 -54.80
C ALA P 9 10.56 -9.93 -54.68
N LEU P 10 11.57 -9.65 -53.87
CA LEU P 10 12.16 -8.35 -53.63
C LEU P 10 13.68 -8.61 -53.50
N THR P 11 14.42 -7.73 -54.11
CA THR P 11 15.86 -7.76 -54.14
C THR P 11 16.39 -6.49 -53.48
N THR P 12 17.31 -6.54 -52.57
CA THR P 12 17.89 -5.37 -51.91
C THR P 12 19.39 -5.65 -51.74
N SER P 13 20.10 -4.72 -51.20
CA SER P 13 21.55 -4.79 -50.99
C SER P 13 21.78 -4.67 -49.49
N PRO P 14 22.88 -5.23 -49.02
CA PRO P 14 23.19 -5.14 -47.58
C PRO P 14 23.13 -3.68 -47.21
N GLY P 15 22.64 -3.31 -46.04
CA GLY P 15 22.58 -1.93 -45.59
C GLY P 15 21.34 -1.18 -45.95
N GLU P 16 20.54 -1.68 -46.89
CA GLU P 16 19.32 -0.94 -47.24
C GLU P 16 18.14 -1.25 -46.33
N THR P 17 17.11 -0.41 -46.48
CA THR P 17 15.84 -0.55 -45.77
C THR P 17 14.81 -1.07 -46.79
N VAL P 18 14.19 -2.18 -46.50
CA VAL P 18 13.21 -2.77 -47.42
C VAL P 18 11.91 -3.06 -46.72
N THR P 19 10.75 -2.88 -47.36
CA THR P 19 9.46 -3.12 -46.76
C THR P 19 8.69 -4.20 -47.48
N LEU P 20 8.18 -5.16 -46.75
CA LEU P 20 7.37 -6.19 -47.38
C LEU P 20 5.96 -5.88 -46.87
N THR P 21 5.02 -6.19 -47.74
CA THR P 21 3.61 -5.92 -47.32
C THR P 21 2.81 -7.21 -47.46
N CYS P 22 1.70 -7.14 -46.79
CA CYS P 22 0.68 -8.19 -46.64
C CYS P 22 -0.72 -7.61 -46.80
N ARG P 23 -1.38 -7.89 -47.90
CA ARG P 23 -2.71 -7.39 -48.21
C ARG P 23 -3.81 -8.43 -48.07
N SER P 24 -4.92 -8.00 -47.51
CA SER P 24 -6.08 -8.89 -47.34
C SER P 24 -7.11 -8.61 -48.41
N ASN P 25 -7.67 -9.59 -49.02
CA ASN P 25 -8.67 -9.44 -50.07
C ASN P 25 -10.00 -8.94 -49.54
N ILE P 26 -10.31 -9.07 -48.28
CA ILE P 26 -11.58 -8.63 -47.73
C ILE P 26 -11.63 -7.18 -47.31
N GLY P 27 -10.53 -6.59 -46.97
CA GLY P 27 -10.55 -5.17 -46.55
C GLY P 27 -9.21 -4.76 -46.00
N ALA P 28 -9.14 -3.62 -45.35
CA ALA P 28 -7.89 -3.16 -44.77
C ALA P 28 -7.49 -4.19 -43.69
N VAL P 29 -6.19 -4.26 -43.49
CA VAL P 29 -5.73 -5.17 -42.43
C VAL P 29 -5.85 -4.34 -41.16
N THR P 30 -6.29 -4.88 -40.04
CA THR P 30 -6.36 -4.06 -38.79
C THR P 30 -5.71 -4.82 -37.66
N SER P 31 -5.61 -4.24 -36.50
CA SER P 31 -4.93 -4.89 -35.38
C SER P 31 -5.65 -6.14 -34.92
N SER P 32 -6.84 -6.37 -35.39
CA SER P 32 -7.60 -7.56 -34.96
C SER P 32 -7.36 -8.75 -35.86
N ASN P 33 -6.45 -8.55 -36.79
CA ASN P 33 -5.96 -9.56 -37.75
C ASN P 33 -4.63 -10.14 -37.25
N CYS P 34 -4.11 -9.50 -36.22
CA CYS P 34 -2.88 -9.93 -35.54
C CYS P 34 -1.82 -10.39 -36.49
N ALA P 35 -1.47 -9.58 -37.45
CA ALA P 35 -0.48 -9.93 -38.48
C ALA P 35 0.73 -10.57 -37.80
N ASN P 36 1.16 -11.68 -38.37
CA ASN P 36 2.32 -12.47 -37.98
C ASN P 36 3.24 -12.48 -39.21
N TRP P 37 4.50 -12.55 -39.02
CA TRP P 37 5.51 -12.61 -40.10
C TRP P 37 6.39 -13.81 -39.74
N VAL P 38 6.62 -14.68 -40.66
CA VAL P 38 7.41 -15.91 -40.41
C VAL P 38 8.48 -15.98 -41.46
N GLN P 39 9.64 -16.50 -41.13
CA GLN P 39 10.74 -16.53 -42.11
C GLN P 39 11.09 -17.96 -42.40
N GLU P 40 11.32 -18.33 -43.61
CA GLU P 40 11.73 -19.67 -43.97
C GLU P 40 13.11 -19.62 -44.59
N LYS P 41 14.10 -20.19 -43.94
CA LYS P 41 15.50 -20.23 -44.44
C LYS P 41 15.57 -21.60 -45.09
N PRO P 42 16.55 -21.90 -45.89
CA PRO P 42 16.65 -23.22 -46.54
C PRO P 42 16.90 -24.28 -45.48
N ASP P 43 16.23 -25.37 -45.80
CA ASP P 43 16.16 -26.61 -45.06
C ASP P 43 14.82 -26.68 -44.31
N HIS P 44 13.78 -26.09 -44.84
CA HIS P 44 12.50 -26.16 -44.07
C HIS P 44 12.69 -25.67 -42.65
N PHE P 45 13.40 -24.56 -42.48
CA PHE P 45 13.74 -23.89 -41.23
C PHE P 45 12.83 -22.72 -40.94
N PHE P 46 11.87 -22.84 -40.04
CA PHE P 46 10.95 -21.76 -39.74
C PHE P 46 11.21 -21.17 -38.36
N THR P 47 11.08 -19.87 -38.26
CA THR P 47 11.20 -19.03 -37.12
C THR P 47 10.11 -17.95 -37.17
N GLY P 48 9.59 -17.52 -36.07
CA GLY P 48 8.60 -16.41 -36.08
C GLY P 48 9.39 -15.16 -35.71
N LEU P 49 9.10 -14.09 -36.39
CA LEU P 49 9.67 -12.77 -36.34
C LEU P 49 8.82 -11.81 -35.53
N ILE P 50 7.63 -11.49 -35.96
CA ILE P 50 6.63 -10.59 -35.41
C ILE P 50 5.27 -11.24 -35.24
N GLY P 51 4.53 -10.84 -34.24
CA GLY P 51 3.19 -11.38 -33.97
C GLY P 51 2.32 -10.26 -33.44
N ASP P 52 1.04 -10.40 -33.66
CA ASP P 52 0.13 -9.34 -33.14
C ASP P 52 0.57 -7.99 -33.69
N THR P 53 0.86 -7.96 -34.96
CA THR P 53 1.25 -6.85 -35.77
C THR P 53 2.64 -6.29 -35.59
N ASN P 54 2.97 -6.03 -34.33
CA ASN P 54 4.25 -5.45 -34.00
C ASN P 54 4.99 -6.03 -32.82
N ASN P 55 4.78 -7.23 -32.42
CA ASN P 55 5.51 -7.80 -31.28
C ASN P 55 6.63 -8.64 -31.87
N ARG P 56 7.86 -8.30 -31.64
CA ARG P 56 9.00 -9.06 -32.18
C ARG P 56 9.29 -10.27 -31.31
N ARG P 57 9.33 -11.46 -31.89
CA ARG P 57 9.59 -12.72 -31.15
C ARG P 57 10.88 -12.46 -30.43
N SER P 58 11.21 -13.20 -29.43
CA SER P 58 12.46 -12.93 -28.66
C SER P 58 13.58 -13.60 -29.39
N GLY P 59 14.66 -12.86 -29.50
CA GLY P 59 15.89 -13.25 -30.18
C GLY P 59 15.93 -13.00 -31.68
N VAL P 60 15.08 -12.14 -32.19
CA VAL P 60 14.93 -11.72 -33.57
C VAL P 60 15.57 -10.33 -33.52
N PRO P 61 16.51 -10.11 -34.40
CA PRO P 61 17.24 -8.82 -34.41
C PRO P 61 16.27 -7.68 -34.51
N ALA P 62 16.61 -6.52 -34.00
CA ALA P 62 15.83 -5.30 -34.02
C ALA P 62 15.69 -4.64 -35.37
N ARG P 63 16.43 -5.05 -36.35
CA ARG P 63 16.37 -4.50 -37.70
C ARG P 63 15.01 -4.85 -38.25
N PHE P 64 14.30 -5.76 -37.59
CA PHE P 64 12.97 -6.20 -37.98
C PHE P 64 11.88 -5.56 -37.10
N SER P 65 10.94 -4.95 -37.81
CA SER P 65 9.80 -4.31 -37.10
C SER P 65 8.56 -4.47 -37.97
N GLY P 66 7.40 -4.56 -37.37
CA GLY P 66 6.15 -4.76 -38.12
C GLY P 66 5.30 -3.54 -37.84
N SER P 67 4.30 -3.36 -38.69
CA SER P 67 3.39 -2.20 -38.51
C SER P 67 2.26 -2.32 -39.52
N LEU P 68 1.39 -1.35 -39.46
CA LEU P 68 0.27 -1.35 -40.45
C LEU P 68 0.59 -0.07 -41.23
N ILE P 69 0.63 -0.17 -42.50
CA ILE P 69 0.91 0.99 -43.36
C ILE P 69 -0.27 1.07 -44.33
N GLY P 70 -1.06 2.11 -44.20
CA GLY P 70 -2.23 2.16 -45.12
C GLY P 70 -3.18 1.07 -44.62
N ASP P 71 -3.65 0.27 -45.53
CA ASP P 71 -4.59 -0.80 -45.18
C ASP P 71 -3.90 -2.16 -45.21
N LYS P 72 -2.58 -2.14 -44.97
CA LYS P 72 -1.94 -3.49 -45.00
C LYS P 72 -0.94 -3.68 -43.90
N ALA P 73 -0.55 -4.90 -43.61
CA ALA P 73 0.46 -5.14 -42.53
C ALA P 73 1.81 -5.02 -43.22
N ALA P 74 2.83 -4.48 -42.61
CA ALA P 74 4.15 -4.36 -43.28
C ALA P 74 5.26 -4.85 -42.37
N LEU P 75 6.33 -5.34 -42.93
CA LEU P 75 7.52 -5.82 -42.17
C LEU P 75 8.67 -4.93 -42.65
N THR P 76 9.39 -4.22 -41.85
CA THR P 76 10.50 -3.41 -42.42
C THR P 76 11.79 -4.01 -41.88
N ILE P 77 12.75 -4.19 -42.74
CA ILE P 77 14.07 -4.67 -42.38
C ILE P 77 14.94 -3.40 -42.48
N THR P 78 15.38 -2.88 -41.39
CA THR P 78 16.20 -1.67 -41.39
C THR P 78 17.67 -1.98 -41.27
N GLY P 79 18.34 -2.04 -42.41
CA GLY P 79 19.78 -2.35 -42.47
C GLY P 79 19.75 -3.80 -42.93
N ALA P 80 19.07 -4.09 -44.01
CA ALA P 80 19.01 -5.52 -44.38
C ALA P 80 20.40 -6.09 -44.40
N GLN P 81 20.57 -7.32 -44.07
CA GLN P 81 21.79 -8.10 -44.04
C GLN P 81 21.67 -9.30 -44.99
N THR P 82 22.80 -9.80 -45.36
CA THR P 82 22.98 -10.94 -46.27
C THR P 82 22.27 -12.14 -45.73
N GLU P 83 22.21 -12.21 -44.43
CA GLU P 83 21.60 -13.31 -43.66
C GLU P 83 20.11 -13.25 -43.78
N ASP P 84 19.54 -12.14 -44.15
CA ASP P 84 18.09 -11.97 -44.25
C ASP P 84 17.57 -12.53 -45.56
N GLU P 85 18.39 -13.13 -46.38
CA GLU P 85 17.89 -13.59 -47.69
C GLU P 85 17.09 -14.85 -47.42
N ALA P 86 15.79 -14.81 -47.59
CA ALA P 86 14.93 -15.94 -47.31
C ALA P 86 13.52 -15.67 -47.81
N ILE P 87 12.61 -16.57 -47.44
CA ILE P 87 11.20 -16.37 -47.80
C ILE P 87 10.44 -15.92 -46.57
N TYR P 88 9.72 -14.83 -46.64
CA TYR P 88 8.96 -14.23 -45.54
C TYR P 88 7.48 -14.43 -45.83
N PHE P 89 6.76 -15.01 -44.92
CA PHE P 89 5.32 -15.28 -45.08
C PHE P 89 4.54 -14.44 -44.07
N CYS P 90 3.40 -13.92 -44.47
CA CYS P 90 2.61 -13.17 -43.47
C CYS P 90 1.36 -14.09 -43.24
N ALA P 91 0.83 -13.90 -42.06
CA ALA P 91 -0.38 -14.65 -41.68
C ALA P 91 -1.30 -13.60 -41.05
N LEU P 92 -2.56 -13.75 -41.32
CA LEU P 92 -3.62 -12.87 -40.84
C LEU P 92 -4.71 -13.70 -40.17
N TRP P 93 -5.22 -13.21 -39.06
CA TRP P 93 -6.30 -13.91 -38.34
C TRP P 93 -7.66 -13.40 -38.79
N TYR P 94 -8.59 -14.31 -38.96
CA TYR P 94 -9.94 -13.93 -39.39
C TYR P 94 -11.05 -14.50 -38.53
N ASN P 95 -11.07 -14.08 -37.29
CA ASN P 95 -12.08 -14.49 -36.31
C ASN P 95 -12.13 -15.94 -35.91
N ASN P 96 -11.73 -16.86 -36.78
CA ASN P 96 -11.77 -18.31 -36.46
C ASN P 96 -10.66 -19.15 -37.07
N LEU P 97 -9.95 -18.62 -38.06
CA LEU P 97 -8.86 -19.37 -38.71
C LEU P 97 -7.78 -18.41 -39.19
N TRP P 98 -6.64 -18.98 -39.59
CA TRP P 98 -5.49 -18.28 -40.09
C TRP P 98 -5.37 -18.49 -41.60
N VAL P 99 -4.96 -17.44 -42.26
CA VAL P 99 -4.72 -17.49 -43.70
C VAL P 99 -3.29 -16.97 -43.87
N PHE P 100 -2.50 -17.71 -44.57
CA PHE P 100 -1.10 -17.43 -44.83
C PHE P 100 -1.00 -16.79 -46.19
N GLY P 101 -0.08 -15.93 -46.40
CA GLY P 101 0.20 -15.27 -47.69
C GLY P 101 1.08 -16.22 -48.49
N GLY P 102 1.33 -15.89 -49.73
CA GLY P 102 2.11 -16.75 -50.64
C GLY P 102 3.61 -16.73 -50.37
N GLY P 103 4.05 -15.77 -49.59
CA GLY P 103 5.42 -15.53 -49.20
C GLY P 103 6.13 -14.65 -50.18
N THR P 104 7.08 -13.88 -49.73
CA THR P 104 7.93 -13.00 -50.55
C THR P 104 9.37 -13.52 -50.57
N LYS P 105 9.94 -13.86 -51.69
CA LYS P 105 11.35 -14.30 -51.70
C LYS P 105 12.21 -13.05 -51.63
N LEU P 106 12.97 -12.80 -50.63
CA LEU P 106 13.84 -11.64 -50.50
C LEU P 106 15.29 -12.06 -50.75
N THR P 107 15.95 -11.29 -51.61
CA THR P 107 17.35 -11.50 -51.96
C THR P 107 18.18 -10.33 -51.44
N VAL P 108 19.23 -10.55 -50.66
CA VAL P 108 20.05 -9.46 -50.15
C VAL P 108 21.50 -9.59 -50.61
N LEU P 109 22.04 -8.51 -51.17
CA LEU P 109 23.40 -8.50 -51.66
C LEU P 109 24.38 -8.90 -50.56
N GLY P 110 25.34 -9.75 -50.91
CA GLY P 110 26.34 -10.21 -49.96
C GLY P 110 26.94 -11.54 -50.36
N GLN P 111 27.54 -12.22 -49.38
CA GLN P 111 28.17 -13.52 -49.61
C GLN P 111 28.98 -13.52 -50.90
N PRO P 112 30.30 -13.10 -50.78
CA PRO P 112 31.06 -13.11 -52.04
C PRO P 112 31.01 -14.47 -52.73
N LYS P 113 30.98 -14.47 -54.05
CA LYS P 113 30.92 -15.71 -54.82
C LYS P 113 31.91 -16.74 -54.26
N SER P 114 31.62 -18.01 -54.53
CA SER P 114 32.49 -19.12 -54.05
C SER P 114 32.48 -20.20 -55.09
N SER P 115 33.59 -20.72 -55.53
CA SER P 115 33.68 -21.72 -56.58
C SER P 115 33.29 -23.06 -55.98
N PRO P 116 32.84 -23.95 -56.84
CA PRO P 116 32.48 -25.27 -56.35
C PRO P 116 33.73 -26.10 -56.05
N SER P 117 33.50 -27.05 -55.18
CA SER P 117 34.44 -28.07 -54.77
C SER P 117 33.81 -29.35 -55.35
N VAL P 118 34.46 -29.82 -56.37
CA VAL P 118 34.13 -31.01 -57.17
C VAL P 118 35.08 -32.17 -56.87
N THR P 119 34.50 -33.34 -56.75
CA THR P 119 35.09 -34.63 -56.54
C THR P 119 34.33 -35.70 -57.34
N LEU P 120 35.12 -36.50 -58.03
CA LEU P 120 34.55 -37.61 -58.84
C LEU P 120 35.09 -38.91 -58.21
N PHE P 121 34.21 -39.81 -57.93
CA PHE P 121 34.59 -41.09 -57.35
C PHE P 121 34.32 -42.18 -58.42
N PRO P 122 35.12 -43.21 -58.37
CA PRO P 122 35.01 -44.37 -59.26
C PRO P 122 33.98 -45.31 -58.64
N PRO P 123 33.49 -46.21 -59.47
CA PRO P 123 32.51 -47.20 -58.98
C PRO P 123 33.31 -47.98 -57.93
N SER P 124 32.70 -48.25 -56.80
CA SER P 124 33.49 -49.06 -55.82
C SER P 124 33.51 -50.49 -56.40
N SER P 125 34.35 -51.33 -55.81
CA SER P 125 34.51 -52.70 -56.30
C SER P 125 33.40 -53.63 -55.85
N GLU P 126 32.80 -53.41 -54.70
CA GLU P 126 31.71 -54.24 -54.19
C GLU P 126 30.49 -54.09 -55.10
N GLU P 127 30.43 -52.95 -55.76
CA GLU P 127 29.42 -52.54 -56.69
C GLU P 127 29.77 -53.10 -58.08
N LEU P 128 31.04 -53.33 -58.35
CA LEU P 128 31.41 -53.90 -59.67
C LEU P 128 31.17 -55.41 -59.66
N GLU P 129 30.84 -55.84 -58.46
CA GLU P 129 30.53 -57.23 -58.12
C GLU P 129 29.04 -57.49 -58.30
N THR P 130 28.34 -56.44 -58.67
CA THR P 130 26.89 -56.45 -58.91
C THR P 130 26.62 -56.34 -60.41
N ASN P 131 27.73 -56.15 -61.14
CA ASN P 131 27.64 -56.00 -62.61
C ASN P 131 27.15 -54.58 -62.93
N LYS P 132 27.46 -53.67 -61.98
CA LYS P 132 27.13 -52.26 -62.08
C LYS P 132 28.29 -51.37 -61.65
N ALA P 133 28.29 -50.18 -62.21
CA ALA P 133 29.30 -49.12 -61.97
C ALA P 133 28.63 -47.74 -62.04
N THR P 134 28.80 -46.99 -60.96
CA THR P 134 28.23 -45.63 -60.84
C THR P 134 29.32 -44.68 -60.39
N LEU P 135 29.59 -43.71 -61.26
CA LEU P 135 30.56 -42.65 -61.04
C LEU P 135 29.74 -41.52 -60.35
N VAL P 136 30.16 -41.11 -59.19
CA VAL P 136 29.48 -40.03 -58.43
C VAL P 136 30.31 -38.76 -58.52
N CYS P 137 29.68 -37.71 -58.95
CA CYS P 137 30.36 -36.40 -59.00
C CYS P 137 29.66 -35.51 -57.97
N THR P 138 30.40 -35.13 -56.95
CA THR P 138 29.84 -34.28 -55.89
C THR P 138 30.37 -32.87 -56.09
N ILE P 139 29.50 -31.89 -55.92
CA ILE P 139 29.83 -30.48 -56.06
C ILE P 139 29.23 -29.74 -54.87
N THR P 140 30.07 -29.15 -54.07
CA THR P 140 29.62 -28.46 -52.86
C THR P 140 30.21 -27.08 -52.72
N ASP P 141 29.70 -26.28 -51.82
CA ASP P 141 30.10 -24.93 -51.50
C ASP P 141 30.14 -23.98 -52.66
N PHE P 142 29.20 -24.03 -53.56
CA PHE P 142 29.25 -23.05 -54.68
C PHE P 142 28.16 -22.02 -54.47
N TYR P 143 28.40 -20.83 -54.91
CA TYR P 143 27.52 -19.68 -54.86
C TYR P 143 28.00 -18.72 -55.96
N PRO P 144 27.13 -18.19 -56.76
CA PRO P 144 25.69 -18.35 -56.83
C PRO P 144 25.32 -19.80 -56.94
N GLY P 145 24.11 -20.14 -56.54
CA GLY P 145 23.70 -21.54 -56.64
C GLY P 145 23.22 -22.05 -57.95
N VAL P 146 23.96 -21.95 -59.02
CA VAL P 146 23.56 -22.44 -60.34
C VAL P 146 24.79 -23.07 -61.00
N VAL P 147 24.73 -24.28 -61.49
CA VAL P 147 25.81 -24.95 -62.17
C VAL P 147 25.25 -25.80 -63.36
N THR P 148 26.25 -26.12 -64.15
CA THR P 148 26.10 -26.96 -65.33
C THR P 148 27.08 -28.10 -65.16
N VAL P 149 26.55 -29.33 -65.20
CA VAL P 149 27.41 -30.50 -65.05
C VAL P 149 27.35 -31.30 -66.36
N ASP P 150 28.51 -31.56 -66.91
CA ASP P 150 28.61 -32.33 -68.16
C ASP P 150 29.68 -33.42 -67.98
N TRP P 151 29.24 -34.57 -68.35
CA TRP P 151 30.00 -35.81 -68.31
C TRP P 151 30.61 -36.13 -69.66
N LYS P 152 31.80 -36.68 -69.66
CA LYS P 152 32.49 -37.09 -70.87
C LYS P 152 33.32 -38.36 -70.72
N VAL P 153 32.69 -39.41 -71.29
CA VAL P 153 33.25 -40.74 -71.32
C VAL P 153 34.14 -40.74 -72.59
N ASP P 154 35.34 -41.14 -72.36
CA ASP P 154 36.39 -41.31 -73.35
C ASP P 154 36.53 -40.17 -74.34
N GLY P 155 36.22 -38.96 -73.93
CA GLY P 155 36.35 -37.80 -74.87
C GLY P 155 34.99 -37.39 -75.42
N THR P 156 34.06 -38.31 -75.30
CA THR P 156 32.70 -38.11 -75.77
C THR P 156 31.64 -37.87 -74.71
N PRO P 157 31.04 -36.70 -74.92
CA PRO P 157 29.94 -36.21 -74.09
C PRO P 157 28.91 -37.32 -73.92
N VAL P 158 28.83 -37.76 -72.67
CA VAL P 158 27.80 -38.81 -72.42
C VAL P 158 26.52 -37.96 -72.52
N THR P 159 25.40 -38.58 -72.73
CA THR P 159 24.15 -37.75 -72.88
C THR P 159 22.95 -38.48 -72.33
N GLN P 160 23.19 -39.74 -72.04
CA GLN P 160 22.20 -40.67 -71.44
C GLN P 160 22.96 -41.41 -70.34
N GLY P 161 22.31 -41.62 -69.21
CA GLY P 161 22.94 -42.33 -68.08
C GLY P 161 23.15 -41.46 -66.86
N MET P 162 23.25 -40.17 -67.09
CA MET P 162 23.45 -39.16 -66.06
C MET P 162 22.14 -38.62 -65.50
N GLU P 163 22.23 -38.22 -64.25
CA GLU P 163 21.22 -37.60 -63.43
C GLU P 163 21.93 -36.62 -62.48
N THR P 164 21.45 -35.40 -62.51
CA THR P 164 22.01 -34.34 -61.67
C THR P 164 20.93 -33.78 -60.77
N THR P 165 21.15 -33.77 -59.47
CA THR P 165 20.15 -33.26 -58.52
C THR P 165 20.05 -31.76 -58.74
N GLN P 166 19.12 -31.20 -58.02
CA GLN P 166 18.89 -29.74 -58.06
C GLN P 166 19.74 -29.15 -56.92
N PRO P 167 20.30 -27.99 -57.18
CA PRO P 167 21.11 -27.34 -56.14
C PRO P 167 20.25 -27.26 -54.88
N SER P 168 20.81 -27.67 -53.76
CA SER P 168 20.20 -27.66 -52.42
C SER P 168 21.04 -26.68 -51.61
N LYS P 169 20.43 -25.86 -50.79
CA LYS P 169 21.09 -24.89 -49.95
C LYS P 169 21.75 -25.50 -48.72
N GLN P 170 23.04 -25.25 -48.56
CA GLN P 170 23.68 -25.77 -47.33
C GLN P 170 23.41 -24.69 -46.26
N SER P 171 23.86 -25.02 -45.07
CA SER P 171 23.73 -24.19 -43.84
C SER P 171 24.41 -22.84 -43.99
N ASN P 172 25.65 -22.86 -44.50
CA ASN P 172 26.39 -21.60 -44.70
C ASN P 172 25.73 -20.76 -45.77
N ASN P 173 24.72 -21.26 -46.44
CA ASN P 173 24.00 -20.52 -47.48
C ASN P 173 24.59 -20.55 -48.90
N LYS P 174 25.44 -21.48 -49.11
CA LYS P 174 26.13 -21.85 -50.35
C LYS P 174 25.34 -23.02 -50.91
N TYR P 175 25.62 -23.64 -52.01
CA TYR P 175 24.77 -24.76 -52.43
C TYR P 175 25.64 -25.98 -52.70
N MET P 176 24.96 -27.06 -52.95
CA MET P 176 25.53 -28.35 -53.27
C MET P 176 24.62 -29.08 -54.28
N ALA P 177 25.22 -30.09 -54.89
CA ALA P 177 24.51 -30.91 -55.88
C ALA P 177 25.49 -32.03 -56.23
N SER P 178 24.96 -33.12 -56.69
CA SER P 178 25.75 -34.28 -57.11
C SER P 178 25.07 -34.77 -58.41
N SER P 179 25.85 -35.38 -59.23
CA SER P 179 25.49 -35.96 -60.51
C SER P 179 26.00 -37.40 -60.53
N TYR P 180 25.19 -38.26 -61.08
CA TYR P 180 25.45 -39.69 -61.18
C TYR P 180 25.48 -40.10 -62.65
N LEU P 181 26.40 -40.93 -63.02
CA LEU P 181 26.57 -41.52 -64.35
C LEU P 181 26.64 -43.05 -64.04
N THR P 182 25.59 -43.74 -64.36
CA THR P 182 25.49 -45.16 -64.19
C THR P 182 25.75 -45.91 -65.53
N LEU P 183 26.72 -46.76 -65.44
CA LEU P 183 27.16 -47.63 -66.52
C LEU P 183 26.83 -49.05 -65.99
N THR P 184 27.31 -50.00 -66.74
CA THR P 184 27.14 -51.43 -66.39
C THR P 184 28.55 -51.88 -65.99
N ALA P 185 28.59 -52.98 -65.27
CA ALA P 185 29.92 -53.47 -64.86
C ALA P 185 30.78 -53.31 -66.11
N ARG P 186 30.20 -53.79 -67.20
CA ARG P 186 30.74 -53.87 -68.55
C ARG P 186 30.99 -52.58 -69.30
N ALA P 187 30.01 -51.70 -69.29
CA ALA P 187 30.23 -50.40 -69.99
C ALA P 187 31.51 -49.85 -69.33
N TRP P 188 31.56 -50.06 -68.00
CA TRP P 188 32.65 -49.59 -67.16
C TRP P 188 34.02 -49.98 -67.71
N GLU P 189 34.19 -51.28 -67.80
CA GLU P 189 35.43 -51.91 -68.26
C GLU P 189 35.81 -51.60 -69.69
N ARG P 190 34.83 -51.16 -70.45
CA ARG P 190 35.03 -50.85 -71.88
C ARG P 190 35.80 -49.54 -72.03
N HIS P 191 35.08 -48.44 -71.87
CA HIS P 191 35.66 -47.10 -72.02
C HIS P 191 36.77 -46.94 -70.97
N SER P 192 37.61 -45.94 -71.14
CA SER P 192 38.76 -45.70 -70.26
C SER P 192 38.89 -44.36 -69.59
N SER P 193 38.33 -43.27 -70.06
CA SER P 193 38.47 -41.96 -69.42
C SER P 193 37.11 -41.35 -69.10
N TYR P 194 36.93 -41.12 -67.82
CA TYR P 194 35.65 -40.51 -67.35
C TYR P 194 35.97 -39.12 -66.86
N SER P 195 35.02 -38.22 -67.03
CA SER P 195 35.32 -36.84 -66.56
C SER P 195 34.02 -36.13 -66.26
N CYS P 196 34.00 -35.43 -65.14
CA CYS P 196 32.81 -34.67 -64.70
C CYS P 196 33.20 -33.20 -64.78
N GLN P 197 32.52 -32.47 -65.64
CA GLN P 197 32.85 -31.06 -65.87
C GLN P 197 31.74 -30.22 -65.28
N VAL P 198 32.17 -29.31 -64.43
CA VAL P 198 31.24 -28.42 -63.75
C VAL P 198 31.53 -26.98 -64.13
N THR P 199 30.52 -26.32 -64.63
CA THR P 199 30.65 -24.91 -65.05
C THR P 199 30.01 -24.00 -64.02
N HIS P 200 30.77 -23.10 -63.42
CA HIS P 200 30.14 -22.20 -62.42
C HIS P 200 30.67 -20.80 -62.61
N GLU P 201 29.80 -19.83 -62.46
CA GLU P 201 30.07 -18.41 -62.68
C GLU P 201 31.37 -18.25 -63.50
N GLY P 202 31.22 -18.71 -64.72
CA GLY P 202 32.08 -18.73 -65.84
C GLY P 202 33.31 -19.58 -65.92
N HIS P 203 33.80 -20.04 -64.79
CA HIS P 203 35.01 -20.90 -64.79
C HIS P 203 34.53 -22.31 -64.88
N THR P 204 35.39 -23.16 -65.40
CA THR P 204 35.07 -24.58 -65.53
C THR P 204 36.09 -25.35 -64.68
N VAL P 205 35.58 -26.45 -64.16
CA VAL P 205 36.30 -27.40 -63.32
C VAL P 205 35.92 -28.79 -63.85
N GLU P 206 36.97 -29.47 -64.24
CA GLU P 206 36.93 -30.81 -64.81
C GLU P 206 37.71 -31.71 -63.85
N LYS P 207 37.06 -32.77 -63.44
CA LYS P 207 37.63 -33.78 -62.55
C LYS P 207 37.51 -35.11 -63.29
N SER P 208 38.67 -35.64 -63.65
CA SER P 208 38.76 -36.89 -64.39
C SER P 208 39.47 -38.01 -63.62
N LEU P 209 38.91 -39.15 -63.92
CA LEU P 209 39.36 -40.42 -63.33
C LEU P 209 39.97 -41.19 -64.49
N SER P 210 40.80 -42.14 -64.11
CA SER P 210 41.47 -43.01 -65.07
C SER P 210 41.58 -44.42 -64.46
N ARG P 211 40.78 -45.22 -65.13
CA ARG P 211 40.56 -46.65 -64.89
C ARG P 211 41.81 -47.43 -65.25
#